data_3AOB
#
_entry.id   3AOB
#
_cell.length_a   223.897
_cell.length_b   134.314
_cell.length_c   161.766
_cell.angle_alpha   90.00
_cell.angle_beta   98.10
_cell.angle_gamma   90.00
#
_symmetry.space_group_name_H-M   'C 1 2 1'
#
loop_
_entity.id
_entity.type
_entity.pdbx_description
1 polymer 'Acriflavine resistance protein B'
2 non-polymer RIFAMPICIN
3 water water
#
_entity_poly.entity_id   1
_entity_poly.type   'polypeptide(L)'
_entity_poly.pdbx_seq_one_letter_code
;MPNFFIDRPIFAWVIAIIIMLAGGLAILKLPVAQYPTIAPPAVTISASYPGADAKTVQDTVTQVIEQNMNGIDNLMYMSS
NSDSTGTVQITLTFESGTDADIAQVQVQNKLQLAMPLLPQEVQQQGVSVEKSSSSFLMVVGVINTDGTMTQEDISDYVAA
NMKDAISRTSGVGDVQLFGSQYAMRIWMNPNELNKFQLTPVDVITAIKAQNAQVAAGQLGGTPPVKGQQLNASIIAQTRL
TSTEEFGKILLKVNQDGSRVLLRDVAKIELGGENYDIIAEFNGQPASGLGIKLATGANALDTAAAIRAELAKMEPFFPSG
LKIVYPYDTTPFVKISIHEVVKTLVEAIILVFLVMYLFLQNFRATLIPTIAVPVVLLGTFAVLAAFGFSINTLTMFGMVL
AIGLLVDDAIVVVENVERVMAEEGLPPKEATRKSMGQIQGALVGIAMVLSAVFVPMAFFGGSTGAIYRQFSITIVSAMAL
SVLVALILTPALCATMLKPIAKGDHGEGKKGFFGWFNRMFEKSTHHYTDSVGGILRSTGRYLVLYLIIVVGMAYLFVRLP
SSFLPDEDQGVFMTMVQLPAGATQERTQKVLNEVTHYYLTKEKNNVESVFAVNGFGFAGRGQNTGIAFVSLKDWADRPGE
ENKVEAITMRATRAFSQIKDAMVFAFNLPAIVELGTATGFDFELIDQAGLGHEKLTQARNQLLAEAAKHPDMLTSVRPNG
LEDTPQFKIDIDQEKAQALGVSINDINTTLGAAWGGSYVNDFIDRGRVKKVYVMSEAKYRMLPDDIGDWYVRAADGQMVP
FSAFSSSRWEYGSPRLERYNGLPSMEILGQAAPGKSTGEAMELMEQLASKLPTGVGYDWTGMSYQERLSGNQAPSLYAIS
LIVVFLCLAALYESWSIPFSVMLVVPLGVIGALLAATFRGLTNDVYFQVGLLTTIGLSAKNAILIVEFAKDLMDKEGKGL
IEATLDAVRMRLRPILMTSLAFILGVMPLVISTGAGSGAQNAVGTGVMGGMVTATVLAIFFVPVFFVVVRRRFSRKNEDI
EHSHTVDHHHHHH
;
_entity_poly.pdbx_strand_id   A,B,C
#
# COMPACT_ATOMS: atom_id res chain seq x y z
N MET A 1 -14.48 -38.15 17.05
CA MET A 1 -15.30 -37.10 16.40
C MET A 1 -16.45 -37.70 15.56
N PRO A 2 -16.13 -38.53 14.53
CA PRO A 2 -17.20 -39.03 13.64
C PRO A 2 -18.26 -39.86 14.36
N ASN A 3 -17.83 -40.64 15.36
CA ASN A 3 -18.72 -41.41 16.21
C ASN A 3 -19.72 -40.49 16.94
N PHE A 4 -19.21 -39.44 17.58
CA PHE A 4 -20.04 -38.45 18.26
C PHE A 4 -20.44 -37.39 17.23
N PHE A 5 -21.18 -37.84 16.21
CA PHE A 5 -21.66 -37.01 15.10
C PHE A 5 -22.57 -37.87 14.24
N ILE A 6 -22.33 -39.18 14.26
CA ILE A 6 -23.26 -40.12 13.64
C ILE A 6 -24.39 -40.37 14.60
N ASP A 7 -24.20 -39.95 15.84
CA ASP A 7 -25.31 -39.83 16.79
C ASP A 7 -26.04 -38.52 16.52
N ARG A 8 -25.29 -37.43 16.42
CA ARG A 8 -25.86 -36.09 16.20
C ARG A 8 -26.02 -35.82 14.69
N PRO A 9 -27.17 -36.20 14.10
CA PRO A 9 -27.26 -36.43 12.66
C PRO A 9 -27.62 -35.19 11.82
N ILE A 10 -28.69 -34.48 12.21
CA ILE A 10 -29.12 -33.29 11.50
C ILE A 10 -28.12 -32.13 11.69
N PHE A 11 -27.26 -32.21 12.72
CA PHE A 11 -26.13 -31.27 12.89
C PHE A 11 -25.18 -31.36 11.70
N ALA A 12 -24.78 -32.59 11.35
CA ALA A 12 -23.96 -32.86 10.16
C ALA A 12 -24.63 -32.34 8.90
N TRP A 13 -25.96 -32.42 8.88
CA TRP A 13 -26.71 -31.79 7.82
C TRP A 13 -26.53 -30.26 7.79
N VAL A 14 -26.48 -29.61 8.95
CA VAL A 14 -26.33 -28.15 8.99
C VAL A 14 -25.03 -27.75 8.32
N ILE A 15 -23.92 -28.15 8.95
CA ILE A 15 -22.60 -28.06 8.36
C ILE A 15 -22.66 -28.25 6.83
N ALA A 16 -23.14 -29.41 6.41
CA ALA A 16 -23.29 -29.70 4.97
C ALA A 16 -24.03 -28.60 4.23
N ILE A 17 -25.03 -27.97 4.87
CA ILE A 17 -25.82 -26.94 4.21
C ILE A 17 -25.05 -25.63 4.13
N ILE A 18 -24.39 -25.22 5.23
CA ILE A 18 -23.50 -24.04 5.19
C ILE A 18 -22.52 -24.14 4.02
N ILE A 19 -21.66 -25.16 4.06
CA ILE A 19 -20.71 -25.43 2.98
C ILE A 19 -21.36 -25.24 1.62
N MET A 20 -22.51 -25.89 1.42
CA MET A 20 -23.28 -25.75 0.19
C MET A 20 -23.68 -24.30 -0.06
N LEU A 21 -24.25 -23.69 0.98
CA LEU A 21 -24.81 -22.36 0.91
C LEU A 21 -23.73 -21.29 0.78
N ALA A 22 -22.56 -21.54 1.34
CA ALA A 22 -21.43 -20.61 1.24
C ALA A 22 -20.64 -20.87 -0.04
N GLY A 23 -20.41 -22.14 -0.30
CA GLY A 23 -19.72 -22.57 -1.51
C GLY A 23 -20.46 -22.05 -2.72
N GLY A 24 -21.79 -22.12 -2.65
CA GLY A 24 -22.68 -21.64 -3.72
C GLY A 24 -22.81 -20.13 -3.74
N LEU A 25 -22.71 -19.51 -2.55
CA LEU A 25 -22.72 -18.04 -2.42
C LEU A 25 -21.50 -17.45 -3.11
N ALA A 26 -20.38 -18.16 -2.99
CA ALA A 26 -19.10 -17.79 -3.62
C ALA A 26 -19.08 -17.99 -5.13
N ILE A 27 -19.66 -19.08 -5.63
CA ILE A 27 -19.83 -19.27 -7.08
C ILE A 27 -20.33 -17.96 -7.69
N LEU A 28 -21.10 -17.23 -6.89
CA LEU A 28 -21.75 -15.98 -7.30
C LEU A 28 -20.95 -14.69 -7.00
N LYS A 29 -19.83 -14.79 -6.27
CA LYS A 29 -18.78 -13.76 -6.32
C LYS A 29 -17.90 -14.17 -7.50
N LEU A 30 -16.65 -14.55 -7.20
CA LEU A 30 -15.72 -15.22 -8.14
C LEU A 30 -15.58 -14.61 -9.56
N PRO A 31 -14.46 -13.91 -9.78
CA PRO A 31 -14.15 -13.46 -11.11
C PRO A 31 -13.85 -14.66 -12.01
N VAL A 32 -14.11 -14.53 -13.30
CA VAL A 32 -13.80 -15.60 -14.22
C VAL A 32 -12.94 -15.11 -15.40
N ALA A 33 -11.73 -15.62 -15.50
CA ALA A 33 -10.82 -15.23 -16.57
C ALA A 33 -10.24 -16.50 -17.12
N GLN A 34 -9.75 -16.46 -18.35
CA GLN A 34 -9.14 -17.65 -18.97
C GLN A 34 -7.99 -18.17 -18.10
N TYR A 35 -7.10 -17.28 -17.67
CA TYR A 35 -6.02 -17.64 -16.79
C TYR A 35 -6.05 -16.65 -15.66
N PRO A 36 -5.37 -16.93 -14.53
CA PRO A 36 -5.13 -15.93 -13.48
C PRO A 36 -3.84 -15.16 -13.77
N THR A 37 -3.37 -14.37 -12.81
CA THR A 37 -2.23 -13.46 -13.03
C THR A 37 -0.89 -14.16 -12.78
N ILE A 38 -0.07 -14.29 -13.81
CA ILE A 38 1.07 -15.19 -13.67
C ILE A 38 2.41 -14.67 -14.19
N ALA A 39 2.41 -13.56 -14.93
CA ALA A 39 3.66 -12.90 -15.30
C ALA A 39 4.04 -11.84 -14.24
N PRO A 40 5.35 -11.65 -14.01
CA PRO A 40 5.77 -10.58 -13.12
C PRO A 40 5.23 -9.23 -13.61
N PRO A 41 5.06 -8.27 -12.69
CA PRO A 41 4.55 -6.99 -13.10
C PRO A 41 5.55 -6.18 -13.94
N ALA A 42 5.08 -5.68 -15.07
CA ALA A 42 5.91 -4.86 -15.93
C ALA A 42 5.27 -3.49 -16.09
N VAL A 43 6.13 -2.48 -16.22
CA VAL A 43 5.71 -1.13 -16.38
C VAL A 43 6.49 -0.63 -17.57
N THR A 44 5.78 -0.34 -18.67
CA THR A 44 6.40 0.22 -19.87
C THR A 44 6.26 1.75 -19.90
N ILE A 45 7.38 2.46 -19.80
CA ILE A 45 7.47 3.87 -20.13
C ILE A 45 7.72 3.97 -21.64
N SER A 46 6.96 4.81 -22.34
CA SER A 46 7.11 4.89 -23.78
C SER A 46 6.71 6.24 -24.27
N ALA A 47 7.37 6.72 -25.34
CA ALA A 47 7.24 8.10 -25.81
C ALA A 47 7.58 8.27 -27.28
N SER A 48 7.30 9.48 -27.79
CA SER A 48 7.42 9.80 -29.21
C SER A 48 8.23 11.04 -29.46
N TYR A 49 9.12 10.98 -30.44
CA TYR A 49 9.86 12.14 -30.90
C TYR A 49 9.66 12.29 -32.40
N PRO A 50 8.55 12.94 -32.83
CA PRO A 50 8.13 12.87 -34.25
C PRO A 50 9.28 13.07 -35.23
N GLY A 51 9.40 12.13 -36.16
CA GLY A 51 10.43 12.14 -37.20
C GLY A 51 11.81 12.08 -36.62
N ALA A 52 12.00 11.23 -35.62
CA ALA A 52 13.30 11.11 -35.01
C ALA A 52 14.18 10.13 -35.78
N ASP A 53 14.73 9.15 -35.07
CA ASP A 53 15.50 8.05 -35.63
C ASP A 53 16.15 7.41 -34.45
N ALA A 54 16.36 6.11 -34.57
CA ALA A 54 16.84 5.31 -33.46
C ALA A 54 17.87 6.06 -32.59
N LYS A 55 18.96 6.53 -33.20
CA LYS A 55 20.04 7.19 -32.45
C LYS A 55 19.59 8.46 -31.72
N THR A 56 19.04 9.39 -32.49
CA THR A 56 18.58 10.66 -31.95
C THR A 56 17.54 10.40 -30.87
N VAL A 57 16.66 9.44 -31.11
CA VAL A 57 15.65 9.17 -30.11
C VAL A 57 16.33 8.57 -28.88
N GLN A 58 17.48 7.93 -29.09
CA GLN A 58 18.12 7.24 -28.00
C GLN A 58 18.94 8.17 -27.13
N ASP A 59 19.85 8.93 -27.73
CA ASP A 59 20.80 9.76 -26.96
C ASP A 59 20.14 11.04 -26.48
N THR A 60 18.90 11.25 -26.89
CA THR A 60 18.22 12.45 -26.54
C THR A 60 17.19 12.20 -25.47
N VAL A 61 16.64 10.96 -25.47
CA VAL A 61 15.52 10.50 -24.65
C VAL A 61 15.79 9.20 -23.87
N THR A 62 16.01 8.07 -24.56
CA THR A 62 16.10 6.82 -23.85
C THR A 62 17.16 6.81 -22.77
N GLN A 63 18.39 7.11 -23.13
CA GLN A 63 19.44 7.20 -22.13
C GLN A 63 18.98 8.07 -20.94
N VAL A 64 18.53 9.29 -21.24
CA VAL A 64 18.07 10.25 -20.24
C VAL A 64 17.05 9.63 -19.30
N ILE A 65 15.93 9.10 -19.81
CA ILE A 65 14.93 8.60 -18.88
C ILE A 65 15.48 7.39 -18.11
N GLU A 66 16.33 6.59 -18.73
CA GLU A 66 16.86 5.46 -17.98
C GLU A 66 17.91 5.90 -17.02
N GLN A 67 18.63 6.97 -17.33
CA GLN A 67 19.67 7.42 -16.41
C GLN A 67 18.97 7.78 -15.08
N ASN A 68 17.63 7.89 -15.16
CA ASN A 68 16.80 8.37 -14.05
C ASN A 68 15.95 7.34 -13.31
N MET A 69 15.98 6.10 -13.80
CA MET A 69 15.21 5.02 -13.21
C MET A 69 15.81 4.45 -11.92
N ASN A 70 16.30 5.32 -11.04
CA ASN A 70 16.91 4.92 -9.76
C ASN A 70 16.01 5.01 -8.55
N GLY A 71 16.51 4.39 -7.47
CA GLY A 71 15.81 4.37 -6.20
C GLY A 71 14.39 3.84 -6.23
N ILE A 72 14.11 3.00 -7.22
CA ILE A 72 12.83 2.30 -7.36
C ILE A 72 12.98 0.87 -6.79
N ASP A 73 12.00 0.45 -5.99
CA ASP A 73 12.05 -0.83 -5.31
C ASP A 73 11.61 -2.01 -6.17
N ASN A 74 12.24 -3.18 -5.93
CA ASN A 74 11.93 -4.51 -6.52
C ASN A 74 12.03 -4.64 -8.01
N LEU A 75 12.87 -3.81 -8.62
CA LEU A 75 13.14 -3.89 -10.05
C LEU A 75 14.08 -5.09 -10.41
N MET A 76 13.53 -6.01 -11.21
CA MET A 76 14.19 -7.25 -11.59
C MET A 76 15.24 -7.05 -12.68
N TYR A 77 14.92 -6.22 -13.67
CA TYR A 77 15.85 -5.81 -14.73
C TYR A 77 15.17 -4.74 -15.59
N MET A 78 15.92 -4.08 -16.48
CA MET A 78 15.36 -2.96 -17.27
C MET A 78 15.75 -2.94 -18.75
N SER A 79 14.81 -3.24 -19.66
CA SER A 79 15.13 -3.36 -21.10
C SER A 79 14.46 -2.26 -21.88
N SER A 80 15.08 -1.85 -23.00
CA SER A 80 14.62 -0.66 -23.73
C SER A 80 14.95 -0.63 -25.23
N ASN A 81 13.98 -0.16 -26.03
CA ASN A 81 14.10 0.01 -27.48
C ASN A 81 14.13 1.45 -27.94
N SER A 82 14.88 1.74 -29.01
CA SER A 82 14.86 3.09 -29.57
C SER A 82 14.93 3.04 -31.07
N ASP A 83 13.79 2.92 -31.73
CA ASP A 83 13.78 2.66 -33.18
C ASP A 83 13.59 3.94 -33.99
N SER A 84 13.84 3.83 -35.30
CA SER A 84 13.84 4.96 -36.24
C SER A 84 12.44 5.43 -36.66
N THR A 85 11.47 5.16 -35.82
CA THR A 85 10.14 5.69 -36.03
C THR A 85 9.84 6.84 -35.06
N GLY A 86 10.92 7.41 -34.52
CA GLY A 86 10.82 8.27 -33.35
C GLY A 86 10.17 7.62 -32.13
N THR A 87 10.47 6.36 -31.81
CA THR A 87 9.79 5.74 -30.65
C THR A 87 10.69 5.02 -29.68
N VAL A 88 10.51 5.38 -28.41
CA VAL A 88 11.27 4.81 -27.33
C VAL A 88 10.31 4.13 -26.42
N GLN A 89 10.67 2.94 -26.00
CA GLN A 89 9.85 2.17 -25.08
C GLN A 89 10.80 1.46 -24.11
N ILE A 90 10.59 1.66 -22.80
CA ILE A 90 11.42 1.11 -21.72
C ILE A 90 10.60 0.19 -20.84
N THR A 91 11.06 -1.02 -20.55
CA THR A 91 10.19 -1.91 -19.79
C THR A 91 10.84 -2.38 -18.53
N LEU A 92 10.36 -1.84 -17.43
CA LEU A 92 10.86 -2.24 -16.16
C LEU A 92 10.03 -3.43 -15.65
N THR A 93 10.72 -4.57 -15.48
CA THR A 93 10.14 -5.78 -14.92
C THR A 93 10.50 -5.85 -13.45
N PHE A 94 9.54 -6.32 -12.65
CA PHE A 94 9.59 -6.28 -11.16
C PHE A 94 9.51 -7.69 -10.59
N GLU A 95 9.87 -7.84 -9.33
CA GLU A 95 9.81 -9.11 -8.63
C GLU A 95 8.38 -9.65 -8.52
N SER A 96 8.27 -10.96 -8.47
CA SER A 96 7.02 -11.71 -8.33
C SER A 96 5.86 -11.05 -7.61
N GLY A 97 6.04 -10.62 -6.36
CA GLY A 97 4.87 -10.13 -5.61
C GLY A 97 4.71 -8.63 -5.52
N THR A 98 5.48 -7.89 -6.32
CA THR A 98 5.50 -6.44 -6.24
C THR A 98 4.12 -5.97 -6.58
N ASP A 99 3.58 -5.06 -5.77
CA ASP A 99 2.28 -4.49 -6.05
C ASP A 99 2.47 -3.68 -7.30
N ALA A 100 1.77 -4.05 -8.37
CA ALA A 100 1.89 -3.32 -9.65
C ALA A 100 1.52 -1.83 -9.56
N ASP A 101 0.69 -1.49 -8.60
CA ASP A 101 0.33 -0.09 -8.42
C ASP A 101 1.44 0.73 -7.79
N ILE A 102 2.24 0.14 -6.91
CA ILE A 102 3.31 0.94 -6.33
C ILE A 102 4.44 1.09 -7.31
N ALA A 103 4.75 -0.03 -8.00
CA ALA A 103 5.77 -0.10 -9.07
C ALA A 103 5.57 0.98 -10.14
N GLN A 104 4.32 1.16 -10.55
CA GLN A 104 4.01 2.06 -11.61
C GLN A 104 4.14 3.49 -11.13
N VAL A 105 3.64 3.77 -9.93
CA VAL A 105 3.79 5.09 -9.29
C VAL A 105 5.28 5.46 -9.28
N GLN A 106 6.07 4.63 -8.61
CA GLN A 106 7.48 4.93 -8.40
C GLN A 106 8.19 5.30 -9.71
N VAL A 107 8.09 4.42 -10.72
CA VAL A 107 8.58 4.70 -12.07
C VAL A 107 8.10 6.08 -12.46
N GLN A 108 6.78 6.23 -12.70
CA GLN A 108 6.15 7.49 -13.11
C GLN A 108 6.68 8.66 -12.36
N ASN A 109 6.80 8.52 -11.05
CA ASN A 109 7.31 9.61 -10.21
C ASN A 109 8.74 9.98 -10.52
N LYS A 110 9.62 8.97 -10.60
CA LYS A 110 11.00 9.15 -11.02
C LYS A 110 11.10 9.70 -12.45
N LEU A 111 10.19 9.27 -13.33
CA LEU A 111 10.12 9.78 -14.68
C LEU A 111 9.83 11.26 -14.64
N GLN A 112 8.82 11.65 -13.84
CA GLN A 112 8.38 13.05 -13.81
C GLN A 112 9.43 14.01 -13.26
N LEU A 113 10.60 13.49 -12.87
CA LEU A 113 11.67 14.37 -12.48
C LEU A 113 12.73 14.43 -13.53
N ALA A 114 12.69 13.44 -14.44
CA ALA A 114 13.55 13.43 -15.62
C ALA A 114 13.07 14.42 -16.64
N MET A 115 11.74 14.56 -16.73
CA MET A 115 11.08 15.34 -17.76
C MET A 115 11.73 16.65 -18.15
N PRO A 116 12.07 17.51 -17.19
CA PRO A 116 12.64 18.78 -17.64
C PRO A 116 13.87 18.63 -18.57
N LEU A 117 14.56 17.48 -18.48
CA LEU A 117 15.76 17.19 -19.30
C LEU A 117 15.45 16.54 -20.65
N LEU A 118 14.20 16.33 -20.96
CA LEU A 118 13.86 15.77 -22.25
C LEU A 118 13.61 16.89 -23.24
N PRO A 119 14.01 16.67 -24.51
CA PRO A 119 13.85 17.63 -25.58
C PRO A 119 12.39 18.08 -25.71
N GLN A 120 12.25 19.40 -25.90
CA GLN A 120 10.97 20.09 -25.80
C GLN A 120 9.86 19.40 -26.57
N GLU A 121 10.18 18.97 -27.79
CA GLU A 121 9.21 18.39 -28.68
C GLU A 121 8.66 17.07 -28.12
N VAL A 122 9.43 16.42 -27.23
CA VAL A 122 8.97 15.15 -26.63
C VAL A 122 8.10 15.43 -25.44
N GLN A 123 8.44 16.48 -24.69
CA GLN A 123 7.72 16.83 -23.46
C GLN A 123 6.25 16.99 -23.80
N GLN A 124 5.99 17.58 -24.97
CA GLN A 124 4.63 17.87 -25.35
C GLN A 124 3.92 16.66 -25.89
N GLN A 125 4.60 15.93 -26.76
CA GLN A 125 4.06 14.67 -27.26
C GLN A 125 3.53 13.85 -26.10
N GLY A 126 4.28 13.87 -25.00
CA GLY A 126 3.90 13.26 -23.75
C GLY A 126 4.47 11.87 -23.63
N VAL A 127 5.37 11.71 -22.68
CA VAL A 127 5.86 10.40 -22.27
C VAL A 127 4.75 9.79 -21.45
N SER A 128 4.56 8.47 -21.52
CA SER A 128 3.50 7.87 -20.72
C SER A 128 3.79 6.49 -20.16
N VAL A 129 3.55 6.36 -18.86
CA VAL A 129 3.81 5.13 -18.19
C VAL A 129 2.47 4.50 -17.84
N GLU A 130 2.39 3.21 -18.14
CA GLU A 130 1.26 2.37 -17.77
C GLU A 130 1.81 0.99 -17.45
N LYS A 131 0.93 0.11 -16.97
CA LYS A 131 1.32 -1.23 -16.56
C LYS A 131 1.06 -2.20 -17.70
N SER A 132 2.09 -2.69 -18.38
CA SER A 132 1.91 -3.57 -19.55
C SER A 132 1.39 -4.95 -19.18
N SER A 133 0.41 -5.46 -19.94
CA SER A 133 -0.18 -6.81 -19.70
C SER A 133 -0.92 -7.36 -20.92
N SER A 134 -0.16 -8.00 -21.81
CA SER A 134 -0.61 -8.45 -23.17
C SER A 134 -1.87 -9.37 -23.29
N SER A 135 -2.58 -9.55 -22.16
CA SER A 135 -3.84 -10.29 -22.04
C SER A 135 -5.04 -9.40 -22.40
N PHE A 136 -5.53 -9.56 -23.63
CA PHE A 136 -6.67 -8.79 -24.10
C PHE A 136 -7.96 -9.58 -23.98
N LEU A 137 -9.02 -8.94 -23.48
CA LEU A 137 -10.33 -9.58 -23.44
C LEU A 137 -10.87 -9.76 -24.85
N MET A 138 -10.75 -8.72 -25.66
CA MET A 138 -11.25 -8.81 -27.02
C MET A 138 -10.87 -7.58 -27.79
N VAL A 139 -10.95 -7.67 -29.11
CA VAL A 139 -10.65 -6.52 -29.92
C VAL A 139 -11.81 -6.34 -30.86
N VAL A 140 -12.74 -5.46 -30.48
CA VAL A 140 -13.85 -5.12 -31.36
C VAL A 140 -13.29 -4.49 -32.63
N GLY A 141 -14.06 -4.51 -33.70
CA GLY A 141 -13.68 -3.82 -34.94
C GLY A 141 -14.83 -2.95 -35.42
N VAL A 142 -14.50 -1.84 -36.06
CA VAL A 142 -15.53 -0.97 -36.54
C VAL A 142 -15.20 -0.79 -37.99
N ILE A 143 -15.98 -1.40 -38.86
CA ILE A 143 -15.73 -1.29 -40.29
C ILE A 143 -16.84 -0.53 -40.98
N ASN A 144 -16.48 0.27 -41.98
CA ASN A 144 -17.48 0.90 -42.79
C ASN A 144 -17.72 0.06 -44.00
N THR A 145 -19.01 -0.17 -44.22
CA THR A 145 -19.48 -1.01 -45.31
C THR A 145 -20.40 -0.22 -46.26
N ASP A 146 -19.72 0.48 -47.18
CA ASP A 146 -20.24 0.97 -48.46
C ASP A 146 -19.10 1.69 -49.14
N GLY A 147 -18.20 2.25 -48.32
CA GLY A 147 -17.03 2.97 -48.83
C GLY A 147 -17.15 4.48 -48.64
N THR A 148 -17.98 4.90 -47.68
CA THR A 148 -18.11 6.30 -47.26
C THR A 148 -16.80 6.75 -46.64
N MET A 149 -16.35 5.96 -45.68
CA MET A 149 -15.37 6.37 -44.70
C MET A 149 -13.99 5.82 -44.99
N THR A 150 -12.99 6.40 -44.32
CA THR A 150 -11.61 5.93 -44.39
C THR A 150 -11.23 5.40 -43.02
N GLN A 151 -10.01 4.87 -42.92
CA GLN A 151 -9.36 4.59 -41.65
C GLN A 151 -9.66 5.68 -40.65
N GLU A 152 -9.19 6.89 -40.98
CA GLU A 152 -9.19 8.05 -40.09
C GLU A 152 -10.59 8.49 -39.67
N ASP A 153 -11.48 8.61 -40.65
CA ASP A 153 -12.89 8.85 -40.38
C ASP A 153 -13.43 7.83 -39.39
N ILE A 154 -13.26 6.55 -39.66
CA ILE A 154 -13.76 5.51 -38.79
C ILE A 154 -13.08 5.59 -37.43
N SER A 155 -11.80 5.96 -37.43
CA SER A 155 -11.07 6.09 -36.17
C SER A 155 -11.71 7.15 -35.28
N ASP A 156 -11.98 8.30 -35.89
CA ASP A 156 -12.54 9.45 -35.20
C ASP A 156 -13.88 9.16 -34.53
N TYR A 157 -14.80 8.53 -35.27
CA TYR A 157 -16.11 8.18 -34.70
C TYR A 157 -15.97 7.30 -33.48
N VAL A 158 -15.09 6.32 -33.58
CA VAL A 158 -14.87 5.32 -32.53
C VAL A 158 -14.31 5.96 -31.28
N ALA A 159 -13.33 6.85 -31.46
CA ALA A 159 -12.68 7.53 -30.37
C ALA A 159 -13.49 8.73 -29.88
N ALA A 160 -14.59 9.01 -30.57
CA ALA A 160 -15.40 10.19 -30.26
C ALA A 160 -16.73 9.88 -29.58
N ASN A 161 -17.45 8.90 -30.10
CA ASN A 161 -18.83 8.63 -29.68
C ASN A 161 -19.01 7.32 -28.93
N MET A 162 -18.05 6.42 -29.06
CA MET A 162 -18.18 5.08 -28.51
C MET A 162 -17.04 4.59 -27.58
N LYS A 163 -15.92 5.31 -27.50
CA LYS A 163 -14.83 4.81 -26.65
C LYS A 163 -15.21 4.91 -25.20
N ASP A 164 -15.26 6.11 -24.66
CA ASP A 164 -15.59 6.28 -23.24
C ASP A 164 -16.84 5.46 -22.92
N ALA A 165 -17.72 5.33 -23.91
CA ALA A 165 -18.94 4.57 -23.75
C ALA A 165 -18.60 3.23 -23.15
N ILE A 166 -17.67 2.51 -23.77
CA ILE A 166 -17.17 1.22 -23.25
C ILE A 166 -16.39 1.44 -21.96
N SER A 167 -15.43 2.38 -22.03
CA SER A 167 -14.50 2.68 -20.94
C SER A 167 -15.19 2.92 -19.60
N ARG A 168 -16.49 3.20 -19.64
CA ARG A 168 -17.32 3.44 -18.45
C ARG A 168 -18.21 2.25 -18.06
N THR A 169 -18.06 1.10 -18.74
CA THR A 169 -18.86 -0.11 -18.46
C THR A 169 -18.32 -1.01 -17.33
N SER A 170 -19.06 -2.07 -17.02
CA SER A 170 -18.64 -3.15 -16.12
C SER A 170 -17.28 -3.68 -16.51
N GLY A 171 -16.47 -4.06 -15.53
CA GLY A 171 -15.17 -4.71 -15.79
C GLY A 171 -14.11 -3.92 -16.54
N VAL A 172 -14.36 -3.67 -17.83
CA VAL A 172 -13.40 -2.99 -18.71
C VAL A 172 -12.40 -2.10 -17.96
N GLY A 173 -11.21 -2.66 -17.74
CA GLY A 173 -10.17 -1.95 -16.98
C GLY A 173 -9.22 -1.17 -17.87
N ASP A 174 -9.56 -1.10 -19.15
CA ASP A 174 -8.71 -0.47 -20.14
C ASP A 174 -9.35 -0.51 -21.50
N VAL A 175 -9.24 0.59 -22.23
CA VAL A 175 -9.68 0.67 -23.62
C VAL A 175 -8.56 1.30 -24.42
N GLN A 176 -8.15 0.67 -25.51
CA GLN A 176 -7.16 1.27 -26.42
C GLN A 176 -7.82 1.64 -27.76
N LEU A 177 -7.12 2.30 -28.68
CA LEU A 177 -7.77 2.70 -29.93
C LEU A 177 -7.03 2.37 -31.22
N PHE A 178 -7.60 1.48 -32.02
CA PHE A 178 -6.99 1.01 -33.29
C PHE A 178 -7.02 2.03 -34.44
N GLY A 179 -6.65 3.27 -34.14
CA GLY A 179 -6.68 4.36 -35.10
C GLY A 179 -6.42 5.68 -34.40
N SER A 180 -6.55 6.80 -35.12
CA SER A 180 -6.05 8.09 -34.64
C SER A 180 -7.01 8.96 -33.86
N GLN A 181 -8.18 9.24 -34.45
CA GLN A 181 -8.95 10.46 -34.14
C GLN A 181 -8.37 11.56 -35.07
N TYR A 182 -9.12 12.63 -35.31
CA TYR A 182 -8.67 13.61 -36.31
C TYR A 182 -7.56 14.51 -35.81
N ALA A 183 -6.90 15.18 -36.74
CA ALA A 183 -5.95 16.21 -36.40
C ALA A 183 -5.96 17.19 -37.53
N MET A 184 -5.96 18.48 -37.20
CA MET A 184 -5.87 19.49 -38.23
C MET A 184 -4.57 19.35 -39.02
N ARG A 185 -4.65 18.63 -40.14
CA ARG A 185 -3.52 18.52 -41.05
C ARG A 185 -3.27 19.82 -41.81
N ILE A 186 -2.02 20.15 -42.07
CA ILE A 186 -1.71 21.40 -42.79
C ILE A 186 -0.48 21.17 -43.64
N TRP A 187 -0.71 20.77 -44.88
CA TRP A 187 0.31 20.15 -45.69
C TRP A 187 1.03 21.10 -46.62
N MET A 188 2.01 21.83 -46.10
CA MET A 188 2.81 22.81 -46.86
C MET A 188 3.14 22.44 -48.32
N ASN A 189 3.75 23.39 -49.05
CA ASN A 189 4.05 23.22 -50.48
C ASN A 189 5.20 24.16 -50.88
N PRO A 190 6.44 23.66 -50.81
CA PRO A 190 7.63 24.52 -50.87
C PRO A 190 7.61 25.51 -52.03
N ASN A 191 6.74 25.22 -53.01
CA ASN A 191 6.65 25.97 -54.25
C ASN A 191 5.67 27.14 -54.10
N GLU A 192 4.43 26.84 -53.73
CA GLU A 192 3.49 27.90 -53.34
C GLU A 192 4.00 28.49 -52.02
N LEU A 193 5.29 28.82 -51.92
CA LEU A 193 5.87 29.15 -50.62
C LEU A 193 7.21 29.87 -50.73
N ASN A 194 8.12 29.32 -51.54
CA ASN A 194 9.38 29.98 -51.89
C ASN A 194 9.04 31.26 -52.64
N LYS A 195 7.86 31.26 -53.25
CA LYS A 195 7.32 32.44 -53.92
C LYS A 195 7.07 33.63 -52.97
N PHE A 196 6.18 33.45 -51.99
CA PHE A 196 5.89 34.50 -51.03
C PHE A 196 7.00 34.67 -50.00
N GLN A 197 8.21 34.23 -50.35
CA GLN A 197 9.38 34.31 -49.47
C GLN A 197 9.18 33.76 -48.03
N LEU A 198 8.32 32.72 -47.89
CA LEU A 198 7.99 32.07 -46.59
C LEU A 198 8.58 30.66 -46.38
N THR A 199 8.96 30.37 -45.14
CA THR A 199 9.42 29.04 -44.71
C THR A 199 8.35 28.41 -43.81
N PRO A 200 8.51 27.13 -43.40
CA PRO A 200 7.55 26.61 -42.42
C PRO A 200 7.57 27.34 -41.05
N VAL A 201 8.72 27.88 -40.63
CA VAL A 201 8.82 28.62 -39.35
C VAL A 201 7.78 29.73 -39.28
N ASP A 202 7.78 30.60 -40.28
CA ASP A 202 6.73 31.61 -40.46
C ASP A 202 5.33 31.01 -40.39
N VAL A 203 5.19 29.79 -40.91
CA VAL A 203 3.91 29.12 -40.90
C VAL A 203 3.62 28.66 -39.51
N ILE A 204 4.65 28.20 -38.81
CA ILE A 204 4.50 27.75 -37.43
C ILE A 204 4.10 28.95 -36.55
N THR A 205 4.95 29.99 -36.60
CA THR A 205 4.74 31.26 -35.91
C THR A 205 3.32 31.83 -36.04
N ALA A 206 2.71 31.74 -37.22
CA ALA A 206 1.34 32.21 -37.41
C ALA A 206 0.35 31.36 -36.65
N ILE A 207 0.30 30.07 -36.95
CA ILE A 207 -0.65 29.16 -36.31
C ILE A 207 -0.70 29.35 -34.77
N LYS A 208 0.46 29.60 -34.18
CA LYS A 208 0.60 29.82 -32.73
C LYS A 208 -0.16 31.05 -32.22
N ALA A 209 -0.07 32.14 -32.99
CA ALA A 209 -0.66 33.40 -32.60
C ALA A 209 -2.15 33.41 -32.89
N GLN A 210 -2.54 32.88 -34.03
CA GLN A 210 -3.94 32.98 -34.50
C GLN A 210 -4.85 31.84 -34.04
N ASN A 211 -4.30 30.98 -33.20
CA ASN A 211 -4.99 29.80 -32.69
C ASN A 211 -4.57 29.50 -31.26
N ALA A 212 -4.29 30.54 -30.49
CA ALA A 212 -3.98 30.43 -29.07
C ALA A 212 -5.27 30.46 -28.25
N GLN A 213 -5.23 31.03 -27.04
CA GLN A 213 -6.41 31.18 -26.18
C GLN A 213 -6.00 32.10 -25.03
N VAL A 214 -6.40 33.37 -25.17
CA VAL A 214 -5.99 34.46 -24.30
C VAL A 214 -6.95 34.68 -23.13
N ALA A 215 -6.38 34.97 -21.95
CA ALA A 215 -7.16 35.39 -20.77
C ALA A 215 -7.22 36.91 -20.67
N ALA A 216 -8.39 37.40 -20.25
CA ALA A 216 -8.63 38.83 -20.12
C ALA A 216 -8.94 39.14 -18.66
N GLY A 217 -10.22 39.21 -18.34
CA GLY A 217 -10.65 39.35 -16.96
C GLY A 217 -12.14 39.25 -16.93
N GLN A 218 -12.75 39.85 -15.91
CA GLN A 218 -14.19 40.00 -15.90
C GLN A 218 -14.58 41.48 -16.04
N LEU A 219 -15.14 42.03 -14.97
CA LEU A 219 -15.53 43.44 -14.83
C LEU A 219 -15.87 43.49 -13.34
N GLY A 220 -15.00 44.12 -12.57
CA GLY A 220 -15.18 44.13 -11.13
C GLY A 220 -14.51 42.90 -10.59
N GLY A 221 -15.32 41.96 -10.10
CA GLY A 221 -14.87 40.63 -9.59
C GLY A 221 -13.78 40.66 -8.53
N THR A 222 -12.56 40.81 -9.01
CA THR A 222 -11.40 41.23 -8.22
C THR A 222 -11.76 42.66 -7.71
N PRO A 223 -10.92 43.30 -6.85
CA PRO A 223 -11.51 44.45 -6.15
C PRO A 223 -12.19 45.46 -7.08
N PRO A 224 -13.52 45.66 -6.93
CA PRO A 224 -14.23 46.55 -7.83
C PRO A 224 -14.32 47.96 -7.22
N VAL A 225 -14.88 48.90 -7.97
CA VAL A 225 -14.95 50.30 -7.54
C VAL A 225 -16.24 50.56 -6.76
N LYS A 226 -16.11 51.34 -5.69
CA LYS A 226 -17.21 51.65 -4.75
C LYS A 226 -18.60 51.41 -5.36
N GLY A 227 -19.20 50.28 -4.98
CA GLY A 227 -20.54 49.86 -5.44
C GLY A 227 -20.77 49.68 -6.93
N GLN A 228 -19.98 48.83 -7.58
CA GLN A 228 -20.32 48.49 -8.96
C GLN A 228 -21.62 47.69 -8.99
N GLN A 229 -22.11 47.39 -10.18
CA GLN A 229 -23.44 46.82 -10.36
C GLN A 229 -23.49 45.71 -11.41
N LEU A 230 -22.56 45.77 -12.36
CA LEU A 230 -22.40 44.72 -13.36
C LEU A 230 -21.07 43.98 -13.16
N ASN A 231 -21.15 42.65 -13.25
CA ASN A 231 -20.00 41.72 -13.23
C ASN A 231 -20.20 40.52 -14.18
N ALA A 232 -19.26 40.34 -15.13
CA ALA A 232 -19.33 39.28 -16.16
C ALA A 232 -18.00 39.01 -16.89
N SER A 233 -17.79 37.76 -17.31
CA SER A 233 -16.53 37.35 -17.94
C SER A 233 -16.33 37.95 -19.34
N ILE A 234 -15.13 38.48 -19.59
CA ILE A 234 -14.64 38.83 -20.94
C ILE A 234 -14.19 37.54 -21.65
N ILE A 235 -14.53 37.36 -22.93
CA ILE A 235 -14.09 36.18 -23.69
C ILE A 235 -13.18 36.53 -24.87
N ALA A 236 -11.90 36.79 -24.61
CA ALA A 236 -10.91 37.13 -25.64
C ALA A 236 -10.77 36.05 -26.72
N GLN A 237 -9.76 36.19 -27.57
CA GLN A 237 -9.43 35.14 -28.57
C GLN A 237 -9.60 33.72 -28.00
N THR A 238 -10.20 32.84 -28.79
CA THR A 238 -10.27 31.42 -28.44
C THR A 238 -10.41 30.45 -29.67
N ARG A 239 -9.34 29.67 -29.87
CA ARG A 239 -9.15 28.59 -30.89
C ARG A 239 -10.08 28.41 -32.10
N LEU A 240 -9.45 28.15 -33.24
CA LEU A 240 -10.12 27.83 -34.49
C LEU A 240 -10.79 26.47 -34.38
N THR A 241 -11.84 26.24 -35.15
CA THR A 241 -12.57 24.98 -35.09
C THR A 241 -12.92 24.45 -36.49
N SER A 242 -12.43 25.15 -37.50
CA SER A 242 -12.70 24.73 -38.88
C SER A 242 -11.43 24.56 -39.68
N THR A 243 -11.50 23.74 -40.72
CA THR A 243 -10.41 23.68 -41.68
C THR A 243 -10.28 25.04 -42.37
N GLU A 244 -11.40 25.75 -42.51
CA GLU A 244 -11.44 27.02 -43.23
C GLU A 244 -10.96 28.16 -42.39
N GLU A 245 -11.24 28.12 -41.09
CA GLU A 245 -10.68 29.07 -40.15
C GLU A 245 -9.17 28.94 -40.17
N PHE A 246 -8.70 27.71 -40.36
CA PHE A 246 -7.27 27.51 -40.50
C PHE A 246 -6.77 28.09 -41.82
N GLY A 247 -7.24 27.55 -42.94
CA GLY A 247 -6.91 28.11 -44.26
C GLY A 247 -6.83 29.63 -44.30
N LYS A 248 -7.76 30.27 -43.60
CA LYS A 248 -7.87 31.74 -43.51
C LYS A 248 -6.81 32.46 -42.66
N ILE A 249 -5.90 31.70 -42.02
CA ILE A 249 -4.84 32.29 -41.20
C ILE A 249 -3.92 33.19 -42.05
N LEU A 250 -3.77 34.44 -41.63
CA LEU A 250 -2.92 35.41 -42.32
C LEU A 250 -1.44 35.07 -42.13
N LEU A 251 -0.77 34.77 -43.23
CA LEU A 251 0.64 34.44 -43.13
C LEU A 251 1.54 35.62 -43.51
N LYS A 252 1.23 36.28 -44.62
CA LYS A 252 2.08 37.38 -45.16
C LYS A 252 1.32 38.62 -45.67
N VAL A 253 1.91 39.78 -45.38
CA VAL A 253 1.44 41.07 -45.88
C VAL A 253 2.60 41.89 -46.51
N ASN A 254 2.74 41.83 -47.84
CA ASN A 254 3.80 42.55 -48.58
C ASN A 254 3.29 43.72 -49.47
N GLN A 255 4.10 44.79 -49.55
CA GLN A 255 3.71 46.05 -50.21
C GLN A 255 2.92 45.85 -51.49
N ASP A 256 1.78 46.54 -51.55
CA ASP A 256 0.76 46.46 -52.61
C ASP A 256 -0.50 45.83 -52.03
N GLY A 257 -0.43 45.54 -50.72
CA GLY A 257 -1.51 44.88 -49.99
C GLY A 257 -1.80 43.47 -50.49
N SER A 258 -0.81 42.58 -50.38
CA SER A 258 -0.98 41.18 -50.79
C SER A 258 -1.39 40.26 -49.62
N ARG A 259 -2.55 39.61 -49.79
CA ARG A 259 -3.19 38.73 -48.78
C ARG A 259 -2.75 37.25 -48.92
N VAL A 260 -1.59 36.96 -48.36
CA VAL A 260 -1.03 35.61 -48.36
C VAL A 260 -1.62 34.79 -47.22
N LEU A 261 -2.40 33.78 -47.55
CA LEU A 261 -3.05 32.96 -46.52
C LEU A 261 -2.36 31.60 -46.35
N LEU A 262 -2.79 30.84 -45.33
CA LEU A 262 -2.30 29.48 -45.13
C LEU A 262 -2.88 28.56 -46.20
N ARG A 263 -4.10 28.89 -46.63
CA ARG A 263 -4.78 28.20 -47.73
C ARG A 263 -3.94 28.28 -48.99
N ASP A 264 -3.33 29.43 -49.23
CA ASP A 264 -2.54 29.67 -50.42
C ASP A 264 -1.22 28.92 -50.41
N VAL A 265 -0.75 28.49 -49.23
CA VAL A 265 0.55 27.80 -49.11
C VAL A 265 0.52 26.31 -48.78
N ALA A 266 -0.66 25.73 -48.56
CA ALA A 266 -0.76 24.32 -48.21
C ALA A 266 -2.19 23.84 -48.26
N LYS A 267 -2.38 22.55 -48.51
CA LYS A 267 -3.69 21.94 -48.30
C LYS A 267 -3.97 22.01 -46.79
N ILE A 268 -5.25 22.13 -46.43
CA ILE A 268 -5.66 22.30 -45.02
C ILE A 268 -6.78 21.35 -44.69
N GLU A 269 -6.64 20.08 -45.05
CA GLU A 269 -7.70 19.11 -44.79
C GLU A 269 -7.82 18.73 -43.31
N LEU A 270 -8.42 17.58 -43.05
CA LEU A 270 -8.59 17.09 -41.71
C LEU A 270 -8.26 15.61 -41.79
N GLY A 271 -7.47 15.08 -40.87
CA GLY A 271 -7.00 13.73 -41.05
C GLY A 271 -6.54 13.08 -39.78
N GLY A 272 -5.81 11.98 -39.96
CA GLY A 272 -5.23 11.20 -38.87
C GLY A 272 -4.07 11.89 -38.19
N GLU A 273 -3.93 11.63 -36.88
CA GLU A 273 -2.87 12.20 -36.09
C GLU A 273 -1.56 11.62 -36.61
N ASN A 274 -1.57 10.30 -36.81
CA ASN A 274 -0.41 9.53 -37.24
C ASN A 274 -0.79 8.68 -38.48
N TYR A 275 0.14 8.50 -39.42
CA TYR A 275 -0.21 7.95 -40.74
C TYR A 275 0.49 6.67 -41.21
N ASP A 276 1.11 5.92 -40.31
CA ASP A 276 1.85 4.71 -40.75
C ASP A 276 1.33 3.32 -40.32
N ILE A 277 0.14 3.26 -39.72
CA ILE A 277 -0.58 2.01 -39.58
C ILE A 277 -1.85 2.00 -40.42
N ILE A 278 -1.91 1.03 -41.33
CA ILE A 278 -2.99 0.87 -42.30
C ILE A 278 -3.74 -0.42 -41.89
N ALA A 279 -4.68 -0.26 -40.97
CA ALA A 279 -5.47 -1.38 -40.49
C ALA A 279 -6.74 -1.50 -41.29
N GLU A 280 -6.84 -2.57 -42.06
CA GLU A 280 -8.08 -2.90 -42.73
C GLU A 280 -8.57 -4.29 -42.43
N PHE A 281 -9.89 -4.40 -42.44
CA PHE A 281 -10.56 -5.62 -42.09
C PHE A 281 -11.17 -6.23 -43.34
N ASN A 282 -11.06 -7.55 -43.48
CA ASN A 282 -11.52 -8.23 -44.68
C ASN A 282 -11.53 -7.33 -45.90
N GLY A 283 -10.40 -6.67 -46.14
CA GLY A 283 -10.19 -5.80 -47.30
C GLY A 283 -10.65 -4.37 -47.17
N GLN A 284 -11.63 -4.13 -46.29
CA GLN A 284 -12.23 -2.80 -46.10
C GLN A 284 -11.49 -2.00 -45.02
N PRO A 285 -11.58 -0.65 -45.05
CA PRO A 285 -11.05 0.18 -43.98
C PRO A 285 -11.68 -0.15 -42.64
N ALA A 286 -10.83 -0.20 -41.61
CA ALA A 286 -11.22 -0.57 -40.26
C ALA A 286 -10.49 0.26 -39.22
N SER A 287 -10.99 0.20 -37.99
CA SER A 287 -10.41 0.97 -36.90
C SER A 287 -11.00 0.53 -35.57
N GLY A 288 -10.76 -0.72 -35.23
CA GLY A 288 -11.25 -1.30 -33.99
C GLY A 288 -10.86 -0.59 -32.68
N LEU A 289 -10.94 -1.36 -31.60
CA LEU A 289 -10.81 -0.84 -30.26
C LEU A 289 -10.70 -2.05 -29.33
N GLY A 290 -9.52 -2.22 -28.69
CA GLY A 290 -9.20 -3.40 -27.87
C GLY A 290 -9.32 -3.20 -26.37
N ILE A 291 -10.12 -4.06 -25.75
CA ILE A 291 -10.47 -3.95 -24.33
C ILE A 291 -9.76 -5.05 -23.51
N LYS A 292 -9.11 -4.65 -22.42
CA LYS A 292 -8.48 -5.60 -21.48
C LYS A 292 -9.45 -5.83 -20.32
N LEU A 293 -9.20 -6.84 -19.49
CA LEU A 293 -10.16 -7.22 -18.42
C LEU A 293 -10.47 -6.18 -17.36
N ALA A 294 -10.02 -6.36 -16.12
CA ALA A 294 -10.62 -5.57 -15.03
C ALA A 294 -9.90 -5.57 -13.68
N THR A 295 -9.95 -6.72 -13.01
CA THR A 295 -9.52 -6.94 -11.61
C THR A 295 -10.74 -7.42 -10.86
N GLY A 296 -11.14 -8.65 -11.18
CA GLY A 296 -12.26 -9.27 -10.53
C GLY A 296 -13.54 -8.88 -11.21
N ALA A 297 -13.67 -9.29 -12.46
CA ALA A 297 -14.93 -9.14 -13.17
C ALA A 297 -14.97 -10.20 -14.26
N ASN A 298 -16.15 -10.78 -14.50
CA ASN A 298 -16.23 -11.88 -15.45
C ASN A 298 -15.81 -11.45 -16.85
N ALA A 299 -14.91 -12.24 -17.43
CA ALA A 299 -14.62 -12.14 -18.84
C ALA A 299 -15.94 -12.40 -19.57
N LEU A 300 -16.87 -13.01 -18.87
CA LEU A 300 -18.15 -13.37 -19.46
C LEU A 300 -19.14 -12.22 -19.38
N ASP A 301 -19.32 -11.67 -18.18
CA ASP A 301 -20.26 -10.57 -17.97
C ASP A 301 -19.78 -9.26 -18.59
N THR A 302 -18.57 -8.85 -18.25
CA THR A 302 -18.08 -7.60 -18.79
C THR A 302 -17.72 -7.77 -20.27
N ALA A 303 -18.24 -8.86 -20.86
CA ALA A 303 -18.13 -9.16 -22.30
C ALA A 303 -19.53 -9.15 -22.86
N ALA A 304 -20.39 -9.96 -22.25
CA ALA A 304 -21.84 -9.90 -22.49
C ALA A 304 -22.37 -8.50 -22.19
N ALA A 305 -21.62 -7.72 -21.41
CA ALA A 305 -21.92 -6.31 -21.14
C ALA A 305 -21.39 -5.38 -22.22
N ILE A 306 -20.25 -5.72 -22.83
CA ILE A 306 -19.71 -4.91 -23.94
C ILE A 306 -20.61 -5.01 -25.16
N ARG A 307 -21.20 -6.19 -25.40
CA ARG A 307 -22.03 -6.41 -26.59
C ARG A 307 -23.38 -5.69 -26.49
N ALA A 308 -23.84 -5.51 -25.25
CA ALA A 308 -25.02 -4.72 -24.92
C ALA A 308 -24.79 -3.26 -25.27
N GLU A 309 -23.77 -2.67 -24.66
CA GLU A 309 -23.40 -1.30 -24.95
C GLU A 309 -23.20 -1.04 -26.44
N LEU A 310 -22.66 -2.04 -27.13
CA LEU A 310 -22.42 -1.96 -28.56
C LEU A 310 -23.72 -2.01 -29.36
N ALA A 311 -24.75 -2.56 -28.74
CA ALA A 311 -26.10 -2.61 -29.33
C ALA A 311 -26.85 -1.27 -29.22
N LYS A 312 -26.71 -0.61 -28.05
CA LYS A 312 -27.29 0.71 -27.80
C LYS A 312 -26.85 1.77 -28.82
N MET A 313 -25.58 1.78 -29.20
CA MET A 313 -25.07 2.79 -30.13
C MET A 313 -25.31 2.42 -31.58
N GLU A 314 -25.74 1.18 -31.82
CA GLU A 314 -25.87 0.61 -33.17
C GLU A 314 -26.94 1.23 -34.09
N PRO A 315 -28.07 1.71 -33.51
CA PRO A 315 -28.93 2.60 -34.29
C PRO A 315 -28.18 3.84 -34.79
N PHE A 316 -27.47 4.51 -33.86
CA PHE A 316 -26.86 5.81 -34.15
C PHE A 316 -25.57 5.76 -34.99
N PHE A 317 -25.14 4.57 -35.38
CA PHE A 317 -24.05 4.41 -36.34
C PHE A 317 -24.51 4.89 -37.72
N PRO A 318 -24.17 6.14 -38.08
CA PRO A 318 -24.69 6.69 -39.33
C PRO A 318 -24.00 6.06 -40.55
N SER A 319 -24.57 6.25 -41.74
CA SER A 319 -24.09 5.57 -42.95
C SER A 319 -24.05 4.05 -42.75
N GLY A 320 -23.18 3.36 -43.48
CA GLY A 320 -23.12 1.90 -43.41
C GLY A 320 -21.95 1.30 -42.66
N LEU A 321 -21.78 1.64 -41.38
CA LEU A 321 -20.75 0.99 -40.56
C LEU A 321 -21.33 -0.04 -39.59
N LYS A 322 -20.60 -1.15 -39.44
CA LYS A 322 -20.96 -2.23 -38.53
C LYS A 322 -19.81 -2.62 -37.61
N ILE A 323 -20.15 -3.05 -36.40
CA ILE A 323 -19.19 -3.55 -35.41
C ILE A 323 -18.86 -5.02 -35.68
N VAL A 324 -17.57 -5.35 -35.64
CA VAL A 324 -17.13 -6.73 -35.85
C VAL A 324 -16.22 -7.20 -34.72
N TYR A 325 -16.09 -8.51 -34.54
CA TYR A 325 -15.52 -9.06 -33.31
C TYR A 325 -14.31 -10.00 -33.49
N PRO A 326 -13.24 -9.55 -34.15
CA PRO A 326 -12.21 -10.51 -34.56
C PRO A 326 -11.37 -11.09 -33.44
N TYR A 327 -11.70 -10.79 -32.19
CA TYR A 327 -11.01 -11.40 -31.04
C TYR A 327 -11.89 -11.32 -29.81
N ASP A 328 -12.24 -12.48 -29.27
CA ASP A 328 -12.92 -12.56 -28.01
C ASP A 328 -12.38 -13.77 -27.26
N THR A 329 -11.74 -13.54 -26.11
CA THR A 329 -11.49 -14.63 -25.17
C THR A 329 -12.75 -14.77 -24.30
N THR A 330 -13.74 -15.45 -24.88
CA THR A 330 -15.00 -15.72 -24.20
C THR A 330 -15.64 -16.99 -24.75
N PRO A 331 -15.84 -17.06 -26.07
CA PRO A 331 -16.38 -18.31 -26.59
C PRO A 331 -15.48 -19.48 -26.19
N PHE A 332 -14.18 -19.21 -26.05
CA PHE A 332 -13.27 -20.22 -25.52
C PHE A 332 -13.53 -20.45 -24.04
N VAL A 333 -13.34 -19.42 -23.22
CA VAL A 333 -13.43 -19.56 -21.76
C VAL A 333 -14.75 -20.21 -21.35
N LYS A 334 -15.78 -20.00 -22.18
CA LYS A 334 -17.13 -20.48 -21.91
C LYS A 334 -17.32 -21.99 -22.11
N ILE A 335 -16.91 -22.49 -23.28
CA ILE A 335 -17.03 -23.92 -23.58
C ILE A 335 -16.05 -24.73 -22.75
N SER A 336 -14.88 -24.15 -22.52
CA SER A 336 -13.86 -24.77 -21.69
C SER A 336 -14.36 -24.92 -20.26
N ILE A 337 -15.25 -24.02 -19.84
CA ILE A 337 -15.85 -24.06 -18.49
C ILE A 337 -17.21 -24.77 -18.42
N HIS A 338 -17.94 -24.80 -19.54
CA HIS A 338 -19.16 -25.59 -19.69
C HIS A 338 -18.81 -27.09 -19.74
N GLU A 339 -17.63 -27.40 -20.27
CA GLU A 339 -16.98 -28.69 -20.00
C GLU A 339 -16.36 -28.55 -18.60
N VAL A 340 -15.57 -29.51 -18.13
CA VAL A 340 -15.09 -29.45 -16.73
C VAL A 340 -16.31 -29.62 -15.79
N VAL A 341 -17.20 -28.62 -15.78
CA VAL A 341 -18.48 -28.71 -15.06
C VAL A 341 -19.26 -29.95 -15.53
N LYS A 342 -19.09 -30.30 -16.80
CA LYS A 342 -19.69 -31.49 -17.40
C LYS A 342 -18.89 -32.72 -16.97
N THR A 343 -17.59 -32.69 -17.25
CA THR A 343 -16.66 -33.72 -16.81
C THR A 343 -16.93 -34.03 -15.36
N LEU A 344 -17.29 -33.00 -14.59
CA LEU A 344 -17.55 -33.16 -13.18
C LEU A 344 -18.89 -33.85 -12.92
N VAL A 345 -19.95 -33.36 -13.54
CA VAL A 345 -21.30 -33.94 -13.39
C VAL A 345 -21.41 -35.31 -14.10
N GLU A 346 -20.40 -35.67 -14.88
CA GLU A 346 -20.38 -36.99 -15.48
C GLU A 346 -19.69 -37.97 -14.55
N ALA A 347 -18.46 -37.67 -14.16
CA ALA A 347 -17.79 -38.46 -13.16
C ALA A 347 -18.72 -38.72 -11.95
N ILE A 348 -19.70 -37.84 -11.76
CA ILE A 348 -20.77 -38.08 -10.79
C ILE A 348 -21.55 -39.33 -11.24
N ILE A 349 -22.30 -39.21 -12.35
CA ILE A 349 -23.10 -40.31 -12.92
C ILE A 349 -22.38 -41.65 -12.76
N LEU A 350 -21.07 -41.64 -12.97
CA LEU A 350 -20.23 -42.80 -12.78
C LEU A 350 -20.31 -43.35 -11.35
N VAL A 351 -19.86 -42.59 -10.35
CA VAL A 351 -19.97 -43.04 -8.95
C VAL A 351 -21.45 -43.07 -8.49
N PHE A 352 -22.11 -44.13 -8.92
CA PHE A 352 -23.51 -44.39 -8.75
C PHE A 352 -23.66 -45.66 -9.56
N LEU A 353 -23.11 -45.64 -10.76
CA LEU A 353 -23.11 -46.80 -11.64
C LEU A 353 -22.05 -47.83 -11.26
N VAL A 354 -20.90 -47.39 -10.76
CA VAL A 354 -19.93 -48.34 -10.17
C VAL A 354 -20.29 -48.52 -8.69
N MET A 355 -21.48 -48.04 -8.33
CA MET A 355 -22.03 -48.22 -7.00
C MET A 355 -23.25 -49.17 -7.02
N TYR A 356 -24.01 -49.19 -8.12
CA TYR A 356 -25.02 -50.24 -8.32
C TYR A 356 -24.30 -51.56 -8.52
N LEU A 357 -23.53 -51.60 -9.60
CA LEU A 357 -22.71 -52.73 -10.03
C LEU A 357 -21.78 -53.34 -8.98
N PHE A 358 -21.91 -52.90 -7.73
CA PHE A 358 -21.10 -53.42 -6.66
C PHE A 358 -21.85 -53.48 -5.34
N LEU A 359 -22.93 -52.72 -5.24
CA LEU A 359 -23.64 -52.59 -3.98
C LEU A 359 -25.15 -52.72 -4.09
N GLN A 360 -25.71 -52.58 -5.31
CA GLN A 360 -27.16 -52.73 -5.56
C GLN A 360 -28.04 -51.66 -4.92
N ASN A 361 -27.92 -51.54 -3.60
CA ASN A 361 -28.51 -50.52 -2.75
C ASN A 361 -28.55 -49.12 -3.39
N PHE A 362 -29.73 -48.67 -3.81
CA PHE A 362 -29.89 -47.31 -4.38
C PHE A 362 -29.63 -46.18 -3.35
N ARG A 363 -30.09 -46.37 -2.12
CA ARG A 363 -29.74 -45.50 -0.98
C ARG A 363 -28.23 -45.39 -0.72
N ALA A 364 -27.46 -46.38 -1.18
CA ALA A 364 -26.02 -46.32 -1.10
C ALA A 364 -25.48 -45.40 -2.17
N THR A 365 -25.78 -45.72 -3.43
CA THR A 365 -25.26 -44.93 -4.56
C THR A 365 -25.73 -43.47 -4.53
N LEU A 366 -26.59 -43.15 -3.56
CA LEU A 366 -27.14 -41.82 -3.40
C LEU A 366 -26.41 -41.02 -2.31
N ILE A 367 -25.53 -41.66 -1.54
CA ILE A 367 -24.78 -40.87 -0.54
C ILE A 367 -23.59 -40.04 -1.11
N PRO A 368 -22.80 -40.60 -2.06
CA PRO A 368 -21.70 -39.80 -2.61
C PRO A 368 -22.21 -38.75 -3.62
N THR A 369 -23.45 -38.91 -4.05
CA THR A 369 -24.09 -37.93 -4.90
C THR A 369 -24.60 -36.75 -4.06
N ILE A 370 -24.37 -36.85 -2.75
CA ILE A 370 -24.55 -35.72 -1.83
C ILE A 370 -23.21 -35.30 -1.22
N ALA A 371 -22.20 -36.16 -1.31
CA ALA A 371 -20.89 -35.89 -0.70
C ALA A 371 -19.98 -35.07 -1.61
N VAL A 372 -19.75 -35.57 -2.82
CA VAL A 372 -18.94 -34.86 -3.80
C VAL A 372 -19.54 -33.48 -4.18
N PRO A 373 -20.83 -33.42 -4.59
CA PRO A 373 -21.35 -32.11 -4.99
C PRO A 373 -21.34 -31.11 -3.83
N VAL A 374 -21.08 -31.59 -2.62
CA VAL A 374 -20.83 -30.71 -1.49
C VAL A 374 -19.35 -30.29 -1.45
N VAL A 375 -18.42 -31.24 -1.31
CA VAL A 375 -16.99 -30.87 -1.29
C VAL A 375 -16.59 -29.97 -2.48
N LEU A 376 -17.06 -30.32 -3.67
CA LEU A 376 -16.92 -29.44 -4.83
C LEU A 376 -17.49 -28.06 -4.57
N LEU A 377 -18.81 -27.95 -4.42
CA LEU A 377 -19.42 -26.66 -4.17
C LEU A 377 -18.65 -25.89 -3.10
N GLY A 378 -18.04 -26.64 -2.20
CA GLY A 378 -17.48 -26.07 -0.98
C GLY A 378 -16.08 -25.59 -1.16
N THR A 379 -15.29 -26.32 -1.93
CA THR A 379 -13.93 -25.86 -2.13
C THR A 379 -14.00 -24.58 -2.94
N PHE A 380 -15.10 -24.34 -3.65
CA PHE A 380 -15.27 -23.06 -4.35
C PHE A 380 -15.16 -21.88 -3.40
N ALA A 381 -15.86 -21.94 -2.27
CA ALA A 381 -15.75 -20.90 -1.24
C ALA A 381 -14.33 -20.71 -0.74
N VAL A 382 -13.62 -21.80 -0.48
CA VAL A 382 -12.23 -21.71 -0.03
C VAL A 382 -11.37 -20.98 -1.10
N LEU A 383 -11.68 -21.22 -2.37
CA LEU A 383 -11.00 -20.55 -3.46
C LEU A 383 -11.21 -19.06 -3.36
N ALA A 384 -12.47 -18.64 -3.40
CA ALA A 384 -12.89 -17.22 -3.39
C ALA A 384 -12.41 -16.47 -2.15
N ALA A 385 -12.23 -17.23 -1.07
CA ALA A 385 -11.72 -16.73 0.20
C ALA A 385 -10.21 -16.47 0.17
N PHE A 386 -9.49 -17.03 -0.81
CA PHE A 386 -8.03 -16.84 -0.97
C PHE A 386 -7.70 -15.90 -2.16
N GLY A 387 -8.74 -15.23 -2.68
CA GLY A 387 -8.58 -14.33 -3.84
C GLY A 387 -8.77 -15.05 -5.16
N PHE A 388 -8.50 -16.35 -5.14
CA PHE A 388 -8.56 -17.22 -6.33
C PHE A 388 -9.78 -16.96 -7.22
N SER A 389 -9.64 -17.25 -8.50
CA SER A 389 -10.72 -17.02 -9.46
C SER A 389 -11.03 -18.30 -10.23
N ILE A 390 -12.23 -18.38 -10.82
CA ILE A 390 -12.57 -19.48 -11.72
C ILE A 390 -11.84 -19.25 -13.04
N ASN A 391 -10.92 -20.16 -13.39
CA ASN A 391 -10.13 -20.05 -14.61
C ASN A 391 -9.55 -21.36 -15.10
N THR A 392 -9.31 -21.43 -16.41
CA THR A 392 -8.69 -22.59 -17.03
C THR A 392 -7.77 -23.38 -16.07
N LEU A 393 -6.95 -22.69 -15.27
CA LEU A 393 -6.01 -23.38 -14.38
C LEU A 393 -6.70 -23.93 -13.15
N THR A 394 -7.41 -23.05 -12.46
CA THR A 394 -8.05 -23.45 -11.23
C THR A 394 -9.21 -24.44 -11.49
N MET A 395 -9.59 -24.55 -12.77
CA MET A 395 -10.67 -25.43 -13.19
C MET A 395 -10.23 -26.88 -13.25
N PHE A 396 -9.38 -27.21 -14.21
CA PHE A 396 -8.81 -28.54 -14.27
C PHE A 396 -8.20 -28.84 -12.91
N GLY A 397 -7.82 -27.79 -12.20
CA GLY A 397 -7.37 -27.93 -10.83
C GLY A 397 -8.22 -28.89 -10.00
N MET A 398 -9.55 -28.82 -10.15
CA MET A 398 -10.46 -29.65 -9.35
C MET A 398 -10.66 -30.97 -10.04
N VAL A 399 -10.99 -30.91 -11.34
CA VAL A 399 -11.11 -32.08 -12.20
C VAL A 399 -9.99 -33.09 -11.93
N LEU A 400 -8.76 -32.58 -11.93
CA LEU A 400 -7.56 -33.36 -11.64
C LEU A 400 -7.55 -33.95 -10.23
N ALA A 401 -8.57 -33.65 -9.44
CA ALA A 401 -8.63 -34.10 -8.06
C ALA A 401 -10.00 -34.68 -7.75
N ILE A 402 -10.80 -34.88 -8.80
CA ILE A 402 -12.13 -35.48 -8.69
C ILE A 402 -12.05 -36.95 -8.28
N GLY A 403 -10.93 -37.58 -8.66
CA GLY A 403 -10.60 -38.94 -8.27
C GLY A 403 -10.28 -39.10 -6.80
N LEU A 404 -9.69 -38.06 -6.20
CA LEU A 404 -9.37 -38.11 -4.78
C LEU A 404 -10.58 -37.85 -3.88
N LEU A 405 -11.52 -37.02 -4.33
CA LEU A 405 -12.70 -36.68 -3.50
C LEU A 405 -13.86 -37.63 -3.74
N VAL A 406 -13.74 -38.42 -4.80
CA VAL A 406 -14.60 -39.58 -5.02
C VAL A 406 -14.13 -40.65 -4.06
N ASP A 407 -12.87 -41.06 -4.18
CA ASP A 407 -12.30 -42.12 -3.35
C ASP A 407 -12.30 -41.77 -1.86
N ASP A 408 -13.07 -40.77 -1.48
CA ASP A 408 -13.33 -40.53 -0.07
C ASP A 408 -14.80 -40.83 0.26
N ALA A 409 -15.66 -40.83 -0.74
CA ALA A 409 -17.04 -41.22 -0.50
C ALA A 409 -17.17 -42.74 -0.60
N ILE A 410 -16.64 -43.33 -1.68
CA ILE A 410 -16.66 -44.78 -1.83
C ILE A 410 -16.03 -45.43 -0.59
N VAL A 411 -14.75 -45.15 -0.35
CA VAL A 411 -14.02 -45.71 0.79
C VAL A 411 -14.78 -45.72 2.14
N VAL A 412 -15.38 -44.59 2.53
CA VAL A 412 -16.17 -44.52 3.78
C VAL A 412 -17.36 -45.50 3.73
N VAL A 413 -18.23 -45.31 2.75
CA VAL A 413 -19.45 -46.11 2.61
C VAL A 413 -19.12 -47.55 2.17
N GLU A 414 -17.83 -47.88 2.12
CA GLU A 414 -17.43 -49.25 1.88
C GLU A 414 -17.50 -50.01 3.16
N ASN A 415 -16.62 -49.69 4.09
CA ASN A 415 -16.56 -50.41 5.36
C ASN A 415 -17.94 -50.64 6.00
N VAL A 416 -18.87 -49.69 5.84
CA VAL A 416 -20.22 -49.88 6.39
C VAL A 416 -21.11 -50.85 5.58
N GLU A 417 -20.52 -51.57 4.62
CA GLU A 417 -21.24 -52.51 3.76
C GLU A 417 -20.39 -53.75 3.56
N ARG A 418 -19.19 -53.70 4.15
CA ARG A 418 -18.34 -54.86 4.31
C ARG A 418 -18.58 -55.34 5.72
N VAL A 419 -18.46 -54.41 6.69
CA VAL A 419 -18.65 -54.72 8.11
C VAL A 419 -20.11 -55.00 8.37
N MET A 420 -20.96 -54.08 7.93
CA MET A 420 -22.39 -54.26 8.07
C MET A 420 -22.86 -55.61 7.48
N ALA A 421 -22.20 -56.07 6.42
CA ALA A 421 -22.48 -57.39 5.83
C ALA A 421 -22.07 -58.57 6.74
N GLU A 422 -20.94 -59.19 6.45
CA GLU A 422 -20.45 -60.41 7.16
C GLU A 422 -20.57 -60.39 8.68
N GLU A 423 -21.32 -61.35 9.23
CA GLU A 423 -21.68 -61.40 10.68
C GLU A 423 -21.75 -59.98 11.31
N GLY A 424 -22.66 -59.18 10.76
CA GLY A 424 -22.66 -57.74 10.98
C GLY A 424 -23.83 -57.17 11.75
N LEU A 425 -23.60 -55.96 12.25
CA LEU A 425 -24.51 -55.21 13.11
C LEU A 425 -25.49 -54.40 12.25
N PRO A 426 -26.54 -53.79 12.87
CA PRO A 426 -27.35 -52.76 12.19
C PRO A 426 -26.51 -51.53 11.74
N PRO A 427 -27.12 -50.60 10.95
CA PRO A 427 -26.35 -49.49 10.36
C PRO A 427 -25.61 -48.60 11.38
N LYS A 428 -26.38 -47.94 12.24
CA LYS A 428 -25.81 -47.08 13.28
C LYS A 428 -24.68 -47.75 14.06
N GLU A 429 -24.90 -49.00 14.48
CA GLU A 429 -23.90 -49.78 15.22
C GLU A 429 -22.64 -50.13 14.40
N ALA A 430 -22.83 -50.37 13.09
CA ALA A 430 -21.73 -50.77 12.19
C ALA A 430 -20.85 -49.60 11.70
N THR A 431 -21.49 -48.47 11.41
CA THR A 431 -20.79 -47.22 11.07
C THR A 431 -19.79 -46.84 12.15
N ARG A 432 -20.15 -47.14 13.41
CA ARG A 432 -19.28 -46.91 14.56
C ARG A 432 -18.01 -47.76 14.52
N LYS A 433 -18.11 -48.97 13.97
CA LYS A 433 -16.95 -49.85 13.82
C LYS A 433 -16.17 -49.55 12.53
N SER A 434 -16.89 -49.13 11.48
CA SER A 434 -16.28 -48.72 10.22
C SER A 434 -15.27 -47.59 10.43
N MET A 435 -15.75 -46.47 10.98
CA MET A 435 -14.88 -45.36 11.38
C MET A 435 -14.19 -45.67 12.71
N GLY A 436 -13.16 -46.49 12.62
CA GLY A 436 -12.28 -46.83 13.72
C GLY A 436 -11.14 -47.55 13.04
N GLN A 437 -11.51 -48.25 11.97
CA GLN A 437 -10.57 -48.85 11.05
C GLN A 437 -10.14 -47.81 9.99
N ILE A 438 -11.05 -46.91 9.59
CA ILE A 438 -10.74 -45.82 8.64
C ILE A 438 -10.50 -44.46 9.28
N GLN A 439 -11.10 -44.25 10.45
CA GLN A 439 -10.97 -43.00 11.21
C GLN A 439 -9.51 -42.51 11.24
N GLY A 440 -8.68 -43.12 12.09
CA GLY A 440 -7.26 -42.75 12.18
C GLY A 440 -6.50 -42.81 10.86
N ALA A 441 -6.90 -43.73 9.98
CA ALA A 441 -6.23 -43.97 8.68
C ALA A 441 -6.46 -42.86 7.64
N LEU A 442 -7.54 -42.10 7.80
CA LEU A 442 -7.86 -40.97 6.92
C LEU A 442 -7.22 -39.65 7.34
N VAL A 443 -7.24 -39.35 8.64
CA VAL A 443 -6.59 -38.16 9.17
C VAL A 443 -5.07 -38.39 9.13
N GLY A 444 -4.62 -39.24 8.22
CA GLY A 444 -3.22 -39.52 8.07
C GLY A 444 -2.93 -39.34 6.60
N ILE A 445 -3.84 -39.85 5.76
CA ILE A 445 -3.79 -39.60 4.33
C ILE A 445 -3.90 -38.09 4.10
N ALA A 446 -4.62 -37.40 4.97
CA ALA A 446 -4.76 -35.95 4.86
C ALA A 446 -3.40 -35.27 4.95
N MET A 447 -2.68 -35.49 6.03
CA MET A 447 -1.30 -35.00 6.16
C MET A 447 -0.42 -35.47 5.01
N VAL A 448 -0.48 -36.77 4.72
CA VAL A 448 0.32 -37.37 3.63
C VAL A 448 0.01 -36.68 2.30
N LEU A 449 -1.27 -36.41 2.06
CA LEU A 449 -1.70 -35.65 0.88
C LEU A 449 -1.51 -34.11 0.95
N SER A 450 -1.37 -33.55 2.15
CA SER A 450 -1.02 -32.14 2.28
C SER A 450 0.34 -31.94 1.68
N ALA A 451 1.32 -32.71 2.14
CA ALA A 451 2.60 -32.88 1.42
C ALA A 451 2.28 -33.53 0.07
N VAL A 452 3.21 -33.49 -0.87
CA VAL A 452 2.93 -33.89 -2.26
C VAL A 452 1.95 -32.96 -2.98
N PHE A 453 1.46 -31.91 -2.31
CA PHE A 453 0.63 -30.89 -2.95
C PHE A 453 0.98 -29.49 -2.50
N VAL A 454 1.16 -29.31 -1.20
CA VAL A 454 1.67 -28.04 -0.70
C VAL A 454 3.00 -27.70 -1.39
N PRO A 455 3.99 -28.61 -1.34
CA PRO A 455 5.30 -28.24 -1.87
C PRO A 455 5.29 -27.84 -3.34
N MET A 456 4.09 -27.81 -3.92
CA MET A 456 3.91 -27.39 -5.30
C MET A 456 3.60 -25.91 -5.36
N ALA A 457 3.03 -25.40 -4.27
CA ALA A 457 2.67 -23.98 -4.16
C ALA A 457 3.90 -23.09 -3.99
N PHE A 458 5.06 -23.71 -3.85
CA PHE A 458 6.26 -23.00 -3.45
C PHE A 458 7.29 -22.82 -4.57
N PHE A 459 6.88 -23.03 -5.82
CA PHE A 459 7.85 -23.05 -6.92
C PHE A 459 8.35 -21.66 -7.32
N GLY A 460 8.78 -21.51 -8.58
CA GLY A 460 9.54 -20.35 -9.03
C GLY A 460 8.76 -19.07 -9.20
N GLY A 461 9.02 -18.36 -10.30
CA GLY A 461 8.27 -17.14 -10.58
C GLY A 461 7.05 -17.50 -11.40
N SER A 462 7.12 -17.16 -12.68
CA SER A 462 6.05 -17.36 -13.62
C SER A 462 5.32 -18.68 -13.37
N THR A 463 5.90 -19.77 -13.87
CA THR A 463 5.39 -21.10 -13.60
C THR A 463 5.68 -21.29 -12.13
N GLY A 464 4.70 -21.82 -11.41
CA GLY A 464 4.83 -21.92 -9.98
C GLY A 464 3.89 -20.97 -9.31
N ALA A 465 3.57 -19.88 -10.02
CA ALA A 465 2.31 -19.16 -9.78
C ALA A 465 1.20 -20.02 -10.38
N ILE A 466 1.43 -20.55 -11.58
CA ILE A 466 0.54 -21.56 -12.14
C ILE A 466 0.49 -22.76 -11.20
N TYR A 467 1.65 -23.34 -10.87
CA TYR A 467 1.68 -24.49 -9.95
C TYR A 467 0.85 -24.24 -8.71
N ARG A 468 0.96 -23.05 -8.13
CA ARG A 468 0.15 -22.66 -6.96
C ARG A 468 -1.33 -22.83 -7.24
N GLN A 469 -1.79 -22.32 -8.39
CA GLN A 469 -3.18 -22.48 -8.81
C GLN A 469 -3.60 -23.91 -8.55
N PHE A 470 -2.85 -24.83 -9.15
CA PHE A 470 -3.06 -26.25 -8.97
C PHE A 470 -2.92 -26.71 -7.52
N SER A 471 -1.79 -26.40 -6.89
CA SER A 471 -1.57 -26.77 -5.50
C SER A 471 -2.74 -26.41 -4.58
N ILE A 472 -3.09 -25.13 -4.54
CA ILE A 472 -4.11 -24.70 -3.58
C ILE A 472 -5.47 -25.34 -3.85
N THR A 473 -5.97 -25.27 -5.09
CA THR A 473 -7.25 -25.91 -5.36
C THR A 473 -7.26 -27.32 -4.79
N ILE A 474 -6.28 -28.14 -5.18
CA ILE A 474 -6.23 -29.55 -4.75
C ILE A 474 -6.15 -29.68 -3.24
N VAL A 475 -5.12 -29.13 -2.60
CA VAL A 475 -5.05 -29.22 -1.13
C VAL A 475 -6.33 -28.70 -0.44
N SER A 476 -7.07 -27.83 -1.13
CA SER A 476 -8.36 -27.36 -0.61
C SER A 476 -9.46 -28.37 -0.86
N ALA A 477 -9.68 -28.73 -2.11
CA ALA A 477 -10.59 -29.83 -2.46
C ALA A 477 -10.34 -31.06 -1.59
N MET A 478 -9.06 -31.42 -1.39
CA MET A 478 -8.66 -32.62 -0.66
C MET A 478 -9.09 -32.52 0.80
N ALA A 479 -8.45 -31.63 1.55
CA ALA A 479 -8.76 -31.45 2.97
C ALA A 479 -10.26 -31.26 3.26
N LEU A 480 -10.97 -30.62 2.33
CA LEU A 480 -12.39 -30.37 2.54
C LEU A 480 -13.19 -31.67 2.36
N SER A 481 -12.66 -32.62 1.57
CA SER A 481 -13.31 -33.93 1.44
C SER A 481 -13.15 -34.81 2.69
N VAL A 482 -11.93 -34.97 3.18
CA VAL A 482 -11.69 -35.65 4.47
C VAL A 482 -12.65 -35.05 5.52
N LEU A 483 -12.76 -33.73 5.51
CA LEU A 483 -13.70 -33.04 6.41
C LEU A 483 -15.20 -33.42 6.24
N VAL A 484 -15.63 -33.87 5.06
CA VAL A 484 -16.96 -34.46 4.98
C VAL A 484 -16.91 -35.93 5.41
N ALA A 485 -15.77 -36.56 5.15
CA ALA A 485 -15.59 -37.99 5.44
C ALA A 485 -15.39 -38.27 6.94
N LEU A 486 -15.50 -37.24 7.76
CA LEU A 486 -15.46 -37.42 9.21
C LEU A 486 -16.66 -36.77 9.89
N ILE A 487 -17.37 -35.93 9.14
CA ILE A 487 -18.46 -35.17 9.73
C ILE A 487 -19.80 -35.59 9.16
N LEU A 488 -19.91 -35.69 7.84
CA LEU A 488 -21.21 -35.96 7.19
C LEU A 488 -21.38 -37.38 6.63
N THR A 489 -20.40 -37.85 5.86
CA THR A 489 -20.44 -39.19 5.23
C THR A 489 -20.82 -40.32 6.19
N PRO A 490 -20.21 -40.37 7.40
CA PRO A 490 -20.66 -41.37 8.37
C PRO A 490 -22.09 -41.15 8.81
N ALA A 491 -22.37 -39.96 9.35
CA ALA A 491 -23.69 -39.62 9.83
C ALA A 491 -24.73 -39.83 8.75
N LEU A 492 -24.26 -40.07 7.53
CA LEU A 492 -25.14 -40.32 6.42
C LEU A 492 -25.29 -41.82 6.15
N CYS A 493 -24.26 -42.60 6.48
CA CYS A 493 -24.27 -44.06 6.26
C CYS A 493 -25.32 -44.75 7.14
N ALA A 494 -25.24 -44.53 8.45
CA ALA A 494 -26.38 -44.83 9.33
C ALA A 494 -27.54 -43.91 8.92
N THR A 495 -28.77 -44.23 9.31
CA THR A 495 -29.98 -43.52 8.86
C THR A 495 -30.15 -43.44 7.32
N MET A 496 -29.75 -44.50 6.63
CA MET A 496 -29.80 -44.57 5.15
C MET A 496 -29.44 -45.95 4.55
N LEU A 497 -28.68 -46.76 5.32
CA LEU A 497 -28.19 -48.08 4.87
C LEU A 497 -28.87 -49.30 5.54
N LYS A 498 -29.06 -50.38 4.77
CA LYS A 498 -29.53 -51.67 5.31
C LYS A 498 -28.76 -52.87 4.72
N PHE A 513 -26.74 -55.44 -9.65
CA PHE A 513 -26.18 -56.52 -8.85
C PHE A 513 -26.70 -57.88 -9.36
N GLY A 514 -27.56 -57.85 -10.38
CA GLY A 514 -28.08 -59.08 -10.98
C GLY A 514 -27.12 -59.80 -11.91
N TRP A 515 -26.18 -59.04 -12.51
CA TRP A 515 -25.30 -59.57 -13.57
C TRP A 515 -23.81 -59.79 -13.22
N PHE A 516 -23.49 -59.73 -11.92
CA PHE A 516 -22.09 -59.74 -11.44
C PHE A 516 -21.95 -60.54 -10.12
N ASN A 517 -22.65 -60.06 -9.08
CA ASN A 517 -22.88 -60.79 -7.83
C ASN A 517 -21.94 -61.95 -7.46
N ARG A 518 -22.06 -63.05 -8.21
CA ARG A 518 -21.36 -64.30 -7.95
C ARG A 518 -20.00 -64.33 -8.64
N MET A 519 -19.86 -63.59 -9.74
CA MET A 519 -18.60 -63.53 -10.47
C MET A 519 -17.46 -62.95 -9.63
N PHE A 520 -17.80 -61.94 -8.83
CA PHE A 520 -16.83 -61.31 -7.93
C PHE A 520 -16.60 -62.17 -6.68
N GLU A 521 -17.66 -62.85 -6.22
CA GLU A 521 -17.62 -63.77 -5.07
C GLU A 521 -16.43 -64.78 -5.16
N LYS A 522 -16.24 -65.36 -6.36
CA LYS A 522 -15.13 -66.29 -6.64
C LYS A 522 -13.87 -65.56 -7.13
N SER A 523 -14.07 -64.42 -7.79
CA SER A 523 -12.96 -63.68 -8.39
C SER A 523 -12.11 -62.96 -7.36
N THR A 524 -12.73 -62.55 -6.25
CA THR A 524 -12.00 -62.08 -5.08
C THR A 524 -11.07 -63.22 -4.68
N HIS A 525 -11.62 -64.43 -4.62
CA HIS A 525 -10.89 -65.63 -4.17
C HIS A 525 -9.79 -66.08 -5.13
N HIS A 526 -10.05 -65.99 -6.44
CA HIS A 526 -9.01 -66.28 -7.44
C HIS A 526 -7.82 -65.35 -7.22
N TYR A 527 -8.09 -64.06 -7.02
CA TYR A 527 -7.06 -63.06 -6.74
C TYR A 527 -6.45 -63.25 -5.35
N THR A 528 -7.30 -63.46 -4.34
CA THR A 528 -6.82 -63.61 -2.95
C THR A 528 -5.73 -64.68 -2.84
N ASP A 529 -5.83 -65.70 -3.69
CA ASP A 529 -4.85 -66.78 -3.78
C ASP A 529 -3.61 -66.35 -4.55
N SER A 530 -3.80 -65.71 -5.71
CA SER A 530 -2.72 -65.24 -6.56
C SER A 530 -1.60 -64.56 -5.76
N VAL A 531 -2.01 -63.73 -4.80
CA VAL A 531 -1.10 -63.06 -3.85
C VAL A 531 -0.31 -64.09 -3.06
N GLY A 532 -1.03 -64.86 -2.23
CA GLY A 532 -0.45 -65.91 -1.39
C GLY A 532 0.31 -66.94 -2.19
N GLY A 533 -0.11 -67.12 -3.44
CA GLY A 533 0.59 -67.97 -4.41
C GLY A 533 1.92 -67.38 -4.86
N ILE A 534 2.93 -68.26 -4.98
CA ILE A 534 4.36 -67.94 -5.24
C ILE A 534 5.02 -67.09 -4.11
N LEU A 535 4.18 -66.52 -3.24
CA LEU A 535 4.60 -65.70 -2.11
C LEU A 535 5.46 -66.47 -1.08
N ARG A 536 5.49 -67.79 -1.19
CA ARG A 536 6.35 -68.61 -0.33
C ARG A 536 7.84 -68.40 -0.65
N SER A 537 8.13 -68.00 -1.89
CA SER A 537 9.45 -67.52 -2.28
C SER A 537 9.70 -66.13 -1.67
N THR A 538 8.69 -65.25 -1.87
CA THR A 538 8.65 -63.85 -1.40
C THR A 538 9.55 -62.90 -2.19
N GLY A 539 10.86 -63.20 -2.25
CA GLY A 539 11.84 -62.40 -3.00
C GLY A 539 11.57 -62.34 -4.49
N ARG A 540 10.47 -63.00 -4.89
CA ARG A 540 9.97 -63.05 -6.28
C ARG A 540 9.85 -61.68 -6.94
N TYR A 541 9.05 -60.80 -6.33
CA TYR A 541 8.67 -59.54 -6.96
C TYR A 541 9.37 -58.31 -6.35
N LEU A 542 10.29 -58.55 -5.42
CA LEU A 542 11.23 -57.52 -4.95
C LEU A 542 12.06 -57.07 -6.15
N VAL A 543 12.49 -58.03 -6.97
CA VAL A 543 12.99 -57.73 -8.30
C VAL A 543 11.74 -57.68 -9.17
N LEU A 544 11.85 -57.17 -10.39
CA LEU A 544 10.67 -56.86 -11.23
C LEU A 544 10.10 -55.53 -10.78
N TYR A 545 10.15 -55.28 -9.48
CA TYR A 545 9.97 -53.94 -8.93
C TYR A 545 11.19 -53.11 -9.34
N LEU A 546 12.39 -53.63 -9.07
CA LEU A 546 13.61 -52.93 -9.43
C LEU A 546 13.71 -52.73 -10.93
N ILE A 547 13.09 -53.64 -11.68
CA ILE A 547 13.03 -53.55 -13.13
C ILE A 547 11.98 -52.53 -13.56
N ILE A 548 10.96 -52.30 -12.73
CA ILE A 548 9.92 -51.33 -13.07
C ILE A 548 10.24 -49.93 -12.53
N VAL A 549 11.02 -49.88 -11.46
CA VAL A 549 11.59 -48.65 -10.92
C VAL A 549 12.58 -48.03 -11.92
N VAL A 550 13.38 -48.87 -12.57
CA VAL A 550 14.41 -48.37 -13.49
C VAL A 550 13.84 -48.14 -14.91
N GLY A 551 12.83 -48.92 -15.28
CA GLY A 551 12.11 -48.68 -16.53
C GLY A 551 11.60 -47.25 -16.52
N MET A 552 10.94 -46.89 -15.43
CA MET A 552 10.46 -45.54 -15.16
C MET A 552 11.58 -44.50 -15.27
N ALA A 553 12.69 -44.76 -14.60
CA ALA A 553 13.84 -43.84 -14.63
C ALA A 553 14.38 -43.66 -16.06
N TYR A 554 14.41 -44.74 -16.85
CA TYR A 554 14.76 -44.63 -18.27
C TYR A 554 13.63 -43.91 -18.99
N LEU A 555 12.40 -44.24 -18.65
CA LEU A 555 11.22 -43.58 -19.20
C LEU A 555 11.19 -42.08 -18.93
N PHE A 556 11.63 -41.66 -17.74
CA PHE A 556 11.59 -40.27 -17.30
C PHE A 556 12.54 -39.40 -18.11
N VAL A 557 13.84 -39.58 -17.87
CA VAL A 557 14.95 -38.92 -18.57
C VAL A 557 14.73 -38.75 -20.09
N ARG A 558 14.19 -39.79 -20.72
CA ARG A 558 13.83 -39.77 -22.14
C ARG A 558 12.82 -38.67 -22.50
N LEU A 559 11.74 -38.58 -21.73
CA LEU A 559 10.57 -37.76 -22.06
C LEU A 559 10.86 -36.25 -22.16
N PRO A 560 10.35 -35.61 -23.24
CA PRO A 560 10.42 -34.16 -23.50
C PRO A 560 9.70 -33.31 -22.44
N SER A 561 10.33 -32.22 -22.03
CA SER A 561 9.73 -31.29 -21.06
C SER A 561 8.98 -30.13 -21.76
N SER A 562 7.97 -29.58 -21.07
CA SER A 562 7.12 -28.53 -21.65
C SER A 562 6.28 -27.79 -20.57
N PHE A 563 5.57 -26.74 -21.00
CA PHE A 563 4.79 -25.90 -20.10
C PHE A 563 3.32 -26.16 -20.30
N LEU A 564 2.75 -25.67 -21.39
CA LEU A 564 1.32 -25.78 -21.61
C LEU A 564 0.97 -26.24 -23.02
N PRO A 565 -0.04 -27.11 -23.13
CA PRO A 565 -0.52 -27.54 -24.43
C PRO A 565 -0.98 -26.37 -25.26
N ASP A 566 -0.21 -26.13 -26.31
CA ASP A 566 -0.43 -25.09 -27.31
C ASP A 566 -1.79 -25.31 -27.99
N GLU A 567 -2.88 -24.94 -27.30
CA GLU A 567 -4.23 -25.25 -27.78
C GLU A 567 -4.73 -24.39 -28.94
N ASP A 568 -5.46 -25.00 -29.87
CA ASP A 568 -6.26 -24.29 -30.89
C ASP A 568 -7.18 -23.41 -30.09
N GLN A 569 -7.04 -22.09 -30.25
CA GLN A 569 -7.96 -21.10 -29.65
C GLN A 569 -8.92 -20.62 -30.76
N GLY A 570 -9.46 -19.41 -30.64
CA GLY A 570 -10.29 -18.85 -31.72
C GLY A 570 -9.54 -18.48 -32.99
N VAL A 571 -8.42 -17.78 -32.79
CA VAL A 571 -7.68 -17.09 -33.84
C VAL A 571 -6.26 -17.61 -33.95
N PHE A 572 -5.56 -17.12 -34.97
CA PHE A 572 -4.12 -17.27 -35.08
C PHE A 572 -3.61 -16.19 -36.03
N MET A 573 -2.31 -16.15 -36.30
CA MET A 573 -1.78 -15.06 -37.10
C MET A 573 -0.56 -15.33 -37.97
N THR A 574 -0.57 -14.70 -39.13
CA THR A 574 0.52 -14.73 -40.10
C THR A 574 1.37 -13.46 -39.97
N MET A 575 2.69 -13.64 -39.89
CA MET A 575 3.62 -12.56 -39.65
C MET A 575 4.43 -12.21 -40.92
N VAL A 576 4.04 -11.14 -41.61
CA VAL A 576 4.69 -10.73 -42.87
C VAL A 576 5.76 -9.68 -42.69
N GLN A 577 6.94 -9.91 -43.25
CA GLN A 577 8.04 -8.97 -43.13
C GLN A 577 8.88 -8.82 -44.39
N LEU A 578 8.73 -7.67 -45.05
CA LEU A 578 9.46 -7.31 -46.29
C LEU A 578 10.89 -6.93 -45.91
N PRO A 579 11.83 -6.97 -46.89
CA PRO A 579 13.26 -6.71 -46.63
C PRO A 579 13.50 -5.24 -46.34
N ALA A 580 14.77 -4.86 -46.15
CA ALA A 580 15.15 -3.47 -45.83
C ALA A 580 14.17 -2.37 -46.26
N GLY A 581 14.56 -1.54 -47.21
CA GLY A 581 13.83 -0.29 -47.41
C GLY A 581 12.43 -0.35 -48.02
N ALA A 582 11.78 -1.52 -47.92
CA ALA A 582 10.45 -1.71 -48.49
C ALA A 582 9.44 -0.78 -47.85
N THR A 583 8.42 -0.37 -48.60
CA THR A 583 7.46 0.61 -48.10
C THR A 583 6.09 0.05 -47.82
N GLN A 584 5.30 0.86 -47.12
CA GLN A 584 3.89 0.63 -46.78
C GLN A 584 3.17 -0.05 -47.93
N GLU A 585 2.91 0.72 -48.97
CA GLU A 585 2.29 0.18 -50.18
C GLU A 585 2.85 -1.19 -50.56
N ARG A 586 4.16 -1.28 -50.75
CA ARG A 586 4.75 -2.56 -51.12
C ARG A 586 4.44 -3.63 -50.07
N THR A 587 4.29 -3.23 -48.81
CA THR A 587 3.89 -4.18 -47.77
C THR A 587 2.43 -4.58 -47.91
N GLN A 588 1.57 -3.63 -48.29
CA GLN A 588 0.13 -3.91 -48.50
C GLN A 588 -0.14 -5.03 -49.48
N LYS A 589 0.50 -4.99 -50.65
CA LYS A 589 0.29 -6.03 -51.68
C LYS A 589 0.56 -7.42 -51.13
N VAL A 590 1.60 -7.53 -50.32
CA VAL A 590 1.92 -8.78 -49.64
C VAL A 590 0.86 -9.15 -48.63
N LEU A 591 0.20 -8.15 -48.05
CA LEU A 591 -0.87 -8.44 -47.09
C LEU A 591 -2.17 -8.78 -47.82
N ASN A 592 -2.29 -8.33 -49.06
CA ASN A 592 -3.48 -8.61 -49.87
C ASN A 592 -3.55 -10.05 -50.35
N GLU A 593 -2.40 -10.61 -50.71
CA GLU A 593 -2.35 -12.02 -51.03
C GLU A 593 -2.77 -12.85 -49.81
N VAL A 594 -2.24 -12.48 -48.65
CA VAL A 594 -2.59 -13.17 -47.41
C VAL A 594 -4.09 -13.02 -47.17
N THR A 595 -4.54 -11.77 -47.01
CA THR A 595 -5.96 -11.46 -46.97
C THR A 595 -6.77 -12.36 -47.90
N HIS A 596 -6.28 -12.53 -49.14
CA HIS A 596 -6.95 -13.31 -50.21
C HIS A 596 -6.83 -14.80 -49.96
N TYR A 597 -5.61 -15.33 -50.06
CA TYR A 597 -5.36 -16.74 -49.82
C TYR A 597 -6.26 -17.29 -48.74
N TYR A 598 -6.42 -16.56 -47.62
CA TYR A 598 -7.26 -17.03 -46.49
C TYR A 598 -8.75 -17.04 -46.83
N LEU A 599 -9.23 -15.92 -47.36
CA LEU A 599 -10.62 -15.81 -47.76
C LEU A 599 -10.96 -16.71 -48.96
N THR A 600 -9.95 -17.06 -49.73
CA THR A 600 -10.12 -17.93 -50.87
C THR A 600 -9.74 -19.42 -50.77
N LYS A 601 -8.48 -19.78 -50.61
CA LYS A 601 -8.11 -21.20 -50.60
C LYS A 601 -8.52 -21.74 -49.22
N GLU A 602 -9.27 -20.95 -48.44
CA GLU A 602 -9.73 -21.35 -47.10
C GLU A 602 -11.12 -20.83 -46.70
N LYS A 603 -12.01 -20.66 -47.68
CA LYS A 603 -13.34 -20.03 -47.44
C LYS A 603 -14.18 -20.72 -46.35
N ASN A 604 -13.76 -21.93 -45.95
CA ASN A 604 -14.53 -22.79 -45.04
C ASN A 604 -14.18 -22.69 -43.56
N ASN A 605 -12.98 -22.20 -43.26
CA ASN A 605 -12.49 -22.09 -41.88
C ASN A 605 -12.24 -20.65 -41.40
N VAL A 606 -11.51 -19.88 -42.21
CA VAL A 606 -11.26 -18.45 -41.98
C VAL A 606 -12.57 -17.66 -41.92
N GLU A 607 -12.76 -16.95 -40.82
CA GLU A 607 -13.95 -16.10 -40.65
C GLU A 607 -13.64 -14.70 -41.11
N SER A 608 -12.46 -14.22 -40.70
CA SER A 608 -12.02 -12.86 -40.98
C SER A 608 -10.50 -12.78 -40.95
N VAL A 609 -9.98 -11.83 -41.72
CA VAL A 609 -8.58 -11.48 -41.72
C VAL A 609 -8.47 -10.00 -41.36
N PHE A 610 -8.06 -9.74 -40.13
CA PHE A 610 -7.76 -8.38 -39.69
C PHE A 610 -6.28 -8.08 -39.94
N ALA A 611 -6.00 -7.24 -40.94
CA ALA A 611 -4.61 -7.01 -41.34
C ALA A 611 -4.10 -5.62 -40.97
N VAL A 612 -3.02 -5.58 -40.20
CA VAL A 612 -2.41 -4.32 -39.81
C VAL A 612 -1.06 -4.17 -40.52
N ASN A 613 -0.96 -3.11 -41.31
CA ASN A 613 0.22 -2.79 -42.11
C ASN A 613 1.10 -1.79 -41.35
N GLY A 614 2.10 -2.26 -40.62
CA GLY A 614 2.86 -1.32 -39.83
C GLY A 614 3.48 -1.86 -38.57
N PHE A 615 2.70 -2.49 -37.69
CA PHE A 615 3.29 -3.18 -36.53
C PHE A 615 3.86 -4.55 -36.93
N GLY A 616 4.95 -4.94 -36.29
CA GLY A 616 5.54 -6.25 -36.56
C GLY A 616 6.31 -6.79 -35.36
N PHE A 617 6.58 -8.09 -35.38
CA PHE A 617 7.32 -8.76 -34.30
C PHE A 617 8.80 -8.47 -34.38
N ALA A 618 9.25 -7.57 -33.50
CA ALA A 618 10.63 -7.06 -33.38
C ALA A 618 10.78 -5.62 -33.90
N GLY A 619 9.68 -4.87 -33.90
CA GLY A 619 9.72 -3.44 -34.27
C GLY A 619 8.81 -3.06 -35.44
N ARG A 620 8.51 -1.76 -35.55
CA ARG A 620 7.61 -1.23 -36.58
C ARG A 620 8.38 -0.69 -37.76
N GLY A 621 7.65 -0.09 -38.71
CA GLY A 621 8.20 0.30 -40.00
C GLY A 621 7.20 0.00 -41.11
N GLN A 622 7.38 0.64 -42.26
CA GLN A 622 6.51 0.41 -43.40
C GLN A 622 6.77 -0.98 -44.02
N ASN A 623 7.80 -1.66 -43.55
CA ASN A 623 8.19 -2.90 -44.17
C ASN A 623 7.84 -4.13 -43.33
N THR A 624 6.93 -3.95 -42.37
CA THR A 624 6.47 -5.07 -41.56
C THR A 624 4.94 -5.07 -41.42
N GLY A 625 4.41 -6.26 -41.28
CA GLY A 625 2.99 -6.42 -41.14
C GLY A 625 2.67 -7.57 -40.22
N ILE A 626 1.41 -7.57 -39.82
CA ILE A 626 0.80 -8.63 -39.04
C ILE A 626 -0.62 -8.71 -39.53
N ALA A 627 -1.14 -9.93 -39.66
CA ALA A 627 -2.54 -10.16 -39.99
C ALA A 627 -3.18 -11.14 -38.99
N PHE A 628 -4.21 -10.69 -38.27
CA PHE A 628 -4.94 -11.55 -37.34
C PHE A 628 -6.11 -12.23 -38.02
N VAL A 629 -6.04 -13.54 -38.19
CA VAL A 629 -7.15 -14.31 -38.73
C VAL A 629 -7.92 -15.01 -37.63
N SER A 630 -9.19 -14.62 -37.52
CA SER A 630 -10.16 -15.27 -36.63
C SER A 630 -11.04 -16.21 -37.46
N LEU A 631 -11.38 -17.35 -36.87
CA LEU A 631 -11.99 -18.46 -37.62
C LEU A 631 -13.49 -18.60 -37.36
N LYS A 632 -14.13 -19.48 -38.14
CA LYS A 632 -15.53 -19.84 -37.91
C LYS A 632 -15.59 -20.72 -36.67
N ASP A 633 -16.77 -20.78 -36.04
CA ASP A 633 -16.94 -21.51 -34.78
C ASP A 633 -16.69 -23.02 -34.93
N TRP A 634 -15.78 -23.55 -34.10
CA TRP A 634 -15.29 -24.95 -34.10
C TRP A 634 -16.27 -26.04 -34.59
N ALA A 635 -17.55 -25.87 -34.25
CA ALA A 635 -18.62 -26.72 -34.76
C ALA A 635 -18.67 -26.72 -36.29
N ASP A 636 -18.42 -25.55 -36.90
CA ASP A 636 -18.29 -25.41 -38.37
C ASP A 636 -16.95 -25.91 -38.92
N ARG A 637 -15.98 -26.08 -38.04
CA ARG A 637 -14.66 -26.57 -38.41
C ARG A 637 -14.51 -28.01 -37.86
N PRO A 638 -15.05 -29.01 -38.60
CA PRO A 638 -15.21 -30.38 -38.10
C PRO A 638 -13.99 -31.26 -38.34
N GLY A 639 -13.52 -31.30 -39.58
CA GLY A 639 -12.31 -32.04 -39.90
C GLY A 639 -11.24 -31.61 -38.93
N GLU A 640 -10.36 -32.55 -38.56
CA GLU A 640 -9.19 -32.25 -37.74
C GLU A 640 -8.15 -31.48 -38.59
N GLU A 641 -8.30 -31.55 -39.90
CA GLU A 641 -7.51 -30.75 -40.84
C GLU A 641 -8.08 -29.35 -40.97
N ASN A 642 -9.21 -29.10 -40.29
CA ASN A 642 -9.82 -27.78 -40.17
C ASN A 642 -9.53 -27.11 -38.82
N LYS A 643 -8.60 -27.69 -38.06
CA LYS A 643 -8.07 -27.08 -36.84
C LYS A 643 -6.85 -26.24 -37.21
N VAL A 644 -6.10 -25.77 -36.21
CA VAL A 644 -5.09 -24.75 -36.46
C VAL A 644 -3.65 -25.24 -36.66
N GLU A 645 -3.20 -26.21 -35.87
CA GLU A 645 -1.87 -26.78 -36.12
C GLU A 645 -1.85 -27.50 -37.46
N ALA A 646 -2.98 -27.44 -38.17
CA ALA A 646 -3.13 -27.95 -39.55
C ALA A 646 -3.16 -26.82 -40.58
N ILE A 647 -4.02 -25.82 -40.38
CA ILE A 647 -4.18 -24.68 -41.28
C ILE A 647 -2.90 -23.83 -41.41
N THR A 648 -2.23 -23.62 -40.28
CA THR A 648 -0.95 -22.90 -40.27
C THR A 648 0.03 -23.63 -41.17
N MET A 649 0.26 -24.92 -40.91
CA MET A 649 1.22 -25.76 -41.66
C MET A 649 1.00 -25.69 -43.18
N ARG A 650 -0.24 -25.90 -43.59
CA ARG A 650 -0.65 -25.66 -44.96
C ARG A 650 -0.32 -24.21 -45.36
N ALA A 651 -0.82 -23.23 -44.60
CA ALA A 651 -0.54 -21.83 -44.88
C ALA A 651 0.97 -21.52 -44.91
N THR A 652 1.67 -21.74 -43.80
CA THR A 652 3.12 -21.53 -43.73
C THR A 652 3.79 -21.87 -45.05
N ARG A 653 3.62 -23.13 -45.50
CA ARG A 653 4.23 -23.57 -46.76
C ARG A 653 3.58 -22.92 -47.98
N ALA A 654 2.25 -23.01 -48.08
CA ALA A 654 1.53 -22.33 -49.15
C ALA A 654 2.11 -20.94 -49.43
N PHE A 655 2.56 -20.26 -48.38
CA PHE A 655 3.06 -18.89 -48.50
C PHE A 655 4.50 -18.81 -48.95
N SER A 656 5.29 -19.85 -48.67
CA SER A 656 6.74 -19.84 -48.98
C SER A 656 7.06 -19.71 -50.48
N GLN A 657 6.31 -18.87 -51.17
CA GLN A 657 6.46 -18.58 -52.59
C GLN A 657 6.15 -17.10 -52.86
N ILE A 658 6.82 -16.21 -52.14
CA ILE A 658 6.65 -14.79 -52.39
C ILE A 658 8.02 -14.15 -52.57
N LYS A 659 8.04 -12.93 -53.10
CA LYS A 659 9.25 -12.24 -53.54
C LYS A 659 10.25 -11.99 -52.41
N ASP A 660 10.71 -10.74 -52.32
CA ASP A 660 11.18 -10.15 -51.09
C ASP A 660 9.96 -10.03 -50.15
N ALA A 661 9.75 -11.05 -49.33
CA ALA A 661 8.61 -11.07 -48.43
C ALA A 661 8.55 -12.35 -47.62
N MET A 662 9.12 -12.33 -46.43
CA MET A 662 8.94 -13.44 -45.51
C MET A 662 7.56 -13.38 -44.89
N VAL A 663 6.75 -14.39 -45.19
CA VAL A 663 5.41 -14.45 -44.69
C VAL A 663 5.18 -15.84 -44.13
N PHE A 664 5.13 -15.94 -42.80
CA PHE A 664 4.82 -17.23 -42.15
C PHE A 664 3.71 -17.13 -41.10
N ALA A 665 3.05 -18.27 -40.84
CA ALA A 665 1.92 -18.32 -39.92
C ALA A 665 2.22 -19.16 -38.66
N PHE A 666 1.72 -18.71 -37.51
CA PHE A 666 1.88 -19.43 -36.23
C PHE A 666 0.72 -19.32 -35.23
N ASN A 667 0.61 -20.32 -34.38
CA ASN A 667 -0.39 -20.33 -33.32
C ASN A 667 0.18 -19.80 -32.00
N LEU A 668 -0.45 -18.75 -31.48
CA LEU A 668 -0.06 -18.10 -30.22
C LEU A 668 -0.19 -19.07 -29.04
N PRO A 669 0.80 -19.07 -28.12
CA PRO A 669 0.78 -20.04 -26.99
C PRO A 669 -0.41 -19.81 -26.07
N ALA A 670 -0.73 -20.79 -25.23
CA ALA A 670 -1.96 -20.74 -24.44
C ALA A 670 -1.93 -19.62 -23.42
N ILE A 671 -0.75 -19.41 -22.83
CA ILE A 671 -0.53 -18.27 -21.93
C ILE A 671 -0.09 -17.02 -22.73
N VAL A 672 -1.08 -16.27 -23.24
CA VAL A 672 -0.86 -15.16 -24.21
C VAL A 672 0.05 -14.06 -23.64
N GLU A 673 -0.14 -13.74 -22.36
CA GLU A 673 0.64 -12.71 -21.69
C GLU A 673 1.91 -13.26 -21.03
N LEU A 674 2.36 -14.44 -21.48
CA LEU A 674 3.49 -15.12 -20.85
C LEU A 674 4.63 -15.49 -21.82
N GLY A 675 5.71 -15.95 -21.21
CA GLY A 675 6.89 -16.60 -21.82
C GLY A 675 6.67 -17.76 -22.79
N THR A 676 7.07 -17.47 -24.03
CA THR A 676 7.00 -18.34 -25.19
C THR A 676 7.94 -19.57 -25.04
N ALA A 677 7.92 -20.47 -26.05
CA ALA A 677 8.78 -21.69 -26.20
C ALA A 677 9.26 -22.41 -24.92
N THR A 678 10.08 -23.44 -25.13
CA THR A 678 11.01 -23.90 -24.09
C THR A 678 12.45 -23.69 -24.59
N GLY A 679 12.76 -22.40 -24.82
CA GLY A 679 14.08 -21.94 -25.27
C GLY A 679 14.75 -20.89 -24.38
N PHE A 680 15.59 -20.06 -24.99
CA PHE A 680 16.33 -19.07 -24.23
C PHE A 680 16.17 -17.66 -24.77
N ASP A 681 16.49 -16.68 -23.94
CA ASP A 681 16.43 -15.26 -24.27
C ASP A 681 17.72 -14.65 -23.82
N PHE A 682 18.66 -14.47 -24.74
CA PHE A 682 20.05 -14.10 -24.42
C PHE A 682 20.29 -12.64 -24.78
N GLU A 683 20.84 -11.89 -23.84
CA GLU A 683 21.15 -10.50 -24.07
C GLU A 683 22.65 -10.40 -24.16
N LEU A 684 23.10 -9.66 -25.17
CA LEU A 684 24.51 -9.48 -25.44
C LEU A 684 24.78 -8.05 -25.07
N ILE A 685 25.70 -7.80 -24.15
CA ILE A 685 25.78 -6.49 -23.56
C ILE A 685 27.09 -5.82 -23.84
N ASP A 686 27.10 -4.49 -23.89
CA ASP A 686 28.32 -3.73 -24.20
C ASP A 686 28.98 -3.04 -23.00
N GLN A 687 29.99 -3.67 -22.42
CA GLN A 687 30.54 -3.17 -21.15
C GLN A 687 31.78 -2.26 -21.19
N ALA A 688 32.18 -1.77 -22.36
CA ALA A 688 33.06 -0.58 -22.43
C ALA A 688 32.56 0.34 -23.53
N GLY A 689 33.24 1.45 -23.76
CA GLY A 689 32.75 2.41 -24.77
C GLY A 689 32.55 1.83 -26.17
N LEU A 690 32.64 0.49 -26.28
CA LEU A 690 32.70 -0.22 -27.55
C LEU A 690 31.49 0.18 -28.30
N GLY A 691 31.60 0.51 -29.58
CA GLY A 691 30.47 1.03 -30.38
C GLY A 691 29.33 0.08 -30.77
N HIS A 692 28.25 0.63 -31.37
CA HIS A 692 27.22 -0.21 -31.95
C HIS A 692 27.91 -1.13 -32.91
N GLU A 693 28.57 -0.52 -33.90
CA GLU A 693 29.38 -1.24 -34.90
C GLU A 693 30.26 -2.33 -34.24
N LYS A 694 31.06 -1.92 -33.27
CA LYS A 694 31.96 -2.84 -32.60
C LYS A 694 31.21 -4.04 -31.98
N LEU A 695 29.95 -3.82 -31.61
CA LEU A 695 29.19 -4.83 -30.90
C LEU A 695 28.52 -5.71 -31.91
N THR A 696 28.14 -5.11 -33.03
CA THR A 696 27.39 -5.85 -34.05
C THR A 696 28.27 -7.02 -34.52
N GLN A 697 29.55 -6.73 -34.75
CA GLN A 697 30.58 -7.77 -35.00
C GLN A 697 30.55 -8.89 -33.97
N ALA A 698 30.90 -8.54 -32.74
CA ALA A 698 30.81 -9.44 -31.61
C ALA A 698 29.58 -10.32 -31.73
N ARG A 699 28.42 -9.74 -32.01
CA ARG A 699 27.18 -10.51 -32.08
C ARG A 699 27.26 -11.59 -33.15
N ASN A 700 27.83 -11.20 -34.29
CA ASN A 700 28.03 -12.06 -35.43
C ASN A 700 29.02 -13.18 -35.12
N GLN A 701 30.19 -12.81 -34.59
CA GLN A 701 31.12 -13.77 -34.00
C GLN A 701 30.33 -14.87 -33.29
N LEU A 702 29.71 -14.54 -32.16
CA LEU A 702 28.91 -15.50 -31.41
C LEU A 702 27.86 -16.18 -32.27
N LEU A 703 27.15 -15.41 -33.10
CA LEU A 703 26.11 -15.98 -33.94
C LEU A 703 26.69 -17.06 -34.84
N ALA A 704 27.81 -16.74 -35.48
CA ALA A 704 28.50 -17.67 -36.35
C ALA A 704 28.82 -18.91 -35.56
N GLU A 705 29.55 -18.72 -34.47
CA GLU A 705 29.98 -19.78 -33.55
C GLU A 705 28.86 -20.62 -33.00
N ALA A 706 27.62 -20.26 -33.33
CA ALA A 706 26.47 -20.92 -32.75
C ALA A 706 25.98 -22.04 -33.66
N ALA A 707 26.03 -21.79 -34.96
CA ALA A 707 25.64 -22.80 -35.95
C ALA A 707 26.64 -23.94 -36.02
N LYS A 708 27.93 -23.61 -35.89
CA LYS A 708 28.97 -24.62 -35.87
C LYS A 708 28.77 -25.57 -34.69
N HIS A 709 27.52 -25.75 -34.28
CA HIS A 709 27.13 -26.65 -33.21
C HIS A 709 25.66 -27.09 -33.38
N PRO A 710 25.30 -27.64 -34.55
CA PRO A 710 23.89 -28.05 -34.78
C PRO A 710 23.38 -29.06 -33.78
N ASP A 711 24.30 -29.57 -32.97
CA ASP A 711 24.00 -30.42 -31.83
C ASP A 711 23.18 -29.71 -30.73
N MET A 712 23.25 -28.36 -30.66
CA MET A 712 22.45 -27.50 -29.70
C MET A 712 21.57 -26.42 -30.41
N LEU A 713 20.52 -26.94 -31.04
CA LEU A 713 19.65 -26.33 -32.08
C LEU A 713 20.09 -25.15 -32.93
N THR A 714 19.19 -24.85 -33.87
CA THR A 714 19.25 -23.75 -34.83
C THR A 714 18.46 -22.58 -34.24
N SER A 715 18.09 -21.69 -35.15
CA SER A 715 17.23 -20.52 -34.91
C SER A 715 17.79 -19.61 -33.81
N VAL A 716 19.10 -19.74 -33.61
CA VAL A 716 19.89 -18.86 -32.78
C VAL A 716 19.90 -17.56 -33.56
N ARG A 717 18.83 -16.80 -33.43
CA ARG A 717 18.66 -15.60 -34.24
C ARG A 717 18.79 -14.31 -33.41
N PRO A 718 19.28 -13.23 -34.05
CA PRO A 718 19.22 -11.99 -33.33
C PRO A 718 17.77 -11.52 -33.41
N ASN A 719 17.22 -11.05 -32.29
CA ASN A 719 15.84 -10.57 -32.30
C ASN A 719 15.76 -9.07 -32.51
N GLY A 720 16.54 -8.57 -33.44
CA GLY A 720 16.57 -7.14 -33.71
C GLY A 720 16.35 -6.76 -35.17
N LEU A 721 17.12 -5.77 -35.62
CA LEU A 721 17.05 -5.33 -36.96
C LEU A 721 18.46 -4.99 -37.33
N GLU A 722 18.78 -5.29 -38.57
CA GLU A 722 20.10 -5.09 -39.08
C GLU A 722 20.23 -3.67 -39.53
N ASP A 723 21.45 -3.15 -39.56
CA ASP A 723 21.69 -1.80 -40.05
C ASP A 723 21.14 -1.59 -41.43
N THR A 724 20.71 -0.37 -41.72
CA THR A 724 20.23 -0.04 -43.05
C THR A 724 20.84 1.28 -43.52
N PRO A 725 20.64 1.62 -44.81
CA PRO A 725 21.12 2.92 -45.30
C PRO A 725 20.29 4.10 -44.82
N GLN A 726 20.93 5.25 -44.71
CA GLN A 726 20.21 6.45 -44.33
C GLN A 726 20.83 7.66 -44.97
N PHE A 727 20.00 8.69 -45.13
CA PHE A 727 20.37 9.84 -45.91
C PHE A 727 20.76 10.88 -44.91
N LYS A 728 21.98 11.39 -45.02
CA LYS A 728 22.52 12.32 -44.04
C LYS A 728 22.69 13.71 -44.61
N ILE A 729 21.96 14.69 -44.12
CA ILE A 729 22.11 16.07 -44.58
C ILE A 729 22.96 16.85 -43.63
N ASP A 730 24.07 17.34 -44.13
CA ASP A 730 25.09 17.95 -43.28
C ASP A 730 25.15 19.48 -43.46
N ILE A 731 24.60 20.23 -42.50
CA ILE A 731 24.55 21.71 -42.62
C ILE A 731 25.94 22.32 -42.42
N ASP A 732 26.59 22.79 -43.48
CA ASP A 732 27.88 23.46 -43.30
C ASP A 732 27.69 24.74 -42.52
N GLN A 733 28.35 24.81 -41.36
CA GLN A 733 28.19 25.95 -40.45
C GLN A 733 28.75 27.22 -41.08
N GLU A 734 30.07 27.23 -41.34
CA GLU A 734 30.72 28.40 -41.94
C GLU A 734 29.81 29.07 -42.96
N LYS A 735 29.33 28.26 -43.90
CA LYS A 735 28.51 28.69 -45.03
C LYS A 735 27.21 29.34 -44.59
N ALA A 736 26.59 28.75 -43.58
CA ALA A 736 25.34 29.28 -43.05
C ALA A 736 25.51 30.69 -42.50
N GLN A 737 26.67 30.95 -41.88
CA GLN A 737 26.98 32.23 -41.24
C GLN A 737 27.07 33.37 -42.23
N ALA A 738 27.74 33.13 -43.36
CA ALA A 738 27.97 34.11 -44.42
C ALA A 738 26.69 34.44 -45.18
N LEU A 739 25.80 33.46 -45.35
CA LEU A 739 24.44 33.78 -45.77
C LEU A 739 23.65 34.21 -44.51
N GLY A 740 22.60 35.02 -44.67
CA GLY A 740 21.77 35.41 -43.52
C GLY A 740 21.00 34.23 -42.88
N VAL A 741 21.57 33.03 -42.94
CA VAL A 741 20.80 31.80 -42.68
C VAL A 741 21.15 31.13 -41.33
N SER A 742 20.15 31.07 -40.45
CA SER A 742 20.30 30.68 -39.03
C SER A 742 20.01 29.19 -38.76
N ILE A 743 20.97 28.48 -38.18
CA ILE A 743 20.81 27.04 -37.95
C ILE A 743 19.36 26.64 -37.64
N ASN A 744 18.75 27.30 -36.66
CA ASN A 744 17.40 26.94 -36.23
C ASN A 744 16.42 27.03 -37.38
N ASP A 745 16.52 28.10 -38.16
CA ASP A 745 15.63 28.27 -39.31
C ASP A 745 15.81 27.16 -40.40
N ILE A 746 17.06 26.77 -40.62
CA ILE A 746 17.40 25.63 -41.47
C ILE A 746 16.70 24.38 -40.96
N ASN A 747 17.20 23.83 -39.84
CA ASN A 747 16.64 22.67 -39.18
C ASN A 747 15.13 22.59 -39.13
N THR A 748 14.49 23.56 -38.52
CA THR A 748 13.06 23.51 -38.38
C THR A 748 12.44 23.24 -39.73
N THR A 749 12.85 23.98 -40.75
CA THR A 749 12.31 23.80 -42.08
C THR A 749 12.46 22.36 -42.53
N LEU A 750 13.69 21.86 -42.58
CA LEU A 750 13.90 20.46 -42.90
C LEU A 750 12.96 19.58 -42.10
N GLY A 751 13.16 19.56 -40.78
CA GLY A 751 12.33 18.77 -39.87
C GLY A 751 10.84 18.84 -40.17
N ALA A 752 10.30 20.05 -40.15
CA ALA A 752 8.88 20.30 -40.23
C ALA A 752 8.32 19.79 -41.52
N ALA A 753 9.07 20.02 -42.61
CA ALA A 753 8.67 19.52 -43.92
C ALA A 753 8.60 18.01 -43.91
N TRP A 754 9.66 17.37 -43.44
CA TRP A 754 9.92 15.96 -43.69
C TRP A 754 9.52 15.03 -42.56
N GLY A 755 9.71 15.48 -41.34
CA GLY A 755 9.35 14.70 -40.16
C GLY A 755 7.97 15.13 -39.70
N GLY A 756 7.66 16.40 -39.97
CA GLY A 756 6.40 17.06 -39.62
C GLY A 756 6.30 17.44 -38.17
N SER A 757 5.81 18.63 -37.88
CA SER A 757 5.71 19.07 -36.48
C SER A 757 4.29 19.30 -35.95
N TYR A 758 4.13 19.05 -34.66
CA TYR A 758 2.94 19.28 -33.86
C TYR A 758 2.91 20.69 -33.25
N VAL A 759 2.28 21.62 -33.98
CA VAL A 759 2.23 23.05 -33.67
C VAL A 759 1.50 23.39 -32.37
N ASN A 760 0.22 23.04 -32.28
CA ASN A 760 -0.55 23.22 -31.06
C ASN A 760 -1.88 22.49 -31.18
N ASP A 761 -2.85 22.95 -30.40
CA ASP A 761 -4.17 22.34 -30.33
C ASP A 761 -5.29 23.22 -30.84
N PHE A 762 -6.39 22.58 -31.20
CA PHE A 762 -7.60 23.24 -31.66
C PHE A 762 -8.84 22.43 -31.25
N ILE A 763 -10.03 23.07 -31.30
CA ILE A 763 -11.28 22.39 -30.89
C ILE A 763 -12.26 22.08 -32.04
N ASP A 764 -12.17 20.86 -32.55
CA ASP A 764 -13.07 20.29 -33.55
C ASP A 764 -14.26 19.68 -32.84
N ARG A 765 -15.44 20.24 -33.08
CA ARG A 765 -16.70 19.64 -32.63
C ARG A 765 -16.64 19.22 -31.15
N GLY A 766 -16.30 20.18 -30.31
CA GLY A 766 -16.36 19.98 -28.87
C GLY A 766 -15.21 19.23 -28.22
N ARG A 767 -14.22 18.82 -29.03
CA ARG A 767 -13.11 18.00 -28.55
C ARG A 767 -11.76 18.63 -28.89
N VAL A 768 -10.80 18.49 -27.96
CA VAL A 768 -9.44 18.93 -28.19
C VAL A 768 -8.76 17.92 -29.08
N LYS A 769 -8.04 18.41 -30.08
CA LYS A 769 -7.39 17.55 -31.03
C LYS A 769 -6.16 18.29 -31.50
N LYS A 770 -5.17 17.54 -31.94
CA LYS A 770 -3.88 18.12 -32.31
C LYS A 770 -3.95 18.84 -33.68
N VAL A 771 -2.96 19.69 -33.94
CA VAL A 771 -2.82 20.36 -35.23
C VAL A 771 -1.41 20.03 -35.68
N TYR A 772 -1.24 19.21 -36.71
CA TYR A 772 0.11 18.97 -37.24
C TYR A 772 0.36 19.84 -38.46
N VAL A 773 1.62 20.14 -38.71
CA VAL A 773 2.02 20.92 -39.87
C VAL A 773 3.20 20.20 -40.53
N MET A 774 2.99 19.68 -41.74
CA MET A 774 4.03 18.91 -42.42
C MET A 774 3.96 19.01 -43.94
N SER A 775 5.10 19.19 -44.61
CA SER A 775 5.17 19.17 -46.07
C SER A 775 4.30 18.14 -46.76
N GLU A 776 3.59 18.58 -47.80
CA GLU A 776 2.84 17.70 -48.67
C GLU A 776 3.67 16.47 -49.03
N ALA A 777 3.01 15.34 -49.21
CA ALA A 777 3.65 14.08 -49.61
C ALA A 777 4.62 14.16 -50.83
N LYS A 778 4.25 14.89 -51.88
CA LYS A 778 5.02 14.89 -53.14
C LYS A 778 6.26 15.79 -53.17
N TYR A 779 6.48 16.51 -52.06
CA TYR A 779 7.67 17.34 -51.92
C TYR A 779 8.60 16.76 -50.87
N ARG A 780 8.41 15.47 -50.55
CA ARG A 780 9.22 14.82 -49.55
C ARG A 780 9.33 13.34 -49.74
N MET A 781 9.52 12.91 -50.98
CA MET A 781 9.69 11.49 -51.27
C MET A 781 11.13 11.07 -51.55
N LEU A 782 11.84 11.84 -52.35
CA LEU A 782 13.15 11.46 -52.81
C LEU A 782 14.21 12.44 -52.40
N PRO A 783 15.45 11.98 -52.23
CA PRO A 783 16.58 12.85 -51.88
C PRO A 783 16.74 14.08 -52.79
N ASP A 784 16.46 13.89 -54.07
CA ASP A 784 16.43 14.95 -55.08
C ASP A 784 15.25 15.93 -54.85
N ASP A 785 14.46 15.68 -53.81
CA ASP A 785 13.33 16.54 -53.46
C ASP A 785 13.71 17.66 -52.50
N ILE A 786 14.89 17.59 -51.90
CA ILE A 786 15.34 18.69 -51.04
C ILE A 786 15.39 19.95 -51.93
N GLY A 787 15.81 19.75 -53.17
CA GLY A 787 15.78 20.79 -54.19
C GLY A 787 14.87 21.95 -53.84
N ASP A 788 13.60 21.63 -53.58
CA ASP A 788 12.52 22.60 -53.47
C ASP A 788 12.44 23.42 -52.18
N TRP A 789 13.15 23.00 -51.14
CA TRP A 789 13.05 23.67 -49.84
C TRP A 789 14.02 24.82 -49.65
N TYR A 790 13.43 25.99 -49.47
CA TYR A 790 14.17 27.22 -49.36
C TYR A 790 13.94 27.78 -47.97
N VAL A 791 14.98 28.30 -47.33
CA VAL A 791 14.82 29.03 -46.06
C VAL A 791 15.35 30.44 -46.20
N ARG A 792 14.62 31.40 -45.62
CA ARG A 792 14.96 32.81 -45.77
C ARG A 792 16.04 33.25 -44.82
N ALA A 793 17.06 33.87 -45.40
CA ALA A 793 18.15 34.50 -44.66
C ALA A 793 17.65 35.76 -43.96
N ALA A 794 18.33 36.15 -42.87
CA ALA A 794 17.90 37.28 -42.06
C ALA A 794 18.19 38.62 -42.75
N ASP A 795 18.84 38.56 -43.91
CA ASP A 795 18.96 39.72 -44.82
C ASP A 795 17.70 39.94 -45.72
N GLY A 796 16.96 38.87 -46.00
CA GLY A 796 15.69 38.98 -46.74
C GLY A 796 15.42 37.98 -47.86
N GLN A 797 16.43 37.18 -48.23
CA GLN A 797 16.34 36.36 -49.45
C GLN A 797 16.32 34.82 -49.29
N MET A 798 15.39 34.19 -50.01
CA MET A 798 15.18 32.75 -50.03
C MET A 798 16.39 32.04 -50.52
N VAL A 799 16.97 31.18 -49.69
CA VAL A 799 18.22 30.50 -49.98
C VAL A 799 17.94 29.01 -50.20
N PRO A 800 18.68 28.35 -51.13
CA PRO A 800 18.54 26.90 -51.38
C PRO A 800 19.47 25.99 -50.53
N PHE A 801 18.94 24.85 -50.12
CA PHE A 801 19.65 23.93 -49.23
C PHE A 801 21.02 23.55 -49.73
N SER A 802 21.14 23.39 -51.04
CA SER A 802 22.43 23.06 -51.67
C SER A 802 23.50 24.13 -51.42
N ALA A 803 23.04 25.35 -51.16
CA ALA A 803 23.84 26.50 -50.77
C ALA A 803 24.64 26.33 -49.46
N PHE A 804 24.04 25.61 -48.50
CA PHE A 804 24.55 25.48 -47.13
C PHE A 804 24.48 24.07 -46.51
N SER A 805 24.19 23.06 -47.34
CA SER A 805 24.29 21.65 -46.94
C SER A 805 25.19 20.88 -47.92
N SER A 806 25.24 19.55 -47.75
CA SER A 806 25.89 18.63 -48.68
C SER A 806 25.69 17.20 -48.18
N SER A 807 24.79 16.43 -48.79
CA SER A 807 24.33 15.13 -48.24
C SER A 807 25.03 13.86 -48.76
N ARG A 808 25.16 12.82 -47.92
CA ARG A 808 25.81 11.53 -48.28
C ARG A 808 25.12 10.33 -47.67
N TRP A 809 25.05 9.20 -48.37
CA TRP A 809 24.37 8.00 -47.80
C TRP A 809 25.28 7.29 -46.81
N GLU A 810 24.70 6.65 -45.80
CA GLU A 810 25.49 5.91 -44.80
C GLU A 810 24.65 4.92 -44.03
N TYR A 811 25.32 3.94 -43.42
CA TYR A 811 24.64 2.87 -42.66
C TYR A 811 24.25 3.27 -41.23
N GLY A 812 23.26 2.62 -40.63
CA GLY A 812 22.90 2.97 -39.26
C GLY A 812 21.76 2.11 -38.75
N SER A 813 21.71 1.90 -37.44
CA SER A 813 20.60 1.14 -36.86
C SER A 813 19.29 1.89 -36.93
N PRO A 814 18.23 1.17 -37.30
CA PRO A 814 16.93 1.72 -37.20
C PRO A 814 16.23 1.20 -35.95
N ARG A 815 16.87 0.34 -35.17
CA ARG A 815 16.31 -0.09 -33.90
C ARG A 815 17.40 -0.43 -32.88
N LEU A 816 17.76 0.52 -32.00
CA LEU A 816 18.85 0.36 -31.03
C LEU A 816 18.32 -0.22 -29.74
N GLU A 817 19.09 -1.14 -29.14
CA GLU A 817 18.65 -1.87 -27.95
C GLU A 817 19.58 -1.68 -26.74
N ARG A 818 19.05 -1.95 -25.55
CA ARG A 818 19.84 -1.82 -24.35
C ARG A 818 19.22 -2.66 -23.25
N TYR A 819 20.09 -3.37 -22.56
CA TYR A 819 19.68 -4.15 -21.41
C TYR A 819 20.33 -3.54 -20.17
N ASN A 820 19.52 -3.34 -19.13
CA ASN A 820 19.96 -2.77 -17.87
C ASN A 820 20.93 -1.58 -17.93
N GLY A 821 20.59 -0.56 -18.72
CA GLY A 821 21.46 0.61 -18.86
C GLY A 821 22.44 0.61 -20.03
N LEU A 822 23.30 -0.41 -20.11
CA LEU A 822 24.27 -0.56 -21.18
C LEU A 822 23.56 -0.95 -22.49
N PRO A 823 24.10 -0.53 -23.66
CA PRO A 823 23.46 -0.90 -24.93
C PRO A 823 23.55 -2.41 -25.12
N SER A 824 22.62 -2.99 -25.84
CA SER A 824 22.61 -4.41 -25.93
C SER A 824 22.13 -4.88 -27.27
N MET A 825 22.26 -6.18 -27.50
CA MET A 825 21.61 -6.85 -28.62
C MET A 825 21.05 -8.16 -28.07
N GLU A 826 19.75 -8.31 -28.24
CA GLU A 826 19.07 -9.52 -27.83
C GLU A 826 19.00 -10.47 -29.00
N ILE A 827 19.34 -11.72 -28.65
CA ILE A 827 19.33 -12.86 -29.54
C ILE A 827 18.65 -13.99 -28.78
N LEU A 828 17.82 -14.75 -29.48
CA LEU A 828 17.19 -15.91 -28.88
C LEU A 828 17.34 -17.10 -29.79
N GLY A 829 17.10 -18.29 -29.23
CA GLY A 829 17.22 -19.57 -29.94
C GLY A 829 16.74 -20.73 -29.09
N GLN A 830 16.48 -21.87 -29.74
CA GLN A 830 15.88 -23.04 -29.10
C GLN A 830 16.86 -24.09 -28.63
N ALA A 831 16.36 -25.03 -27.85
CA ALA A 831 17.15 -26.06 -27.16
C ALA A 831 18.11 -26.77 -28.09
N ALA A 832 17.57 -27.75 -28.81
CA ALA A 832 18.28 -28.80 -29.57
C ALA A 832 17.30 -29.96 -29.64
N PRO A 833 16.97 -30.44 -30.88
CA PRO A 833 15.95 -31.47 -30.90
C PRO A 833 16.23 -32.49 -29.82
N GLY A 834 17.52 -32.78 -29.58
CA GLY A 834 17.89 -33.69 -28.51
C GLY A 834 18.02 -33.10 -27.11
N LYS A 835 18.78 -32.01 -26.98
CA LYS A 835 19.32 -31.56 -25.69
C LYS A 835 18.33 -30.80 -24.78
N SER A 836 18.73 -30.56 -23.52
CA SER A 836 17.90 -29.90 -22.49
C SER A 836 18.11 -28.40 -22.41
N THR A 837 16.99 -27.66 -22.29
CA THR A 837 16.98 -26.18 -22.18
C THR A 837 18.16 -25.59 -21.38
N GLY A 838 18.48 -26.23 -20.25
CA GLY A 838 19.57 -25.80 -19.39
C GLY A 838 20.92 -25.98 -20.04
N GLU A 839 21.16 -27.17 -20.60
CA GLU A 839 22.46 -27.48 -21.20
C GLU A 839 22.76 -26.63 -22.43
N ALA A 840 21.71 -26.18 -23.14
CA ALA A 840 21.84 -25.19 -24.23
C ALA A 840 22.43 -23.87 -23.74
N MET A 841 21.84 -23.30 -22.68
CA MET A 841 22.35 -22.07 -22.09
C MET A 841 23.85 -22.15 -21.83
N GLU A 842 24.29 -23.26 -21.22
CA GLU A 842 25.66 -23.42 -20.77
C GLU A 842 26.66 -23.33 -21.92
N LEU A 843 26.29 -23.94 -23.04
CA LEU A 843 27.17 -23.95 -24.21
C LEU A 843 27.29 -22.53 -24.73
N MET A 844 26.13 -21.88 -24.80
CA MET A 844 26.00 -20.50 -25.25
C MET A 844 26.83 -19.56 -24.39
N GLU A 845 26.71 -19.68 -23.06
CA GLU A 845 27.54 -18.87 -22.16
C GLU A 845 29.01 -19.07 -22.50
N GLN A 846 29.41 -20.35 -22.63
CA GLN A 846 30.79 -20.73 -22.95
C GLN A 846 31.28 -20.05 -24.23
N LEU A 847 30.46 -20.12 -25.27
CA LEU A 847 30.70 -19.37 -26.50
C LEU A 847 30.75 -17.85 -26.32
N ALA A 848 30.17 -17.34 -25.23
CA ALA A 848 30.29 -15.93 -24.94
C ALA A 848 31.69 -15.62 -24.44
N SER A 849 32.19 -16.45 -23.54
CA SER A 849 33.53 -16.33 -22.96
C SER A 849 34.66 -15.97 -23.97
N LYS A 850 34.58 -16.55 -25.17
CA LYS A 850 35.61 -16.40 -26.20
C LYS A 850 35.52 -15.06 -26.96
N LEU A 851 34.45 -14.30 -26.71
CA LEU A 851 34.16 -13.07 -27.46
C LEU A 851 35.11 -11.92 -27.07
N PRO A 852 35.34 -10.91 -27.97
CA PRO A 852 36.27 -9.75 -27.77
C PRO A 852 36.17 -9.05 -26.40
N THR A 853 37.28 -8.53 -25.86
CA THR A 853 37.25 -7.91 -24.52
C THR A 853 36.42 -6.63 -24.47
N GLY A 854 35.46 -6.62 -23.56
CA GLY A 854 34.57 -5.49 -23.37
C GLY A 854 33.14 -5.86 -23.70
N VAL A 855 32.88 -7.15 -23.92
CA VAL A 855 31.53 -7.64 -24.24
C VAL A 855 31.02 -8.71 -23.27
N GLY A 856 29.82 -8.51 -22.78
CA GLY A 856 29.29 -9.44 -21.81
C GLY A 856 27.96 -9.99 -22.26
N TYR A 857 27.34 -10.76 -21.38
CA TYR A 857 26.08 -11.43 -21.68
C TYR A 857 25.22 -11.49 -20.46
N ASP A 858 23.92 -11.40 -20.67
CA ASP A 858 23.03 -11.55 -19.57
C ASP A 858 21.88 -12.41 -20.04
N TRP A 859 21.17 -12.99 -19.11
CA TRP A 859 20.05 -13.83 -19.43
C TRP A 859 18.77 -13.12 -19.00
N THR A 860 17.74 -13.10 -19.84
CA THR A 860 16.50 -12.38 -19.51
C THR A 860 15.23 -13.16 -19.76
N GLY A 861 14.14 -12.74 -19.13
CA GLY A 861 12.83 -13.32 -19.39
C GLY A 861 12.84 -14.76 -18.96
N MET A 862 12.16 -15.62 -19.72
CA MET A 862 12.13 -17.06 -19.42
C MET A 862 13.50 -17.61 -18.97
N SER A 863 14.58 -17.23 -19.66
CA SER A 863 15.93 -17.67 -19.30
C SER A 863 16.33 -17.24 -17.92
N TYR A 864 16.07 -15.98 -17.60
CA TYR A 864 16.30 -15.44 -16.26
C TYR A 864 15.30 -16.05 -15.28
N GLN A 865 14.09 -16.24 -15.78
CA GLN A 865 12.98 -16.82 -15.05
C GLN A 865 13.29 -18.24 -14.59
N GLU A 866 14.04 -19.00 -15.41
CA GLU A 866 14.58 -20.31 -14.98
C GLU A 866 15.80 -20.14 -14.07
N ARG A 867 16.77 -19.37 -14.54
CA ARG A 867 18.05 -19.18 -13.84
C ARG A 867 17.89 -19.00 -12.32
N LEU A 868 17.12 -17.99 -11.94
CA LEU A 868 16.95 -17.63 -10.52
C LEU A 868 16.00 -18.54 -9.76
N SER A 869 15.02 -19.09 -10.47
CA SER A 869 14.13 -20.06 -9.85
C SER A 869 14.73 -21.46 -9.86
N GLY A 870 15.91 -21.60 -10.46
CA GLY A 870 16.58 -22.91 -10.65
C GLY A 870 15.63 -24.03 -11.03
N ASN A 871 15.97 -25.24 -10.58
CA ASN A 871 15.04 -26.37 -10.58
C ASN A 871 14.90 -26.83 -9.12
N GLN A 872 13.73 -26.61 -8.55
CA GLN A 872 13.53 -26.89 -7.12
C GLN A 872 12.88 -28.26 -6.93
N ALA A 873 12.42 -28.87 -8.03
CA ALA A 873 11.65 -30.11 -7.93
C ALA A 873 12.29 -31.09 -6.92
N PRO A 874 13.53 -31.56 -7.18
CA PRO A 874 14.25 -32.47 -6.28
C PRO A 874 14.48 -31.86 -4.91
N SER A 875 15.14 -30.71 -4.87
CA SER A 875 15.35 -29.98 -3.63
C SER A 875 14.08 -29.90 -2.75
N LEU A 876 12.94 -29.64 -3.39
CA LEU A 876 11.67 -29.36 -2.72
C LEU A 876 10.95 -30.63 -2.32
N TYR A 877 10.84 -31.56 -3.26
CA TYR A 877 10.22 -32.86 -3.00
C TYR A 877 11.07 -33.79 -2.13
N ALA A 878 12.31 -33.41 -1.86
CA ALA A 878 13.02 -34.01 -0.74
C ALA A 878 12.12 -33.76 0.47
N ILE A 879 11.89 -32.48 0.78
CA ILE A 879 11.07 -32.05 1.92
C ILE A 879 9.66 -32.64 1.94
N SER A 880 9.05 -32.83 0.76
CA SER A 880 7.76 -33.50 0.72
C SER A 880 7.91 -34.93 1.21
N LEU A 881 8.74 -35.71 0.52
CA LEU A 881 9.00 -37.09 0.89
C LEU A 881 9.32 -37.21 2.39
N ILE A 882 10.29 -36.43 2.87
CA ILE A 882 10.73 -36.50 4.27
C ILE A 882 9.59 -36.21 5.23
N VAL A 883 8.60 -35.49 4.77
CA VAL A 883 7.45 -35.21 5.62
C VAL A 883 6.35 -36.25 5.40
N VAL A 884 6.52 -37.09 4.40
CA VAL A 884 5.55 -38.16 4.19
C VAL A 884 5.93 -39.34 5.07
N PHE A 885 7.23 -39.68 5.12
CA PHE A 885 7.73 -40.71 6.03
C PHE A 885 7.40 -40.27 7.46
N LEU A 886 7.89 -39.09 7.83
CA LEU A 886 7.64 -38.48 9.13
C LEU A 886 6.15 -38.44 9.55
N CYS A 887 5.27 -38.24 8.57
CA CYS A 887 3.84 -38.16 8.82
C CYS A 887 3.35 -39.57 9.06
N LEU A 888 3.82 -40.51 8.22
CA LEU A 888 3.32 -41.89 8.13
C LEU A 888 3.75 -42.71 9.32
N ALA A 889 4.98 -42.48 9.77
CA ALA A 889 5.54 -43.11 10.97
C ALA A 889 4.78 -42.76 12.26
N ALA A 890 3.71 -41.96 12.14
CA ALA A 890 2.91 -41.58 13.30
C ALA A 890 1.53 -42.23 13.20
N LEU A 891 0.98 -42.22 11.99
CA LEU A 891 -0.21 -42.98 11.67
C LEU A 891 -0.04 -44.41 12.17
N TYR A 892 1.00 -45.08 11.65
CA TYR A 892 1.50 -46.34 12.21
C TYR A 892 2.46 -45.95 13.32
N GLU A 893 2.53 -46.79 14.34
CA GLU A 893 3.28 -46.50 15.55
C GLU A 893 4.75 -46.91 15.34
N SER A 894 5.24 -46.75 14.11
CA SER A 894 6.44 -47.46 13.66
C SER A 894 7.51 -46.65 12.91
N TRP A 895 8.75 -46.89 13.32
CA TRP A 895 9.93 -46.30 12.67
C TRP A 895 10.30 -46.97 11.35
N SER A 896 9.46 -47.89 10.89
CA SER A 896 9.81 -48.76 9.78
C SER A 896 8.70 -48.96 8.78
N ILE A 897 7.49 -49.23 9.29
CA ILE A 897 6.36 -49.64 8.44
C ILE A 897 6.04 -48.67 7.30
N PRO A 898 5.98 -47.34 7.56
CA PRO A 898 5.79 -46.35 6.50
C PRO A 898 6.45 -46.69 5.16
N PHE A 899 7.62 -47.33 5.24
CA PHE A 899 8.38 -47.70 4.05
C PHE A 899 7.65 -48.74 3.16
N SER A 900 6.64 -49.38 3.73
CA SER A 900 5.76 -50.27 2.98
C SER A 900 4.75 -49.51 2.12
N VAL A 901 4.58 -48.21 2.38
CA VAL A 901 3.63 -47.35 1.66
C VAL A 901 4.34 -46.55 0.55
N MET A 902 5.54 -46.05 0.88
CA MET A 902 6.28 -45.18 -0.03
C MET A 902 6.76 -45.91 -1.27
N LEU A 903 6.76 -47.24 -1.22
CA LEU A 903 7.16 -48.04 -2.37
C LEU A 903 6.09 -48.03 -3.46
N VAL A 904 4.98 -47.35 -3.18
CA VAL A 904 3.89 -47.24 -4.13
C VAL A 904 4.05 -46.00 -5.04
N VAL A 905 4.82 -45.00 -4.59
CA VAL A 905 5.17 -43.87 -5.47
C VAL A 905 5.42 -44.36 -6.91
N PRO A 906 6.39 -45.30 -7.13
CA PRO A 906 6.79 -45.69 -8.49
C PRO A 906 5.70 -46.40 -9.32
N LEU A 907 4.80 -47.13 -8.67
CA LEU A 907 3.80 -47.91 -9.38
C LEU A 907 2.97 -47.03 -10.31
N GLY A 908 2.56 -45.88 -9.80
CA GLY A 908 1.82 -44.92 -10.60
C GLY A 908 2.63 -44.33 -11.73
N VAL A 909 3.88 -43.95 -11.44
CA VAL A 909 4.74 -43.24 -12.39
C VAL A 909 4.80 -43.94 -13.76
N ILE A 910 5.20 -45.22 -13.80
CA ILE A 910 5.08 -46.00 -15.05
C ILE A 910 3.61 -46.12 -15.41
N GLY A 911 3.33 -46.11 -16.71
CA GLY A 911 1.94 -46.11 -17.19
C GLY A 911 1.49 -44.68 -17.33
N ALA A 912 1.70 -43.91 -16.27
CA ALA A 912 1.60 -42.48 -16.34
C ALA A 912 2.64 -42.04 -17.36
N LEU A 913 3.87 -42.47 -17.17
CA LEU A 913 4.93 -42.19 -18.13
C LEU A 913 4.69 -42.95 -19.42
N LEU A 914 4.25 -44.21 -19.30
CA LEU A 914 3.97 -45.06 -20.48
C LEU A 914 2.91 -44.51 -21.45
N ALA A 915 2.44 -43.30 -21.20
CA ALA A 915 1.78 -42.50 -22.23
C ALA A 915 2.80 -41.55 -22.91
N ALA A 916 4.07 -41.98 -22.88
CA ALA A 916 5.05 -41.64 -23.90
C ALA A 916 4.78 -42.51 -25.15
N THR A 917 4.38 -43.77 -24.95
CA THR A 917 4.01 -44.70 -26.07
C THR A 917 2.65 -44.35 -26.65
N PHE A 918 1.59 -45.01 -26.15
CA PHE A 918 0.22 -44.94 -26.73
C PHE A 918 -0.13 -43.57 -27.39
N ARG A 919 0.39 -42.48 -26.82
CA ARG A 919 0.33 -41.14 -27.42
C ARG A 919 1.69 -40.44 -27.40
N GLY A 920 1.86 -39.50 -28.32
CA GLY A 920 3.06 -38.65 -28.35
C GLY A 920 2.80 -37.33 -27.65
N LEU A 921 3.19 -37.25 -26.38
CA LEU A 921 3.05 -36.01 -25.60
C LEU A 921 4.35 -35.60 -24.88
N THR A 922 4.21 -34.64 -23.97
CA THR A 922 5.33 -34.00 -23.28
C THR A 922 5.14 -33.99 -21.77
N ASN A 923 6.26 -33.91 -21.04
CA ASN A 923 6.27 -33.74 -19.58
C ASN A 923 5.81 -32.33 -19.20
N ASP A 924 4.50 -32.10 -19.24
CA ASP A 924 4.00 -30.75 -19.04
C ASP A 924 3.24 -30.57 -17.74
N VAL A 925 2.93 -29.32 -17.40
CA VAL A 925 2.33 -28.97 -16.13
C VAL A 925 1.02 -29.72 -15.89
N TYR A 926 0.23 -29.84 -16.94
CA TYR A 926 -1.05 -30.52 -16.83
C TYR A 926 -0.86 -32.01 -16.64
N PHE A 927 0.38 -32.46 -16.75
CA PHE A 927 0.67 -33.87 -16.59
C PHE A 927 1.22 -34.10 -15.20
N GLN A 928 2.03 -33.15 -14.74
CA GLN A 928 2.78 -33.31 -13.50
C GLN A 928 1.86 -33.27 -12.29
N VAL A 929 0.78 -32.53 -12.41
CA VAL A 929 -0.19 -32.50 -11.34
C VAL A 929 -1.01 -33.77 -11.48
N GLY A 930 -1.30 -34.13 -12.71
CA GLY A 930 -1.89 -35.45 -13.01
C GLY A 930 -1.03 -36.56 -12.42
N LEU A 931 0.28 -36.36 -12.48
CA LEU A 931 1.20 -37.27 -11.86
C LEU A 931 0.92 -37.29 -10.36
N LEU A 932 0.80 -36.12 -9.75
CA LEU A 932 0.61 -36.07 -8.30
C LEU A 932 -0.68 -36.72 -7.78
N THR A 933 -1.78 -36.51 -8.50
CA THR A 933 -3.07 -37.12 -8.15
C THR A 933 -2.99 -38.64 -8.10
N THR A 934 -2.24 -39.20 -9.04
CA THR A 934 -2.00 -40.63 -9.15
C THR A 934 -1.14 -41.16 -7.97
N ILE A 935 0.04 -40.57 -7.77
CA ILE A 935 0.85 -40.80 -6.56
C ILE A 935 -0.03 -40.67 -5.34
N GLY A 936 -1.18 -40.01 -5.50
CA GLY A 936 -2.08 -39.71 -4.40
C GLY A 936 -2.88 -40.90 -3.90
N LEU A 937 -3.74 -41.43 -4.77
CA LEU A 937 -4.54 -42.62 -4.45
C LEU A 937 -3.63 -43.87 -4.25
N SER A 938 -2.52 -43.93 -4.97
CA SER A 938 -1.57 -45.02 -4.79
C SER A 938 -0.98 -45.10 -3.38
N ALA A 939 -0.73 -43.96 -2.76
CA ALA A 939 -0.29 -43.96 -1.39
C ALA A 939 -1.46 -44.21 -0.43
N LYS A 940 -2.66 -43.88 -0.87
CA LYS A 940 -3.88 -43.94 -0.05
C LYS A 940 -4.46 -45.35 0.00
N ASN A 941 -4.11 -46.15 -1.01
CA ASN A 941 -4.47 -47.57 -1.03
C ASN A 941 -3.43 -48.29 -0.20
N ALA A 942 -2.17 -47.98 -0.47
CA ALA A 942 -1.05 -48.44 0.33
C ALA A 942 -1.22 -48.16 1.83
N ILE A 943 -2.03 -47.17 2.18
CA ILE A 943 -2.25 -46.85 3.59
C ILE A 943 -3.29 -47.77 4.19
N LEU A 944 -4.51 -47.71 3.69
CA LEU A 944 -5.60 -48.52 4.21
C LEU A 944 -5.32 -50.04 4.21
N ILE A 945 -4.57 -50.50 3.21
CA ILE A 945 -4.09 -51.89 3.16
C ILE A 945 -3.02 -52.18 4.24
N VAL A 946 -1.97 -51.36 4.31
CA VAL A 946 -0.94 -51.53 5.35
C VAL A 946 -1.55 -51.31 6.74
N GLU A 947 -2.61 -50.50 6.81
CA GLU A 947 -3.34 -50.26 8.06
C GLU A 947 -4.18 -51.47 8.44
N PHE A 948 -5.13 -51.83 7.56
CA PHE A 948 -5.96 -53.02 7.73
C PHE A 948 -5.14 -54.25 8.12
N ALA A 949 -4.03 -54.45 7.42
CA ALA A 949 -3.05 -55.48 7.76
C ALA A 949 -2.59 -55.36 9.21
N LYS A 950 -1.94 -54.26 9.54
CA LYS A 950 -1.43 -54.01 10.89
C LYS A 950 -2.54 -54.11 11.96
N ASP A 951 -3.62 -53.35 11.77
CA ASP A 951 -4.78 -53.34 12.69
C ASP A 951 -5.19 -54.73 13.22
N LEU A 952 -5.91 -55.50 12.41
CA LEU A 952 -6.28 -56.89 12.76
C LEU A 952 -5.08 -57.84 12.74
N MET A 953 -3.94 -57.34 13.23
CA MET A 953 -2.72 -58.13 13.45
C MET A 953 -2.08 -57.63 14.75
N ASP A 954 -2.52 -56.45 15.16
CA ASP A 954 -2.08 -55.85 16.42
C ASP A 954 -3.26 -55.98 17.40
N LYS A 955 -4.47 -55.89 16.86
CA LYS A 955 -5.70 -56.00 17.64
C LYS A 955 -6.12 -57.46 17.83
N GLU A 956 -6.50 -58.14 16.74
CA GLU A 956 -6.88 -59.57 16.79
C GLU A 956 -5.68 -60.51 16.70
N GLY A 957 -4.48 -59.94 16.90
CA GLY A 957 -3.21 -60.69 16.89
C GLY A 957 -3.05 -61.72 15.78
N LYS A 958 -3.66 -61.47 14.62
CA LYS A 958 -3.65 -62.44 13.53
C LYS A 958 -2.28 -62.59 12.87
N GLY A 959 -2.25 -63.24 11.72
CA GLY A 959 -1.01 -63.78 11.18
C GLY A 959 -0.09 -62.80 10.51
N LEU A 960 1.17 -62.82 10.97
CA LEU A 960 2.31 -62.17 10.28
C LEU A 960 2.05 -62.06 8.75
N ILE A 961 1.51 -63.14 8.17
CA ILE A 961 1.10 -63.24 6.76
C ILE A 961 -0.40 -63.48 6.61
N GLU A 962 -1.02 -64.10 7.61
CA GLU A 962 -2.46 -64.37 7.57
C GLU A 962 -3.26 -63.07 7.56
N ALA A 963 -2.79 -62.06 8.31
CA ALA A 963 -3.43 -60.73 8.34
C ALA A 963 -3.30 -60.02 7.00
N THR A 964 -2.12 -60.12 6.39
CA THR A 964 -1.84 -59.53 5.07
C THR A 964 -2.87 -59.95 4.00
N LEU A 965 -3.45 -61.14 4.16
CA LEU A 965 -4.45 -61.68 3.25
C LEU A 965 -5.87 -61.21 3.63
N ASP A 966 -6.17 -61.24 4.93
CA ASP A 966 -7.44 -60.75 5.45
C ASP A 966 -7.37 -59.23 5.60
N ALA A 967 -6.78 -58.59 4.58
CA ALA A 967 -6.75 -57.14 4.47
C ALA A 967 -6.79 -56.77 2.98
N VAL A 968 -5.74 -57.15 2.25
CA VAL A 968 -5.72 -56.98 0.80
C VAL A 968 -7.00 -57.57 0.19
N ARG A 969 -7.64 -58.47 0.95
CA ARG A 969 -8.96 -59.02 0.63
C ARG A 969 -10.05 -57.99 0.96
N MET A 970 -10.06 -57.58 2.23
CA MET A 970 -11.05 -56.64 2.74
C MET A 970 -10.92 -55.27 2.07
N ARG A 971 -9.84 -55.07 1.31
CA ARG A 971 -9.57 -53.76 0.69
C ARG A 971 -9.71 -53.79 -0.84
N LEU A 972 -9.94 -54.98 -1.41
CA LEU A 972 -9.92 -55.15 -2.86
C LEU A 972 -11.01 -54.37 -3.53
N ARG A 973 -12.26 -54.71 -3.20
CA ARG A 973 -13.42 -54.09 -3.86
C ARG A 973 -13.35 -52.55 -3.94
N PRO A 974 -13.11 -51.85 -2.80
CA PRO A 974 -13.08 -50.39 -2.86
C PRO A 974 -12.28 -49.94 -4.06
N ILE A 975 -11.03 -50.39 -4.14
CA ILE A 975 -10.15 -50.09 -5.26
C ILE A 975 -10.92 -50.30 -6.56
N LEU A 976 -11.18 -51.55 -6.91
CA LEU A 976 -11.86 -51.86 -8.16
C LEU A 976 -13.06 -50.93 -8.43
N MET A 977 -13.79 -50.52 -7.40
CA MET A 977 -14.93 -49.64 -7.60
C MET A 977 -14.51 -48.23 -8.10
N THR A 978 -13.89 -47.47 -7.20
CA THR A 978 -13.46 -46.10 -7.46
C THR A 978 -12.48 -46.03 -8.64
N SER A 979 -11.51 -46.93 -8.63
CA SER A 979 -10.48 -46.93 -9.66
C SER A 979 -11.07 -47.12 -11.04
N LEU A 980 -12.20 -47.82 -11.11
CA LEU A 980 -12.91 -47.94 -12.38
C LEU A 980 -13.61 -46.62 -12.64
N ALA A 981 -14.45 -46.22 -11.70
CA ALA A 981 -15.23 -44.98 -11.78
C ALA A 981 -14.39 -43.81 -12.27
N PHE A 982 -13.19 -43.74 -11.72
CA PHE A 982 -12.24 -42.74 -12.13
C PHE A 982 -11.94 -42.87 -13.63
N ILE A 983 -11.40 -44.02 -14.06
CA ILE A 983 -10.96 -44.17 -15.46
C ILE A 983 -12.12 -43.95 -16.44
N LEU A 984 -13.25 -44.60 -16.18
CA LEU A 984 -14.42 -44.46 -17.05
C LEU A 984 -15.11 -43.09 -16.90
N GLY A 985 -14.37 -42.11 -16.39
CA GLY A 985 -14.89 -40.76 -16.25
C GLY A 985 -13.80 -39.75 -16.55
N VAL A 986 -12.59 -40.28 -16.67
CA VAL A 986 -11.40 -39.53 -17.06
C VAL A 986 -11.08 -39.82 -18.53
N MET A 987 -11.87 -40.73 -19.09
CA MET A 987 -11.73 -41.15 -20.49
C MET A 987 -12.66 -40.48 -21.52
N PRO A 988 -13.65 -39.64 -21.11
CA PRO A 988 -14.53 -39.09 -22.13
C PRO A 988 -13.72 -38.10 -22.96
N LEU A 989 -14.33 -37.01 -23.42
CA LEU A 989 -13.57 -36.01 -24.19
C LEU A 989 -12.15 -35.74 -23.59
N VAL A 990 -11.99 -35.97 -22.26
CA VAL A 990 -10.66 -36.05 -21.63
C VAL A 990 -9.97 -37.34 -22.10
N ILE A 991 -9.08 -37.17 -23.08
CA ILE A 991 -8.54 -38.21 -23.96
C ILE A 991 -9.40 -38.29 -25.22
N SER A 992 -8.80 -37.92 -26.35
CA SER A 992 -9.48 -37.72 -27.64
C SER A 992 -10.52 -36.58 -27.60
N THR A 993 -10.15 -35.42 -28.17
CA THR A 993 -11.05 -34.26 -28.22
C THR A 993 -10.92 -33.46 -29.53
N GLY A 994 -11.09 -32.13 -29.44
CA GLY A 994 -11.01 -31.23 -30.59
C GLY A 994 -11.37 -29.77 -30.32
N ALA A 995 -12.07 -29.50 -29.21
CA ALA A 995 -12.58 -28.17 -28.89
C ALA A 995 -12.02 -27.62 -27.58
N GLY A 996 -11.00 -26.76 -27.68
CA GLY A 996 -10.25 -26.35 -26.52
C GLY A 996 -9.69 -27.61 -25.89
N SER A 997 -9.12 -28.45 -26.74
CA SER A 997 -8.72 -29.81 -26.35
C SER A 997 -7.42 -29.89 -25.56
N GLY A 998 -6.33 -30.30 -26.22
CA GLY A 998 -4.97 -30.20 -25.72
C GLY A 998 -4.72 -30.34 -24.23
N ALA A 999 -4.96 -29.26 -23.48
CA ALA A 999 -4.89 -29.27 -22.02
C ALA A 999 -5.76 -30.37 -21.40
N GLN A 1000 -6.91 -30.61 -22.03
CA GLN A 1000 -7.83 -31.67 -21.69
C GLN A 1000 -7.15 -33.03 -21.89
N ASN A 1001 -6.71 -33.31 -23.11
CA ASN A 1001 -5.97 -34.54 -23.40
C ASN A 1001 -4.83 -34.69 -22.42
N ALA A 1002 -4.25 -33.56 -22.04
CA ALA A 1002 -3.04 -33.50 -21.22
C ALA A 1002 -3.20 -34.12 -19.84
N VAL A 1003 -4.21 -33.66 -19.10
CA VAL A 1003 -4.53 -34.21 -17.79
C VAL A 1003 -4.73 -35.72 -17.92
N GLY A 1004 -5.78 -36.08 -18.67
CA GLY A 1004 -6.14 -37.47 -18.95
C GLY A 1004 -5.03 -38.50 -18.97
N THR A 1005 -4.22 -38.48 -20.03
CA THR A 1005 -3.28 -39.58 -20.32
C THR A 1005 -2.34 -39.93 -19.18
N GLY A 1006 -1.92 -38.92 -18.41
CA GLY A 1006 -1.07 -39.16 -17.25
C GLY A 1006 -1.78 -39.95 -16.19
N VAL A 1007 -3.06 -39.59 -15.96
CA VAL A 1007 -3.92 -40.24 -14.95
C VAL A 1007 -4.39 -41.61 -15.45
N MET A 1008 -4.97 -41.62 -16.66
CA MET A 1008 -5.57 -42.77 -17.29
C MET A 1008 -4.71 -44.02 -17.16
N GLY A 1009 -3.79 -44.24 -18.09
CA GLY A 1009 -2.69 -45.19 -17.87
C GLY A 1009 -1.91 -44.63 -16.70
N GLY A 1010 -1.22 -45.47 -15.94
CA GLY A 1010 -0.61 -44.95 -14.72
C GLY A 1010 -1.56 -45.03 -13.55
N MET A 1011 -2.85 -44.82 -13.80
CA MET A 1011 -3.86 -45.28 -12.85
C MET A 1011 -4.07 -46.79 -13.09
N VAL A 1012 -4.09 -47.19 -14.37
CA VAL A 1012 -4.04 -48.59 -14.75
C VAL A 1012 -2.94 -49.24 -13.92
N THR A 1013 -1.69 -48.84 -14.16
CA THR A 1013 -0.55 -49.46 -13.49
C THR A 1013 -0.56 -49.18 -11.98
N ALA A 1014 -1.28 -48.13 -11.58
CA ALA A 1014 -1.44 -47.81 -10.16
C ALA A 1014 -2.27 -48.84 -9.38
N THR A 1015 -3.43 -49.23 -9.93
CA THR A 1015 -4.29 -50.23 -9.28
C THR A 1015 -4.03 -51.65 -9.78
N VAL A 1016 -4.20 -51.85 -11.10
CA VAL A 1016 -3.94 -53.13 -11.75
C VAL A 1016 -2.48 -53.59 -11.54
N LEU A 1017 -1.80 -52.98 -10.56
CA LEU A 1017 -0.43 -53.36 -10.22
C LEU A 1017 -0.10 -53.19 -8.73
N ALA A 1018 -0.92 -52.46 -8.00
CA ALA A 1018 -0.70 -52.35 -6.54
C ALA A 1018 -1.39 -53.47 -5.73
N ILE A 1019 -2.44 -54.06 -6.35
CA ILE A 1019 -3.20 -55.17 -5.76
C ILE A 1019 -2.31 -56.34 -5.44
N PHE A 1020 -1.23 -56.49 -6.22
CA PHE A 1020 -0.24 -57.52 -5.94
C PHE A 1020 0.90 -56.99 -5.09
N PHE A 1021 1.40 -55.80 -5.43
CA PHE A 1021 2.66 -55.30 -4.84
C PHE A 1021 2.65 -54.82 -3.40
N VAL A 1022 1.57 -54.17 -2.98
CA VAL A 1022 1.53 -53.62 -1.60
C VAL A 1022 1.63 -54.69 -0.47
N PRO A 1023 0.90 -55.81 -0.61
CA PRO A 1023 1.07 -56.84 0.41
C PRO A 1023 2.45 -57.52 0.30
N VAL A 1024 3.04 -57.46 -0.89
CA VAL A 1024 4.45 -57.78 -1.04
C VAL A 1024 5.24 -56.78 -0.19
N PHE A 1025 5.00 -55.48 -0.42
CA PHE A 1025 5.72 -54.40 0.29
C PHE A 1025 5.63 -54.58 1.80
N PHE A 1026 4.41 -54.84 2.28
CA PHE A 1026 4.14 -55.01 3.72
C PHE A 1026 4.85 -56.20 4.37
N VAL A 1027 4.82 -57.35 3.69
CA VAL A 1027 5.44 -58.57 4.22
C VAL A 1027 6.96 -58.55 4.09
N VAL A 1028 7.48 -57.86 3.06
CA VAL A 1028 8.94 -57.71 2.93
C VAL A 1028 9.51 -56.84 4.06
N VAL A 1029 8.76 -55.81 4.46
CA VAL A 1029 9.01 -55.05 5.69
C VAL A 1029 8.49 -55.86 6.88
N ARG A 1030 8.65 -55.35 8.10
CA ARG A 1030 8.32 -56.10 9.30
C ARG A 1030 9.35 -57.19 9.50
N ARG A 1031 9.27 -58.21 8.64
CA ARG A 1031 10.15 -59.36 8.70
C ARG A 1031 11.63 -58.99 8.79
N ARG A 1032 12.05 -57.94 8.07
CA ARG A 1032 13.45 -57.48 8.13
C ARG A 1032 13.78 -56.63 9.36
N PHE A 1033 12.76 -56.02 9.97
CA PHE A 1033 12.96 -55.17 11.16
C PHE A 1033 12.56 -55.89 12.45
N SER A 1034 13.56 -56.11 13.31
CA SER A 1034 13.58 -57.18 14.33
C SER A 1034 13.44 -58.57 13.66
N ARG A 1035 14.57 -59.07 13.15
CA ARG A 1035 14.66 -60.39 12.50
C ARG A 1035 15.73 -61.25 13.19
N LYS A 1036 16.87 -60.61 13.48
CA LYS A 1036 18.04 -61.23 14.12
C LYS A 1036 18.81 -60.20 14.95
N MET B 1 -15.77 -26.75 32.32
CA MET B 1 -17.23 -26.76 32.63
C MET B 1 -17.39 -26.38 34.11
N PRO B 2 -18.56 -25.84 34.50
CA PRO B 2 -18.86 -25.58 35.92
C PRO B 2 -18.90 -26.88 36.73
N ASN B 3 -19.32 -26.79 37.99
CA ASN B 3 -19.19 -27.89 38.95
C ASN B 3 -17.73 -27.93 39.41
N PHE B 4 -16.82 -27.77 38.45
CA PHE B 4 -15.48 -27.27 38.69
C PHE B 4 -15.64 -25.76 38.83
N PHE B 5 -14.66 -25.10 39.44
CA PHE B 5 -14.75 -23.67 39.76
C PHE B 5 -15.71 -23.38 40.94
N ILE B 6 -16.67 -24.29 41.19
CA ILE B 6 -17.43 -24.28 42.44
C ILE B 6 -16.52 -24.85 43.53
N ASP B 7 -15.85 -25.95 43.21
CA ASP B 7 -14.77 -26.52 44.03
C ASP B 7 -13.62 -25.54 44.11
N ARG B 8 -13.37 -24.82 43.02
CA ARG B 8 -12.26 -23.88 42.94
C ARG B 8 -12.72 -22.45 42.60
N PRO B 9 -13.23 -21.69 43.59
CA PRO B 9 -13.79 -20.36 43.31
C PRO B 9 -12.79 -19.19 43.37
N ILE B 10 -11.74 -19.35 44.16
CA ILE B 10 -10.67 -18.36 44.26
C ILE B 10 -9.87 -18.31 42.95
N PHE B 11 -10.25 -19.18 41.99
CA PHE B 11 -9.69 -19.21 40.63
C PHE B 11 -10.70 -18.53 39.70
N ALA B 12 -11.94 -19.00 39.76
CA ALA B 12 -13.00 -18.44 38.93
C ALA B 12 -13.23 -16.96 39.22
N TRP B 13 -12.78 -16.51 40.40
CA TRP B 13 -12.81 -15.08 40.71
C TRP B 13 -11.71 -14.39 39.91
N VAL B 14 -10.53 -15.02 39.84
CA VAL B 14 -9.38 -14.51 39.11
C VAL B 14 -9.66 -14.27 37.62
N ILE B 15 -10.37 -15.21 36.97
CA ILE B 15 -10.78 -15.05 35.58
C ILE B 15 -11.54 -13.72 35.43
N ALA B 16 -12.66 -13.58 36.15
CA ALA B 16 -13.52 -12.39 36.10
C ALA B 16 -12.75 -11.09 36.23
N ILE B 17 -11.85 -11.02 37.20
CA ILE B 17 -11.06 -9.81 37.43
C ILE B 17 -10.06 -9.48 36.32
N ILE B 18 -9.59 -10.51 35.61
CA ILE B 18 -8.66 -10.27 34.50
C ILE B 18 -9.40 -9.62 33.33
N ILE B 19 -10.50 -10.23 32.90
CA ILE B 19 -11.34 -9.63 31.85
C ILE B 19 -11.76 -8.19 32.19
N MET B 20 -11.74 -7.87 33.48
CA MET B 20 -12.07 -6.53 33.98
C MET B 20 -10.87 -5.60 33.94
N LEU B 21 -9.79 -6.01 34.58
CA LEU B 21 -8.54 -5.27 34.55
C LEU B 21 -7.94 -5.23 33.14
N ALA B 22 -8.31 -6.20 32.30
CA ALA B 22 -7.93 -6.23 30.89
C ALA B 22 -8.52 -5.00 30.16
N GLY B 23 -9.84 -4.94 30.01
CA GLY B 23 -10.49 -3.70 29.59
C GLY B 23 -10.15 -2.68 30.65
N GLY B 24 -10.73 -1.50 30.59
CA GLY B 24 -10.41 -0.51 31.62
C GLY B 24 -9.04 0.10 31.41
N LEU B 25 -8.01 -0.74 31.26
CA LEU B 25 -6.78 -0.29 30.64
C LEU B 25 -7.21 0.08 29.24
N ALA B 26 -7.86 -0.87 28.58
CA ALA B 26 -8.30 -0.70 27.23
C ALA B 26 -9.16 0.54 27.10
N ILE B 27 -10.02 0.82 28.08
CA ILE B 27 -10.83 2.06 27.99
C ILE B 27 -9.89 3.26 28.02
N LEU B 28 -8.95 3.24 28.96
CA LEU B 28 -8.08 4.40 29.15
C LEU B 28 -7.08 4.68 28.01
N LYS B 29 -6.97 3.77 27.04
CA LYS B 29 -6.02 3.92 25.93
C LYS B 29 -6.69 3.70 24.57
N LEU B 30 -8.02 3.64 24.58
CA LEU B 30 -8.80 3.33 23.38
C LEU B 30 -9.29 4.62 22.75
N PRO B 31 -9.13 4.76 21.43
CA PRO B 31 -9.62 5.91 20.67
C PRO B 31 -11.08 6.24 20.98
N VAL B 32 -11.43 7.54 20.98
CA VAL B 32 -12.76 8.02 21.35
C VAL B 32 -13.32 8.91 20.27
N ALA B 33 -14.49 8.60 19.72
CA ALA B 33 -15.13 9.52 18.76
C ALA B 33 -16.63 9.30 18.57
N GLN B 34 -17.22 10.04 17.63
CA GLN B 34 -18.66 10.05 17.42
C GLN B 34 -19.03 8.92 16.49
N TYR B 35 -18.66 9.06 15.21
CA TYR B 35 -18.74 7.96 14.25
C TYR B 35 -17.38 7.41 13.89
N PRO B 36 -17.27 6.07 13.81
CA PRO B 36 -16.10 5.36 13.27
C PRO B 36 -16.02 5.47 11.74
N THR B 37 -14.80 5.59 11.18
CA THR B 37 -14.56 5.57 9.71
C THR B 37 -15.79 5.08 8.91
N ILE B 38 -16.64 6.03 8.49
CA ILE B 38 -17.98 5.74 7.93
C ILE B 38 -18.12 5.94 6.44
N ALA B 39 -17.91 7.17 5.95
CA ALA B 39 -18.16 7.51 4.54
C ALA B 39 -17.20 6.83 3.55
N PRO B 40 -17.69 6.49 2.35
CA PRO B 40 -16.75 6.02 1.35
C PRO B 40 -15.68 7.08 1.11
N PRO B 41 -14.46 6.64 0.75
CA PRO B 41 -13.35 7.55 0.52
C PRO B 41 -13.46 8.19 -0.83
N ALA B 42 -13.15 9.48 -0.87
CA ALA B 42 -13.14 10.17 -2.12
C ALA B 42 -11.75 10.75 -2.47
N VAL B 43 -11.49 10.89 -3.77
CA VAL B 43 -10.28 11.52 -4.30
C VAL B 43 -10.65 12.59 -5.33
N THR B 44 -10.02 13.75 -5.19
CA THR B 44 -10.43 14.95 -5.88
C THR B 44 -9.28 15.44 -6.72
N ILE B 45 -9.47 15.54 -8.02
CA ILE B 45 -8.48 16.17 -8.89
C ILE B 45 -8.86 17.65 -9.08
N SER B 46 -7.89 18.54 -8.92
CA SER B 46 -8.13 19.98 -9.12
C SER B 46 -7.20 20.67 -10.11
N ALA B 47 -7.67 20.86 -11.33
CA ALA B 47 -6.96 21.70 -12.31
C ALA B 47 -7.42 23.17 -12.30
N SER B 48 -6.63 24.00 -12.97
CA SER B 48 -6.94 25.42 -13.18
C SER B 48 -6.35 25.86 -14.53
N TYR B 49 -7.21 26.42 -15.39
CA TYR B 49 -6.84 26.97 -16.71
C TYR B 49 -7.03 28.52 -16.69
N PRO B 50 -6.27 29.24 -15.83
CA PRO B 50 -6.61 30.65 -15.58
C PRO B 50 -7.10 31.37 -16.82
N GLY B 51 -8.29 31.98 -16.69
CA GLY B 51 -8.87 32.81 -17.73
C GLY B 51 -9.75 32.08 -18.71
N ALA B 52 -9.52 30.78 -18.86
CA ALA B 52 -10.37 29.97 -19.73
C ALA B 52 -11.82 30.19 -19.41
N ASP B 53 -12.55 30.23 -20.53
CA ASP B 53 -13.95 30.57 -20.65
C ASP B 53 -14.81 29.66 -19.82
N ALA B 54 -15.25 28.50 -20.29
CA ALA B 54 -16.05 27.68 -19.39
C ALA B 54 -16.50 26.37 -19.94
N LYS B 55 -16.94 26.39 -21.19
CA LYS B 55 -17.10 25.19 -21.97
C LYS B 55 -15.69 24.96 -22.44
N THR B 56 -15.11 25.99 -23.06
CA THR B 56 -13.74 25.96 -23.55
C THR B 56 -12.69 25.71 -22.43
N VAL B 57 -13.02 24.77 -21.54
CA VAL B 57 -12.19 24.32 -20.42
C VAL B 57 -12.71 22.96 -19.93
N GLN B 58 -14.03 22.84 -19.81
CA GLN B 58 -14.61 21.54 -19.46
C GLN B 58 -14.22 20.50 -20.48
N ASP B 59 -14.42 20.83 -21.75
CA ASP B 59 -14.10 19.93 -22.84
C ASP B 59 -12.57 19.91 -23.09
N THR B 60 -11.89 20.98 -22.68
CA THR B 60 -10.45 21.16 -22.92
C THR B 60 -9.57 20.38 -21.92
N VAL B 61 -10.02 20.31 -20.67
CA VAL B 61 -9.28 19.64 -19.61
C VAL B 61 -10.11 18.53 -18.93
N THR B 62 -11.28 18.89 -18.39
CA THR B 62 -12.14 17.96 -17.64
C THR B 62 -12.58 16.70 -18.40
N GLN B 63 -12.82 16.83 -19.70
CA GLN B 63 -13.03 15.67 -20.57
C GLN B 63 -11.84 14.77 -20.42
N VAL B 64 -10.69 15.28 -20.84
CA VAL B 64 -9.44 14.53 -20.92
C VAL B 64 -9.10 13.77 -19.64
N ILE B 65 -9.22 14.40 -18.48
CA ILE B 65 -9.06 13.69 -17.22
C ILE B 65 -10.07 12.53 -17.13
N GLU B 66 -11.37 12.85 -17.25
CA GLU B 66 -12.45 11.87 -17.05
C GLU B 66 -12.33 10.68 -17.99
N GLN B 67 -11.87 10.99 -19.21
CA GLN B 67 -11.74 10.06 -20.31
C GLN B 67 -10.80 8.98 -19.86
N ASN B 68 -9.84 9.42 -19.06
CA ASN B 68 -8.78 8.61 -18.56
C ASN B 68 -8.94 7.99 -17.16
N MET B 69 -10.10 8.13 -16.52
CA MET B 69 -10.27 7.50 -15.22
C MET B 69 -11.08 6.21 -15.35
N ASN B 70 -10.63 5.37 -16.29
CA ASN B 70 -11.23 4.07 -16.52
C ASN B 70 -10.55 3.07 -15.61
N GLY B 71 -11.33 2.15 -15.08
CA GLY B 71 -10.79 0.96 -14.37
C GLY B 71 -9.89 1.27 -13.19
N ILE B 72 -10.53 1.70 -12.11
CA ILE B 72 -9.84 2.01 -10.89
C ILE B 72 -10.57 1.18 -9.84
N ASP B 73 -9.94 0.12 -9.35
CA ASP B 73 -10.51 -0.71 -8.28
C ASP B 73 -11.44 0.08 -7.33
N ASN B 74 -12.66 -0.43 -7.17
CA ASN B 74 -13.60 0.11 -6.20
C ASN B 74 -14.11 1.50 -6.48
N LEU B 75 -14.18 1.85 -7.76
CA LEU B 75 -14.83 3.08 -8.16
C LEU B 75 -16.34 2.95 -7.99
N MET B 76 -16.95 3.86 -7.23
CA MET B 76 -18.40 3.87 -7.13
C MET B 76 -18.95 4.89 -8.10
N TYR B 77 -18.30 6.05 -8.15
CA TYR B 77 -18.77 7.17 -8.95
C TYR B 77 -17.88 8.41 -8.86
N MET B 78 -17.75 9.06 -10.01
CA MET B 78 -17.05 10.32 -10.09
C MET B 78 -18.05 11.39 -10.46
N SER B 79 -17.70 12.63 -10.17
CA SER B 79 -18.53 13.77 -10.52
C SER B 79 -17.65 15.01 -10.58
N SER B 80 -17.70 15.70 -11.72
CA SER B 80 -16.86 16.86 -11.91
C SER B 80 -17.65 18.11 -12.26
N ASN B 81 -16.94 19.23 -12.30
CA ASN B 81 -17.50 20.48 -12.72
C ASN B 81 -16.42 21.44 -13.23
N SER B 82 -16.46 21.74 -14.52
CA SER B 82 -15.62 22.82 -15.00
C SER B 82 -16.18 24.17 -14.54
N ASP B 83 -15.41 25.23 -14.74
CA ASP B 83 -15.80 26.53 -14.20
C ASP B 83 -16.07 27.56 -15.27
N SER B 84 -15.97 28.82 -14.87
CA SER B 84 -16.13 30.00 -15.71
C SER B 84 -15.05 30.99 -15.32
N THR B 85 -14.12 30.49 -14.52
CA THR B 85 -12.94 31.23 -14.11
C THR B 85 -11.72 30.46 -14.64
N GLY B 86 -11.92 29.16 -14.90
CA GLY B 86 -10.85 28.29 -15.38
C GLY B 86 -10.57 27.07 -14.51
N THR B 87 -11.15 27.07 -13.31
CA THR B 87 -11.07 25.99 -12.33
C THR B 87 -11.67 24.62 -12.75
N VAL B 88 -11.04 23.50 -12.38
CA VAL B 88 -11.70 22.15 -12.50
C VAL B 88 -11.65 21.25 -11.26
N GLN B 89 -12.76 20.58 -10.98
CA GLN B 89 -12.82 19.66 -9.87
C GLN B 89 -13.45 18.30 -10.21
N ILE B 90 -12.61 17.35 -10.62
CA ILE B 90 -13.04 15.98 -10.75
C ILE B 90 -13.05 15.44 -9.34
N THR B 91 -14.12 14.73 -8.96
CA THR B 91 -14.08 13.91 -7.71
C THR B 91 -14.41 12.42 -7.94
N LEU B 92 -13.51 11.56 -7.45
CA LEU B 92 -13.72 10.12 -7.48
C LEU B 92 -14.17 9.63 -6.10
N THR B 93 -15.27 8.88 -6.06
CA THR B 93 -15.69 8.25 -4.80
C THR B 93 -15.61 6.72 -4.87
N PHE B 94 -15.12 6.14 -3.80
CA PHE B 94 -14.77 4.73 -3.82
C PHE B 94 -15.60 3.92 -2.83
N GLU B 95 -15.69 2.62 -3.10
CA GLU B 95 -16.46 1.73 -2.26
C GLU B 95 -16.09 1.88 -0.80
N SER B 96 -17.09 2.05 0.07
CA SER B 96 -16.86 2.05 1.52
C SER B 96 -16.02 0.82 1.83
N GLY B 97 -15.08 0.94 2.75
CA GLY B 97 -14.04 -0.07 2.85
C GLY B 97 -12.80 0.40 2.09
N THR B 98 -12.72 0.03 0.79
CA THR B 98 -11.58 0.35 -0.12
C THR B 98 -10.47 1.29 0.40
N ASP B 99 -9.21 0.94 0.16
CA ASP B 99 -8.09 1.69 0.74
C ASP B 99 -7.75 3.03 0.04
N ALA B 100 -7.96 4.12 0.77
CA ALA B 100 -7.90 5.43 0.17
C ALA B 100 -6.54 5.75 -0.42
N ASP B 101 -5.46 5.38 0.28
CA ASP B 101 -4.12 5.68 -0.20
C ASP B 101 -3.76 5.00 -1.50
N ILE B 102 -4.34 3.81 -1.71
CA ILE B 102 -4.17 3.10 -2.96
C ILE B 102 -5.05 3.78 -3.98
N ALA B 103 -6.27 4.13 -3.55
CA ALA B 103 -7.21 4.79 -4.44
C ALA B 103 -6.55 6.04 -4.99
N GLN B 104 -6.02 6.85 -4.08
CA GLN B 104 -5.33 8.06 -4.51
C GLN B 104 -4.27 7.69 -5.55
N VAL B 105 -3.57 6.57 -5.34
CA VAL B 105 -2.45 6.14 -6.20
C VAL B 105 -2.88 5.79 -7.63
N GLN B 106 -3.87 4.92 -7.76
CA GLN B 106 -4.31 4.51 -9.10
C GLN B 106 -4.83 5.74 -9.82
N VAL B 107 -5.57 6.60 -9.09
CA VAL B 107 -6.08 7.85 -9.61
C VAL B 107 -4.88 8.60 -10.19
N GLN B 108 -3.92 8.93 -9.32
CA GLN B 108 -2.69 9.60 -9.72
C GLN B 108 -2.05 8.88 -10.92
N ASN B 109 -2.07 7.55 -10.92
CA ASN B 109 -1.51 6.80 -12.04
C ASN B 109 -2.24 7.01 -13.36
N LYS B 110 -3.57 7.02 -13.31
CA LYS B 110 -4.40 7.16 -14.51
C LYS B 110 -4.33 8.56 -15.05
N LEU B 111 -4.19 9.52 -14.14
CA LEU B 111 -4.04 10.93 -14.50
C LEU B 111 -2.80 11.18 -15.34
N GLN B 112 -1.64 10.69 -14.89
CA GLN B 112 -0.36 10.97 -15.55
C GLN B 112 -0.40 10.74 -17.07
N LEU B 113 -1.47 10.07 -17.50
CA LEU B 113 -1.74 9.78 -18.92
C LEU B 113 -2.57 10.88 -19.62
N ALA B 114 -3.55 11.45 -18.92
CA ALA B 114 -4.20 12.64 -19.44
C ALA B 114 -3.18 13.78 -19.49
N MET B 115 -2.53 14.02 -18.37
CA MET B 115 -1.59 15.12 -18.18
C MET B 115 -0.79 15.75 -19.35
N PRO B 116 -0.21 14.93 -20.23
CA PRO B 116 0.51 15.54 -21.35
C PRO B 116 -0.39 16.25 -22.33
N LEU B 117 -1.65 15.83 -22.36
CA LEU B 117 -2.66 16.37 -23.29
C LEU B 117 -3.31 17.67 -22.76
N LEU B 118 -2.97 18.05 -21.54
CA LEU B 118 -3.57 19.24 -20.96
C LEU B 118 -2.88 20.54 -21.44
N PRO B 119 -3.67 21.60 -21.72
CA PRO B 119 -3.06 22.89 -22.01
C PRO B 119 -1.81 23.19 -21.17
N GLN B 120 -0.75 23.60 -21.86
CA GLN B 120 0.53 23.95 -21.22
C GLN B 120 0.35 24.92 -20.07
N GLU B 121 -0.76 25.62 -20.05
CA GLU B 121 -0.99 26.63 -19.03
C GLU B 121 -1.61 26.03 -17.77
N VAL B 122 -2.30 24.89 -17.96
CA VAL B 122 -2.87 24.11 -16.86
C VAL B 122 -1.75 23.35 -16.17
N GLN B 123 -0.84 22.79 -16.99
CA GLN B 123 0.32 22.03 -16.52
C GLN B 123 1.23 22.94 -15.70
N GLN B 124 1.35 24.19 -16.13
CA GLN B 124 1.94 25.27 -15.33
C GLN B 124 1.28 25.52 -13.94
N GLN B 125 0.01 25.16 -13.80
CA GLN B 125 -0.66 25.41 -12.54
C GLN B 125 -0.34 24.30 -11.55
N GLY B 126 -0.98 23.14 -11.72
CA GLY B 126 -0.71 22.02 -10.85
C GLY B 126 -1.36 20.70 -11.24
N VAL B 127 -2.68 20.72 -11.35
CA VAL B 127 -3.52 19.52 -11.32
C VAL B 127 -3.18 18.74 -10.07
N SER B 128 -3.88 19.05 -8.97
CA SER B 128 -3.63 18.45 -7.68
C SER B 128 -4.48 17.19 -7.53
N VAL B 129 -3.92 16.17 -6.89
CA VAL B 129 -4.62 14.91 -6.66
C VAL B 129 -4.47 14.48 -5.22
N GLU B 130 -5.43 14.79 -4.36
CA GLU B 130 -5.42 14.24 -2.99
C GLU B 130 -6.73 13.63 -2.54
N LYS B 131 -6.64 12.85 -1.45
CA LYS B 131 -7.80 12.23 -0.82
C LYS B 131 -8.55 13.42 -0.28
N SER B 132 -9.87 13.40 -0.43
CA SER B 132 -10.71 14.54 -0.10
C SER B 132 -11.83 14.15 0.83
N SER B 133 -12.13 15.05 1.78
CA SER B 133 -13.41 15.05 2.49
C SER B 133 -14.41 15.98 1.77
N SER B 134 -15.29 16.63 2.53
CA SER B 134 -16.31 17.51 1.95
C SER B 134 -16.79 18.65 2.83
N SER B 135 -16.66 18.44 4.14
CA SER B 135 -17.16 19.36 5.14
C SER B 135 -16.04 19.65 6.13
N PHE B 136 -15.81 20.93 6.41
CA PHE B 136 -14.78 21.31 7.36
C PHE B 136 -15.17 20.80 8.74
N LEU B 137 -14.17 20.38 9.52
CA LEU B 137 -14.42 19.85 10.84
C LEU B 137 -14.44 20.98 11.86
N MET B 138 -14.06 22.18 11.41
CA MET B 138 -13.81 23.32 12.30
C MET B 138 -13.54 24.58 11.51
N VAL B 139 -13.59 25.75 12.16
CA VAL B 139 -13.32 26.99 11.43
C VAL B 139 -12.52 28.06 12.19
N VAL B 140 -11.53 27.66 13.00
CA VAL B 140 -10.76 28.65 13.76
C VAL B 140 -10.67 29.95 13.00
N GLY B 141 -11.30 30.98 13.55
CA GLY B 141 -11.30 32.32 12.95
C GLY B 141 -10.37 33.23 13.70
N VAL B 142 -10.16 34.42 13.14
CA VAL B 142 -9.18 35.36 13.70
C VAL B 142 -9.61 36.81 13.44
N ILE B 143 -9.83 37.54 14.55
CA ILE B 143 -10.15 39.01 14.53
C ILE B 143 -9.09 39.90 15.20
N ASN B 144 -9.31 41.20 15.02
CA ASN B 144 -8.50 42.22 15.66
C ASN B 144 -9.33 42.95 16.74
N THR B 145 -8.86 42.91 17.99
CA THR B 145 -9.57 43.55 19.12
C THR B 145 -9.53 45.09 19.08
N ASP B 146 -8.35 45.66 18.81
CA ASP B 146 -8.19 47.11 18.77
C ASP B 146 -7.64 47.65 17.46
N GLY B 147 -8.49 47.72 16.43
CA GLY B 147 -8.15 48.26 15.10
C GLY B 147 -6.71 48.70 14.78
N THR B 148 -5.74 47.83 15.06
CA THR B 148 -4.37 48.03 14.61
C THR B 148 -4.23 47.23 13.31
N MET B 149 -5.32 46.57 12.90
CA MET B 149 -5.29 45.69 11.74
C MET B 149 -6.57 45.76 10.94
N THR B 150 -6.42 46.02 9.65
CA THR B 150 -7.51 46.03 8.68
C THR B 150 -7.86 44.60 8.27
N GLN B 151 -8.95 44.44 7.51
CA GLN B 151 -9.35 43.13 7.00
C GLN B 151 -8.23 42.58 6.12
N GLU B 152 -7.92 43.31 5.05
CA GLU B 152 -6.82 42.94 4.15
C GLU B 152 -5.51 43.25 4.86
N ASP B 153 -5.29 42.59 5.99
CA ASP B 153 -4.17 42.85 6.86
C ASP B 153 -4.01 41.68 7.81
N ILE B 154 -5.10 41.26 8.42
CA ILE B 154 -5.01 40.08 9.26
C ILE B 154 -5.16 38.87 8.37
N SER B 155 -5.86 39.06 7.26
CA SER B 155 -6.07 37.97 6.35
C SER B 155 -4.73 37.55 5.78
N ASP B 156 -3.77 38.45 5.81
CA ASP B 156 -2.43 38.12 5.43
C ASP B 156 -1.71 37.52 6.63
N TYR B 157 -2.11 37.90 7.83
CA TYR B 157 -1.40 37.39 8.99
C TYR B 157 -1.64 35.89 9.13
N VAL B 158 -2.90 35.48 9.21
CA VAL B 158 -3.22 34.03 9.23
C VAL B 158 -2.53 33.32 8.06
N ALA B 159 -2.62 33.94 6.88
CA ALA B 159 -2.10 33.40 5.64
C ALA B 159 -0.63 33.11 5.70
N ALA B 160 0.11 33.99 6.34
CA ALA B 160 1.57 33.95 6.23
C ALA B 160 2.30 33.58 7.51
N ASN B 161 1.58 33.53 8.64
CA ASN B 161 2.22 33.30 9.94
C ASN B 161 1.67 32.10 10.66
N MET B 162 0.47 31.67 10.28
CA MET B 162 -0.15 30.52 10.94
C MET B 162 -0.81 29.47 10.03
N LYS B 163 -1.07 29.77 8.76
CA LYS B 163 -1.74 28.80 7.88
C LYS B 163 -0.84 27.60 7.55
N ASP B 164 0.38 27.88 7.08
CA ASP B 164 1.37 26.85 6.76
C ASP B 164 1.54 25.79 7.86
N ALA B 165 1.67 26.21 9.12
CA ALA B 165 1.81 25.26 10.22
C ALA B 165 0.56 24.40 10.34
N ILE B 166 -0.60 25.03 10.50
CA ILE B 166 -1.84 24.29 10.67
C ILE B 166 -2.02 23.31 9.51
N SER B 167 -1.79 23.78 8.28
CA SER B 167 -1.99 22.97 7.08
C SER B 167 -1.20 21.69 7.11
N ARG B 168 -0.36 21.58 8.13
CA ARG B 168 0.73 20.61 8.22
C ARG B 168 0.71 19.96 9.60
N THR B 169 -0.30 20.31 10.38
CA THR B 169 -0.50 19.78 11.75
C THR B 169 -1.06 18.37 11.69
N SER B 170 -0.88 17.60 12.78
CA SER B 170 -1.42 16.23 12.83
C SER B 170 -2.93 16.19 12.57
N GLY B 171 -3.38 15.10 11.95
CA GLY B 171 -4.79 14.88 11.60
C GLY B 171 -5.42 15.79 10.55
N VAL B 172 -4.77 16.92 10.27
CA VAL B 172 -5.37 17.96 9.42
C VAL B 172 -5.42 17.50 7.99
N GLY B 173 -6.57 17.67 7.36
CA GLY B 173 -6.71 17.46 5.94
C GLY B 173 -6.26 18.68 5.18
N ASP B 174 -7.09 19.07 4.21
CA ASP B 174 -6.91 20.32 3.44
C ASP B 174 -7.26 21.56 4.28
N VAL B 175 -6.71 22.74 3.95
CA VAL B 175 -7.08 23.98 4.67
C VAL B 175 -7.48 25.17 3.78
N GLN B 176 -8.72 25.62 3.93
CA GLN B 176 -9.29 26.69 3.06
C GLN B 176 -9.14 28.02 3.77
N LEU B 177 -8.47 28.99 3.13
CA LEU B 177 -8.26 30.31 3.77
C LEU B 177 -9.34 31.31 3.39
N PHE B 178 -9.94 31.93 4.42
CA PHE B 178 -10.95 32.96 4.22
C PHE B 178 -10.26 34.31 4.25
N GLY B 179 -10.05 34.81 3.04
CA GLY B 179 -9.15 35.92 2.74
C GLY B 179 -7.99 35.37 1.94
N SER B 180 -6.93 36.17 1.81
CA SER B 180 -5.71 35.72 1.13
C SER B 180 -4.45 36.45 1.59
N GLN B 181 -3.32 35.79 1.33
CA GLN B 181 -2.01 36.33 1.62
C GLN B 181 -1.83 37.66 0.89
N TYR B 182 -1.00 38.52 1.43
CA TYR B 182 -0.55 39.72 0.73
C TYR B 182 0.30 39.38 -0.49
N ALA B 183 0.32 40.30 -1.44
CA ALA B 183 1.15 40.18 -2.64
C ALA B 183 1.37 41.56 -3.26
N MET B 184 2.65 41.98 -3.34
CA MET B 184 3.00 43.26 -3.93
C MET B 184 2.07 43.61 -5.07
N ARG B 185 0.98 44.30 -4.76
CA ARG B 185 0.00 44.59 -5.78
C ARG B 185 0.34 45.88 -6.47
N ILE B 186 0.22 45.84 -7.79
CA ILE B 186 0.48 47.01 -8.62
C ILE B 186 -0.73 47.26 -9.54
N TRP B 187 -1.22 48.52 -9.48
CA TRP B 187 -2.54 48.90 -10.01
C TRP B 187 -2.47 49.87 -11.20
N MET B 188 -2.38 49.31 -12.40
CA MET B 188 -2.12 50.05 -13.64
C MET B 188 -3.02 51.26 -13.83
N ASN B 189 -2.44 52.36 -14.34
CA ASN B 189 -3.18 53.59 -14.73
C ASN B 189 -3.02 53.90 -16.24
N PRO B 190 -4.09 53.70 -17.05
CA PRO B 190 -3.99 53.81 -18.52
C PRO B 190 -3.77 55.22 -19.08
N ASN B 191 -4.09 56.24 -18.30
CA ASN B 191 -3.87 57.61 -18.72
C ASN B 191 -2.43 58.00 -18.42
N GLU B 192 -2.02 57.87 -17.14
CA GLU B 192 -0.61 57.98 -16.75
C GLU B 192 0.32 57.08 -17.59
N LEU B 193 -0.24 56.01 -18.16
CA LEU B 193 0.50 55.18 -19.09
C LEU B 193 0.54 55.88 -20.43
N ASN B 194 -0.60 55.91 -21.11
CA ASN B 194 -0.71 56.52 -22.43
C ASN B 194 0.06 57.84 -22.50
N LYS B 195 0.11 58.54 -21.37
CA LYS B 195 0.77 59.85 -21.23
C LYS B 195 2.28 59.80 -21.47
N PHE B 196 2.94 58.76 -20.96
CA PHE B 196 4.38 58.56 -21.18
C PHE B 196 4.65 57.61 -22.36
N GLN B 197 3.57 57.21 -23.04
CA GLN B 197 3.63 56.27 -24.17
C GLN B 197 4.11 54.90 -23.69
N LEU B 198 3.30 54.23 -22.85
CA LEU B 198 3.71 52.95 -22.27
C LEU B 198 2.56 51.94 -22.01
N THR B 199 2.88 50.68 -22.29
CA THR B 199 1.97 49.55 -22.15
C THR B 199 2.41 48.71 -20.97
N PRO B 200 1.47 47.95 -20.36
CA PRO B 200 1.83 47.13 -19.21
C PRO B 200 2.98 46.18 -19.53
N VAL B 201 3.14 45.83 -20.82
CA VAL B 201 4.27 45.03 -21.29
C VAL B 201 5.57 45.69 -20.83
N ASP B 202 5.65 47.01 -20.99
CA ASP B 202 6.82 47.77 -20.55
C ASP B 202 6.98 47.59 -19.06
N VAL B 203 5.86 47.65 -18.33
CA VAL B 203 5.88 47.45 -16.88
C VAL B 203 6.38 46.05 -16.53
N ILE B 204 5.64 45.02 -16.97
CA ILE B 204 6.03 43.61 -16.73
C ILE B 204 7.56 43.50 -16.95
N THR B 205 8.03 43.78 -18.17
CA THR B 205 9.45 43.67 -18.51
C THR B 205 10.33 44.28 -17.43
N ALA B 206 9.85 45.39 -16.89
CA ALA B 206 10.63 46.19 -15.95
C ALA B 206 10.68 45.51 -14.59
N ILE B 207 9.54 44.95 -14.17
CA ILE B 207 9.42 44.28 -12.88
C ILE B 207 10.25 43.02 -12.95
N LYS B 208 10.03 42.29 -14.04
CA LYS B 208 10.72 41.05 -14.32
C LYS B 208 12.21 41.33 -14.37
N ALA B 209 12.59 42.49 -14.88
CA ALA B 209 14.01 42.76 -14.97
C ALA B 209 14.65 43.39 -13.73
N GLN B 210 13.89 44.15 -12.94
CA GLN B 210 14.51 44.91 -11.82
C GLN B 210 14.32 44.25 -10.44
N ASN B 211 13.30 43.42 -10.36
CA ASN B 211 13.05 42.63 -9.18
C ASN B 211 13.22 41.19 -9.58
N ALA B 212 14.41 40.66 -9.30
CA ALA B 212 14.77 39.28 -9.61
C ALA B 212 16.00 38.93 -8.83
N GLN B 213 16.25 37.63 -8.68
CA GLN B 213 17.36 37.11 -7.87
C GLN B 213 18.30 36.36 -8.79
N VAL B 214 19.54 36.82 -8.85
CA VAL B 214 20.48 36.36 -9.85
C VAL B 214 21.65 35.62 -9.23
N ALA B 215 21.94 34.40 -9.71
CA ALA B 215 23.13 33.65 -9.27
C ALA B 215 24.40 34.25 -9.89
N ALA B 216 25.53 34.17 -9.17
CA ALA B 216 26.78 34.79 -9.65
C ALA B 216 28.03 34.05 -9.23
N GLY B 217 27.92 32.77 -8.93
CA GLY B 217 29.11 32.02 -8.61
C GLY B 217 29.84 32.53 -7.39
N GLN B 218 31.11 32.17 -7.27
CA GLN B 218 31.88 32.51 -6.09
C GLN B 218 33.38 32.66 -6.36
N LEU B 219 33.94 33.70 -5.74
CA LEU B 219 35.38 33.96 -5.69
C LEU B 219 36.23 32.75 -5.34
N GLY B 220 37.02 32.32 -6.32
CA GLY B 220 37.98 31.26 -6.13
C GLY B 220 37.39 29.93 -5.69
N GLY B 221 36.46 29.40 -6.49
CA GLY B 221 35.80 28.14 -6.15
C GLY B 221 36.05 26.90 -7.01
N THR B 222 35.16 25.91 -6.79
CA THR B 222 35.05 24.66 -7.53
C THR B 222 36.44 24.13 -7.64
N PRO B 223 37.11 24.25 -8.83
CA PRO B 223 38.53 23.93 -8.85
C PRO B 223 39.36 25.24 -8.84
N PRO B 224 40.19 25.42 -7.79
CA PRO B 224 40.94 26.66 -7.71
C PRO B 224 42.34 26.51 -8.35
N VAL B 225 42.98 27.65 -8.68
CA VAL B 225 44.42 27.69 -9.09
C VAL B 225 45.22 27.23 -7.89
N LYS B 226 46.50 26.94 -8.04
CA LYS B 226 47.27 26.42 -6.90
C LYS B 226 47.11 27.25 -5.62
N GLY B 227 47.63 28.47 -5.59
CA GLY B 227 47.70 29.21 -4.32
C GLY B 227 46.40 29.20 -3.53
N GLN B 228 45.56 30.19 -3.85
CA GLN B 228 44.18 30.27 -3.41
C GLN B 228 43.92 30.13 -1.94
N GLN B 229 43.80 31.28 -1.30
CA GLN B 229 43.56 31.33 0.11
C GLN B 229 42.31 32.14 0.43
N LEU B 230 41.71 32.75 -0.57
CA LEU B 230 40.40 33.35 -0.42
C LEU B 230 39.33 32.43 -1.01
N ASN B 231 38.12 32.45 -0.44
CA ASN B 231 36.95 31.76 -1.00
C ASN B 231 35.64 32.29 -0.45
N ALA B 232 34.90 33.01 -1.27
CA ALA B 232 33.67 33.68 -0.82
C ALA B 232 32.60 33.72 -1.88
N SER B 233 31.34 33.74 -1.46
CA SER B 233 30.23 33.84 -2.44
C SER B 233 30.18 35.21 -3.17
N ILE B 234 29.54 35.25 -4.34
CA ILE B 234 29.42 36.50 -5.08
C ILE B 234 27.96 36.88 -5.20
N ILE B 235 27.49 37.78 -4.34
CA ILE B 235 26.09 38.19 -4.36
C ILE B 235 25.88 39.21 -5.48
N ALA B 236 25.02 38.87 -6.43
CA ALA B 236 24.74 39.76 -7.54
C ALA B 236 23.42 40.41 -7.24
N GLN B 237 22.66 40.73 -8.30
CA GLN B 237 21.31 41.28 -8.14
C GLN B 237 20.48 40.48 -7.13
N THR B 238 19.56 41.15 -6.45
CA THR B 238 18.75 40.50 -5.42
C THR B 238 17.34 41.06 -5.40
N ARG B 239 16.43 40.34 -4.77
CA ARG B 239 14.98 40.66 -4.86
C ARG B 239 14.52 41.86 -4.01
N LEU B 240 13.37 42.42 -4.38
CA LEU B 240 12.89 43.63 -3.71
C LEU B 240 11.96 43.28 -2.55
N THR B 241 11.81 44.19 -1.60
CA THR B 241 11.23 43.85 -0.32
C THR B 241 10.08 44.75 0.12
N SER B 242 9.99 45.94 -0.47
CA SER B 242 9.10 46.99 0.01
C SER B 242 8.53 47.85 -1.11
N THR B 243 7.28 48.24 -0.90
CA THR B 243 6.53 49.13 -1.80
C THR B 243 7.38 50.27 -2.39
N GLU B 244 8.20 50.89 -1.54
CA GLU B 244 9.09 51.97 -1.94
C GLU B 244 9.92 51.66 -3.18
N GLU B 245 10.64 50.54 -3.13
CA GLU B 245 11.56 50.12 -4.18
C GLU B 245 10.81 49.76 -5.44
N PHE B 246 9.74 49.01 -5.28
CA PHE B 246 8.81 48.75 -6.38
C PHE B 246 8.28 50.06 -6.96
N GLY B 247 8.15 51.08 -6.11
CA GLY B 247 7.78 52.42 -6.56
C GLY B 247 8.83 52.99 -7.49
N LYS B 248 10.10 52.76 -7.14
CA LYS B 248 11.24 53.34 -7.82
C LYS B 248 11.81 52.55 -9.02
N ILE B 249 11.02 51.60 -9.55
CA ILE B 249 11.35 50.91 -10.80
C ILE B 249 11.47 51.93 -11.94
N LEU B 250 12.68 52.11 -12.47
CA LEU B 250 12.85 52.91 -13.68
C LEU B 250 12.07 52.30 -14.83
N LEU B 251 11.18 53.10 -15.38
CA LEU B 251 10.30 52.63 -16.42
C LEU B 251 10.68 53.23 -17.76
N LYS B 252 11.43 54.34 -17.73
CA LYS B 252 11.81 55.15 -18.91
C LYS B 252 12.66 56.37 -18.51
N VAL B 253 13.72 56.64 -19.29
CA VAL B 253 14.41 57.97 -19.29
C VAL B 253 13.95 58.79 -20.51
N ASN B 254 13.39 59.96 -20.27
CA ASN B 254 12.71 60.71 -21.33
C ASN B 254 13.59 61.53 -22.28
N GLN B 255 12.92 62.49 -22.93
CA GLN B 255 13.52 63.53 -23.78
C GLN B 255 14.64 64.30 -23.08
N ASP B 256 14.25 65.05 -22.06
CA ASP B 256 15.11 66.01 -21.36
C ASP B 256 15.95 65.41 -20.22
N GLY B 257 16.07 64.08 -20.21
CA GLY B 257 16.78 63.35 -19.16
C GLY B 257 15.91 63.08 -17.95
N SER B 258 14.72 63.71 -17.92
CA SER B 258 13.71 63.51 -16.87
C SER B 258 13.24 62.07 -16.87
N ARG B 259 13.26 61.45 -15.68
CA ARG B 259 12.99 60.01 -15.53
C ARG B 259 11.54 59.69 -15.18
N VAL B 260 11.08 58.50 -15.55
CA VAL B 260 9.78 58.01 -15.10
C VAL B 260 9.88 56.69 -14.28
N LEU B 261 9.48 56.75 -13.02
CA LEU B 261 9.45 55.58 -12.14
C LEU B 261 8.13 54.83 -12.29
N LEU B 262 8.00 53.67 -11.64
CA LEU B 262 6.75 52.90 -11.68
C LEU B 262 5.69 53.61 -10.87
N ARG B 263 6.12 54.15 -9.72
CA ARG B 263 5.30 55.01 -8.87
C ARG B 263 4.54 56.08 -9.67
N ASP B 264 5.10 56.48 -10.81
CA ASP B 264 4.52 57.51 -11.66
C ASP B 264 3.36 57.02 -12.52
N VAL B 265 3.21 55.70 -12.66
CA VAL B 265 2.24 55.15 -13.63
C VAL B 265 1.14 54.21 -13.04
N ALA B 266 1.27 53.88 -11.75
CA ALA B 266 0.26 53.08 -11.05
C ALA B 266 0.48 53.15 -9.54
N LYS B 267 -0.57 52.82 -8.79
CA LYS B 267 -0.49 52.83 -7.33
C LYS B 267 0.27 51.60 -6.86
N ILE B 268 1.25 51.79 -5.99
CA ILE B 268 1.94 50.65 -5.38
C ILE B 268 1.36 50.40 -4.00
N GLU B 269 0.26 49.65 -3.98
CA GLU B 269 -0.32 49.14 -2.74
C GLU B 269 0.50 47.98 -2.17
N LEU B 270 -0.23 46.97 -1.69
CA LEU B 270 0.31 45.83 -0.98
C LEU B 270 -0.92 45.09 -0.53
N GLY B 271 -1.52 44.31 -1.42
CA GLY B 271 -2.79 43.67 -1.12
C GLY B 271 -2.87 42.17 -1.32
N GLY B 272 -4.10 41.68 -1.43
CA GLY B 272 -4.33 40.25 -1.62
C GLY B 272 -3.74 39.68 -2.90
N GLU B 273 -3.75 38.36 -3.01
CA GLU B 273 -3.45 37.72 -4.27
C GLU B 273 -4.73 37.83 -5.06
N ASN B 274 -5.86 37.61 -4.37
CA ASN B 274 -7.17 37.77 -4.97
C ASN B 274 -8.09 38.48 -3.98
N TYR B 275 -8.71 39.58 -4.43
CA TYR B 275 -9.81 40.19 -3.68
C TYR B 275 -11.14 39.54 -4.10
N ASP B 276 -11.40 38.35 -3.55
CA ASP B 276 -12.54 37.53 -3.94
C ASP B 276 -13.26 36.98 -2.73
N ILE B 277 -12.55 36.79 -1.61
CA ILE B 277 -13.18 36.39 -0.34
C ILE B 277 -13.21 37.51 0.72
N ILE B 278 -14.42 37.79 1.20
CA ILE B 278 -14.62 38.74 2.28
C ILE B 278 -15.26 38.04 3.48
N ALA B 279 -14.59 38.11 4.62
CA ALA B 279 -15.04 37.42 5.81
C ALA B 279 -15.24 38.37 6.99
N GLU B 280 -16.24 38.06 7.81
CA GLU B 280 -16.47 38.81 9.03
C GLU B 280 -17.11 37.95 10.11
N PHE B 281 -16.80 38.25 11.36
CA PHE B 281 -17.25 37.48 12.50
C PHE B 281 -18.03 38.38 13.43
N ASN B 282 -19.36 38.25 13.40
CA ASN B 282 -20.28 39.24 13.99
C ASN B 282 -19.99 40.61 13.39
N GLY B 283 -20.37 40.79 12.12
CA GLY B 283 -20.18 42.06 11.40
C GLY B 283 -18.76 42.64 11.40
N GLN B 284 -17.91 42.11 12.29
CA GLN B 284 -16.54 42.58 12.47
C GLN B 284 -15.59 42.01 11.40
N PRO B 285 -14.70 42.86 10.82
CA PRO B 285 -13.72 42.37 9.84
C PRO B 285 -12.79 41.31 10.46
N ALA B 286 -12.75 40.13 9.81
CA ALA B 286 -12.07 38.93 10.35
C ALA B 286 -11.46 38.01 9.28
N SER B 287 -10.49 37.18 9.67
CA SER B 287 -10.04 36.09 8.79
C SER B 287 -10.26 34.73 9.41
N GLY B 288 -10.03 33.69 8.60
CA GLY B 288 -10.24 32.31 9.03
C GLY B 288 -9.67 31.19 8.18
N LEU B 289 -9.22 30.14 8.84
CA LEU B 289 -8.81 28.93 8.18
C LEU B 289 -9.94 27.97 8.34
N GLY B 290 -10.31 27.31 7.26
CA GLY B 290 -11.30 26.25 7.34
C GLY B 290 -10.76 24.85 7.59
N ILE B 291 -10.14 24.60 8.76
CA ILE B 291 -9.50 23.30 9.04
C ILE B 291 -10.43 22.14 8.67
N LYS B 292 -9.92 21.21 7.85
CA LYS B 292 -10.70 20.04 7.40
C LYS B 292 -10.14 18.74 7.98
N LEU B 293 -10.98 17.69 8.02
CA LEU B 293 -10.54 16.42 8.60
C LEU B 293 -9.89 15.55 7.53
N ALA B 294 -8.66 15.10 7.82
CA ALA B 294 -8.01 14.14 6.94
C ALA B 294 -8.87 12.87 6.90
N THR B 295 -8.80 12.08 5.82
CA THR B 295 -9.54 10.82 5.79
C THR B 295 -8.86 9.80 6.70
N GLY B 296 -9.62 9.27 7.64
CA GLY B 296 -9.10 8.29 8.58
C GLY B 296 -8.51 8.98 9.78
N ALA B 297 -8.63 10.31 9.81
CA ALA B 297 -8.05 11.11 10.90
C ALA B 297 -8.76 10.91 12.23
N ASN B 298 -8.03 11.06 13.32
CA ASN B 298 -8.52 10.83 14.70
C ASN B 298 -9.75 11.66 15.16
N ALA B 299 -10.12 12.67 14.37
CA ALA B 299 -11.29 13.62 14.57
C ALA B 299 -11.31 14.42 15.88
N LEU B 300 -11.63 13.76 16.98
CA LEU B 300 -11.57 14.41 18.27
C LEU B 300 -10.09 14.66 18.70
N ASP B 301 -9.16 13.87 18.15
CA ASP B 301 -7.74 14.05 18.47
C ASP B 301 -7.06 15.07 17.57
N THR B 302 -7.42 15.11 16.29
CA THR B 302 -6.82 16.07 15.39
C THR B 302 -7.54 17.41 15.47
N ALA B 303 -8.12 17.68 16.63
CA ALA B 303 -8.77 18.94 16.91
C ALA B 303 -8.02 19.55 18.08
N ALA B 304 -7.79 18.72 19.08
CA ALA B 304 -6.88 19.06 20.15
C ALA B 304 -5.50 19.33 19.58
N ALA B 305 -5.17 18.65 18.48
CA ALA B 305 -3.92 18.82 17.73
C ALA B 305 -3.74 20.26 17.25
N ILE B 306 -4.88 20.91 16.99
CA ILE B 306 -4.96 22.24 16.41
C ILE B 306 -4.78 23.36 17.43
N ARG B 307 -5.48 23.28 18.55
CA ARG B 307 -5.33 24.32 19.55
C ARG B 307 -3.97 24.22 20.25
N ALA B 308 -3.28 23.09 20.06
CA ALA B 308 -1.92 22.88 20.58
C ALA B 308 -0.97 23.72 19.76
N GLU B 309 -1.22 23.68 18.45
CA GLU B 309 -0.53 24.50 17.47
C GLU B 309 -0.85 25.98 17.66
N LEU B 310 -2.14 26.31 17.67
CA LEU B 310 -2.61 27.68 17.91
C LEU B 310 -2.09 28.22 19.24
N ALA B 311 -2.20 27.41 20.29
CA ALA B 311 -1.60 27.73 21.58
C ALA B 311 -0.16 28.13 21.35
N LYS B 312 0.58 27.24 20.70
CA LYS B 312 2.01 27.39 20.42
C LYS B 312 2.40 28.71 19.74
N MET B 313 1.47 29.33 19.02
CA MET B 313 1.82 30.49 18.18
C MET B 313 1.09 31.79 18.49
N GLU B 314 0.41 31.85 19.64
CA GLU B 314 -0.32 33.06 20.05
C GLU B 314 0.59 34.12 20.62
N PRO B 315 1.59 33.71 21.43
CA PRO B 315 2.47 34.62 22.14
C PRO B 315 3.13 35.66 21.24
N PHE B 316 3.04 35.48 19.94
CA PHE B 316 3.77 36.35 19.05
C PHE B 316 2.83 37.24 18.28
N PHE B 317 1.54 36.90 18.24
CA PHE B 317 0.56 37.71 17.50
C PHE B 317 0.76 39.17 17.82
N PRO B 318 0.65 40.05 16.82
CA PRO B 318 0.79 41.46 17.16
C PRO B 318 -0.40 41.95 18.03
N SER B 319 -0.17 43.01 18.80
CA SER B 319 -1.21 43.73 19.55
C SER B 319 -2.65 43.43 19.11
N GLY B 320 -3.39 42.77 20.00
CA GLY B 320 -4.83 42.59 19.87
C GLY B 320 -5.22 41.81 18.64
N LEU B 321 -4.74 40.57 18.59
CA LEU B 321 -5.16 39.58 17.59
C LEU B 321 -5.75 38.36 18.34
N LYS B 322 -7.07 38.17 18.18
CA LYS B 322 -7.77 37.13 18.93
C LYS B 322 -8.27 36.02 18.04
N ILE B 323 -8.01 34.80 18.51
CA ILE B 323 -8.52 33.60 17.91
C ILE B 323 -9.93 33.44 18.43
N VAL B 324 -10.87 33.23 17.52
CA VAL B 324 -12.23 32.88 17.89
C VAL B 324 -12.58 31.59 17.18
N TYR B 325 -13.52 30.85 17.75
CA TYR B 325 -13.87 29.56 17.24
C TYR B 325 -15.35 29.47 16.87
N PRO B 326 -15.79 30.12 15.77
CA PRO B 326 -17.18 29.97 15.32
C PRO B 326 -17.56 28.51 15.05
N TYR B 327 -17.91 28.17 13.81
CA TYR B 327 -18.22 26.79 13.40
C TYR B 327 -17.14 25.78 13.82
N ASP B 328 -17.54 24.82 14.66
CA ASP B 328 -16.67 23.76 15.19
C ASP B 328 -17.56 22.58 15.62
N THR B 329 -17.58 21.50 14.83
CA THR B 329 -18.49 20.36 15.06
C THR B 329 -18.02 19.44 16.17
N THR B 330 -17.02 19.86 16.95
CA THR B 330 -16.35 18.97 17.90
C THR B 330 -16.91 18.86 19.33
N PRO B 331 -17.45 19.95 19.92
CA PRO B 331 -17.95 19.76 21.29
C PRO B 331 -19.30 19.03 21.34
N PHE B 332 -19.94 18.88 20.19
CA PHE B 332 -21.15 18.08 20.05
C PHE B 332 -20.84 16.59 20.24
N VAL B 333 -19.67 16.17 19.74
CA VAL B 333 -19.16 14.81 19.89
C VAL B 333 -18.93 14.52 21.37
N LYS B 334 -18.23 15.43 22.03
CA LYS B 334 -17.94 15.31 23.47
C LYS B 334 -19.22 15.11 24.28
N ILE B 335 -20.30 15.76 23.86
CA ILE B 335 -21.59 15.67 24.54
C ILE B 335 -22.27 14.36 24.19
N SER B 336 -22.40 14.10 22.90
CA SER B 336 -23.01 12.87 22.41
C SER B 336 -22.45 11.65 23.13
N ILE B 337 -21.15 11.66 23.39
CA ILE B 337 -20.52 10.56 24.11
C ILE B 337 -20.83 10.55 25.62
N HIS B 338 -20.88 11.74 26.25
CA HIS B 338 -21.30 11.82 27.66
C HIS B 338 -22.70 11.26 27.84
N GLU B 339 -23.62 11.70 26.98
CA GLU B 339 -24.98 11.18 26.92
C GLU B 339 -25.03 9.67 26.99
N VAL B 340 -24.55 9.01 25.95
CA VAL B 340 -24.64 7.56 25.85
C VAL B 340 -23.91 6.84 26.99
N VAL B 341 -22.96 7.48 27.65
CA VAL B 341 -22.39 6.85 28.85
C VAL B 341 -23.29 7.10 30.07
N LYS B 342 -23.98 8.25 30.08
CA LYS B 342 -24.94 8.59 31.14
C LYS B 342 -26.13 7.64 31.07
N THR B 343 -26.64 7.41 29.87
CA THR B 343 -27.72 6.46 29.68
C THR B 343 -27.24 5.02 29.86
N LEU B 344 -25.92 4.81 29.89
CA LEU B 344 -25.38 3.48 30.17
C LEU B 344 -25.45 3.23 31.67
N VAL B 345 -24.95 4.16 32.48
CA VAL B 345 -24.99 3.99 33.94
C VAL B 345 -26.45 4.02 34.43
N GLU B 346 -27.22 4.99 33.97
CA GLU B 346 -28.64 5.02 34.30
C GLU B 346 -29.38 3.81 33.70
N ALA B 347 -28.68 2.99 32.92
CA ALA B 347 -29.20 1.72 32.39
C ALA B 347 -28.76 0.55 33.24
N ILE B 348 -27.48 0.57 33.63
CA ILE B 348 -26.91 -0.42 34.56
C ILE B 348 -27.71 -0.42 35.85
N ILE B 349 -27.91 0.77 36.42
CA ILE B 349 -28.55 0.94 37.71
C ILE B 349 -30.08 0.75 37.62
N LEU B 350 -30.65 1.00 36.45
CA LEU B 350 -32.08 0.82 36.22
C LEU B 350 -32.39 -0.65 36.01
N VAL B 351 -31.41 -1.52 36.25
CA VAL B 351 -31.62 -2.97 36.20
C VAL B 351 -31.43 -3.59 37.57
N PHE B 352 -30.42 -3.13 38.30
CA PHE B 352 -30.20 -3.54 39.70
C PHE B 352 -31.61 -3.61 40.33
N LEU B 353 -32.35 -2.52 40.23
CA LEU B 353 -33.74 -2.49 40.68
C LEU B 353 -34.70 -3.57 40.20
N VAL B 354 -34.69 -3.86 38.90
CA VAL B 354 -35.52 -4.94 38.32
C VAL B 354 -35.06 -6.31 38.81
N MET B 355 -33.74 -6.49 38.92
CA MET B 355 -33.15 -7.74 39.40
C MET B 355 -33.79 -8.02 40.77
N TYR B 356 -33.95 -6.98 41.56
CA TYR B 356 -34.30 -7.15 42.96
C TYR B 356 -35.73 -6.93 43.39
N LEU B 357 -36.31 -5.80 42.97
CA LEU B 357 -37.75 -5.55 43.14
C LEU B 357 -38.48 -6.55 42.21
N PHE B 358 -38.19 -7.82 42.46
CA PHE B 358 -38.59 -8.96 41.63
C PHE B 358 -37.78 -10.21 42.07
N LEU B 359 -36.49 -10.01 42.37
CA LEU B 359 -35.62 -11.10 42.87
C LEU B 359 -35.46 -11.04 44.39
N GLN B 360 -35.43 -9.82 44.94
CA GLN B 360 -35.45 -9.55 46.39
C GLN B 360 -34.17 -9.98 47.12
N ASN B 361 -33.39 -9.02 47.63
CA ASN B 361 -32.17 -9.28 48.43
C ASN B 361 -30.83 -9.00 47.71
N PHE B 362 -30.00 -8.15 48.34
CA PHE B 362 -28.68 -7.70 47.81
C PHE B 362 -27.68 -8.82 47.46
N ARG B 363 -27.13 -9.47 48.48
CA ARG B 363 -26.12 -10.53 48.35
C ARG B 363 -26.41 -11.61 47.28
N ALA B 364 -27.66 -11.67 46.80
CA ALA B 364 -28.05 -12.61 45.74
C ALA B 364 -28.52 -11.90 44.46
N THR B 365 -28.85 -10.62 44.55
CA THR B 365 -29.08 -9.82 43.34
C THR B 365 -27.76 -9.32 42.74
N LEU B 366 -26.68 -9.42 43.51
CA LEU B 366 -25.36 -9.05 43.02
C LEU B 366 -24.66 -10.13 42.19
N ILE B 367 -25.08 -11.39 42.33
CA ILE B 367 -24.47 -12.50 41.56
C ILE B 367 -24.62 -12.31 40.04
N PRO B 368 -25.80 -11.83 39.57
CA PRO B 368 -25.97 -11.49 38.16
C PRO B 368 -25.76 -10.00 37.84
N THR B 369 -25.61 -9.18 38.86
CA THR B 369 -25.25 -7.79 38.63
C THR B 369 -23.74 -7.70 38.38
N ILE B 370 -22.94 -8.36 39.23
CA ILE B 370 -21.47 -8.41 39.08
C ILE B 370 -21.04 -9.26 37.86
N ALA B 371 -21.78 -9.09 36.76
CA ALA B 371 -21.40 -9.59 35.43
C ALA B 371 -21.29 -8.42 34.46
N VAL B 372 -22.17 -7.42 34.59
CA VAL B 372 -22.12 -6.21 33.76
C VAL B 372 -20.78 -5.41 33.84
N PRO B 373 -20.06 -5.46 34.99
CA PRO B 373 -18.71 -4.89 34.91
C PRO B 373 -17.65 -5.90 34.44
N VAL B 374 -17.88 -7.20 34.66
CA VAL B 374 -16.97 -8.20 34.11
C VAL B 374 -17.13 -8.29 32.59
N VAL B 375 -18.36 -8.15 32.11
CA VAL B 375 -18.61 -8.31 30.69
C VAL B 375 -18.19 -7.06 29.96
N LEU B 376 -18.87 -5.94 30.21
CA LEU B 376 -18.57 -4.70 29.49
C LEU B 376 -17.06 -4.40 29.40
N LEU B 377 -16.38 -4.28 30.55
CA LEU B 377 -14.93 -4.04 30.60
C LEU B 377 -14.13 -5.05 29.77
N GLY B 378 -14.71 -6.23 29.56
CA GLY B 378 -14.06 -7.29 28.81
C GLY B 378 -14.33 -7.18 27.33
N THR B 379 -15.52 -6.69 26.97
CA THR B 379 -15.90 -6.45 25.56
C THR B 379 -15.14 -5.21 25.11
N PHE B 380 -14.95 -4.30 26.06
CA PHE B 380 -14.04 -3.20 25.92
C PHE B 380 -12.63 -3.69 25.60
N ALA B 381 -12.13 -4.66 26.38
CA ALA B 381 -10.85 -5.31 26.06
C ALA B 381 -10.85 -5.92 24.66
N VAL B 382 -12.02 -6.34 24.16
CA VAL B 382 -12.14 -6.90 22.81
C VAL B 382 -12.19 -5.81 21.76
N LEU B 383 -12.86 -4.70 22.08
CA LEU B 383 -12.84 -3.59 21.13
C LEU B 383 -11.39 -3.33 20.77
N ALA B 384 -10.52 -3.27 21.78
CA ALA B 384 -9.09 -3.11 21.57
C ALA B 384 -8.56 -4.04 20.47
N ALA B 385 -8.30 -5.30 20.82
CA ALA B 385 -7.76 -6.34 19.93
C ALA B 385 -8.13 -6.25 18.45
N PHE B 386 -9.37 -5.84 18.13
CA PHE B 386 -9.83 -5.72 16.75
C PHE B 386 -9.66 -4.32 16.19
N GLY B 387 -9.19 -3.41 17.04
CA GLY B 387 -8.84 -2.07 16.63
C GLY B 387 -10.03 -1.17 16.44
N PHE B 388 -11.16 -1.59 17.01
CA PHE B 388 -12.41 -0.82 16.98
C PHE B 388 -12.39 0.36 17.95
N SER B 389 -13.43 1.19 17.87
CA SER B 389 -13.44 2.48 18.55
C SER B 389 -14.45 2.55 19.71
N ILE B 390 -14.22 3.49 20.63
CA ILE B 390 -15.24 3.83 21.59
C ILE B 390 -16.07 4.94 20.96
N ASN B 391 -17.00 4.53 20.11
CA ASN B 391 -17.92 5.47 19.48
C ASN B 391 -19.32 5.33 20.06
N THR B 392 -20.23 6.20 19.64
CA THR B 392 -21.63 6.12 20.07
C THR B 392 -22.16 4.76 19.67
N LEU B 393 -21.89 4.36 18.44
CA LEU B 393 -22.39 3.11 17.88
C LEU B 393 -21.87 1.86 18.61
N THR B 394 -20.59 1.82 18.97
CA THR B 394 -20.14 0.77 19.88
C THR B 394 -20.81 0.93 21.24
N MET B 395 -21.15 2.16 21.63
CA MET B 395 -21.81 2.41 22.91
C MET B 395 -23.28 1.99 22.89
N PHE B 396 -23.94 2.15 21.75
CA PHE B 396 -25.27 1.61 21.62
C PHE B 396 -25.23 0.11 21.85
N GLY B 397 -24.16 -0.53 21.39
CA GLY B 397 -23.95 -1.93 21.73
C GLY B 397 -24.09 -2.15 23.23
N MET B 398 -23.11 -1.65 24.00
CA MET B 398 -22.99 -1.86 25.45
C MET B 398 -24.28 -1.55 26.23
N VAL B 399 -25.15 -0.73 25.63
CA VAL B 399 -26.44 -0.37 26.23
C VAL B 399 -27.52 -1.44 25.97
N LEU B 400 -27.71 -1.85 24.72
CA LEU B 400 -28.68 -2.92 24.44
C LEU B 400 -28.18 -4.18 25.13
N ALA B 401 -26.88 -4.44 24.98
CA ALA B 401 -26.23 -5.58 25.61
C ALA B 401 -26.31 -5.55 27.14
N ILE B 402 -26.41 -4.36 27.74
CA ILE B 402 -26.48 -4.23 29.19
C ILE B 402 -27.70 -4.97 29.80
N GLY B 403 -28.82 -4.97 29.07
CA GLY B 403 -30.00 -5.72 29.46
C GLY B 403 -29.98 -7.14 28.92
N LEU B 404 -29.01 -7.46 28.06
CA LEU B 404 -28.92 -8.78 27.43
C LEU B 404 -27.85 -9.71 28.03
N LEU B 405 -26.66 -9.18 28.23
CA LEU B 405 -25.56 -9.99 28.74
C LEU B 405 -25.97 -10.66 30.04
N VAL B 406 -27.01 -10.12 30.66
CA VAL B 406 -27.49 -10.59 31.96
C VAL B 406 -28.32 -11.88 31.88
N ASP B 407 -29.17 -11.99 30.86
CA ASP B 407 -30.12 -13.09 30.74
C ASP B 407 -29.54 -14.40 31.27
N ASP B 408 -28.49 -14.88 30.61
CA ASP B 408 -27.90 -16.17 30.93
C ASP B 408 -27.04 -16.20 32.19
N ALA B 409 -27.34 -15.29 33.13
CA ALA B 409 -26.79 -15.34 34.47
C ALA B 409 -27.97 -15.49 35.40
N ILE B 410 -29.07 -14.86 35.02
CA ILE B 410 -30.35 -14.98 35.73
C ILE B 410 -30.75 -16.46 35.82
N VAL B 411 -30.82 -17.13 34.67
CA VAL B 411 -31.24 -18.52 34.60
C VAL B 411 -30.30 -19.45 35.38
N VAL B 412 -29.19 -18.89 35.90
CA VAL B 412 -28.25 -19.66 36.71
C VAL B 412 -28.62 -19.50 38.16
N VAL B 413 -29.03 -18.29 38.54
CA VAL B 413 -29.34 -17.96 39.93
C VAL B 413 -30.81 -18.21 40.32
N GLU B 414 -31.77 -17.89 39.45
CA GLU B 414 -33.20 -18.11 39.75
C GLU B 414 -33.56 -19.61 39.75
N ASN B 415 -32.82 -20.37 38.96
CA ASN B 415 -33.03 -21.81 38.82
C ASN B 415 -32.26 -22.55 39.91
N VAL B 416 -31.45 -21.83 40.67
CA VAL B 416 -30.90 -22.33 41.91
C VAL B 416 -31.82 -21.84 43.03
N GLU B 417 -32.61 -20.81 42.71
CA GLU B 417 -33.55 -20.19 43.66
C GLU B 417 -34.90 -20.91 43.71
N ARG B 418 -35.28 -21.56 42.61
CA ARG B 418 -36.41 -22.48 42.62
C ARG B 418 -36.05 -23.81 43.30
N VAL B 419 -34.82 -23.91 43.80
CA VAL B 419 -34.43 -24.98 44.72
C VAL B 419 -34.50 -24.47 46.19
N MET B 420 -35.65 -23.88 46.51
CA MET B 420 -36.15 -23.75 47.90
C MET B 420 -37.42 -24.63 48.06
N ALA B 421 -37.95 -25.11 46.92
CA ALA B 421 -38.97 -26.17 46.89
C ALA B 421 -38.35 -27.56 47.15
N GLU B 422 -37.06 -27.56 47.52
CA GLU B 422 -36.34 -28.76 47.95
C GLU B 422 -35.51 -28.48 49.21
N GLU B 423 -34.65 -27.45 49.16
CA GLU B 423 -33.86 -27.00 50.31
C GLU B 423 -33.69 -25.47 50.39
N GLY B 424 -34.29 -24.84 51.41
CA GLY B 424 -34.36 -23.37 51.57
C GLY B 424 -33.06 -22.63 51.91
N LEU B 425 -32.85 -21.46 51.30
CA LEU B 425 -31.59 -20.69 51.37
C LEU B 425 -30.40 -21.39 50.68
N PRO B 426 -30.57 -21.82 49.39
CA PRO B 426 -29.90 -22.94 48.66
C PRO B 426 -28.35 -23.04 48.67
N PRO B 427 -27.79 -24.21 49.08
CA PRO B 427 -26.33 -24.39 49.21
C PRO B 427 -25.59 -24.71 47.89
N LYS B 428 -24.30 -25.06 47.99
CA LYS B 428 -23.48 -25.41 46.81
C LYS B 428 -23.89 -26.72 46.14
N GLU B 429 -25.03 -27.26 46.57
CA GLU B 429 -25.66 -28.46 45.99
C GLU B 429 -26.90 -28.06 45.19
N ALA B 430 -27.53 -26.97 45.62
CA ALA B 430 -28.64 -26.38 44.88
C ALA B 430 -28.13 -25.80 43.57
N THR B 431 -26.97 -25.16 43.62
CA THR B 431 -26.34 -24.69 42.40
C THR B 431 -25.88 -25.91 41.59
N ARG B 432 -24.97 -26.70 42.17
CA ARG B 432 -24.31 -27.83 41.50
C ARG B 432 -25.22 -28.77 40.69
N LYS B 433 -26.47 -28.94 41.10
CA LYS B 433 -27.41 -29.80 40.37
C LYS B 433 -28.36 -29.03 39.47
N SER B 434 -28.53 -27.74 39.76
CA SER B 434 -29.28 -26.86 38.87
C SER B 434 -28.43 -26.54 37.64
N MET B 435 -27.13 -26.57 37.83
CA MET B 435 -26.15 -26.39 36.75
C MET B 435 -26.25 -27.52 35.73
N GLY B 436 -26.33 -28.75 36.22
CA GLY B 436 -26.61 -29.88 35.36
C GLY B 436 -28.00 -29.80 34.74
N GLN B 437 -28.83 -28.88 35.24
CA GLN B 437 -30.23 -28.77 34.80
C GLN B 437 -30.54 -27.65 33.79
N ILE B 438 -29.75 -26.57 33.80
CA ILE B 438 -30.08 -25.35 33.03
C ILE B 438 -29.20 -25.07 31.78
N GLN B 439 -28.05 -25.76 31.71
CA GLN B 439 -27.06 -25.56 30.65
C GLN B 439 -27.61 -25.38 29.23
N GLY B 440 -28.65 -26.13 28.88
CA GLY B 440 -29.24 -26.07 27.54
C GLY B 440 -29.63 -24.69 27.04
N ALA B 441 -30.32 -23.91 27.87
CA ALA B 441 -30.79 -22.58 27.50
C ALA B 441 -29.68 -21.53 27.65
N LEU B 442 -28.74 -21.82 28.54
CA LEU B 442 -27.53 -21.03 28.69
C LEU B 442 -26.73 -20.94 27.39
N VAL B 443 -26.57 -22.06 26.69
CA VAL B 443 -25.90 -22.06 25.41
C VAL B 443 -26.90 -21.64 24.34
N GLY B 444 -28.12 -22.14 24.46
CA GLY B 444 -29.19 -21.78 23.53
C GLY B 444 -29.34 -20.29 23.36
N ILE B 445 -29.62 -19.59 24.45
CA ILE B 445 -29.87 -18.15 24.39
C ILE B 445 -28.71 -17.39 23.74
N ALA B 446 -27.52 -17.48 24.31
CA ALA B 446 -26.32 -16.84 23.75
C ALA B 446 -26.12 -17.22 22.28
N MET B 447 -26.00 -18.52 22.01
CA MET B 447 -25.76 -19.04 20.66
C MET B 447 -26.75 -18.50 19.62
N VAL B 448 -27.92 -18.05 20.08
CA VAL B 448 -28.96 -17.53 19.17
C VAL B 448 -28.97 -16.01 19.18
N LEU B 449 -28.79 -15.43 20.35
CA LEU B 449 -28.74 -13.98 20.52
C LEU B 449 -27.45 -13.46 19.93
N SER B 450 -26.57 -14.39 19.53
CA SER B 450 -25.31 -14.06 18.88
C SER B 450 -25.32 -14.36 17.37
N ALA B 451 -25.91 -15.49 16.97
CA ALA B 451 -25.91 -15.87 15.55
C ALA B 451 -26.64 -14.82 14.73
N VAL B 452 -27.67 -14.20 15.32
CA VAL B 452 -28.21 -12.97 14.77
C VAL B 452 -27.09 -11.96 15.03
N PHE B 453 -26.90 -11.03 14.09
CA PHE B 453 -25.81 -10.03 14.18
C PHE B 453 -24.60 -10.41 13.32
N VAL B 454 -24.17 -11.67 13.39
CA VAL B 454 -23.08 -12.19 12.53
C VAL B 454 -23.27 -11.83 11.03
N PRO B 455 -24.28 -12.39 10.35
CA PRO B 455 -24.39 -12.04 8.93
C PRO B 455 -24.19 -10.54 8.67
N MET B 456 -24.82 -9.71 9.49
CA MET B 456 -24.78 -8.26 9.29
C MET B 456 -23.36 -7.70 9.16
N ALA B 457 -22.39 -8.35 9.79
CA ALA B 457 -21.01 -7.85 9.78
C ALA B 457 -20.44 -7.94 8.36
N PHE B 458 -20.85 -8.94 7.62
CA PHE B 458 -20.30 -9.15 6.31
C PHE B 458 -20.99 -8.27 5.25
N PHE B 459 -21.85 -7.35 5.66
CA PHE B 459 -22.58 -6.49 4.72
C PHE B 459 -21.85 -5.21 4.33
N GLY B 460 -22.31 -4.65 3.21
CA GLY B 460 -21.61 -3.57 2.51
C GLY B 460 -22.02 -2.16 2.89
N GLY B 461 -21.46 -1.19 2.16
CA GLY B 461 -21.72 0.24 2.37
C GLY B 461 -21.54 0.80 3.77
N SER B 462 -21.49 2.13 3.88
CA SER B 462 -21.31 2.78 5.18
C SER B 462 -22.35 2.28 6.17
N THR B 463 -23.42 1.70 5.63
CA THR B 463 -24.48 1.11 6.43
C THR B 463 -23.95 -0.13 7.17
N GLY B 464 -23.34 -1.06 6.44
CA GLY B 464 -22.70 -2.24 7.04
C GLY B 464 -21.71 -1.86 8.12
N ALA B 465 -20.97 -0.78 7.87
CA ALA B 465 -20.04 -0.21 8.85
C ALA B 465 -20.72 0.06 10.17
N ILE B 466 -21.93 0.62 10.08
CA ILE B 466 -22.76 0.78 11.26
C ILE B 466 -22.94 -0.58 11.91
N TYR B 467 -23.50 -1.54 11.18
CA TYR B 467 -23.82 -2.86 11.72
C TYR B 467 -22.70 -3.46 12.54
N ARG B 468 -21.48 -3.45 11.99
CA ARG B 468 -20.31 -4.01 12.65
C ARG B 468 -20.21 -3.53 14.09
N GLN B 469 -20.19 -2.21 14.28
CA GLN B 469 -20.10 -1.67 15.60
C GLN B 469 -21.05 -2.40 16.55
N PHE B 470 -22.21 -2.78 16.04
CA PHE B 470 -23.14 -3.53 16.87
C PHE B 470 -22.71 -4.98 17.04
N SER B 471 -22.42 -5.66 15.91
CA SER B 471 -21.92 -7.02 15.90
C SER B 471 -20.79 -7.26 16.85
N ILE B 472 -19.70 -6.54 16.65
CA ILE B 472 -18.53 -6.72 17.50
C ILE B 472 -18.92 -6.67 18.98
N THR B 473 -19.83 -5.80 19.35
CA THR B 473 -20.09 -5.54 20.75
C THR B 473 -20.96 -6.62 21.33
N ILE B 474 -22.17 -6.71 20.79
CA ILE B 474 -23.17 -7.71 21.17
C ILE B 474 -22.63 -9.15 21.16
N VAL B 475 -21.98 -9.55 20.06
CA VAL B 475 -21.45 -10.92 19.96
C VAL B 475 -20.33 -11.15 20.98
N SER B 476 -19.45 -10.16 21.16
CA SER B 476 -18.49 -10.27 22.24
C SER B 476 -19.21 -10.39 23.56
N ALA B 477 -20.17 -9.48 23.80
CA ALA B 477 -20.93 -9.44 25.05
C ALA B 477 -21.62 -10.77 25.37
N MET B 478 -22.37 -11.33 24.40
CA MET B 478 -23.01 -12.65 24.53
C MET B 478 -21.97 -13.76 24.74
N ALA B 479 -20.98 -13.83 23.85
CA ALA B 479 -19.90 -14.79 23.96
C ALA B 479 -19.26 -14.75 25.35
N LEU B 480 -19.28 -13.58 25.96
CA LEU B 480 -18.76 -13.43 27.30
C LEU B 480 -19.88 -13.77 28.29
N SER B 481 -21.12 -13.51 27.91
CA SER B 481 -22.28 -13.73 28.79
C SER B 481 -22.33 -15.20 29.24
N VAL B 482 -22.49 -16.12 28.30
CA VAL B 482 -22.31 -17.56 28.57
C VAL B 482 -21.06 -17.78 29.44
N LEU B 483 -19.94 -17.21 29.02
CA LEU B 483 -18.63 -17.44 29.62
C LEU B 483 -18.53 -17.04 31.09
N VAL B 484 -19.26 -16.00 31.50
CA VAL B 484 -19.18 -15.51 32.89
C VAL B 484 -20.13 -16.22 33.88
N ALA B 485 -21.36 -16.47 33.45
CA ALA B 485 -22.34 -17.20 34.24
C ALA B 485 -22.29 -18.68 33.89
N LEU B 486 -21.12 -19.27 34.12
CA LEU B 486 -20.80 -20.64 33.78
C LEU B 486 -19.40 -20.94 34.30
N ILE B 487 -18.69 -19.88 34.70
CA ILE B 487 -17.40 -19.99 35.37
C ILE B 487 -17.52 -19.32 36.73
N LEU B 488 -18.09 -18.12 36.74
CA LEU B 488 -18.07 -17.27 37.91
C LEU B 488 -19.39 -17.24 38.66
N THR B 489 -20.50 -17.28 37.94
CA THR B 489 -21.84 -17.27 38.58
C THR B 489 -22.06 -18.48 39.52
N PRO B 490 -21.82 -19.72 39.04
CA PRO B 490 -21.71 -20.87 39.92
C PRO B 490 -21.14 -20.52 41.30
N ALA B 491 -19.83 -20.22 41.34
CA ALA B 491 -19.11 -19.93 42.59
C ALA B 491 -19.69 -18.78 43.43
N LEU B 492 -20.42 -17.87 42.78
CA LEU B 492 -21.08 -16.76 43.47
C LEU B 492 -22.36 -17.20 44.19
N CYS B 493 -23.01 -18.22 43.64
CA CYS B 493 -24.19 -18.85 44.25
C CYS B 493 -23.74 -19.85 45.31
N ALA B 494 -22.69 -20.60 44.97
CA ALA B 494 -22.11 -21.61 45.85
C ALA B 494 -21.33 -21.05 47.04
N THR B 495 -21.20 -19.72 47.11
CA THR B 495 -20.64 -19.05 48.29
C THR B 495 -21.63 -18.02 48.82
N MET B 496 -21.82 -16.94 48.06
CA MET B 496 -22.55 -15.75 48.53
C MET B 496 -24.05 -15.98 48.75
N LEU B 497 -24.65 -16.90 47.99
CA LEU B 497 -26.09 -17.14 48.07
C LEU B 497 -26.44 -18.06 49.25
N LYS B 498 -27.52 -17.70 49.97
CA LYS B 498 -28.23 -18.57 50.93
C LYS B 498 -29.50 -17.90 51.45
N PHE B 513 -43.97 -0.21 53.13
CA PHE B 513 -44.75 -1.23 52.41
C PHE B 513 -46.25 -1.10 52.72
N GLY B 514 -47.05 -0.89 51.68
CA GLY B 514 -48.51 -0.83 51.84
C GLY B 514 -49.14 -2.21 51.70
N TRP B 515 -49.74 -2.46 50.55
CA TRP B 515 -50.16 -3.81 50.14
C TRP B 515 -49.31 -4.20 48.92
N PHE B 516 -48.07 -4.64 49.20
CA PHE B 516 -47.00 -4.76 48.19
C PHE B 516 -46.32 -6.15 48.16
N ASN B 517 -44.97 -6.15 48.13
CA ASN B 517 -44.10 -7.35 48.12
C ASN B 517 -44.75 -8.65 47.63
N ARG B 518 -45.44 -9.33 48.55
CA ARG B 518 -46.04 -10.64 48.28
C ARG B 518 -47.14 -10.63 47.18
N MET B 519 -47.40 -9.46 46.62
CA MET B 519 -48.49 -9.21 45.66
C MET B 519 -48.69 -10.24 44.53
N PHE B 520 -48.24 -9.91 43.31
CA PHE B 520 -48.43 -10.78 42.13
C PHE B 520 -47.93 -12.23 42.31
N GLU B 521 -47.25 -12.48 43.44
CA GLU B 521 -46.49 -13.72 43.69
C GLU B 521 -47.29 -15.04 43.60
N LYS B 522 -48.61 -14.94 43.67
CA LYS B 522 -49.49 -16.08 43.46
C LYS B 522 -49.88 -16.18 41.98
N SER B 523 -49.63 -15.12 41.21
CA SER B 523 -50.07 -15.01 39.82
C SER B 523 -49.41 -16.00 38.83
N THR B 524 -48.31 -16.64 39.24
CA THR B 524 -47.68 -17.69 38.42
C THR B 524 -48.59 -18.91 38.30
N HIS B 525 -49.07 -19.42 39.44
CA HIS B 525 -49.95 -20.60 39.47
C HIS B 525 -51.34 -20.30 38.90
N HIS B 526 -51.76 -19.04 38.98
CA HIS B 526 -52.99 -18.59 38.31
C HIS B 526 -52.84 -18.77 36.80
N TYR B 527 -51.70 -18.29 36.28
CA TYR B 527 -51.40 -18.29 34.85
C TYR B 527 -50.59 -19.50 34.40
N THR B 528 -50.84 -20.63 35.06
CA THR B 528 -50.31 -21.92 34.63
C THR B 528 -51.49 -22.76 34.21
N ASP B 529 -52.58 -22.63 34.97
CA ASP B 529 -53.85 -23.25 34.65
C ASP B 529 -54.51 -22.43 33.52
N SER B 530 -54.21 -21.12 33.52
CA SER B 530 -54.70 -20.15 32.52
C SER B 530 -54.28 -20.53 31.10
N VAL B 531 -53.11 -21.14 30.98
CA VAL B 531 -52.56 -21.59 29.69
C VAL B 531 -53.09 -22.97 29.29
N GLY B 532 -53.55 -23.75 30.29
CA GLY B 532 -54.07 -25.10 30.06
C GLY B 532 -55.18 -25.13 29.02
N GLY B 533 -56.10 -24.17 29.11
CA GLY B 533 -57.27 -24.07 28.24
C GLY B 533 -56.96 -23.84 26.77
N ILE B 534 -55.99 -22.96 26.51
CA ILE B 534 -55.50 -22.71 25.16
C ILE B 534 -54.85 -23.98 24.58
N LEU B 535 -54.38 -24.86 25.46
CA LEU B 535 -53.59 -26.06 25.10
C LEU B 535 -54.42 -27.34 24.98
N ARG B 536 -55.46 -27.46 25.81
CA ARG B 536 -56.49 -28.49 25.61
C ARG B 536 -57.26 -28.17 24.32
N SER B 537 -57.58 -26.89 24.14
CA SER B 537 -58.17 -26.39 22.90
C SER B 537 -57.10 -26.42 21.79
N THR B 538 -56.82 -27.64 21.33
CA THR B 538 -55.62 -27.94 20.51
C THR B 538 -55.56 -27.19 19.16
N GLY B 539 -54.66 -26.22 19.08
CA GLY B 539 -54.47 -25.41 17.87
C GLY B 539 -55.55 -24.36 17.63
N ARG B 540 -56.33 -24.07 18.67
CA ARG B 540 -57.42 -23.09 18.59
C ARG B 540 -57.00 -21.77 17.95
N TYR B 541 -55.83 -21.29 18.39
CA TYR B 541 -55.42 -19.90 18.25
C TYR B 541 -54.67 -19.56 16.96
N LEU B 542 -54.43 -20.54 16.09
CA LEU B 542 -53.67 -20.28 14.85
C LEU B 542 -54.45 -19.47 13.79
N VAL B 543 -55.37 -18.63 14.24
CA VAL B 543 -56.04 -17.64 13.38
C VAL B 543 -55.93 -16.28 14.07
N LEU B 544 -55.40 -16.29 15.29
CA LEU B 544 -54.94 -15.07 15.96
C LEU B 544 -53.52 -14.80 15.45
N TYR B 545 -52.70 -15.86 15.39
CA TYR B 545 -51.40 -15.83 14.72
C TYR B 545 -51.51 -15.41 13.26
N LEU B 546 -52.38 -16.10 12.51
CA LEU B 546 -52.51 -15.86 11.08
C LEU B 546 -53.09 -14.47 10.79
N ILE B 547 -53.18 -13.63 11.82
CA ILE B 547 -53.66 -12.25 11.65
C ILE B 547 -52.81 -11.20 12.39
N ILE B 548 -52.03 -11.64 13.37
CA ILE B 548 -50.96 -10.78 13.93
C ILE B 548 -49.93 -10.48 12.84
N VAL B 549 -49.68 -11.46 11.95
CA VAL B 549 -48.70 -11.32 10.86
C VAL B 549 -49.18 -10.37 9.75
N VAL B 550 -50.46 -10.43 9.40
CA VAL B 550 -51.01 -9.49 8.41
C VAL B 550 -51.10 -8.07 9.01
N GLY B 551 -51.11 -7.99 10.35
CA GLY B 551 -50.89 -6.72 11.05
C GLY B 551 -49.49 -6.22 10.77
N MET B 552 -48.53 -7.15 10.76
CA MET B 552 -47.11 -6.85 10.50
C MET B 552 -46.88 -6.34 9.07
N ALA B 553 -47.37 -7.08 8.08
CA ALA B 553 -47.30 -6.64 6.68
C ALA B 553 -48.03 -5.31 6.41
N TYR B 554 -48.98 -4.96 7.27
CA TYR B 554 -49.72 -3.68 7.16
C TYR B 554 -48.95 -2.56 7.86
N LEU B 555 -48.08 -2.95 8.79
CA LEU B 555 -47.26 -1.99 9.52
C LEU B 555 -45.84 -1.89 8.95
N PHE B 556 -45.50 -2.78 8.02
CA PHE B 556 -44.25 -2.70 7.27
C PHE B 556 -44.41 -1.70 6.12
N VAL B 557 -45.28 -2.02 5.17
CA VAL B 557 -45.50 -1.20 3.97
C VAL B 557 -46.02 0.21 4.26
N ARG B 558 -45.90 0.63 5.53
CA ARG B 558 -46.48 1.88 6.00
C ARG B 558 -45.43 2.80 6.63
N LEU B 559 -44.44 2.20 7.29
CA LEU B 559 -43.35 2.97 7.89
C LEU B 559 -42.43 3.57 6.84
N PRO B 560 -42.36 4.91 6.78
CA PRO B 560 -41.50 5.56 5.79
C PRO B 560 -39.99 5.32 6.05
N SER B 561 -39.20 5.38 5.00
CA SER B 561 -37.80 5.04 5.07
C SER B 561 -36.92 6.28 5.18
N SER B 562 -36.65 6.70 6.41
CA SER B 562 -35.57 7.64 6.72
C SER B 562 -34.46 6.82 7.36
N PHE B 563 -33.46 6.47 6.56
CA PHE B 563 -32.45 5.50 7.01
C PHE B 563 -31.35 6.13 7.86
N LEU B 564 -31.14 7.43 7.70
CA LEU B 564 -30.12 8.08 8.47
C LEU B 564 -30.75 9.31 9.17
N PRO B 565 -30.63 9.39 10.53
CA PRO B 565 -31.41 10.29 11.40
C PRO B 565 -30.73 11.58 11.88
N ASP B 566 -31.40 12.73 11.72
CA ASP B 566 -30.85 14.06 12.00
C ASP B 566 -30.57 14.34 13.48
N GLU B 567 -29.84 15.42 13.77
CA GLU B 567 -29.41 15.71 15.14
C GLU B 567 -29.16 17.20 15.42
N ASP B 568 -29.25 17.60 16.70
CA ASP B 568 -28.78 18.92 17.12
C ASP B 568 -27.31 18.82 17.44
N GLN B 569 -26.50 19.59 16.71
CA GLN B 569 -25.04 19.52 16.82
C GLN B 569 -24.37 20.79 17.38
N GLY B 570 -25.18 21.83 17.59
CA GLY B 570 -24.73 23.07 18.21
C GLY B 570 -24.28 24.09 17.19
N VAL B 571 -24.44 23.75 15.91
CA VAL B 571 -23.91 24.53 14.79
C VAL B 571 -24.75 24.36 13.51
N PHE B 572 -24.59 25.28 12.55
CA PHE B 572 -25.18 25.12 11.21
C PHE B 572 -24.74 26.17 10.18
N MET B 573 -25.23 25.99 8.95
CA MET B 573 -24.81 26.79 7.81
C MET B 573 -26.02 27.35 7.09
N THR B 574 -25.80 28.49 6.44
CA THR B 574 -26.83 29.20 5.68
C THR B 574 -26.19 29.63 4.36
N MET B 575 -26.70 29.12 3.25
CA MET B 575 -26.12 29.45 1.96
C MET B 575 -26.76 30.69 1.31
N VAL B 576 -25.99 31.38 0.48
CA VAL B 576 -26.39 32.66 -0.07
C VAL B 576 -26.07 32.71 -1.55
N GLN B 577 -27.11 32.85 -2.37
CA GLN B 577 -26.93 32.89 -3.82
C GLN B 577 -27.78 33.95 -4.51
N LEU B 578 -27.08 34.95 -5.02
CA LEU B 578 -27.67 35.98 -5.85
C LEU B 578 -27.80 35.48 -7.29
N PRO B 579 -28.54 36.22 -8.15
CA PRO B 579 -28.75 35.76 -9.54
C PRO B 579 -27.49 35.96 -10.38
N ALA B 580 -27.61 35.75 -11.70
CA ALA B 580 -26.53 36.01 -12.67
C ALA B 580 -25.68 37.24 -12.33
N GLY B 581 -24.44 37.27 -12.83
CA GLY B 581 -23.47 38.33 -12.54
C GLY B 581 -23.87 39.35 -11.47
N ALA B 582 -24.12 38.87 -10.25
CA ALA B 582 -24.54 39.74 -9.15
C ALA B 582 -23.37 40.14 -8.26
N THR B 583 -22.80 41.30 -8.57
CA THR B 583 -21.62 41.82 -7.90
C THR B 583 -21.50 41.58 -6.38
N GLN B 584 -20.24 41.52 -5.93
CA GLN B 584 -19.84 41.31 -4.53
C GLN B 584 -20.63 42.15 -3.53
N GLU B 585 -20.71 43.47 -3.81
CA GLU B 585 -21.42 44.48 -2.98
C GLU B 585 -22.80 44.04 -2.52
N ARG B 586 -23.58 43.54 -3.48
CA ARG B 586 -24.91 43.02 -3.24
C ARG B 586 -24.85 41.81 -2.29
N THR B 587 -24.21 40.73 -2.76
CA THR B 587 -23.99 39.55 -1.94
C THR B 587 -23.60 40.02 -0.53
N GLN B 588 -22.55 40.84 -0.45
CA GLN B 588 -22.05 41.36 0.81
C GLN B 588 -23.18 41.78 1.74
N LYS B 589 -24.15 42.52 1.17
CA LYS B 589 -25.27 43.10 1.92
C LYS B 589 -26.30 42.09 2.38
N VAL B 590 -26.62 41.14 1.50
CA VAL B 590 -27.50 40.04 1.87
C VAL B 590 -26.92 39.25 3.04
N LEU B 591 -25.61 39.05 3.01
CA LEU B 591 -24.88 38.44 4.12
C LEU B 591 -25.03 39.27 5.39
N ASN B 592 -25.03 40.60 5.21
CA ASN B 592 -25.26 41.54 6.30
C ASN B 592 -26.65 41.40 6.89
N GLU B 593 -27.66 41.26 6.02
CA GLU B 593 -29.02 40.93 6.44
C GLU B 593 -28.98 39.69 7.31
N VAL B 594 -28.41 38.62 6.75
CA VAL B 594 -28.29 37.31 7.41
C VAL B 594 -27.53 37.38 8.75
N THR B 595 -26.30 37.87 8.72
CA THR B 595 -25.47 37.96 9.93
C THR B 595 -26.04 38.95 10.95
N HIS B 596 -27.20 39.51 10.61
CA HIS B 596 -27.89 40.41 11.52
C HIS B 596 -28.95 39.63 12.26
N TYR B 597 -29.95 39.20 11.50
CA TYR B 597 -31.07 38.41 11.96
C TYR B 597 -30.73 37.46 13.13
N TYR B 598 -29.69 36.63 12.97
CA TYR B 598 -29.30 35.66 14.02
C TYR B 598 -28.84 36.34 15.29
N LEU B 599 -28.01 37.38 15.14
CA LEU B 599 -27.41 38.08 16.28
C LEU B 599 -28.38 38.96 17.08
N THR B 600 -29.59 39.11 16.52
CA THR B 600 -30.69 39.91 17.10
C THR B 600 -31.97 39.06 17.31
N LYS B 601 -32.73 38.91 16.22
CA LYS B 601 -34.01 38.24 16.23
C LYS B 601 -33.89 36.74 16.53
N GLU B 602 -32.82 36.36 17.25
CA GLU B 602 -32.47 34.96 17.55
C GLU B 602 -31.34 34.79 18.59
N LYS B 603 -30.77 35.91 19.02
CA LYS B 603 -29.62 35.96 19.94
C LYS B 603 -29.84 35.18 21.25
N ASN B 604 -31.04 34.65 21.39
CA ASN B 604 -31.41 33.76 22.48
C ASN B 604 -30.63 32.43 22.41
N ASN B 605 -30.52 31.89 21.19
CA ASN B 605 -29.90 30.58 20.92
C ASN B 605 -28.72 30.56 19.88
N VAL B 606 -28.37 31.73 19.33
CA VAL B 606 -27.21 31.92 18.44
C VAL B 606 -26.02 32.48 19.25
N GLU B 607 -24.80 32.33 18.70
CA GLU B 607 -23.59 32.74 19.40
C GLU B 607 -22.63 33.56 18.54
N SER B 608 -22.57 33.27 17.24
CA SER B 608 -21.67 33.98 16.32
C SER B 608 -21.97 33.64 14.87
N VAL B 609 -21.84 34.64 14.00
CA VAL B 609 -21.99 34.44 12.56
C VAL B 609 -20.71 34.79 11.82
N PHE B 610 -20.07 33.75 11.29
CA PHE B 610 -18.94 33.89 10.38
C PHE B 610 -19.58 34.09 9.02
N ALA B 611 -19.40 35.26 8.44
CA ALA B 611 -19.99 35.54 7.13
C ALA B 611 -18.91 35.52 6.07
N VAL B 612 -18.83 34.41 5.34
CA VAL B 612 -17.82 34.29 4.33
C VAL B 612 -18.49 34.64 3.05
N ASN B 613 -18.05 35.75 2.47
CA ASN B 613 -18.61 36.23 1.20
C ASN B 613 -18.18 35.37 0.01
N GLY B 614 -17.21 35.80 -0.78
CA GLY B 614 -16.86 35.12 -2.04
C GLY B 614 -16.78 33.59 -2.06
N PHE B 615 -17.01 32.94 -0.91
CA PHE B 615 -16.81 31.51 -0.80
C PHE B 615 -18.09 30.67 -0.63
N GLY B 616 -18.47 29.98 -1.69
CA GLY B 616 -19.60 29.08 -1.59
C GLY B 616 -19.21 27.63 -1.51
N PHE B 617 -20.22 26.77 -1.54
CA PHE B 617 -20.01 25.33 -1.68
C PHE B 617 -20.50 24.85 -3.05
N ALA B 618 -21.27 25.70 -3.75
CA ALA B 618 -21.60 25.52 -5.17
C ALA B 618 -20.44 26.07 -6.02
N GLY B 619 -20.67 27.20 -6.69
CA GLY B 619 -19.61 27.94 -7.40
C GLY B 619 -18.94 28.90 -6.45
N ARG B 620 -17.62 29.01 -6.51
CA ARG B 620 -16.94 29.91 -5.59
C ARG B 620 -16.88 31.30 -6.22
N GLY B 621 -17.73 31.53 -7.21
CA GLY B 621 -17.88 32.85 -7.84
C GLY B 621 -18.23 34.06 -6.97
N GLN B 622 -18.65 35.13 -7.63
CA GLN B 622 -18.87 36.45 -7.02
C GLN B 622 -20.19 36.61 -6.27
N ASN B 623 -21.23 35.97 -6.75
CA ASN B 623 -22.55 36.08 -6.16
C ASN B 623 -22.89 34.90 -5.29
N THR B 624 -21.95 34.48 -4.46
CA THR B 624 -22.16 33.34 -3.61
C THR B 624 -21.37 33.56 -2.36
N GLY B 625 -22.01 33.30 -1.22
CA GLY B 625 -21.38 33.31 0.10
C GLY B 625 -22.06 32.29 1.00
N ILE B 626 -21.51 32.07 2.20
CA ILE B 626 -22.22 31.31 3.22
C ILE B 626 -21.88 31.83 4.61
N ALA B 627 -22.70 31.44 5.59
CA ALA B 627 -22.49 31.89 6.94
C ALA B 627 -22.54 30.77 7.97
N PHE B 628 -21.37 30.48 8.55
CA PHE B 628 -21.23 29.45 9.57
C PHE B 628 -21.69 29.97 10.90
N VAL B 629 -22.92 29.62 11.25
CA VAL B 629 -23.51 30.12 12.49
C VAL B 629 -23.35 29.10 13.61
N SER B 630 -22.73 29.55 14.70
CA SER B 630 -22.56 28.74 15.89
C SER B 630 -23.65 29.14 16.89
N LEU B 631 -23.91 28.27 17.88
CA LEU B 631 -25.04 28.47 18.79
C LEU B 631 -24.59 28.50 20.23
N LYS B 632 -25.50 28.86 21.12
CA LYS B 632 -25.25 28.90 22.57
C LYS B 632 -25.08 27.48 23.11
N ASP B 633 -24.56 27.33 24.34
CA ASP B 633 -24.31 26.00 24.95
C ASP B 633 -25.55 25.11 24.87
N TRP B 634 -25.51 23.95 25.52
CA TRP B 634 -26.68 23.03 25.49
C TRP B 634 -27.71 23.26 26.61
N ALA B 635 -27.22 23.52 27.83
CA ALA B 635 -28.07 23.87 28.97
C ALA B 635 -28.80 25.21 28.77
N ASP B 636 -28.09 26.18 28.17
CA ASP B 636 -28.63 27.50 27.87
C ASP B 636 -29.59 27.47 26.67
N ARG B 637 -30.24 26.31 26.50
CA ARG B 637 -31.21 26.07 25.43
C ARG B 637 -32.17 24.96 25.88
N PRO B 638 -33.49 25.27 25.98
CA PRO B 638 -34.53 24.31 26.41
C PRO B 638 -34.83 23.24 25.36
N GLY B 639 -35.84 23.48 24.52
CA GLY B 639 -36.25 22.51 23.52
C GLY B 639 -37.26 23.02 22.52
N GLU B 640 -37.69 22.11 21.64
CA GLU B 640 -38.65 22.37 20.57
C GLU B 640 -38.22 23.54 19.70
N GLU B 641 -38.75 24.73 20.02
CA GLU B 641 -38.48 25.96 19.28
C GLU B 641 -37.01 26.41 19.38
N ASN B 642 -36.25 25.75 20.26
CA ASN B 642 -34.85 26.14 20.54
C ASN B 642 -33.74 25.12 20.14
N LYS B 643 -34.15 23.96 19.64
CA LYS B 643 -33.24 23.03 18.96
C LYS B 643 -32.85 23.63 17.60
N VAL B 644 -32.15 22.85 16.78
CA VAL B 644 -31.63 23.37 15.51
C VAL B 644 -32.64 23.32 14.40
N GLU B 645 -33.53 22.35 14.45
CA GLU B 645 -34.44 22.14 13.34
C GLU B 645 -35.42 23.29 13.23
N ALA B 646 -35.82 23.81 14.39
CA ALA B 646 -36.74 24.93 14.47
C ALA B 646 -36.04 26.23 14.04
N ILE B 647 -34.93 26.57 14.72
CA ILE B 647 -34.10 27.73 14.36
C ILE B 647 -33.98 27.87 12.84
N THR B 648 -33.65 26.72 12.23
CA THR B 648 -33.58 26.50 10.78
C THR B 648 -34.86 26.87 10.02
N MET B 649 -35.98 26.24 10.41
CA MET B 649 -37.31 26.49 9.81
C MET B 649 -37.56 27.99 9.79
N ARG B 650 -37.44 28.60 10.97
CA ARG B 650 -37.62 30.01 11.17
C ARG B 650 -36.77 30.79 10.18
N ALA B 651 -35.46 30.56 10.24
CA ALA B 651 -34.50 31.28 9.41
C ALA B 651 -34.71 31.07 7.90
N THR B 652 -35.00 29.84 7.48
CA THR B 652 -35.33 29.55 6.09
C THR B 652 -36.66 30.22 5.72
N ARG B 653 -37.54 30.37 6.71
CA ARG B 653 -38.86 30.98 6.53
C ARG B 653 -38.75 32.49 6.51
N ALA B 654 -37.84 33.03 7.34
CA ALA B 654 -37.63 34.47 7.44
C ALA B 654 -36.94 35.04 6.19
N PHE B 655 -35.65 34.74 6.03
CA PHE B 655 -34.84 35.17 4.85
C PHE B 655 -35.52 34.75 3.54
N SER B 656 -36.33 33.69 3.65
CA SER B 656 -37.03 33.04 2.53
C SER B 656 -37.12 33.88 1.28
N GLN B 657 -37.98 34.89 1.35
CA GLN B 657 -38.39 35.65 0.19
C GLN B 657 -38.50 37.14 0.56
N ILE B 658 -37.36 37.73 0.93
CA ILE B 658 -37.29 39.15 1.33
C ILE B 658 -36.52 40.06 0.37
N LYS B 659 -35.72 39.48 -0.53
CA LYS B 659 -34.90 40.29 -1.43
C LYS B 659 -34.93 39.71 -2.84
N ASP B 660 -33.76 39.30 -3.32
CA ASP B 660 -33.59 38.74 -4.65
C ASP B 660 -32.53 37.62 -4.58
N ALA B 661 -32.64 36.76 -3.56
CA ALA B 661 -31.57 35.80 -3.18
C ALA B 661 -32.06 34.50 -2.54
N MET B 662 -31.63 33.38 -3.11
CA MET B 662 -31.90 32.06 -2.52
C MET B 662 -31.08 31.89 -1.24
N VAL B 663 -31.79 31.88 -0.12
CA VAL B 663 -31.16 31.72 1.19
C VAL B 663 -31.86 30.59 1.94
N PHE B 664 -31.07 29.62 2.39
CA PHE B 664 -31.56 28.47 3.13
C PHE B 664 -30.60 28.21 4.29
N ALA B 665 -31.09 27.63 5.38
CA ALA B 665 -30.26 27.47 6.58
C ALA B 665 -30.43 26.11 7.24
N PHE B 666 -29.73 25.09 6.74
CA PHE B 666 -29.99 23.72 7.19
C PHE B 666 -28.96 23.05 8.09
N ASN B 667 -29.15 21.73 8.23
CA ASN B 667 -28.33 20.84 9.04
C ASN B 667 -27.35 19.97 8.27
N LEU B 668 -26.63 19.17 9.05
CA LEU B 668 -25.64 18.23 8.57
C LEU B 668 -26.13 16.79 8.87
N PRO B 669 -25.61 15.78 8.16
CA PRO B 669 -26.04 14.40 8.43
C PRO B 669 -24.95 13.36 8.89
N ALA B 670 -24.51 12.47 7.99
CA ALA B 670 -23.28 11.68 8.16
C ALA B 670 -22.02 12.52 7.81
N ILE B 671 -22.25 13.62 7.09
CA ILE B 671 -21.23 14.49 6.44
C ILE B 671 -20.09 13.73 5.82
N VAL B 672 -18.92 14.38 5.78
CA VAL B 672 -17.73 13.83 5.14
C VAL B 672 -18.15 13.50 3.68
N GLU B 673 -19.38 13.89 3.32
CA GLU B 673 -20.08 13.39 2.11
C GLU B 673 -21.03 14.38 1.41
N LEU B 674 -20.43 15.31 0.66
CA LEU B 674 -21.08 16.45 -0.02
C LEU B 674 -21.60 17.61 0.87
N GLY B 675 -21.64 18.82 0.27
CA GLY B 675 -21.99 20.07 0.94
C GLY B 675 -22.89 19.90 2.15
N THR B 676 -22.29 19.93 3.33
CA THR B 676 -23.00 19.83 4.62
C THR B 676 -24.40 20.43 4.48
N ALA B 677 -25.36 19.61 4.07
CA ALA B 677 -26.77 20.00 3.97
C ALA B 677 -27.63 18.75 3.99
N THR B 678 -28.41 18.59 5.05
CA THR B 678 -29.28 17.44 5.17
C THR B 678 -30.22 17.31 3.99
N GLY B 679 -30.73 16.10 3.78
CA GLY B 679 -31.72 15.90 2.74
C GLY B 679 -31.36 14.87 1.71
N PHE B 680 -31.18 15.31 0.48
CA PHE B 680 -31.00 14.37 -0.60
C PHE B 680 -30.20 14.92 -1.79
N ASP B 681 -29.49 14.03 -2.49
CA ASP B 681 -28.62 14.40 -3.59
C ASP B 681 -29.11 13.83 -4.89
N PHE B 682 -29.64 14.69 -5.76
CA PHE B 682 -30.27 14.20 -6.98
C PHE B 682 -29.48 14.59 -8.21
N GLU B 683 -29.14 13.62 -9.05
CA GLU B 683 -28.35 13.93 -10.25
C GLU B 683 -29.13 13.76 -11.55
N LEU B 684 -29.59 14.90 -12.08
CA LEU B 684 -30.31 14.90 -13.35
C LEU B 684 -29.31 14.80 -14.50
N ILE B 685 -29.18 13.59 -15.01
CA ILE B 685 -28.17 13.27 -16.01
C ILE B 685 -28.74 13.36 -17.44
N ASP B 686 -28.00 14.03 -18.32
CA ASP B 686 -28.32 14.05 -19.75
C ASP B 686 -27.66 12.83 -20.43
N GLN B 687 -28.46 11.78 -20.60
CA GLN B 687 -27.95 10.51 -21.11
C GLN B 687 -28.13 10.33 -22.60
N ALA B 688 -28.19 11.46 -23.32
CA ALA B 688 -28.22 11.50 -24.79
C ALA B 688 -27.60 12.81 -25.28
N GLY B 689 -27.69 13.06 -26.58
CA GLY B 689 -27.17 14.31 -27.14
C GLY B 689 -27.88 15.57 -26.65
N LEU B 690 -27.43 16.71 -27.19
CA LEU B 690 -28.02 18.05 -26.92
C LEU B 690 -28.07 18.37 -25.41
N GLY B 691 -26.98 18.98 -24.94
CA GLY B 691 -26.67 19.09 -23.53
C GLY B 691 -27.34 20.22 -22.80
N HIS B 692 -26.52 21.13 -22.27
CA HIS B 692 -27.00 22.20 -21.39
C HIS B 692 -27.81 23.21 -22.17
N GLU B 693 -29.02 22.82 -22.56
CA GLU B 693 -30.11 23.72 -22.99
C GLU B 693 -31.37 22.92 -22.76
N LYS B 694 -31.52 21.84 -23.55
CA LYS B 694 -32.60 20.89 -23.36
C LYS B 694 -32.49 20.16 -22.03
N LEU B 695 -31.37 20.36 -21.32
CA LEU B 695 -31.24 19.87 -19.96
C LEU B 695 -31.80 20.88 -18.96
N THR B 696 -31.38 22.14 -19.08
CA THR B 696 -31.98 23.23 -18.26
C THR B 696 -33.49 23.34 -18.50
N GLN B 697 -33.91 23.08 -19.75
CA GLN B 697 -35.32 22.96 -20.08
C GLN B 697 -35.93 21.65 -19.55
N ALA B 698 -35.07 20.69 -19.20
CA ALA B 698 -35.53 19.42 -18.64
C ALA B 698 -35.48 19.43 -17.12
N ARG B 699 -34.75 20.39 -16.60
CA ARG B 699 -34.92 20.82 -15.23
C ARG B 699 -36.01 21.87 -15.35
N ASN B 700 -36.21 22.66 -14.31
CA ASN B 700 -37.24 23.70 -14.31
C ASN B 700 -38.61 23.04 -14.43
N GLN B 701 -38.74 22.17 -15.42
CA GLN B 701 -39.91 21.32 -15.52
C GLN B 701 -39.70 20.13 -14.59
N LEU B 702 -38.82 20.34 -13.59
CA LEU B 702 -38.62 19.42 -12.48
C LEU B 702 -38.91 20.17 -11.16
N LEU B 703 -38.40 21.38 -11.05
CA LEU B 703 -38.74 22.26 -9.92
C LEU B 703 -40.13 22.86 -10.12
N ALA B 704 -40.55 22.98 -11.39
CA ALA B 704 -41.96 23.17 -11.73
C ALA B 704 -42.60 21.81 -11.52
N GLU B 705 -43.26 21.70 -10.35
CA GLU B 705 -43.70 20.46 -9.71
C GLU B 705 -42.94 20.47 -8.40
N ALA B 706 -42.50 19.31 -7.91
CA ALA B 706 -41.57 19.24 -6.79
C ALA B 706 -41.86 20.24 -5.65
N ALA B 707 -41.25 21.43 -5.71
CA ALA B 707 -41.57 22.52 -4.76
C ALA B 707 -43.04 22.99 -5.02
N LYS B 708 -43.82 22.06 -5.58
CA LYS B 708 -45.26 22.13 -5.69
C LYS B 708 -45.90 21.24 -4.61
N HIS B 709 -45.10 20.42 -3.94
CA HIS B 709 -45.65 19.48 -2.95
C HIS B 709 -45.17 19.77 -1.51
N PRO B 710 -45.38 21.01 -0.98
CA PRO B 710 -44.87 21.36 0.37
C PRO B 710 -45.32 20.43 1.52
N ASP B 711 -46.30 19.58 1.23
CA ASP B 711 -46.70 18.47 2.11
C ASP B 711 -45.60 17.41 2.26
N MET B 712 -44.54 17.53 1.46
CA MET B 712 -43.45 16.55 1.38
C MET B 712 -42.10 17.22 1.11
N LEU B 713 -41.95 17.63 -0.14
CA LEU B 713 -40.78 18.30 -0.67
C LEU B 713 -40.78 19.72 -0.21
N THR B 714 -39.86 20.04 0.68
CA THR B 714 -39.80 21.39 1.22
C THR B 714 -38.88 22.35 0.40
N SER B 715 -37.57 22.18 0.48
CA SER B 715 -36.66 23.22 -0.03
C SER B 715 -36.02 23.02 -1.38
N VAL B 716 -36.06 21.80 -1.89
CA VAL B 716 -35.60 21.46 -3.24
C VAL B 716 -35.07 22.65 -4.05
N ARG B 717 -33.76 22.87 -4.01
CA ARG B 717 -33.12 23.85 -4.91
C ARG B 717 -32.17 23.16 -5.94
N PRO B 718 -31.80 23.88 -7.04
CA PRO B 718 -30.67 23.35 -7.83
C PRO B 718 -29.36 23.76 -7.15
N ASN B 719 -28.28 23.00 -7.36
CA ASN B 719 -27.03 23.28 -6.67
C ASN B 719 -26.07 24.12 -7.48
N GLY B 720 -26.20 24.03 -8.80
CA GLY B 720 -25.30 24.74 -9.72
C GLY B 720 -25.45 26.25 -9.78
N LEU B 721 -25.02 26.83 -10.89
CA LEU B 721 -25.18 28.27 -11.11
C LEU B 721 -25.98 28.56 -12.38
N GLU B 722 -27.11 29.25 -12.20
CA GLU B 722 -28.01 29.58 -13.29
C GLU B 722 -27.29 30.50 -14.26
N ASP B 723 -27.15 30.03 -15.50
CA ASP B 723 -26.41 30.68 -16.61
C ASP B 723 -25.86 32.11 -16.40
N THR B 724 -25.48 32.79 -17.47
CA THR B 724 -24.87 34.12 -17.31
C THR B 724 -24.57 34.85 -18.61
N PRO B 725 -24.50 36.20 -18.56
CA PRO B 725 -24.00 36.93 -19.72
C PRO B 725 -22.47 37.00 -19.75
N GLN B 726 -21.90 36.83 -20.94
CA GLN B 726 -20.48 37.05 -21.16
C GLN B 726 -20.32 38.15 -22.18
N PHE B 727 -19.32 38.99 -21.93
CA PHE B 727 -19.01 40.09 -22.79
C PHE B 727 -17.86 39.75 -23.70
N LYS B 728 -18.18 39.39 -24.94
CA LYS B 728 -17.17 38.98 -25.91
C LYS B 728 -16.42 40.16 -26.53
N ILE B 729 -15.20 40.39 -26.06
CA ILE B 729 -14.25 41.23 -26.79
C ILE B 729 -13.81 40.43 -28.01
N ASP B 730 -13.03 41.07 -28.88
CA ASP B 730 -12.82 40.52 -30.22
C ASP B 730 -11.76 41.33 -30.96
N ILE B 731 -10.49 40.96 -30.81
CA ILE B 731 -9.40 41.57 -31.59
C ILE B 731 -9.48 41.15 -33.07
N ASP B 732 -9.28 42.09 -33.98
CA ASP B 732 -9.45 41.78 -35.39
C ASP B 732 -8.12 41.69 -36.12
N GLN B 733 -7.17 41.10 -35.39
CA GLN B 733 -5.86 40.66 -35.87
C GLN B 733 -5.11 41.59 -36.82
N GLU B 734 -5.69 41.82 -38.01
CA GLU B 734 -5.02 42.59 -39.05
C GLU B 734 -5.43 44.07 -39.07
N LYS B 735 -6.66 44.35 -38.63
CA LYS B 735 -7.08 45.73 -38.51
C LYS B 735 -6.18 46.40 -37.47
N ALA B 736 -5.20 45.61 -37.00
CA ALA B 736 -4.18 46.03 -36.04
C ALA B 736 -2.77 45.85 -36.61
N GLN B 737 -2.59 44.79 -37.41
CA GLN B 737 -1.32 44.49 -38.10
C GLN B 737 -1.22 45.37 -39.35
N ALA B 738 -2.20 46.25 -39.50
CA ALA B 738 -2.13 47.35 -40.44
C ALA B 738 -1.47 48.52 -39.72
N LEU B 739 -1.93 48.78 -38.49
CA LEU B 739 -1.48 49.90 -37.65
C LEU B 739 -0.17 49.63 -36.91
N GLY B 740 0.55 48.59 -37.32
CA GLY B 740 1.87 48.25 -36.76
C GLY B 740 1.88 47.86 -35.30
N VAL B 741 0.82 47.17 -34.89
CA VAL B 741 0.66 46.80 -33.49
C VAL B 741 0.79 45.28 -33.29
N SER B 742 1.56 44.92 -32.28
CA SER B 742 1.86 43.53 -31.98
C SER B 742 0.68 42.81 -31.31
N ILE B 743 0.25 41.69 -31.92
CA ILE B 743 -0.83 40.80 -31.41
C ILE B 743 -0.54 40.22 -30.01
N ASN B 744 0.74 40.09 -29.68
CA ASN B 744 1.18 39.79 -28.33
C ASN B 744 0.92 40.99 -27.42
N ASP B 745 1.41 42.15 -27.83
CA ASP B 745 1.25 43.40 -27.08
C ASP B 745 -0.21 43.73 -26.79
N ILE B 746 -1.11 43.50 -27.74
CA ILE B 746 -2.56 43.60 -27.47
C ILE B 746 -2.96 42.71 -26.27
N ASN B 747 -2.68 41.40 -26.38
CA ASN B 747 -3.05 40.42 -25.36
C ASN B 747 -2.37 40.68 -24.02
N THR B 748 -1.04 40.82 -24.05
CA THR B 748 -0.26 41.07 -22.83
C THR B 748 -0.65 42.42 -22.18
N THR B 749 -1.69 43.07 -22.70
CA THR B 749 -2.24 44.28 -22.09
C THR B 749 -3.73 44.14 -21.81
N LEU B 750 -4.49 43.56 -22.73
CA LEU B 750 -5.91 43.45 -22.49
C LEU B 750 -6.14 42.71 -21.19
N GLY B 751 -5.45 41.57 -21.05
CA GLY B 751 -5.50 40.69 -19.87
C GLY B 751 -4.69 41.19 -18.70
N ALA B 752 -3.55 41.79 -18.97
CA ALA B 752 -2.70 42.33 -17.90
C ALA B 752 -3.46 43.34 -17.10
N ALA B 753 -4.24 44.16 -17.81
CA ALA B 753 -5.03 45.23 -17.21
C ALA B 753 -6.19 44.63 -16.45
N TRP B 754 -7.09 43.99 -17.19
CA TRP B 754 -8.36 43.54 -16.65
C TRP B 754 -8.29 42.32 -15.70
N GLY B 755 -7.30 41.47 -15.87
CA GLY B 755 -7.25 40.20 -15.13
C GLY B 755 -6.08 40.09 -14.18
N GLY B 756 -5.21 41.09 -14.20
CA GLY B 756 -4.00 41.10 -13.39
C GLY B 756 -2.99 40.21 -14.07
N SER B 757 -1.78 40.13 -13.52
CA SER B 757 -0.86 39.08 -13.95
C SER B 757 0.21 38.86 -12.91
N TYR B 758 0.45 37.60 -12.57
CA TYR B 758 1.63 37.18 -11.78
C TYR B 758 2.91 37.49 -12.58
N VAL B 759 3.83 38.21 -11.97
CA VAL B 759 5.07 38.59 -12.64
C VAL B 759 6.28 37.88 -11.97
N ASN B 760 6.41 38.07 -10.67
CA ASN B 760 7.54 37.57 -9.95
C ASN B 760 7.12 37.15 -8.59
N ASP B 761 8.13 36.83 -7.79
CA ASP B 761 8.00 36.79 -6.34
C ASP B 761 8.92 37.89 -5.80
N PHE B 762 8.60 38.32 -4.57
CA PHE B 762 9.41 39.26 -3.81
C PHE B 762 9.53 38.73 -2.38
N ILE B 763 10.36 39.36 -1.57
CA ILE B 763 10.69 38.80 -0.26
C ILE B 763 10.17 39.67 0.86
N ASP B 764 8.88 39.48 1.17
CA ASP B 764 8.15 40.20 2.24
C ASP B 764 8.57 39.72 3.61
N ARG B 765 9.11 40.65 4.40
CA ARG B 765 9.52 40.38 5.77
C ARG B 765 10.14 38.99 5.93
N GLY B 766 10.73 38.47 4.84
CA GLY B 766 11.39 37.15 4.83
C GLY B 766 10.64 35.96 4.23
N ARG B 767 9.38 36.15 3.87
CA ARG B 767 8.59 35.09 3.26
C ARG B 767 8.17 35.43 1.82
N VAL B 768 8.52 34.57 0.87
CA VAL B 768 8.26 34.79 -0.55
C VAL B 768 6.77 34.95 -0.84
N LYS B 769 6.36 36.11 -1.31
CA LYS B 769 4.94 36.34 -1.68
C LYS B 769 4.75 36.70 -3.16
N LYS B 770 3.53 36.62 -3.66
CA LYS B 770 3.35 36.82 -5.10
C LYS B 770 3.56 38.34 -5.50
N VAL B 771 3.53 38.66 -6.80
CA VAL B 771 3.73 40.03 -7.35
C VAL B 771 2.88 40.31 -8.58
N TYR B 772 1.69 40.86 -8.37
CA TYR B 772 0.76 41.05 -9.46
C TYR B 772 0.83 42.41 -10.10
N VAL B 773 0.21 42.49 -11.28
CA VAL B 773 0.19 43.68 -12.11
C VAL B 773 -1.18 43.71 -12.78
N MET B 774 -2.04 44.56 -12.22
CA MET B 774 -3.48 44.62 -12.56
C MET B 774 -3.87 46.07 -12.87
N SER B 775 -4.83 46.32 -13.76
CA SER B 775 -5.36 47.71 -13.87
C SER B 775 -5.87 48.27 -12.53
N GLU B 776 -5.84 49.59 -12.37
CA GLU B 776 -6.47 50.21 -11.19
C GLU B 776 -7.96 49.84 -11.07
N ALA B 777 -8.57 50.16 -9.95
CA ALA B 777 -9.95 49.75 -9.67
C ALA B 777 -10.90 50.02 -10.84
N LYS B 778 -11.01 51.29 -11.25
CA LYS B 778 -11.73 51.68 -12.50
C LYS B 778 -10.87 51.38 -13.75
N TYR B 779 -11.21 51.93 -14.92
CA TYR B 779 -10.65 51.48 -16.23
C TYR B 779 -10.81 49.97 -16.44
N ARG B 780 -11.36 49.30 -15.42
CA ARG B 780 -11.86 47.93 -15.51
C ARG B 780 -13.21 47.93 -14.82
N MET B 781 -14.27 47.82 -15.60
CA MET B 781 -15.61 47.83 -15.02
C MET B 781 -16.73 47.85 -16.05
N LEU B 782 -16.54 48.52 -17.17
CA LEU B 782 -17.63 48.71 -18.10
C LEU B 782 -17.16 48.77 -19.53
N PRO B 783 -17.95 48.23 -20.45
CA PRO B 783 -17.60 48.10 -21.86
C PRO B 783 -16.87 49.30 -22.47
N ASP B 784 -16.97 50.45 -21.83
CA ASP B 784 -16.40 51.66 -22.41
C ASP B 784 -15.07 52.01 -21.78
N ASP B 785 -14.74 51.31 -20.70
CA ASP B 785 -13.43 51.39 -20.10
C ASP B 785 -12.36 50.90 -21.05
N ILE B 786 -12.64 49.79 -21.71
CA ILE B 786 -11.78 49.26 -22.77
C ILE B 786 -11.19 50.40 -23.63
N GLY B 787 -11.99 51.44 -23.90
CA GLY B 787 -11.53 52.57 -24.72
C GLY B 787 -10.29 53.26 -24.16
N ASP B 788 -10.25 53.40 -22.84
CA ASP B 788 -9.14 54.04 -22.11
C ASP B 788 -7.71 53.49 -22.32
N TRP B 789 -7.61 52.23 -22.76
CA TRP B 789 -6.33 51.52 -22.87
C TRP B 789 -5.72 51.61 -24.27
N TYR B 790 -4.46 52.05 -24.32
CA TYR B 790 -3.75 52.25 -25.59
C TYR B 790 -2.45 51.44 -25.68
N VAL B 791 -2.20 50.87 -26.86
CA VAL B 791 -1.06 49.98 -27.08
C VAL B 791 -0.05 50.51 -28.09
N ARG B 792 1.24 50.31 -27.83
CA ARG B 792 2.30 50.79 -28.71
C ARG B 792 2.39 50.03 -30.04
N ALA B 793 2.44 50.80 -31.13
CA ALA B 793 2.77 50.29 -32.46
C ALA B 793 4.28 50.49 -32.72
N ALA B 794 4.82 49.75 -33.68
CA ALA B 794 6.28 49.72 -33.88
C ALA B 794 6.86 51.07 -34.26
N ASP B 795 6.06 51.91 -34.92
CA ASP B 795 6.47 53.28 -35.29
C ASP B 795 6.70 54.20 -34.09
N GLY B 796 5.95 53.96 -33.00
CA GLY B 796 6.01 54.79 -31.80
C GLY B 796 4.65 55.31 -31.39
N GLN B 797 3.67 55.20 -32.30
CA GLN B 797 2.30 55.68 -32.11
C GLN B 797 1.56 54.91 -31.01
N MET B 798 0.48 55.50 -30.48
CA MET B 798 -0.33 54.89 -29.42
C MET B 798 -1.80 54.66 -29.84
N VAL B 799 -2.17 53.41 -30.09
CA VAL B 799 -3.48 53.13 -30.68
C VAL B 799 -4.57 52.69 -29.67
N PRO B 800 -5.74 53.35 -29.73
CA PRO B 800 -6.94 53.06 -28.93
C PRO B 800 -7.47 51.68 -29.23
N PHE B 801 -7.87 50.96 -28.19
CA PHE B 801 -8.25 49.56 -28.37
C PHE B 801 -9.27 49.32 -29.48
N SER B 802 -9.98 50.38 -29.88
CA SER B 802 -11.01 50.31 -30.94
C SER B 802 -10.49 50.53 -32.36
N ALA B 803 -9.18 50.62 -32.53
CA ALA B 803 -8.57 50.61 -33.85
C ALA B 803 -8.56 49.17 -34.36
N PHE B 804 -8.68 48.22 -33.42
CA PHE B 804 -8.61 46.79 -33.75
C PHE B 804 -9.61 45.89 -33.01
N SER B 805 -10.43 46.44 -32.13
CA SER B 805 -11.38 45.60 -31.41
C SER B 805 -12.76 45.43 -32.07
N SER B 806 -13.77 45.23 -31.23
CA SER B 806 -15.11 44.83 -31.60
C SER B 806 -15.83 44.59 -30.27
N SER B 807 -17.07 44.10 -30.31
CA SER B 807 -17.84 43.77 -29.10
C SER B 807 -19.17 43.13 -29.45
N ARG B 808 -19.54 42.13 -28.66
CA ARG B 808 -20.83 41.46 -28.76
C ARG B 808 -21.27 41.15 -27.32
N TRP B 809 -22.33 40.37 -27.18
CA TRP B 809 -22.72 39.83 -25.88
C TRP B 809 -23.35 38.48 -26.15
N GLU B 810 -22.97 37.48 -25.35
CA GLU B 810 -23.55 36.15 -25.49
C GLU B 810 -23.86 35.58 -24.12
N TYR B 811 -24.74 34.57 -24.10
CA TYR B 811 -25.03 33.80 -22.88
C TYR B 811 -24.35 32.43 -22.90
N GLY B 812 -23.73 32.07 -21.79
CA GLY B 812 -23.21 30.73 -21.61
C GLY B 812 -23.47 30.21 -20.20
N SER B 813 -22.82 29.10 -19.86
CA SER B 813 -22.89 28.52 -18.51
C SER B 813 -21.64 28.92 -17.74
N PRO B 814 -21.82 29.25 -16.45
CA PRO B 814 -20.66 29.51 -15.62
C PRO B 814 -20.28 28.29 -14.76
N ARG B 815 -21.08 27.21 -14.84
CA ARG B 815 -20.94 26.05 -13.95
C ARG B 815 -21.52 24.82 -14.55
N LEU B 816 -20.69 24.15 -15.34
CA LEU B 816 -21.01 22.89 -15.99
C LEU B 816 -20.66 21.70 -15.13
N GLU B 817 -21.67 20.90 -14.77
CA GLU B 817 -21.46 19.75 -13.90
C GLU B 817 -21.40 18.47 -14.70
N ARG B 818 -21.00 17.40 -14.03
CA ARG B 818 -20.96 16.09 -14.64
C ARG B 818 -21.08 15.00 -13.58
N TYR B 819 -21.86 13.98 -13.90
CA TYR B 819 -21.93 12.78 -13.10
C TYR B 819 -21.59 11.63 -14.03
N ASN B 820 -20.85 10.69 -13.46
CA ASN B 820 -20.20 9.62 -14.17
C ASN B 820 -20.01 9.88 -15.66
N GLY B 821 -19.19 10.89 -15.98
CA GLY B 821 -18.79 11.15 -17.35
C GLY B 821 -19.78 11.97 -18.16
N LEU B 822 -21.06 11.62 -18.03
CA LEU B 822 -22.18 12.27 -18.71
C LEU B 822 -22.55 13.59 -18.00
N PRO B 823 -23.05 14.60 -18.79
CA PRO B 823 -23.45 15.94 -18.33
C PRO B 823 -24.69 15.90 -17.46
N SER B 824 -24.75 16.76 -16.47
CA SER B 824 -25.68 16.59 -15.38
C SER B 824 -25.91 17.87 -14.58
N MET B 825 -27.00 17.89 -13.82
CA MET B 825 -27.24 18.93 -12.82
C MET B 825 -27.57 18.31 -11.47
N GLU B 826 -26.98 18.86 -10.43
CA GLU B 826 -27.23 18.39 -9.09
C GLU B 826 -28.38 19.21 -8.56
N ILE B 827 -29.44 18.52 -8.15
CA ILE B 827 -30.59 19.14 -7.49
C ILE B 827 -30.68 18.66 -6.03
N LEU B 828 -30.84 19.61 -5.12
CA LEU B 828 -30.93 19.32 -3.69
C LEU B 828 -32.36 19.30 -3.13
N GLY B 829 -32.50 19.51 -1.82
CA GLY B 829 -33.82 19.56 -1.16
C GLY B 829 -33.91 18.72 0.09
N GLN B 830 -35.09 18.71 0.73
CA GLN B 830 -35.33 17.86 1.92
C GLN B 830 -36.80 17.47 2.21
N ALA B 831 -37.04 16.98 3.44
CA ALA B 831 -38.39 16.55 3.87
C ALA B 831 -38.69 16.71 5.40
N ALA B 832 -38.76 17.96 5.89
CA ALA B 832 -39.02 18.24 7.32
C ALA B 832 -40.51 18.59 7.68
N PRO B 833 -41.17 19.53 6.93
CA PRO B 833 -42.60 19.59 7.21
C PRO B 833 -43.30 18.47 6.45
N GLY B 834 -42.56 17.83 5.53
CA GLY B 834 -42.97 16.56 4.92
C GLY B 834 -42.95 15.44 5.95
N LYS B 835 -42.40 14.29 5.56
CA LYS B 835 -42.25 13.25 6.57
C LYS B 835 -40.80 12.76 6.63
N SER B 836 -40.53 11.60 6.03
CA SER B 836 -39.21 11.00 6.04
C SER B 836 -38.51 11.23 4.72
N THR B 837 -37.18 11.23 4.78
CA THR B 837 -36.32 11.41 3.59
C THR B 837 -36.63 10.38 2.50
N GLY B 838 -37.11 9.21 2.92
CA GLY B 838 -37.48 8.15 1.98
C GLY B 838 -38.61 8.57 1.06
N GLU B 839 -39.58 9.28 1.64
CA GLU B 839 -40.73 9.78 0.89
C GLU B 839 -40.29 10.86 -0.08
N ALA B 840 -39.44 11.76 0.41
CA ALA B 840 -38.86 12.82 -0.42
C ALA B 840 -38.10 12.26 -1.64
N MET B 841 -37.42 11.12 -1.45
CA MET B 841 -36.74 10.43 -2.55
C MET B 841 -37.74 9.73 -3.46
N GLU B 842 -38.67 8.95 -2.88
CA GLU B 842 -39.67 8.19 -3.65
C GLU B 842 -40.47 9.12 -4.56
N LEU B 843 -40.89 10.24 -3.98
CA LEU B 843 -41.69 11.24 -4.70
C LEU B 843 -40.91 11.82 -5.89
N MET B 844 -39.63 12.10 -5.65
CA MET B 844 -38.75 12.61 -6.68
C MET B 844 -38.60 11.61 -7.83
N GLU B 845 -38.60 10.32 -7.51
CA GLU B 845 -38.39 9.29 -8.52
C GLU B 845 -39.48 9.25 -9.57
N GLN B 846 -40.70 9.54 -9.13
CA GLN B 846 -41.84 9.64 -10.05
C GLN B 846 -41.68 10.89 -10.92
N LEU B 847 -41.62 12.05 -10.26
CA LEU B 847 -41.44 13.35 -10.92
C LEU B 847 -40.27 13.33 -11.91
N ALA B 848 -39.22 12.60 -11.53
CA ALA B 848 -38.07 12.38 -12.40
C ALA B 848 -38.49 11.86 -13.78
N SER B 849 -39.06 10.66 -13.84
CA SER B 849 -39.48 9.99 -15.09
C SER B 849 -40.57 10.73 -15.90
N LYS B 850 -40.46 12.06 -15.91
CA LYS B 850 -41.18 12.97 -16.79
C LYS B 850 -40.18 13.89 -17.53
N LEU B 851 -40.62 14.41 -18.68
CA LEU B 851 -39.80 15.21 -19.64
C LEU B 851 -38.48 14.57 -20.13
N PRO B 852 -38.36 13.22 -20.09
CA PRO B 852 -37.11 12.61 -20.48
C PRO B 852 -36.94 12.52 -22.00
N THR B 853 -36.85 11.30 -22.52
CA THR B 853 -36.42 11.01 -23.89
C THR B 853 -34.95 11.43 -24.02
N GLY B 854 -34.12 10.84 -23.16
CA GLY B 854 -32.71 11.18 -23.04
C GLY B 854 -32.36 11.52 -21.60
N VAL B 855 -33.23 12.29 -20.95
CA VAL B 855 -32.92 12.82 -19.63
C VAL B 855 -33.17 11.78 -18.54
N GLY B 856 -32.14 11.47 -17.77
CA GLY B 856 -32.22 10.47 -16.69
C GLY B 856 -31.74 10.98 -15.35
N TYR B 857 -31.64 10.08 -14.37
CA TYR B 857 -31.35 10.55 -13.02
C TYR B 857 -30.54 9.56 -12.18
N ASP B 858 -30.02 10.02 -11.03
CA ASP B 858 -29.36 9.16 -10.03
C ASP B 858 -29.27 9.82 -8.64
N TRP B 859 -28.78 9.05 -7.65
CA TRP B 859 -28.51 9.60 -6.31
C TRP B 859 -27.03 9.54 -5.88
N THR B 860 -26.68 10.38 -4.90
CA THR B 860 -25.30 10.55 -4.46
C THR B 860 -25.22 10.71 -2.95
N GLY B 861 -24.09 11.23 -2.48
CA GLY B 861 -23.87 11.60 -1.10
C GLY B 861 -24.72 10.78 -0.18
N MET B 862 -25.42 11.49 0.70
CA MET B 862 -26.31 10.88 1.67
C MET B 862 -27.34 9.99 1.00
N SER B 863 -27.84 10.44 -0.13
CA SER B 863 -28.90 9.72 -0.79
C SER B 863 -28.43 8.33 -1.16
N TYR B 864 -27.51 8.23 -2.12
CA TYR B 864 -27.02 6.93 -2.65
C TYR B 864 -26.68 5.90 -1.55
N GLN B 865 -26.31 6.38 -0.38
CA GLN B 865 -26.02 5.51 0.73
C GLN B 865 -27.29 5.02 1.41
N GLU B 866 -28.28 5.91 1.55
CA GLU B 866 -29.63 5.59 2.06
C GLU B 866 -30.41 4.67 1.13
N ARG B 867 -30.51 5.02 -0.16
CA ARG B 867 -31.02 4.08 -1.17
C ARG B 867 -30.45 2.68 -0.95
N LEU B 868 -29.11 2.57 -0.95
CA LEU B 868 -28.45 1.26 -0.87
C LEU B 868 -28.51 0.67 0.54
N SER B 869 -28.85 1.47 1.54
CA SER B 869 -29.22 0.95 2.87
C SER B 869 -30.56 0.22 2.84
N GLY B 870 -31.43 0.62 1.92
CA GLY B 870 -32.77 0.04 1.78
C GLY B 870 -32.73 -1.33 1.15
N ASN B 871 -32.69 -1.33 -0.18
CA ASN B 871 -32.53 -2.54 -1.02
C ASN B 871 -31.81 -3.75 -0.37
N GLN B 872 -30.85 -3.48 0.51
CA GLN B 872 -30.11 -4.56 1.17
C GLN B 872 -30.87 -5.30 2.25
N ALA B 873 -31.86 -4.63 2.87
CA ALA B 873 -32.58 -5.16 4.05
C ALA B 873 -33.36 -6.47 3.84
N PRO B 874 -34.14 -6.59 2.73
CA PRO B 874 -34.73 -7.89 2.39
C PRO B 874 -33.76 -9.06 2.63
N SER B 875 -32.64 -9.07 1.89
CA SER B 875 -31.53 -9.99 2.13
C SER B 875 -31.17 -10.09 3.63
N LEU B 876 -30.89 -8.95 4.27
CA LEU B 876 -30.34 -8.95 5.62
C LEU B 876 -31.18 -9.76 6.59
N TYR B 877 -32.49 -9.82 6.37
CA TYR B 877 -33.36 -10.56 7.29
C TYR B 877 -33.37 -12.04 6.94
N ALA B 878 -33.70 -12.34 5.71
CA ALA B 878 -33.66 -13.73 5.22
C ALA B 878 -32.37 -14.46 5.61
N ILE B 879 -31.24 -14.01 5.05
CA ILE B 879 -29.94 -14.62 5.32
C ILE B 879 -29.59 -14.61 6.80
N SER B 880 -30.20 -13.66 7.53
CA SER B 880 -30.07 -13.54 8.98
C SER B 880 -30.83 -14.65 9.69
N LEU B 881 -32.07 -14.88 9.24
CA LEU B 881 -32.93 -15.90 9.83
C LEU B 881 -32.40 -17.28 9.50
N ILE B 882 -32.17 -17.53 8.22
CA ILE B 882 -31.61 -18.81 7.76
C ILE B 882 -30.44 -19.29 8.65
N VAL B 883 -29.66 -18.34 9.19
CA VAL B 883 -28.55 -18.66 10.09
C VAL B 883 -29.07 -19.04 11.46
N VAL B 884 -30.05 -18.28 11.93
CA VAL B 884 -30.71 -18.56 13.20
C VAL B 884 -31.43 -19.90 13.16
N PHE B 885 -32.28 -20.10 12.13
CA PHE B 885 -32.98 -21.35 11.95
C PHE B 885 -31.98 -22.50 11.84
N LEU B 886 -30.95 -22.35 11.00
CA LEU B 886 -29.87 -23.37 10.91
C LEU B 886 -29.10 -23.59 12.20
N CYS B 887 -28.90 -22.52 12.98
CA CYS B 887 -28.27 -22.59 14.30
C CYS B 887 -29.03 -23.41 15.33
N LEU B 888 -30.34 -23.59 15.12
CA LEU B 888 -31.14 -24.35 16.07
C LEU B 888 -31.17 -25.83 15.70
N ALA B 889 -31.35 -26.10 14.41
CA ALA B 889 -31.34 -27.47 13.89
C ALA B 889 -30.03 -28.20 14.19
N ALA B 890 -29.23 -27.64 15.10
CA ALA B 890 -27.92 -28.16 15.40
C ALA B 890 -27.74 -28.10 16.89
N LEU B 891 -28.20 -27.00 17.48
CA LEU B 891 -28.07 -26.75 18.91
C LEU B 891 -28.90 -27.73 19.69
N TYR B 892 -30.00 -28.18 19.09
CA TYR B 892 -30.87 -29.17 19.72
C TYR B 892 -30.94 -30.47 18.92
N GLU B 893 -29.98 -30.67 18.03
CA GLU B 893 -29.87 -31.87 17.14
C GLU B 893 -31.22 -32.44 16.68
N SER B 894 -32.17 -31.53 16.49
CA SER B 894 -33.52 -31.84 16.05
C SER B 894 -33.94 -30.87 14.97
N TRP B 895 -34.37 -31.43 13.84
CA TRP B 895 -34.86 -30.67 12.69
C TRP B 895 -36.19 -29.96 13.02
N SER B 896 -36.82 -30.36 14.12
CA SER B 896 -38.22 -30.02 14.44
C SER B 896 -38.43 -28.71 15.18
N ILE B 897 -37.72 -28.55 16.29
CA ILE B 897 -37.95 -27.43 17.21
C ILE B 897 -37.50 -26.04 16.70
N PRO B 898 -36.71 -25.99 15.60
CA PRO B 898 -36.49 -24.65 15.07
C PRO B 898 -37.75 -24.06 14.40
N PHE B 899 -38.52 -24.86 13.66
CA PHE B 899 -39.79 -24.40 13.09
C PHE B 899 -40.71 -23.86 14.17
N SER B 900 -40.47 -24.31 15.40
CA SER B 900 -41.30 -24.00 16.58
C SER B 900 -40.87 -22.72 17.29
N VAL B 901 -39.60 -22.34 17.10
CA VAL B 901 -39.04 -21.09 17.64
C VAL B 901 -39.19 -19.99 16.58
N MET B 902 -38.88 -20.36 15.33
CA MET B 902 -39.03 -19.46 14.18
C MET B 902 -40.48 -19.11 13.97
N LEU B 903 -41.37 -19.62 14.83
CA LEU B 903 -42.78 -19.24 14.79
C LEU B 903 -43.10 -18.09 15.76
N VAL B 904 -42.09 -17.58 16.46
CA VAL B 904 -42.24 -16.45 17.42
C VAL B 904 -41.77 -15.13 16.82
N VAL B 905 -40.96 -15.24 15.77
CA VAL B 905 -40.36 -14.07 15.14
C VAL B 905 -41.36 -12.93 14.89
N PRO B 906 -42.50 -13.20 14.23
CA PRO B 906 -43.34 -12.06 13.92
C PRO B 906 -44.01 -11.44 15.15
N LEU B 907 -43.90 -12.10 16.30
CA LEU B 907 -44.43 -11.55 17.56
C LEU B 907 -43.70 -10.28 18.01
N GLY B 908 -42.37 -10.31 17.96
CA GLY B 908 -41.53 -9.13 18.23
C GLY B 908 -41.69 -8.03 17.19
N VAL B 909 -41.54 -8.39 15.92
CA VAL B 909 -41.55 -7.42 14.82
C VAL B 909 -42.94 -6.87 14.51
N ILE B 910 -43.82 -6.87 15.51
CA ILE B 910 -45.18 -6.33 15.34
C ILE B 910 -45.47 -5.27 16.39
N GLY B 911 -44.82 -5.42 17.54
CA GLY B 911 -44.83 -4.41 18.58
C GLY B 911 -43.58 -3.59 18.45
N ALA B 912 -42.64 -4.12 17.67
CA ALA B 912 -41.52 -3.32 17.22
C ALA B 912 -42.06 -2.40 16.14
N LEU B 913 -42.69 -3.00 15.14
CA LEU B 913 -43.31 -2.27 14.05
C LEU B 913 -44.37 -1.34 14.63
N LEU B 914 -45.07 -1.83 15.65
CA LEU B 914 -46.10 -1.07 16.37
C LEU B 914 -45.54 0.13 17.15
N ALA B 915 -44.59 -0.13 18.05
CA ALA B 915 -43.91 0.97 18.76
C ALA B 915 -43.28 1.84 17.70
N ALA B 916 -42.84 3.03 18.11
CA ALA B 916 -42.20 3.93 17.16
C ALA B 916 -43.19 4.42 16.09
N THR B 917 -43.90 3.51 15.42
CA THR B 917 -45.07 3.90 14.64
C THR B 917 -45.86 4.91 15.48
N PHE B 918 -45.97 4.61 16.78
CA PHE B 918 -46.42 5.56 17.84
C PHE B 918 -45.68 6.92 17.75
N ARG B 919 -44.36 6.92 18.01
CA ARG B 919 -43.56 8.17 18.02
C ARG B 919 -43.37 8.66 16.59
N GLY B 920 -42.58 9.72 16.40
CA GLY B 920 -42.29 10.22 15.04
C GLY B 920 -41.57 9.16 14.21
N LEU B 921 -40.81 8.34 14.92
CA LEU B 921 -39.87 7.36 14.41
C LEU B 921 -40.16 6.65 13.11
N THR B 922 -39.06 6.42 12.37
CA THR B 922 -39.06 5.94 10.98
C THR B 922 -38.20 4.68 10.76
N ASN B 923 -38.21 4.15 9.53
CA ASN B 923 -37.37 3.00 9.16
C ASN B 923 -35.89 3.35 8.94
N ASP B 924 -35.25 3.71 10.06
CA ASP B 924 -33.83 4.02 10.15
C ASP B 924 -32.97 2.87 9.74
N VAL B 925 -31.67 3.13 9.69
CA VAL B 925 -30.72 2.06 9.70
C VAL B 925 -30.84 1.41 11.09
N TYR B 926 -31.08 2.25 12.11
CA TYR B 926 -31.21 1.85 13.50
C TYR B 926 -32.44 0.96 13.75
N PHE B 927 -33.53 1.28 13.06
CA PHE B 927 -34.70 0.45 13.19
C PHE B 927 -34.36 -0.96 12.72
N GLN B 928 -33.63 -1.04 11.60
CA GLN B 928 -33.15 -2.30 11.03
C GLN B 928 -32.26 -3.08 12.01
N VAL B 929 -31.44 -2.35 12.78
CA VAL B 929 -30.67 -2.97 13.88
C VAL B 929 -31.64 -3.54 14.90
N GLY B 930 -32.53 -2.68 15.41
CA GLY B 930 -33.63 -3.09 16.29
C GLY B 930 -34.40 -4.31 15.81
N LEU B 931 -34.80 -4.34 14.54
CA LEU B 931 -35.56 -5.48 14.02
C LEU B 931 -34.76 -6.78 14.00
N LEU B 932 -33.47 -6.68 13.73
CA LEU B 932 -32.59 -7.85 13.83
C LEU B 932 -32.42 -8.20 15.29
N THR B 933 -32.64 -7.23 16.17
CA THR B 933 -32.45 -7.44 17.58
C THR B 933 -33.69 -8.08 18.19
N THR B 934 -34.86 -7.66 17.73
CA THR B 934 -36.13 -8.21 18.21
C THR B 934 -36.21 -9.70 17.90
N ILE B 935 -35.68 -10.10 16.74
CA ILE B 935 -35.53 -11.49 16.40
C ILE B 935 -34.87 -12.25 17.55
N GLY B 936 -33.64 -11.87 17.89
CA GLY B 936 -32.87 -12.60 18.90
C GLY B 936 -33.54 -12.68 20.26
N LEU B 937 -34.19 -11.59 20.66
CA LEU B 937 -34.93 -11.52 21.92
C LEU B 937 -36.09 -12.50 21.95
N SER B 938 -36.98 -12.38 20.97
CA SER B 938 -38.15 -13.25 20.88
C SER B 938 -37.75 -14.73 20.84
N ALA B 939 -36.69 -15.03 20.09
CA ALA B 939 -36.13 -16.38 20.01
C ALA B 939 -35.74 -16.90 21.39
N LYS B 940 -35.03 -16.06 22.15
CA LYS B 940 -34.67 -16.41 23.53
C LYS B 940 -35.91 -16.75 24.38
N ASN B 941 -36.94 -15.91 24.32
CA ASN B 941 -38.20 -16.20 25.02
C ASN B 941 -38.67 -17.62 24.73
N ALA B 942 -38.89 -17.91 23.46
CA ALA B 942 -39.21 -19.26 23.00
C ALA B 942 -38.25 -20.30 23.57
N ILE B 943 -36.95 -20.06 23.44
CA ILE B 943 -35.87 -20.97 23.92
C ILE B 943 -36.00 -21.39 25.40
N LEU B 944 -36.53 -20.47 26.21
CA LEU B 944 -36.66 -20.68 27.63
C LEU B 944 -37.79 -21.67 28.02
N ILE B 945 -38.63 -22.03 27.03
CA ILE B 945 -39.75 -22.97 27.23
C ILE B 945 -39.60 -24.27 26.44
N VAL B 946 -39.02 -24.16 25.25
CA VAL B 946 -38.79 -25.30 24.36
C VAL B 946 -37.52 -26.06 24.80
N GLU B 947 -36.63 -25.38 25.50
CA GLU B 947 -35.50 -26.04 26.16
C GLU B 947 -35.89 -26.48 27.58
N PHE B 948 -37.17 -26.80 27.76
CA PHE B 948 -37.66 -27.49 28.96
C PHE B 948 -38.89 -28.35 28.66
N ALA B 949 -39.55 -28.04 27.55
CA ALA B 949 -40.57 -28.91 27.02
C ALA B 949 -39.91 -30.13 26.37
N LYS B 950 -38.75 -29.92 25.74
CA LYS B 950 -38.02 -31.00 25.09
C LYS B 950 -37.21 -31.78 26.11
N ASP B 951 -36.85 -31.14 27.22
CA ASP B 951 -36.00 -31.77 28.23
C ASP B 951 -36.78 -32.70 29.16
N LEU B 952 -37.82 -32.15 29.80
CA LEU B 952 -38.74 -32.91 30.67
C LEU B 952 -39.73 -33.66 29.78
N MET B 953 -39.20 -34.55 28.96
CA MET B 953 -39.97 -35.27 27.97
C MET B 953 -39.05 -36.25 27.26
N ASP B 954 -37.74 -36.13 27.52
CA ASP B 954 -36.73 -36.91 26.82
C ASP B 954 -35.58 -37.30 27.72
N LYS B 955 -35.11 -36.34 28.50
CA LYS B 955 -34.05 -36.60 29.48
C LYS B 955 -34.65 -37.22 30.75
N GLU B 956 -35.99 -37.21 30.82
CA GLU B 956 -36.73 -37.86 31.89
C GLU B 956 -38.19 -38.05 31.51
N GLY B 957 -38.70 -39.27 31.66
CA GLY B 957 -40.11 -39.59 31.47
C GLY B 957 -40.78 -39.01 30.24
N LYS B 958 -41.96 -38.46 30.43
CA LYS B 958 -42.87 -38.12 29.34
C LYS B 958 -43.55 -36.76 29.52
N GLY B 959 -44.57 -36.52 28.68
CA GLY B 959 -45.38 -35.30 28.76
C GLY B 959 -45.87 -34.79 27.40
N LEU B 960 -46.62 -35.63 26.68
CA LEU B 960 -47.31 -35.24 25.43
C LEU B 960 -47.68 -33.73 25.48
N ILE B 961 -48.45 -33.38 26.52
CA ILE B 961 -48.81 -32.00 26.87
C ILE B 961 -48.52 -31.77 28.36
N GLU B 962 -48.22 -32.84 29.08
CA GLU B 962 -47.91 -32.74 30.50
C GLU B 962 -46.54 -32.10 30.71
N ALA B 963 -45.78 -31.97 29.62
CA ALA B 963 -44.45 -31.35 29.65
C ALA B 963 -44.46 -29.85 29.34
N THR B 964 -45.41 -29.44 28.49
CA THR B 964 -45.55 -28.05 28.05
C THR B 964 -46.23 -27.15 29.09
N LEU B 965 -47.03 -27.73 29.98
CA LEU B 965 -47.60 -27.02 31.14
C LEU B 965 -46.55 -26.97 32.25
N ASP B 966 -45.89 -28.10 32.44
CA ASP B 966 -44.82 -28.28 33.42
C ASP B 966 -43.68 -27.28 33.18
N ALA B 967 -43.45 -26.94 31.91
CA ALA B 967 -42.43 -25.96 31.53
C ALA B 967 -42.90 -24.50 31.65
N VAL B 968 -44.01 -24.15 30.98
CA VAL B 968 -44.56 -22.79 31.03
C VAL B 968 -44.46 -22.21 32.45
N ARG B 969 -44.91 -22.98 33.43
CA ARG B 969 -44.90 -22.55 34.84
C ARG B 969 -43.49 -22.51 35.42
N MET B 970 -42.68 -23.50 35.03
CA MET B 970 -41.32 -23.67 35.56
C MET B 970 -40.43 -22.45 35.35
N ARG B 971 -40.22 -22.09 34.10
CA ARG B 971 -39.44 -20.90 33.75
C ARG B 971 -40.34 -19.86 33.10
N LEU B 972 -40.98 -19.07 33.94
CA LEU B 972 -41.78 -17.94 33.50
C LEU B 972 -41.32 -16.73 34.28
N ARG B 973 -41.00 -16.92 35.55
CA ARG B 973 -40.25 -15.92 36.32
C ARG B 973 -38.99 -15.53 35.54
N PRO B 974 -38.17 -16.54 35.09
CA PRO B 974 -37.08 -16.25 34.16
C PRO B 974 -37.54 -15.36 33.02
N ILE B 975 -38.34 -15.90 32.11
CA ILE B 975 -38.87 -15.10 30.99
C ILE B 975 -39.41 -13.73 31.41
N LEU B 976 -39.87 -13.61 32.66
CA LEU B 976 -40.38 -12.33 33.14
C LEU B 976 -39.26 -11.35 33.48
N MET B 977 -38.43 -11.68 34.47
CA MET B 977 -37.32 -10.78 34.84
C MET B 977 -36.35 -10.52 33.69
N THR B 978 -36.12 -11.56 32.88
CA THR B 978 -35.14 -11.56 31.79
C THR B 978 -35.60 -10.78 30.55
N SER B 979 -36.87 -10.92 30.18
CA SER B 979 -37.42 -10.15 29.05
C SER B 979 -37.78 -8.72 29.45
N LEU B 980 -37.84 -8.48 30.76
CA LEU B 980 -38.11 -7.15 31.29
C LEU B 980 -36.80 -6.40 31.56
N ALA B 981 -35.75 -7.12 31.95
CA ALA B 981 -34.43 -6.52 32.21
C ALA B 981 -33.89 -5.72 31.03
N PHE B 982 -34.26 -6.14 29.82
CA PHE B 982 -34.01 -5.37 28.61
C PHE B 982 -34.91 -4.13 28.61
N ILE B 983 -36.22 -4.34 28.77
CA ILE B 983 -37.24 -3.26 28.79
C ILE B 983 -36.86 -2.07 29.67
N LEU B 984 -36.08 -2.33 30.72
CA LEU B 984 -35.67 -1.33 31.70
C LEU B 984 -34.21 -0.88 31.58
N GLY B 985 -33.49 -1.50 30.64
CA GLY B 985 -32.13 -1.07 30.32
C GLY B 985 -32.22 -0.14 29.13
N VAL B 986 -33.13 -0.47 28.22
CA VAL B 986 -33.41 0.30 27.02
C VAL B 986 -34.18 1.57 27.37
N MET B 987 -34.76 1.59 28.55
CA MET B 987 -35.54 2.75 28.99
C MET B 987 -34.77 4.04 28.76
N PRO B 988 -33.56 4.15 29.34
CA PRO B 988 -32.69 5.31 29.22
C PRO B 988 -32.56 5.94 27.84
N LEU B 989 -32.46 5.13 26.77
CA LEU B 989 -32.38 5.65 25.39
C LEU B 989 -33.68 6.28 24.92
N VAL B 990 -34.78 5.56 25.18
CA VAL B 990 -36.13 5.92 24.73
C VAL B 990 -36.56 7.26 25.35
N ILE B 991 -36.20 7.43 26.62
CA ILE B 991 -36.50 8.65 27.41
C ILE B 991 -35.57 9.84 27.15
N SER B 992 -34.42 9.58 26.52
CA SER B 992 -33.31 10.53 26.47
C SER B 992 -33.68 11.91 25.95
N THR B 993 -33.69 12.85 26.89
CA THR B 993 -33.76 14.27 26.61
C THR B 993 -32.31 14.78 26.58
N GLY B 994 -31.80 15.12 25.40
CA GLY B 994 -30.42 15.59 25.28
C GLY B 994 -29.93 16.02 23.91
N ALA B 995 -28.61 16.06 23.78
CA ALA B 995 -27.96 16.32 22.50
C ALA B 995 -27.70 15.00 21.83
N GLY B 996 -27.30 14.01 22.62
CA GLY B 996 -26.99 12.67 22.12
C GLY B 996 -28.14 11.88 21.51
N SER B 997 -29.37 12.34 21.78
CA SER B 997 -30.64 11.69 21.42
C SER B 997 -30.94 11.68 19.93
N GLY B 998 -32.21 11.49 19.56
CA GLY B 998 -32.62 11.42 18.15
C GLY B 998 -32.09 10.15 17.53
N ALA B 999 -30.91 9.73 18.02
CA ALA B 999 -30.35 8.40 17.80
C ALA B 999 -30.77 7.48 18.94
N GLN B 1000 -30.51 7.92 20.18
CA GLN B 1000 -30.97 7.17 21.34
C GLN B 1000 -32.45 6.80 21.20
N ASN B 1001 -33.27 7.80 20.89
CA ASN B 1001 -34.68 7.61 20.57
C ASN B 1001 -34.93 6.50 19.55
N ALA B 1002 -34.22 6.54 18.42
CA ALA B 1002 -34.48 5.65 17.29
C ALA B 1002 -33.93 4.24 17.48
N VAL B 1003 -32.95 4.10 18.37
CA VAL B 1003 -32.34 2.82 18.72
C VAL B 1003 -33.13 2.11 19.80
N GLY B 1004 -33.75 2.87 20.71
CA GLY B 1004 -34.54 2.32 21.82
C GLY B 1004 -36.00 1.97 21.51
N THR B 1005 -36.73 2.95 20.99
CA THR B 1005 -38.15 2.82 20.67
C THR B 1005 -38.41 1.84 19.54
N GLY B 1006 -38.81 0.62 19.88
CA GLY B 1006 -39.07 -0.37 18.86
C GLY B 1006 -38.24 -1.61 19.11
N VAL B 1007 -37.18 -1.46 19.88
CA VAL B 1007 -36.46 -2.59 20.42
C VAL B 1007 -36.82 -2.76 21.92
N MET B 1008 -37.73 -1.91 22.39
CA MET B 1008 -38.38 -2.10 23.69
C MET B 1008 -39.83 -2.49 23.44
N GLY B 1009 -40.49 -1.74 22.54
CA GLY B 1009 -41.82 -2.10 22.07
C GLY B 1009 -41.79 -3.51 21.53
N GLY B 1010 -40.83 -3.76 20.66
CA GLY B 1010 -40.60 -5.09 20.11
C GLY B 1010 -40.38 -6.18 21.14
N MET B 1011 -39.77 -5.83 22.27
CA MET B 1011 -39.53 -6.80 23.34
C MET B 1011 -40.83 -7.15 24.09
N VAL B 1012 -41.63 -6.14 24.44
CA VAL B 1012 -42.93 -6.36 25.14
C VAL B 1012 -43.86 -7.27 24.33
N THR B 1013 -44.23 -6.83 23.12
CA THR B 1013 -45.05 -7.62 22.20
C THR B 1013 -44.48 -9.03 21.92
N ALA B 1014 -43.25 -9.27 22.30
CA ALA B 1014 -42.67 -10.61 22.21
C ALA B 1014 -42.37 -11.16 23.60
N THR B 1015 -42.78 -10.43 24.64
CA THR B 1015 -42.83 -10.97 26.01
C THR B 1015 -44.27 -11.43 26.26
N VAL B 1016 -45.18 -10.46 26.37
CA VAL B 1016 -46.59 -10.73 26.65
C VAL B 1016 -47.12 -11.73 25.62
N LEU B 1017 -47.37 -11.26 24.41
CA LEU B 1017 -48.04 -12.04 23.39
C LEU B 1017 -47.34 -13.34 23.11
N ALA B 1018 -46.11 -13.46 23.60
CA ALA B 1018 -45.32 -14.69 23.44
C ALA B 1018 -45.89 -15.82 24.27
N ILE B 1019 -45.90 -15.64 25.61
CA ILE B 1019 -46.36 -16.66 26.57
C ILE B 1019 -47.64 -17.37 26.11
N PHE B 1020 -48.65 -16.60 25.72
CA PHE B 1020 -49.89 -17.19 25.25
C PHE B 1020 -49.82 -17.61 23.77
N PHE B 1021 -48.63 -17.99 23.31
CA PHE B 1021 -48.46 -18.37 21.92
C PHE B 1021 -47.37 -19.40 21.67
N VAL B 1022 -46.24 -19.28 22.36
CA VAL B 1022 -45.17 -20.28 22.23
C VAL B 1022 -45.61 -21.73 22.57
N PRO B 1023 -46.13 -21.98 23.79
CA PRO B 1023 -46.62 -23.34 24.10
C PRO B 1023 -47.59 -23.88 23.04
N VAL B 1024 -48.25 -22.97 22.33
CA VAL B 1024 -49.09 -23.29 21.19
C VAL B 1024 -48.31 -24.04 20.12
N PHE B 1025 -47.15 -23.50 19.75
CA PHE B 1025 -46.35 -23.99 18.62
C PHE B 1025 -45.71 -25.34 18.88
N PHE B 1026 -45.03 -25.48 20.02
CA PHE B 1026 -44.40 -26.74 20.43
C PHE B 1026 -45.37 -27.91 20.34
N VAL B 1027 -46.46 -27.86 21.13
CA VAL B 1027 -47.50 -28.93 21.12
C VAL B 1027 -48.16 -29.15 19.75
N VAL B 1028 -48.23 -28.10 18.94
CA VAL B 1028 -48.77 -28.19 17.59
C VAL B 1028 -47.76 -28.91 16.69
N VAL B 1029 -46.66 -28.25 16.36
CA VAL B 1029 -45.68 -28.82 15.40
C VAL B 1029 -44.99 -30.12 15.85
N ARG B 1030 -44.65 -30.20 17.13
CA ARG B 1030 -43.99 -31.39 17.69
C ARG B 1030 -44.84 -32.60 17.40
N ARG B 1031 -46.13 -32.47 17.70
CA ARG B 1031 -47.14 -33.48 17.42
C ARG B 1031 -47.51 -33.49 15.93
N ARG B 1032 -47.96 -32.34 15.41
CA ARG B 1032 -48.54 -32.23 14.07
C ARG B 1032 -47.62 -32.67 12.92
N PHE B 1033 -46.32 -32.83 13.20
CA PHE B 1033 -45.40 -33.40 12.21
C PHE B 1033 -45.35 -34.92 12.36
N SER B 1034 -45.78 -35.61 11.30
CA SER B 1034 -45.99 -37.08 11.26
C SER B 1034 -47.04 -37.58 12.28
N ARG B 1035 -48.30 -37.22 12.03
CA ARG B 1035 -49.43 -37.44 12.96
C ARG B 1035 -50.54 -38.33 12.37
N LYS B 1036 -51.02 -37.98 11.17
CA LYS B 1036 -52.20 -38.60 10.54
C LYS B 1036 -52.01 -40.07 10.19
N MET C 1 -3.86 -35.43 26.74
CA MET C 1 -2.78 -35.01 27.70
C MET C 1 -1.41 -35.53 27.24
N PRO C 2 -0.45 -35.73 28.18
CA PRO C 2 0.76 -36.45 27.75
C PRO C 2 0.51 -37.93 27.51
N ASN C 3 -0.61 -38.44 28.02
CA ASN C 3 -0.91 -39.87 27.90
C ASN C 3 -1.01 -40.39 26.46
N PHE C 4 -1.73 -39.68 25.59
CA PHE C 4 -1.74 -39.99 24.15
C PHE C 4 -0.32 -40.32 23.69
N PHE C 5 0.67 -39.73 24.36
CA PHE C 5 2.09 -39.79 23.94
C PHE C 5 3.05 -40.66 24.80
N ILE C 6 2.68 -40.95 26.06
CA ILE C 6 3.47 -41.87 26.90
C ILE C 6 3.34 -43.30 26.37
N ASP C 7 2.23 -43.56 25.67
CA ASP C 7 2.01 -44.84 24.99
C ASP C 7 2.39 -44.79 23.51
N ARG C 8 2.24 -43.63 22.86
CA ARG C 8 2.68 -43.47 21.46
C ARG C 8 3.72 -42.36 21.31
N PRO C 9 5.01 -42.68 21.59
CA PRO C 9 6.12 -41.72 21.53
C PRO C 9 6.83 -41.65 20.18
N ILE C 10 6.70 -42.70 19.36
CA ILE C 10 7.12 -42.67 17.97
C ILE C 10 6.48 -41.44 17.33
N PHE C 11 5.19 -41.26 17.62
CA PHE C 11 4.36 -40.11 17.23
C PHE C 11 4.87 -38.79 17.84
N ALA C 12 5.10 -38.78 19.15
CA ALA C 12 5.68 -37.65 19.86
C ALA C 12 7.02 -37.26 19.27
N TRP C 13 7.79 -38.28 18.88
CA TRP C 13 9.12 -38.07 18.28
C TRP C 13 9.00 -37.39 16.90
N VAL C 14 7.89 -37.65 16.19
CA VAL C 14 7.55 -36.97 14.95
C VAL C 14 7.25 -35.46 15.18
N ILE C 15 6.31 -35.17 16.09
CA ILE C 15 6.00 -33.80 16.47
C ILE C 15 7.26 -32.95 16.71
N ALA C 16 8.14 -33.38 17.60
CA ALA C 16 9.40 -32.70 17.81
C ALA C 16 10.21 -32.50 16.51
N ILE C 17 10.14 -33.48 15.60
CA ILE C 17 10.93 -33.41 14.35
C ILE C 17 10.30 -32.49 13.30
N ILE C 18 9.00 -32.65 13.01
CA ILE C 18 8.30 -31.64 12.20
C ILE C 18 8.67 -30.24 12.72
N ILE C 19 8.32 -29.94 13.97
CA ILE C 19 8.72 -28.68 14.57
C ILE C 19 10.17 -28.32 14.18
N MET C 20 11.13 -29.20 14.47
CA MET C 20 12.55 -28.97 14.10
C MET C 20 12.73 -28.63 12.61
N LEU C 21 11.94 -29.26 11.76
CA LEU C 21 12.01 -29.03 10.34
C LEU C 21 11.45 -27.68 9.99
N ALA C 22 10.42 -27.24 10.74
CA ALA C 22 9.84 -25.91 10.56
C ALA C 22 10.93 -24.84 10.78
N GLY C 23 11.41 -24.70 12.02
CA GLY C 23 12.50 -23.79 12.36
C GLY C 23 13.68 -23.96 11.43
N GLY C 24 13.89 -25.20 11.00
CA GLY C 24 14.88 -25.52 9.98
C GLY C 24 14.68 -24.74 8.70
N LEU C 25 13.44 -24.76 8.19
CA LEU C 25 13.08 -23.97 7.01
C LEU C 25 13.16 -22.50 7.35
N ALA C 26 12.41 -22.13 8.40
CA ALA C 26 12.20 -20.72 8.77
C ALA C 26 13.47 -19.92 9.08
N ILE C 27 14.62 -20.60 9.19
CA ILE C 27 15.91 -19.92 9.37
C ILE C 27 16.46 -19.55 7.99
N LEU C 28 16.34 -20.49 7.06
CA LEU C 28 16.89 -20.32 5.73
C LEU C 28 16.25 -19.13 5.04
N LYS C 29 14.99 -18.89 5.41
CA LYS C 29 14.16 -17.81 4.86
C LYS C 29 14.11 -16.55 5.77
N LEU C 30 14.03 -16.74 7.09
CA LEU C 30 13.97 -15.62 8.03
C LEU C 30 15.03 -14.55 7.78
N PRO C 31 14.63 -13.25 7.90
CA PRO C 31 15.53 -12.10 7.69
C PRO C 31 16.45 -11.73 8.86
N VAL C 32 17.75 -11.67 8.59
CA VAL C 32 18.71 -11.17 9.56
C VAL C 32 18.78 -9.66 9.54
N ALA C 33 18.72 -9.10 10.72
CA ALA C 33 18.95 -7.68 10.90
C ALA C 33 19.80 -7.54 12.16
N GLN C 34 20.54 -6.43 12.22
CA GLN C 34 21.33 -6.04 13.39
C GLN C 34 20.39 -5.99 14.58
N TYR C 35 19.38 -5.14 14.44
CA TYR C 35 18.41 -4.86 15.48
C TYR C 35 17.15 -4.55 14.61
N PRO C 36 15.99 -4.26 15.21
CA PRO C 36 14.93 -4.03 14.25
C PRO C 36 14.90 -2.58 13.79
N THR C 37 13.92 -2.27 12.95
CA THR C 37 13.56 -0.91 12.61
C THR C 37 13.02 -0.17 13.85
N ILE C 38 13.67 0.92 14.23
CA ILE C 38 13.12 1.76 15.30
C ILE C 38 12.95 3.17 14.79
N ALA C 39 13.73 3.49 13.75
CA ALA C 39 13.84 4.84 13.25
C ALA C 39 12.58 5.26 12.50
N PRO C 40 12.23 6.55 12.60
CA PRO C 40 11.05 6.95 11.85
C PRO C 40 11.46 7.21 10.40
N PRO C 41 10.56 6.96 9.44
CA PRO C 41 10.98 7.12 8.06
C PRO C 41 11.19 8.58 7.74
N ALA C 42 12.11 8.87 6.82
CA ALA C 42 12.37 10.26 6.43
C ALA C 42 12.53 10.48 4.91
N VAL C 43 11.49 11.04 4.28
CA VAL C 43 11.58 11.40 2.87
C VAL C 43 12.25 12.78 2.79
N THR C 44 13.15 12.95 1.82
CA THR C 44 14.07 14.09 1.84
C THR C 44 14.40 14.66 0.44
N ILE C 45 13.71 15.74 0.06
CA ILE C 45 13.86 16.42 -1.24
C ILE C 45 15.21 17.08 -1.31
N SER C 46 15.95 16.83 -2.37
CA SER C 46 17.24 17.51 -2.57
C SER C 46 17.12 18.32 -3.81
N ALA C 47 17.47 19.58 -3.78
CA ALA C 47 17.57 20.30 -5.04
C ALA C 47 18.89 21.01 -5.11
N SER C 48 19.35 21.34 -6.32
CA SER C 48 20.59 22.10 -6.46
C SER C 48 20.43 23.24 -7.44
N TYR C 49 20.92 24.41 -7.06
CA TYR C 49 20.91 25.59 -7.90
C TYR C 49 22.39 25.87 -8.03
N PRO C 50 22.95 25.63 -9.23
CA PRO C 50 24.41 25.74 -9.42
C PRO C 50 24.88 27.20 -9.44
N GLY C 51 25.90 27.48 -8.63
CA GLY C 51 26.46 28.82 -8.54
C GLY C 51 25.67 29.74 -7.63
N ALA C 52 24.49 29.28 -7.24
CA ALA C 52 23.64 30.06 -6.38
C ALA C 52 24.27 30.17 -4.98
N ASP C 53 23.91 31.24 -4.25
CA ASP C 53 24.63 31.68 -3.05
C ASP C 53 24.21 31.08 -1.72
N ALA C 54 22.90 31.09 -1.41
CA ALA C 54 22.32 30.44 -0.20
C ALA C 54 21.07 31.12 0.22
N LYS C 55 21.11 32.44 0.39
CA LYS C 55 19.87 33.19 0.50
C LYS C 55 19.04 32.99 -0.79
N THR C 56 19.73 32.96 -1.95
CA THR C 56 19.10 32.75 -3.26
C THR C 56 18.59 31.33 -3.42
N VAL C 57 19.38 30.35 -2.99
CA VAL C 57 18.88 28.98 -2.99
C VAL C 57 17.59 28.94 -2.19
N GLN C 58 17.60 29.54 -1.01
CA GLN C 58 16.43 29.58 -0.15
C GLN C 58 15.28 30.31 -0.76
N ASP C 59 15.51 31.55 -1.15
CA ASP C 59 14.40 32.44 -1.44
C ASP C 59 13.74 32.14 -2.78
N THR C 60 14.27 31.11 -3.46
CA THR C 60 13.99 30.81 -4.87
C THR C 60 13.65 29.33 -5.10
N VAL C 61 14.21 28.44 -4.27
CA VAL C 61 13.92 27.01 -4.32
C VAL C 61 13.27 26.58 -3.00
N THR C 62 14.09 26.54 -1.94
CA THR C 62 13.64 26.13 -0.58
C THR C 62 12.26 26.60 -0.13
N GLN C 63 11.99 27.90 -0.15
CA GLN C 63 10.72 28.46 0.31
C GLN C 63 9.65 27.94 -0.57
N VAL C 64 9.89 28.04 -1.87
CA VAL C 64 8.88 27.70 -2.88
C VAL C 64 8.41 26.27 -2.62
N ILE C 65 9.33 25.38 -2.29
CA ILE C 65 8.97 24.00 -1.97
C ILE C 65 8.13 23.88 -0.67
N GLU C 66 8.68 24.40 0.42
CA GLU C 66 8.04 24.29 1.74
C GLU C 66 6.58 24.72 1.70
N GLN C 67 6.35 25.92 1.18
CA GLN C 67 5.00 26.41 1.02
C GLN C 67 4.02 25.37 0.46
N ASN C 68 4.43 24.57 -0.52
CA ASN C 68 3.54 23.48 -0.97
C ASN C 68 3.69 22.23 -0.12
N MET C 69 4.75 22.16 0.66
CA MET C 69 4.94 21.01 1.51
C MET C 69 3.82 20.91 2.56
N ASN C 70 2.68 20.34 2.21
CA ASN C 70 1.61 20.21 3.20
C ASN C 70 0.47 19.27 2.79
N GLY C 71 -0.43 18.98 3.73
CA GLY C 71 -1.39 17.90 3.52
C GLY C 71 -0.60 16.63 3.26
N ILE C 72 0.39 16.37 4.11
CA ILE C 72 1.12 15.10 4.07
C ILE C 72 0.76 14.28 5.32
N ASP C 73 0.35 13.03 5.14
CA ASP C 73 -0.03 12.19 6.30
C ASP C 73 1.17 11.78 7.18
N ASN C 74 1.00 12.04 8.46
CA ASN C 74 1.91 11.59 9.50
C ASN C 74 3.21 12.31 9.44
N LEU C 75 3.15 13.57 9.02
CA LEU C 75 4.32 14.40 9.07
C LEU C 75 4.56 14.72 10.54
N MET C 76 5.74 14.40 11.04
CA MET C 76 6.09 14.84 12.39
C MET C 76 6.68 16.25 12.41
N TYR C 77 7.71 16.45 11.57
CA TYR C 77 8.25 17.78 11.26
C TYR C 77 9.06 17.78 9.96
N MET C 78 9.25 18.96 9.39
CA MET C 78 10.24 19.10 8.30
C MET C 78 11.33 20.14 8.58
N SER C 79 12.61 19.75 8.55
CA SER C 79 13.71 20.73 8.68
C SER C 79 14.32 20.83 7.32
N SER C 80 14.92 21.96 6.99
CA SER C 80 15.54 22.12 5.69
C SER C 80 16.82 22.91 5.78
N ASN C 81 17.79 22.61 4.90
CA ASN C 81 19.01 23.44 4.78
C ASN C 81 19.20 24.12 3.42
N SER C 82 19.88 25.26 3.41
CA SER C 82 20.20 25.94 2.16
C SER C 82 21.67 26.34 2.14
N ASP C 83 22.45 25.63 1.33
CA ASP C 83 23.90 25.81 1.24
C ASP C 83 24.29 27.06 0.49
N SER C 84 25.58 27.39 0.65
CA SER C 84 26.25 28.43 -0.11
C SER C 84 26.94 27.80 -1.33
N THR C 85 26.76 26.50 -1.47
CA THR C 85 27.12 25.79 -2.65
C THR C 85 25.83 25.54 -3.39
N GLY C 86 24.92 26.52 -3.39
CA GLY C 86 23.57 26.36 -3.96
C GLY C 86 22.89 24.98 -3.85
N THR C 87 22.37 24.65 -2.66
CA THR C 87 21.84 23.31 -2.40
C THR C 87 20.67 23.23 -1.43
N VAL C 88 19.47 23.00 -1.92
CA VAL C 88 18.43 22.77 -0.94
C VAL C 88 18.41 21.32 -0.53
N GLN C 89 18.05 21.11 0.72
CA GLN C 89 17.78 19.79 1.19
C GLN C 89 16.73 19.86 2.29
N ILE C 90 15.52 19.47 1.90
CA ILE C 90 14.34 19.55 2.75
C ILE C 90 14.02 18.14 3.16
N THR C 91 13.77 17.96 4.44
CA THR C 91 13.67 16.61 4.92
C THR C 91 12.53 16.41 5.92
N LEU C 92 11.46 15.79 5.43
CA LEU C 92 10.27 15.60 6.24
C LEU C 92 10.38 14.27 6.98
N THR C 93 10.43 14.33 8.30
CA THR C 93 10.52 13.11 9.09
C THR C 93 9.14 12.59 9.40
N PHE C 94 8.82 11.40 8.94
CA PHE C 94 7.48 10.87 9.24
C PHE C 94 7.40 10.06 10.53
N GLU C 95 6.20 9.95 11.06
CA GLU C 95 5.98 9.16 12.28
C GLU C 95 6.37 7.68 12.18
N SER C 96 6.82 7.11 13.30
CA SER C 96 7.27 5.72 13.32
C SER C 96 6.03 4.91 13.12
N GLY C 97 6.06 4.07 12.11
CA GLY C 97 4.84 3.42 11.65
C GLY C 97 4.58 3.72 10.18
N THR C 98 4.50 5.01 9.81
CA THR C 98 4.16 5.43 8.43
C THR C 98 4.84 4.59 7.37
N ASP C 99 4.08 4.37 6.29
CA ASP C 99 4.54 3.57 5.16
C ASP C 99 5.37 4.40 4.18
N ALA C 100 6.67 4.12 4.11
CA ALA C 100 7.56 4.96 3.32
C ALA C 100 7.14 5.08 1.85
N ASP C 101 6.59 4.01 1.30
CA ASP C 101 6.24 3.96 -0.10
C ASP C 101 5.23 5.03 -0.41
N ILE C 102 4.35 5.28 0.54
CA ILE C 102 3.35 6.32 0.41
C ILE C 102 3.92 7.65 0.88
N ALA C 103 4.56 7.65 2.02
CA ALA C 103 5.20 8.85 2.52
C ALA C 103 5.92 9.53 1.36
N GLN C 104 6.71 8.78 0.60
CA GLN C 104 7.40 9.31 -0.57
C GLN C 104 6.37 9.77 -1.60
N VAL C 105 5.38 8.91 -1.91
CA VAL C 105 4.33 9.28 -2.87
C VAL C 105 3.77 10.69 -2.61
N GLN C 106 3.37 10.93 -1.35
CA GLN C 106 2.80 12.19 -0.96
C GLN C 106 3.78 13.35 -1.16
N VAL C 107 4.99 13.25 -0.61
CA VAL C 107 5.94 14.35 -0.76
C VAL C 107 5.95 14.79 -2.21
N GLN C 108 6.19 13.84 -3.14
CA GLN C 108 6.34 14.14 -4.59
C GLN C 108 5.14 14.80 -5.27
N ASN C 109 3.93 14.44 -4.83
CA ASN C 109 2.68 15.05 -5.30
C ASN C 109 2.64 16.55 -5.01
N LYS C 110 3.13 16.93 -3.83
CA LYS C 110 3.16 18.32 -3.47
C LYS C 110 4.33 18.99 -4.14
N LEU C 111 5.42 18.25 -4.30
CA LEU C 111 6.57 18.72 -5.04
C LEU C 111 6.14 19.23 -6.43
N GLN C 112 5.49 18.35 -7.19
CA GLN C 112 5.22 18.60 -8.59
C GLN C 112 4.41 19.88 -8.87
N LEU C 113 3.70 20.38 -7.85
CA LEU C 113 2.92 21.62 -7.94
C LEU C 113 3.88 22.79 -7.90
N ALA C 114 5.01 22.56 -7.25
CA ALA C 114 6.03 23.58 -7.11
C ALA C 114 6.99 23.57 -8.31
N MET C 115 7.14 22.43 -8.96
CA MET C 115 8.17 22.31 -9.99
C MET C 115 8.17 23.41 -11.00
N PRO C 116 7.01 23.65 -11.68
CA PRO C 116 6.92 24.73 -12.68
C PRO C 116 7.35 26.07 -12.14
N LEU C 117 7.45 26.18 -10.81
CA LEU C 117 7.82 27.42 -10.18
C LEU C 117 9.30 27.48 -9.81
N LEU C 118 10.05 26.42 -10.09
CA LEU C 118 11.44 26.49 -9.73
C LEU C 118 12.22 27.25 -10.78
N PRO C 119 13.49 27.58 -10.52
CA PRO C 119 14.27 28.09 -11.63
C PRO C 119 14.49 26.97 -12.59
N GLN C 120 14.63 27.39 -13.84
CA GLN C 120 14.85 26.51 -14.95
C GLN C 120 16.12 25.77 -14.72
N GLU C 121 17.12 26.46 -14.18
CA GLU C 121 18.38 25.82 -13.87
C GLU C 121 18.22 24.79 -12.76
N VAL C 122 17.29 25.02 -11.83
CA VAL C 122 17.12 24.11 -10.71
C VAL C 122 16.39 22.85 -11.17
N GLN C 123 15.50 23.00 -12.16
CA GLN C 123 14.90 21.85 -12.84
C GLN C 123 15.95 21.07 -13.61
N GLN C 124 16.73 21.81 -14.38
CA GLN C 124 17.74 21.30 -15.30
C GLN C 124 18.71 20.34 -14.63
N GLN C 125 18.99 20.62 -13.35
CA GLN C 125 19.84 19.74 -12.53
C GLN C 125 19.09 18.49 -12.12
N GLY C 126 17.78 18.66 -11.99
CA GLY C 126 16.89 17.57 -11.60
C GLY C 126 16.78 17.53 -10.09
N VAL C 127 15.60 17.91 -9.61
CA VAL C 127 15.26 17.88 -8.19
C VAL C 127 15.22 16.39 -7.87
N SER C 128 15.28 16.00 -6.60
CA SER C 128 15.26 14.58 -6.29
C SER C 128 14.53 14.28 -5.01
N VAL C 129 13.80 13.17 -4.98
CA VAL C 129 13.01 12.83 -3.79
C VAL C 129 13.48 11.46 -3.31
N GLU C 130 13.86 11.36 -2.04
CA GLU C 130 14.34 10.08 -1.53
C GLU C 130 13.86 9.68 -0.17
N LYS C 131 13.96 8.36 0.04
CA LYS C 131 13.49 7.72 1.25
C LYS C 131 14.57 6.77 1.62
N SER C 132 15.43 7.18 2.56
CA SER C 132 16.59 6.40 2.92
C SER C 132 17.06 6.77 4.31
N SER C 133 17.78 5.83 4.91
CA SER C 133 18.51 6.13 6.11
C SER C 133 19.56 7.19 5.86
N SER C 134 19.83 7.95 6.90
CA SER C 134 20.78 9.06 6.86
C SER C 134 22.23 8.57 6.76
N SER C 135 22.56 7.55 7.56
CA SER C 135 23.91 7.00 7.68
C SER C 135 24.32 6.12 6.50
N PHE C 136 25.62 6.00 6.28
CA PHE C 136 26.09 5.18 5.15
C PHE C 136 26.08 3.70 5.51
N LEU C 137 25.35 2.90 4.71
CA LEU C 137 25.31 1.43 4.87
C LEU C 137 26.70 0.81 4.63
N MET C 138 27.52 1.49 3.83
CA MET C 138 28.74 0.92 3.28
C MET C 138 29.35 1.89 2.27
N VAL C 139 30.64 1.78 2.01
CA VAL C 139 31.26 2.61 0.97
C VAL C 139 32.13 1.73 0.10
N VAL C 140 31.87 1.78 -1.19
CA VAL C 140 32.65 0.98 -2.10
C VAL C 140 33.68 1.92 -2.66
N GLY C 141 34.94 1.49 -2.55
CA GLY C 141 36.07 2.27 -3.05
C GLY C 141 36.58 1.67 -4.32
N VAL C 142 37.16 2.52 -5.16
CA VAL C 142 37.70 2.04 -6.40
C VAL C 142 39.08 2.67 -6.55
N ILE C 143 40.08 1.82 -6.74
CA ILE C 143 41.49 2.23 -6.91
C ILE C 143 42.00 1.77 -8.28
N ASN C 144 43.12 2.33 -8.73
CA ASN C 144 43.84 1.69 -9.83
C ASN C 144 45.27 1.23 -9.44
N THR C 145 45.47 -0.08 -9.20
CA THR C 145 46.77 -0.59 -8.73
C THR C 145 47.90 -0.22 -9.68
N ASP C 146 47.62 -0.25 -10.98
CA ASP C 146 48.61 0.13 -12.00
C ASP C 146 49.12 1.59 -11.87
N GLY C 147 48.56 2.35 -10.91
CA GLY C 147 48.75 3.81 -10.86
C GLY C 147 48.43 4.52 -12.18
N THR C 148 47.84 3.80 -13.13
CA THR C 148 47.60 4.27 -14.51
C THR C 148 46.43 5.26 -14.70
N MET C 149 45.42 5.22 -13.83
CA MET C 149 44.29 6.17 -13.90
C MET C 149 44.32 7.22 -12.78
N THR C 150 43.76 8.41 -13.03
CA THR C 150 43.79 9.47 -12.02
C THR C 150 42.61 9.50 -11.02
N GLN C 151 42.53 10.57 -10.24
CA GLN C 151 41.38 10.86 -9.40
C GLN C 151 40.22 11.13 -10.35
N GLU C 152 40.45 12.04 -11.28
CA GLU C 152 39.46 12.41 -12.29
C GLU C 152 39.04 11.28 -13.24
N ASP C 153 39.90 10.29 -13.48
CA ASP C 153 39.50 9.14 -14.29
C ASP C 153 38.71 8.15 -13.44
N ILE C 154 39.25 7.79 -12.27
CA ILE C 154 38.65 6.73 -11.47
C ILE C 154 37.26 7.12 -11.01
N SER C 155 37.04 8.41 -10.82
CA SER C 155 35.72 8.87 -10.43
C SER C 155 34.79 8.63 -11.61
N ASP C 156 35.20 9.12 -12.77
CA ASP C 156 34.38 8.96 -13.95
C ASP C 156 34.13 7.53 -14.31
N TYR C 157 35.15 6.67 -14.23
CA TYR C 157 34.88 5.28 -14.56
C TYR C 157 33.63 4.95 -13.78
N VAL C 158 33.78 5.05 -12.46
CA VAL C 158 32.74 4.71 -11.50
C VAL C 158 31.34 5.20 -11.91
N ALA C 159 31.23 6.53 -12.11
CA ALA C 159 29.97 7.19 -12.44
C ALA C 159 29.35 6.62 -13.71
N ALA C 160 30.05 6.75 -14.84
CA ALA C 160 29.52 6.31 -16.15
C ALA C 160 29.26 4.84 -16.20
N ASN C 161 29.99 4.09 -15.36
CA ASN C 161 30.11 2.60 -15.46
C ASN C 161 29.63 1.64 -14.41
N MET C 162 29.57 2.11 -13.17
CA MET C 162 29.17 1.27 -12.07
C MET C 162 28.02 1.87 -11.24
N LYS C 163 27.85 3.19 -11.29
CA LYS C 163 26.86 3.86 -10.42
C LYS C 163 25.45 3.44 -10.75
N ASP C 164 25.00 3.78 -11.97
CA ASP C 164 23.59 3.65 -12.37
C ASP C 164 22.88 2.37 -11.93
N ALA C 165 23.61 1.24 -11.92
CA ALA C 165 23.05 -0.05 -11.50
C ALA C 165 22.92 -0.16 -9.95
N ILE C 166 23.93 0.35 -9.27
CA ILE C 166 23.93 0.25 -7.83
C ILE C 166 22.72 1.06 -7.44
N SER C 167 22.58 2.22 -8.09
CA SER C 167 21.47 3.15 -7.85
C SER C 167 20.12 2.52 -7.98
N ARG C 168 19.97 1.73 -9.06
CA ARG C 168 18.76 0.98 -9.37
C ARG C 168 18.59 -0.30 -8.54
N THR C 169 19.56 -0.62 -7.70
CA THR C 169 19.45 -1.85 -6.91
C THR C 169 18.45 -1.78 -5.75
N SER C 170 17.36 -2.54 -5.86
CA SER C 170 16.31 -2.49 -4.85
C SER C 170 16.88 -2.43 -3.43
N GLY C 171 16.28 -1.54 -2.63
CA GLY C 171 16.75 -1.20 -1.28
C GLY C 171 17.93 -0.23 -1.13
N VAL C 172 18.57 0.16 -2.23
CA VAL C 172 19.60 1.19 -2.21
C VAL C 172 18.95 2.58 -2.23
N GLY C 173 18.44 3.03 -1.08
CA GLY C 173 17.70 4.29 -1.00
C GLY C 173 18.46 5.45 -1.59
N ASP C 174 19.71 5.59 -1.22
CA ASP C 174 20.58 6.61 -1.80
C ASP C 174 22.02 6.12 -2.22
N VAL C 175 22.60 6.80 -3.23
CA VAL C 175 23.99 6.56 -3.61
C VAL C 175 24.80 7.85 -3.68
N GLN C 176 25.96 7.86 -3.04
CA GLN C 176 26.81 9.04 -3.15
C GLN C 176 28.05 8.86 -4.03
N LEU C 177 28.19 9.69 -5.05
CA LEU C 177 29.39 9.59 -5.87
C LEU C 177 30.55 10.41 -5.32
N PHE C 178 31.65 9.71 -5.05
CA PHE C 178 32.80 10.31 -4.36
C PHE C 178 33.78 10.93 -5.33
N GLY C 179 33.30 11.97 -5.96
CA GLY C 179 33.96 12.53 -7.09
C GLY C 179 32.93 13.00 -8.08
N SER C 180 33.34 13.25 -9.31
CA SER C 180 32.34 13.57 -10.31
C SER C 180 32.57 12.83 -11.58
N GLN C 181 31.48 12.57 -12.31
CA GLN C 181 31.51 12.07 -13.68
C GLN C 181 32.06 13.16 -14.59
N TYR C 182 32.60 12.77 -15.73
CA TYR C 182 33.12 13.73 -16.69
C TYR C 182 32.04 14.59 -17.36
N ALA C 183 32.50 15.65 -18.03
CA ALA C 183 31.60 16.60 -18.67
C ALA C 183 32.41 17.39 -19.64
N MET C 184 31.80 17.82 -20.72
CA MET C 184 32.56 18.63 -21.64
C MET C 184 32.79 19.94 -20.94
N ARG C 185 34.06 20.36 -20.86
CA ARG C 185 34.40 21.52 -20.03
C ARG C 185 34.99 22.61 -20.85
N ILE C 186 34.40 23.79 -20.75
CA ILE C 186 34.78 24.87 -21.62
C ILE C 186 35.24 25.99 -20.72
N TRP C 187 36.53 25.92 -20.40
CA TRP C 187 37.19 26.85 -19.53
C TRP C 187 37.50 28.17 -20.23
N MET C 188 36.50 29.04 -20.37
CA MET C 188 36.65 30.32 -21.07
C MET C 188 37.82 31.16 -20.58
N ASN C 189 38.35 31.94 -21.52
CA ASN C 189 39.37 32.95 -21.27
C ASN C 189 38.83 34.33 -21.64
N PRO C 190 38.85 35.27 -20.68
CA PRO C 190 38.16 36.57 -20.81
C PRO C 190 38.94 37.55 -21.66
N ASN C 191 40.25 37.37 -21.74
CA ASN C 191 41.06 38.26 -22.56
C ASN C 191 40.71 37.97 -24.00
N GLU C 192 40.89 36.71 -24.39
CA GLU C 192 40.51 36.25 -25.71
C GLU C 192 39.12 36.76 -26.09
N LEU C 193 38.13 36.33 -25.31
CA LEU C 193 36.75 36.68 -25.57
C LEU C 193 36.60 38.15 -25.84
N ASN C 194 37.39 38.97 -25.13
CA ASN C 194 37.43 40.43 -25.36
C ASN C 194 38.14 40.78 -26.65
N LYS C 195 39.30 40.15 -26.90
CA LYS C 195 40.04 40.39 -28.15
C LYS C 195 39.08 40.29 -29.33
N PHE C 196 38.51 39.10 -29.53
CA PHE C 196 37.65 38.83 -30.69
C PHE C 196 36.27 39.42 -30.49
N GLN C 197 36.02 39.96 -29.30
CA GLN C 197 34.78 40.70 -29.01
C GLN C 197 33.57 39.78 -28.84
N LEU C 198 33.68 38.88 -27.87
CA LEU C 198 32.65 37.90 -27.55
C LEU C 198 32.40 37.72 -26.03
N THR C 199 31.12 37.70 -25.69
CA THR C 199 30.64 37.39 -24.37
C THR C 199 30.54 35.87 -24.30
N PRO C 200 30.67 35.29 -23.08
CA PRO C 200 30.26 33.92 -22.84
C PRO C 200 28.89 33.63 -23.44
N VAL C 201 28.09 34.66 -23.68
CA VAL C 201 26.77 34.46 -24.28
C VAL C 201 26.95 33.90 -25.70
N ASP C 202 27.80 34.57 -26.48
CA ASP C 202 28.12 34.09 -27.80
C ASP C 202 28.57 32.63 -27.75
N VAL C 203 29.56 32.32 -26.92
CA VAL C 203 29.98 30.95 -26.71
C VAL C 203 28.84 30.01 -26.41
N ILE C 204 27.95 30.36 -25.48
CA ILE C 204 26.82 29.46 -25.22
C ILE C 204 26.01 29.33 -26.51
N THR C 205 25.42 30.44 -26.98
CA THR C 205 24.63 30.43 -28.21
C THR C 205 25.28 29.54 -29.27
N ALA C 206 26.59 29.69 -29.44
CA ALA C 206 27.38 28.83 -30.30
C ALA C 206 27.15 27.36 -29.96
N ILE C 207 27.59 26.92 -28.77
CA ILE C 207 27.51 25.50 -28.34
C ILE C 207 26.10 24.91 -28.48
N LYS C 208 25.08 25.74 -28.27
CA LYS C 208 23.71 25.25 -28.42
C LYS C 208 23.38 24.88 -29.85
N ALA C 209 23.90 25.64 -30.81
CA ALA C 209 23.61 25.36 -32.24
C ALA C 209 24.51 24.28 -32.90
N GLN C 210 25.79 24.25 -32.53
CA GLN C 210 26.70 23.27 -33.11
C GLN C 210 26.89 22.00 -32.26
N ASN C 211 26.15 21.89 -31.13
CA ASN C 211 26.14 20.65 -30.37
C ASN C 211 24.73 20.15 -30.19
N ALA C 212 24.13 19.71 -31.29
CA ALA C 212 22.71 19.41 -31.33
C ALA C 212 22.42 18.02 -31.85
N GLN C 213 21.14 17.66 -31.82
CA GLN C 213 20.63 16.36 -32.29
C GLN C 213 19.24 16.62 -32.87
N VAL C 214 19.23 17.00 -34.14
CA VAL C 214 18.00 17.32 -34.83
C VAL C 214 17.39 16.05 -35.32
N ALA C 215 16.08 15.94 -35.15
CA ALA C 215 15.33 14.99 -35.95
C ALA C 215 15.04 15.67 -37.27
N ALA C 216 15.72 15.15 -38.30
CA ALA C 216 15.37 15.43 -39.69
C ALA C 216 14.05 14.72 -39.92
N GLY C 217 13.76 14.26 -41.13
CA GLY C 217 12.54 13.48 -41.28
C GLY C 217 12.75 12.07 -41.75
N GLN C 218 12.20 11.80 -42.93
CA GLN C 218 12.21 10.49 -43.54
C GLN C 218 11.85 10.57 -45.05
N LEU C 219 12.66 9.91 -45.87
CA LEU C 219 12.49 9.85 -47.33
C LEU C 219 11.24 9.05 -47.74
N GLY C 220 11.05 7.89 -47.14
CA GLY C 220 9.89 7.08 -47.45
C GLY C 220 8.58 7.73 -47.08
N GLY C 221 8.66 8.89 -46.44
CA GLY C 221 7.49 9.70 -46.12
C GLY C 221 6.62 9.19 -44.98
N THR C 222 5.75 8.24 -45.31
CA THR C 222 4.40 8.14 -44.72
C THR C 222 3.60 9.33 -45.28
N PRO C 223 2.25 9.30 -45.16
CA PRO C 223 1.50 9.63 -46.35
C PRO C 223 2.46 9.58 -47.56
N PRO C 224 2.64 8.39 -48.16
CA PRO C 224 3.49 8.34 -49.33
C PRO C 224 2.74 8.87 -50.57
N VAL C 225 3.31 8.72 -51.76
CA VAL C 225 2.64 9.12 -52.99
C VAL C 225 2.31 7.93 -53.85
N LYS C 226 1.57 8.23 -54.94
CA LYS C 226 1.36 7.35 -56.09
C LYS C 226 1.76 5.97 -55.67
N GLY C 227 3.04 5.67 -55.85
CA GLY C 227 3.53 4.34 -55.60
C GLY C 227 5.01 4.45 -55.43
N GLN C 228 5.45 4.37 -54.19
CA GLN C 228 6.84 4.60 -53.87
C GLN C 228 7.47 3.37 -53.29
N GLN C 229 8.52 2.91 -53.95
CA GLN C 229 9.51 2.02 -53.33
C GLN C 229 10.59 2.95 -52.78
N LEU C 230 11.54 2.43 -52.01
CA LEU C 230 12.54 3.32 -51.35
C LEU C 230 11.96 4.20 -50.21
N ASN C 231 12.47 3.90 -49.01
CA ASN C 231 12.12 4.56 -47.75
C ASN C 231 13.28 4.41 -46.79
N ALA C 232 13.77 5.54 -46.30
CA ALA C 232 14.82 5.54 -45.27
C ALA C 232 14.79 6.89 -44.57
N SER C 233 15.43 6.97 -43.41
CA SER C 233 15.33 8.15 -42.57
C SER C 233 16.36 9.17 -43.00
N ILE C 234 16.07 10.45 -42.79
CA ILE C 234 17.06 11.50 -43.01
C ILE C 234 17.77 11.81 -41.71
N ILE C 235 19.08 12.01 -41.76
CA ILE C 235 19.89 12.20 -40.56
C ILE C 235 20.56 13.56 -40.64
N ALA C 236 20.18 14.45 -39.73
CA ALA C 236 20.79 15.77 -39.67
C ALA C 236 21.91 15.79 -38.63
N GLN C 237 22.14 16.92 -37.97
CA GLN C 237 23.25 17.07 -37.00
C GLN C 237 23.15 16.11 -35.87
N THR C 238 24.27 16.03 -35.16
CA THR C 238 24.55 14.97 -34.21
C THR C 238 25.45 15.51 -33.14
N ARG C 239 25.22 15.13 -31.91
CA ARG C 239 26.03 15.66 -30.80
C ARG C 239 27.51 15.30 -30.96
N LEU C 240 28.38 16.29 -30.78
CA LEU C 240 29.81 16.07 -30.93
C LEU C 240 30.24 15.11 -29.84
N THR C 241 31.40 14.51 -29.96
CA THR C 241 31.78 13.48 -29.02
C THR C 241 33.22 13.55 -28.53
N SER C 242 33.84 14.69 -28.80
CA SER C 242 35.25 14.84 -28.61
C SER C 242 35.60 16.27 -28.31
N THR C 243 36.30 16.46 -27.18
CA THR C 243 37.03 17.69 -26.90
C THR C 243 37.48 18.34 -28.20
N GLU C 244 37.98 17.50 -29.11
CA GLU C 244 38.46 17.94 -30.39
C GLU C 244 37.39 18.64 -31.25
N GLU C 245 36.21 18.04 -31.36
CA GLU C 245 35.16 18.59 -32.22
C GLU C 245 34.57 19.86 -31.61
N PHE C 246 34.38 19.85 -30.30
CA PHE C 246 33.92 21.03 -29.57
C PHE C 246 34.84 22.19 -29.86
N GLY C 247 36.13 21.89 -29.96
CA GLY C 247 37.14 22.88 -30.32
C GLY C 247 36.89 23.57 -31.66
N LYS C 248 36.73 22.76 -32.71
CA LYS C 248 36.56 23.30 -34.06
C LYS C 248 35.26 24.11 -34.24
N ILE C 249 34.52 24.35 -33.16
CA ILE C 249 33.27 25.11 -33.19
C ILE C 249 33.55 26.48 -33.80
N LEU C 250 32.57 27.08 -34.46
CA LEU C 250 32.77 28.33 -35.16
C LEU C 250 32.08 29.50 -34.44
N LEU C 251 32.88 30.29 -33.73
CA LEU C 251 32.39 31.46 -32.98
C LEU C 251 32.02 32.68 -33.86
N LYS C 252 32.93 33.05 -34.77
CA LYS C 252 32.69 34.08 -35.80
C LYS C 252 33.81 34.19 -36.87
N VAL C 253 33.36 34.49 -38.10
CA VAL C 253 34.21 34.98 -39.20
C VAL C 253 34.21 36.51 -39.20
N ASN C 254 35.38 37.11 -39.44
CA ASN C 254 35.56 38.56 -39.23
C ASN C 254 36.10 39.34 -40.45
N GLN C 255 36.58 40.56 -40.21
CA GLN C 255 37.19 41.41 -41.24
C GLN C 255 37.89 40.63 -42.36
N ASP C 256 39.07 40.12 -42.07
CA ASP C 256 39.85 39.37 -43.03
C ASP C 256 39.39 37.91 -43.04
N GLY C 257 40.15 37.06 -43.73
CA GLY C 257 39.85 35.62 -43.84
C GLY C 257 39.48 35.00 -42.52
N SER C 258 40.52 34.65 -41.74
CA SER C 258 40.48 34.33 -40.29
C SER C 258 39.14 33.97 -39.66
N ARG C 259 39.01 32.71 -39.23
CA ARG C 259 37.84 32.27 -38.50
C ARG C 259 38.16 32.31 -37.02
N VAL C 260 37.14 32.35 -36.18
CA VAL C 260 37.38 32.16 -34.75
C VAL C 260 36.62 30.98 -34.13
N LEU C 261 37.41 30.00 -33.75
CA LEU C 261 36.92 28.75 -33.23
C LEU C 261 36.79 28.85 -31.72
N LEU C 262 36.07 27.91 -31.13
CA LEU C 262 35.95 27.86 -29.67
C LEU C 262 37.32 27.56 -29.06
N ARG C 263 38.06 26.67 -29.70
CA ARG C 263 39.38 26.30 -29.26
C ARG C 263 40.25 27.54 -29.01
N ASP C 264 39.94 28.63 -29.72
CA ASP C 264 40.69 29.91 -29.74
C ASP C 264 40.56 30.80 -28.51
N VAL C 265 39.40 30.69 -27.85
CA VAL C 265 39.10 31.50 -26.70
C VAL C 265 38.53 30.65 -25.59
N ALA C 266 39.26 29.61 -25.18
CA ALA C 266 38.85 28.74 -24.09
C ALA C 266 39.56 27.42 -24.19
N LYS C 267 40.27 27.05 -23.13
CA LYS C 267 40.85 25.71 -23.06
C LYS C 267 39.66 24.79 -23.17
N ILE C 268 39.80 23.65 -23.81
CA ILE C 268 38.67 22.71 -23.92
C ILE C 268 39.13 21.35 -23.49
N GLU C 269 38.73 20.92 -22.30
CA GLU C 269 39.15 19.59 -21.87
C GLU C 269 38.03 18.77 -21.27
N LEU C 270 38.13 17.46 -21.42
CA LEU C 270 37.15 16.60 -20.84
C LEU C 270 37.44 16.59 -19.33
N GLY C 271 36.49 17.06 -18.54
CA GLY C 271 36.66 17.21 -17.09
C GLY C 271 35.42 17.05 -16.22
N GLY C 272 35.62 17.04 -14.90
CA GLY C 272 34.54 16.81 -13.94
C GLY C 272 33.34 17.74 -14.05
N GLU C 273 32.15 17.18 -13.86
CA GLU C 273 30.88 17.90 -13.88
C GLU C 273 30.97 18.94 -12.80
N ASN C 274 31.41 18.54 -11.61
CA ASN C 274 31.63 19.49 -10.52
C ASN C 274 32.60 19.02 -9.45
N TYR C 275 33.78 19.66 -9.38
CA TYR C 275 34.89 19.36 -8.43
C TYR C 275 34.65 19.88 -7.01
N ASP C 276 34.16 18.98 -6.17
CA ASP C 276 33.81 19.30 -4.82
C ASP C 276 34.34 18.16 -4.02
N ILE C 277 34.10 16.95 -4.51
CA ILE C 277 34.47 15.78 -3.77
C ILE C 277 35.72 15.12 -4.35
N ILE C 278 36.83 15.20 -3.60
CA ILE C 278 38.10 14.58 -3.96
C ILE C 278 38.50 13.58 -2.89
N ALA C 279 38.67 12.32 -3.27
CA ALA C 279 38.85 11.28 -2.28
C ALA C 279 40.07 10.43 -2.57
N GLU C 280 40.59 9.80 -1.52
CA GLU C 280 41.70 8.87 -1.70
C GLU C 280 41.74 7.81 -0.62
N PHE C 281 42.12 6.61 -1.05
CA PHE C 281 42.12 5.43 -0.22
C PHE C 281 43.54 5.18 0.21
N ASN C 282 43.79 5.40 1.50
CA ASN C 282 45.12 5.30 2.05
C ASN C 282 46.03 6.24 1.29
N GLY C 283 45.50 7.43 1.00
CA GLY C 283 46.30 8.53 0.49
C GLY C 283 46.69 8.47 -0.98
N GLN C 284 46.53 7.30 -1.60
CA GLN C 284 46.68 7.13 -3.06
C GLN C 284 45.31 7.35 -3.67
N PRO C 285 45.25 8.05 -4.85
CA PRO C 285 43.98 8.58 -5.36
C PRO C 285 42.95 7.52 -5.69
N ALA C 286 41.69 7.83 -5.35
CA ALA C 286 40.56 6.90 -5.56
C ALA C 286 39.17 7.55 -5.75
N SER C 287 38.16 6.75 -5.44
CA SER C 287 36.79 7.16 -5.62
C SER C 287 35.86 6.07 -5.11
N GLY C 288 34.57 6.33 -5.15
CA GLY C 288 33.65 5.27 -4.79
C GLY C 288 32.23 5.71 -4.57
N LEU C 289 31.38 4.71 -4.38
CA LEU C 289 29.98 4.94 -4.12
C LEU C 289 29.72 4.80 -2.63
N GLY C 290 29.30 5.88 -2.00
CA GLY C 290 28.80 5.80 -0.65
C GLY C 290 27.37 5.33 -0.75
N ILE C 291 26.95 4.38 0.08
CA ILE C 291 25.63 3.82 -0.07
C ILE C 291 24.76 3.86 1.19
N LYS C 292 23.56 4.46 1.05
CA LYS C 292 22.56 4.56 2.11
C LYS C 292 21.42 3.55 1.92
N LEU C 293 20.85 3.06 3.02
CA LEU C 293 19.84 1.97 2.94
C LEU C 293 18.44 2.52 2.83
N ALA C 294 17.72 2.08 1.79
CA ALA C 294 16.33 2.46 1.57
C ALA C 294 15.57 2.34 2.84
N THR C 295 14.81 3.38 3.16
CA THR C 295 13.98 3.37 4.36
C THR C 295 13.19 2.07 4.44
N GLY C 296 13.53 1.25 5.40
CA GLY C 296 12.80 0.01 5.56
C GLY C 296 13.47 -1.21 4.99
N ALA C 297 14.40 -0.99 4.06
CA ALA C 297 15.08 -2.09 3.37
C ALA C 297 15.88 -2.94 4.33
N ASN C 298 16.11 -4.20 3.98
CA ASN C 298 16.94 -5.06 4.82
C ASN C 298 18.44 -4.82 4.64
N ALA C 299 19.05 -4.42 5.75
CA ALA C 299 20.47 -4.04 5.82
C ALA C 299 21.39 -5.03 5.11
N LEU C 300 21.38 -6.29 5.55
CA LEU C 300 22.20 -7.36 4.98
C LEU C 300 21.76 -7.73 3.57
N ASP C 301 20.51 -8.20 3.44
CA ASP C 301 19.88 -8.54 2.14
C ASP C 301 20.30 -7.60 1.03
N THR C 302 20.50 -6.34 1.37
CA THR C 302 20.76 -5.37 0.34
C THR C 302 22.20 -5.47 -0.11
N ALA C 303 23.15 -5.47 0.85
CA ALA C 303 24.57 -5.59 0.50
C ALA C 303 24.81 -6.81 -0.38
N ALA C 304 24.17 -7.91 -0.02
CA ALA C 304 24.21 -9.14 -0.82
C ALA C 304 24.19 -8.79 -2.30
N ALA C 305 23.18 -8.01 -2.66
CA ALA C 305 22.93 -7.57 -4.05
C ALA C 305 23.99 -6.57 -4.55
N ILE C 306 24.36 -5.62 -3.69
CA ILE C 306 25.30 -4.61 -4.11
C ILE C 306 26.58 -5.26 -4.58
N ARG C 307 27.14 -6.17 -3.77
CA ARG C 307 28.43 -6.83 -4.09
C ARG C 307 28.32 -7.81 -5.26
N ALA C 308 27.09 -8.32 -5.41
CA ALA C 308 26.72 -9.16 -6.54
C ALA C 308 26.57 -8.38 -7.86
N GLU C 309 26.06 -7.16 -7.78
CA GLU C 309 25.96 -6.35 -8.99
C GLU C 309 27.41 -6.10 -9.35
N LEU C 310 28.17 -5.55 -8.39
CA LEU C 310 29.61 -5.29 -8.55
C LEU C 310 30.36 -6.46 -9.20
N ALA C 311 30.16 -7.67 -8.65
CA ALA C 311 30.66 -8.91 -9.26
C ALA C 311 30.46 -8.88 -10.77
N LYS C 312 29.23 -8.63 -11.21
CA LYS C 312 28.85 -8.65 -12.63
C LYS C 312 29.55 -7.62 -13.49
N MET C 313 30.30 -6.70 -12.89
CA MET C 313 30.93 -5.63 -13.67
C MET C 313 32.43 -5.48 -13.44
N GLU C 314 33.03 -6.53 -12.86
CA GLU C 314 34.47 -6.57 -12.59
C GLU C 314 35.23 -7.02 -13.82
N PRO C 315 34.76 -8.11 -14.46
CA PRO C 315 35.50 -8.65 -15.59
C PRO C 315 35.66 -7.63 -16.72
N PHE C 316 35.11 -6.42 -16.59
CA PHE C 316 35.27 -5.44 -17.66
C PHE C 316 36.02 -4.17 -17.28
N PHE C 317 36.47 -4.06 -16.04
CA PHE C 317 37.30 -2.92 -15.63
C PHE C 317 38.51 -2.74 -16.53
N PRO C 318 38.90 -1.49 -16.79
CA PRO C 318 40.20 -1.25 -17.41
C PRO C 318 41.43 -1.77 -16.61
N SER C 319 42.59 -1.64 -17.28
CA SER C 319 43.96 -1.90 -16.75
C SER C 319 44.04 -2.64 -15.41
N GLY C 320 44.35 -1.91 -14.34
CA GLY C 320 44.40 -2.46 -12.98
C GLY C 320 43.56 -1.61 -12.06
N LEU C 321 42.24 -1.65 -12.26
CA LEU C 321 41.26 -0.87 -11.50
C LEU C 321 40.49 -1.88 -10.68
N LYS C 322 40.57 -1.75 -9.37
CA LYS C 322 39.98 -2.75 -8.49
C LYS C 322 39.14 -2.14 -7.40
N ILE C 323 38.24 -2.98 -6.90
CA ILE C 323 37.33 -2.57 -5.87
C ILE C 323 38.05 -2.77 -4.58
N VAL C 324 37.93 -1.79 -3.68
CA VAL C 324 38.38 -1.94 -2.31
C VAL C 324 37.17 -1.63 -1.45
N TYR C 325 37.09 -2.26 -0.30
CA TYR C 325 35.92 -2.09 0.53
C TYR C 325 36.22 -1.40 1.83
N PRO C 326 36.53 -0.08 1.84
CA PRO C 326 36.76 0.63 3.11
C PRO C 326 35.55 0.55 4.05
N TYR C 327 35.25 1.61 4.80
CA TYR C 327 34.04 1.61 5.65
C TYR C 327 32.90 0.72 5.11
N ASP C 328 32.51 -0.28 5.89
CA ASP C 328 31.33 -1.10 5.61
C ASP C 328 30.79 -1.63 6.94
N THR C 329 29.51 -1.37 7.21
CA THR C 329 28.95 -1.78 8.49
C THR C 329 28.42 -3.21 8.52
N THR C 330 27.90 -3.68 7.40
CA THR C 330 27.37 -5.03 7.29
C THR C 330 28.16 -6.15 8.04
N PRO C 331 29.50 -6.28 7.84
CA PRO C 331 30.09 -7.53 8.31
C PRO C 331 29.89 -7.68 9.79
N PHE C 332 30.20 -6.65 10.58
CA PHE C 332 30.00 -6.75 12.01
C PHE C 332 28.69 -7.45 12.33
N VAL C 333 27.58 -6.99 11.74
CA VAL C 333 26.27 -7.57 11.98
C VAL C 333 26.19 -9.09 11.78
N LYS C 334 26.82 -9.59 10.72
CA LYS C 334 26.96 -11.04 10.55
C LYS C 334 27.76 -11.61 11.73
N ILE C 335 29.05 -11.28 11.80
CA ILE C 335 29.97 -11.78 12.83
C ILE C 335 29.30 -11.68 14.19
N SER C 336 28.61 -10.57 14.40
CA SER C 336 27.88 -10.27 15.62
C SER C 336 26.85 -11.35 15.98
N ILE C 337 25.92 -11.65 15.06
CA ILE C 337 24.83 -12.59 15.41
C ILE C 337 25.32 -14.04 15.52
N HIS C 338 26.36 -14.39 14.76
CA HIS C 338 26.96 -15.74 14.80
C HIS C 338 27.70 -15.96 16.10
N GLU C 339 28.35 -14.91 16.59
CA GLU C 339 28.95 -14.95 17.92
C GLU C 339 27.89 -15.29 18.97
N VAL C 340 26.69 -14.71 18.81
CA VAL C 340 25.61 -14.89 19.76
C VAL C 340 24.86 -16.16 19.49
N VAL C 341 25.25 -16.83 18.41
CA VAL C 341 24.72 -18.14 18.04
C VAL C 341 25.59 -19.24 18.62
N LYS C 342 26.92 -19.06 18.50
CA LYS C 342 27.89 -19.96 19.12
C LYS C 342 27.58 -20.08 20.61
N THR C 343 27.49 -18.93 21.28
CA THR C 343 27.26 -18.86 22.71
C THR C 343 25.77 -19.07 22.99
N LEU C 344 25.14 -19.80 22.08
CA LEU C 344 23.77 -20.24 22.16
C LEU C 344 23.79 -21.73 21.83
N VAL C 345 24.74 -22.12 20.97
CA VAL C 345 25.02 -23.54 20.72
C VAL C 345 25.80 -24.05 21.92
N GLU C 346 27.08 -23.66 22.01
CA GLU C 346 27.95 -24.14 23.09
C GLU C 346 27.28 -24.09 24.47
N ALA C 347 26.42 -23.09 24.67
CA ALA C 347 25.64 -22.99 25.89
C ALA C 347 24.65 -24.14 26.04
N ILE C 348 24.23 -24.74 24.93
CA ILE C 348 23.43 -25.99 24.99
C ILE C 348 24.32 -27.20 25.39
N ILE C 349 25.52 -27.24 24.82
CA ILE C 349 26.56 -28.23 25.17
C ILE C 349 26.82 -28.28 26.68
N LEU C 350 26.99 -27.11 27.31
CA LEU C 350 27.20 -27.02 28.75
C LEU C 350 25.97 -27.45 29.52
N VAL C 351 24.79 -27.02 29.08
CA VAL C 351 23.58 -27.51 29.72
C VAL C 351 23.34 -28.95 29.28
N PHE C 352 24.42 -29.72 29.35
CA PHE C 352 24.42 -31.17 29.13
C PHE C 352 25.49 -31.78 30.01
N LEU C 353 26.63 -31.09 30.12
CA LEU C 353 27.68 -31.49 31.04
C LEU C 353 27.16 -31.39 32.49
N VAL C 354 26.75 -30.20 32.93
CA VAL C 354 26.09 -30.03 34.26
C VAL C 354 24.88 -30.94 34.42
N MET C 355 24.36 -31.40 33.29
CA MET C 355 23.26 -32.33 33.28
C MET C 355 23.70 -33.75 33.54
N TYR C 356 25.01 -33.99 33.40
CA TYR C 356 25.57 -35.33 33.54
C TYR C 356 26.11 -35.59 34.94
N LEU C 357 26.66 -34.53 35.53
CA LEU C 357 27.17 -34.52 36.90
C LEU C 357 26.04 -34.75 37.92
N PHE C 358 24.79 -34.74 37.43
CA PHE C 358 23.61 -34.88 38.30
C PHE C 358 22.72 -36.05 37.90
N LEU C 359 23.11 -36.77 36.85
CA LEU C 359 22.29 -37.89 36.34
C LEU C 359 23.12 -39.15 36.09
N GLN C 360 24.31 -38.98 35.52
CA GLN C 360 25.26 -40.07 35.23
C GLN C 360 24.72 -41.19 34.31
N ASN C 361 23.48 -41.04 33.86
CA ASN C 361 22.92 -41.85 32.78
C ASN C 361 23.05 -41.07 31.46
N PHE C 362 23.44 -41.76 30.39
CA PHE C 362 23.60 -41.16 29.06
C PHE C 362 22.26 -40.66 28.48
N ARG C 363 21.33 -41.59 28.24
CA ARG C 363 20.03 -41.31 27.63
C ARG C 363 19.05 -40.56 28.55
N ALA C 364 19.48 -40.27 29.77
CA ALA C 364 18.69 -39.48 30.69
C ALA C 364 19.24 -38.07 30.71
N THR C 365 20.51 -37.94 30.32
CA THR C 365 21.13 -36.65 30.15
C THR C 365 21.19 -36.33 28.65
N LEU C 366 20.47 -37.14 27.88
CA LEU C 366 20.25 -36.82 26.49
C LEU C 366 18.75 -36.58 26.29
N ILE C 367 18.01 -36.62 27.39
CA ILE C 367 16.57 -36.44 27.36
C ILE C 367 16.11 -35.00 27.60
N PRO C 368 16.98 -34.18 28.23
CA PRO C 368 16.65 -32.77 28.36
C PRO C 368 17.41 -31.94 27.32
N THR C 369 18.65 -32.33 27.06
CA THR C 369 19.52 -31.57 26.18
C THR C 369 19.25 -31.96 24.72
N ILE C 370 18.07 -32.56 24.48
CA ILE C 370 17.56 -32.72 23.12
C ILE C 370 16.18 -32.06 22.98
N ALA C 371 15.56 -31.75 24.13
CA ALA C 371 14.29 -31.02 24.15
C ALA C 371 14.49 -29.56 24.57
N VAL C 372 15.60 -28.99 24.14
CA VAL C 372 15.84 -27.56 24.29
C VAL C 372 16.16 -26.98 22.91
N PRO C 373 17.02 -27.66 22.12
CA PRO C 373 17.08 -27.22 20.73
C PRO C 373 15.76 -27.45 19.98
N VAL C 374 14.92 -28.37 20.47
CA VAL C 374 13.58 -28.55 19.89
C VAL C 374 12.71 -27.34 20.20
N VAL C 375 12.69 -26.92 21.47
CA VAL C 375 11.90 -25.77 21.86
C VAL C 375 12.36 -24.47 21.14
N LEU C 376 13.67 -24.33 20.92
CA LEU C 376 14.23 -23.15 20.26
C LEU C 376 14.00 -23.17 18.74
N LEU C 377 14.44 -24.24 18.06
CA LEU C 377 14.19 -24.41 16.62
C LEU C 377 12.73 -24.11 16.28
N GLY C 378 11.85 -24.44 17.22
CA GLY C 378 10.42 -24.18 17.07
C GLY C 378 10.10 -22.72 17.14
N THR C 379 10.85 -22.00 17.97
CA THR C 379 10.68 -20.57 18.15
C THR C 379 11.03 -19.79 16.86
N PHE C 380 12.21 -20.06 16.29
CA PHE C 380 12.63 -19.45 15.02
C PHE C 380 11.49 -19.42 14.02
N ALA C 381 10.70 -20.51 13.97
CA ALA C 381 9.50 -20.60 13.12
C ALA C 381 8.37 -19.75 13.67
N VAL C 382 8.13 -19.83 14.98
CA VAL C 382 7.14 -18.97 15.66
C VAL C 382 7.35 -17.48 15.36
N LEU C 383 8.61 -17.04 15.43
CA LEU C 383 8.99 -15.69 15.03
C LEU C 383 8.75 -15.51 13.54
N ALA C 384 9.24 -16.44 12.73
CA ALA C 384 9.08 -16.35 11.28
C ALA C 384 7.62 -16.14 10.91
N ALA C 385 6.72 -16.83 11.62
CA ALA C 385 5.29 -16.71 11.37
C ALA C 385 4.80 -15.33 11.78
N PHE C 386 4.87 -15.05 13.09
CA PHE C 386 4.51 -13.74 13.64
C PHE C 386 5.09 -12.61 12.79
N GLY C 387 6.23 -12.86 12.15
CA GLY C 387 6.80 -11.93 11.17
C GLY C 387 8.01 -11.12 11.59
N PHE C 388 8.62 -11.48 12.73
CA PHE C 388 9.87 -10.86 13.24
C PHE C 388 11.13 -11.38 12.52
N SER C 389 12.29 -10.92 12.96
CA SER C 389 13.54 -11.35 12.34
C SER C 389 14.46 -11.99 13.35
N ILE C 390 15.39 -12.77 12.82
CA ILE C 390 16.60 -13.17 13.54
C ILE C 390 17.44 -11.91 13.78
N ASN C 391 17.30 -11.31 14.96
CA ASN C 391 18.13 -10.14 15.28
C ASN C 391 18.84 -10.25 16.63
N THR C 392 19.73 -9.30 16.92
CA THR C 392 20.49 -9.34 18.17
C THR C 392 19.60 -9.41 19.40
N LEU C 393 18.49 -8.67 19.40
CA LEU C 393 17.60 -8.70 20.55
C LEU C 393 16.88 -10.05 20.60
N THR C 394 16.72 -10.64 19.43
CA THR C 394 15.96 -11.87 19.26
C THR C 394 16.75 -13.05 19.81
N MET C 395 18.05 -13.03 19.59
CA MET C 395 18.96 -14.07 20.09
C MET C 395 19.10 -14.05 21.60
N PHE C 396 19.49 -12.92 22.18
CA PHE C 396 19.38 -12.79 23.63
C PHE C 396 17.96 -13.08 24.17
N GLY C 397 17.03 -13.30 23.27
CA GLY C 397 15.72 -13.78 23.67
C GLY C 397 15.82 -15.28 23.74
N MET C 398 16.71 -15.86 22.94
CA MET C 398 16.92 -17.31 22.90
C MET C 398 17.72 -17.78 24.12
N VAL C 399 18.94 -17.25 24.23
CA VAL C 399 19.86 -17.64 25.30
C VAL C 399 19.16 -17.52 26.67
N LEU C 400 18.59 -16.36 26.96
CA LEU C 400 17.77 -16.16 28.16
C LEU C 400 16.65 -17.18 28.26
N ALA C 401 16.00 -17.46 27.12
CA ALA C 401 14.91 -18.45 27.08
C ALA C 401 15.41 -19.81 27.49
N ILE C 402 16.66 -20.12 27.11
CA ILE C 402 17.30 -21.42 27.42
C ILE C 402 17.08 -21.77 28.88
N GLY C 403 17.49 -20.87 29.78
CA GLY C 403 17.25 -21.04 31.20
C GLY C 403 15.86 -21.59 31.48
N LEU C 404 14.84 -20.86 31.02
CA LEU C 404 13.43 -21.20 31.25
C LEU C 404 13.02 -22.52 30.64
N LEU C 405 13.66 -22.84 29.53
CA LEU C 405 13.31 -24.02 28.77
C LEU C 405 13.84 -25.27 29.44
N VAL C 406 15.02 -25.17 30.05
CA VAL C 406 15.61 -26.30 30.76
C VAL C 406 14.88 -26.55 32.07
N ASP C 407 14.74 -25.52 32.93
CA ASP C 407 13.94 -25.65 34.16
C ASP C 407 12.50 -26.16 33.91
N ASP C 408 12.28 -26.75 32.74
CA ASP C 408 10.99 -27.31 32.34
C ASP C 408 11.17 -28.77 31.90
N ALA C 409 12.36 -29.08 31.40
CA ALA C 409 12.74 -30.46 31.14
C ALA C 409 13.24 -31.06 32.45
N ILE C 410 14.05 -30.30 33.18
CA ILE C 410 14.59 -30.70 34.47
C ILE C 410 13.47 -31.19 35.36
N VAL C 411 12.53 -30.30 35.66
CA VAL C 411 11.29 -30.67 36.37
C VAL C 411 10.75 -32.07 36.03
N VAL C 412 10.47 -32.33 34.75
CA VAL C 412 9.81 -33.57 34.30
C VAL C 412 10.76 -34.79 34.26
N VAL C 413 11.92 -34.63 33.63
CA VAL C 413 12.84 -35.75 33.41
C VAL C 413 13.75 -36.01 34.62
N GLU C 414 13.28 -35.57 35.78
CA GLU C 414 13.86 -35.92 37.09
C GLU C 414 12.75 -36.20 38.07
N ASN C 415 11.52 -35.96 37.62
CA ASN C 415 10.34 -36.29 38.42
C ASN C 415 10.21 -37.79 38.57
N VAL C 416 10.87 -38.52 37.68
CA VAL C 416 10.98 -39.98 37.76
C VAL C 416 12.25 -40.42 38.52
N GLU C 417 13.22 -39.52 38.66
CA GLU C 417 14.42 -39.75 39.46
C GLU C 417 14.11 -39.66 40.96
N ARG C 418 13.01 -39.02 41.32
CA ARG C 418 12.52 -39.09 42.69
C ARG C 418 11.77 -40.40 42.84
N VAL C 419 10.88 -40.72 41.89
CA VAL C 419 9.99 -41.89 42.01
C VAL C 419 10.55 -43.21 41.44
N MET C 420 11.88 -43.28 41.25
CA MET C 420 12.59 -44.57 41.21
C MET C 420 12.99 -44.89 42.67
N ALA C 421 13.32 -43.84 43.43
CA ALA C 421 13.55 -43.93 44.87
C ALA C 421 12.28 -43.62 45.68
N GLU C 422 11.22 -44.38 45.40
CA GLU C 422 9.93 -44.29 46.08
C GLU C 422 9.14 -45.56 45.77
N GLU C 423 9.11 -45.92 44.49
CA GLU C 423 8.43 -47.13 44.07
C GLU C 423 9.23 -48.37 44.44
N GLY C 424 10.55 -48.33 44.21
CA GLY C 424 11.42 -49.50 44.36
C GLY C 424 11.70 -50.18 43.02
N LEU C 425 10.63 -50.41 42.25
CA LEU C 425 10.68 -51.00 40.87
C LEU C 425 10.38 -49.99 39.70
N PRO C 426 9.09 -49.80 39.32
CA PRO C 426 8.66 -49.34 37.98
C PRO C 426 9.28 -48.05 37.41
N PRO C 427 9.58 -48.04 36.08
CA PRO C 427 10.14 -46.91 35.32
C PRO C 427 9.14 -46.12 34.45
N LYS C 428 8.59 -46.77 33.42
CA LYS C 428 7.61 -46.17 32.50
C LYS C 428 6.41 -45.57 33.25
N GLU C 429 5.73 -46.40 34.01
CA GLU C 429 4.62 -45.98 34.87
C GLU C 429 4.91 -44.70 35.69
N ALA C 430 6.08 -44.67 36.33
CA ALA C 430 6.50 -43.57 37.22
C ALA C 430 6.24 -42.18 36.65
N THR C 431 6.50 -42.01 35.36
CA THR C 431 6.21 -40.77 34.65
C THR C 431 4.73 -40.39 34.78
N ARG C 432 3.83 -41.29 34.39
CA ARG C 432 2.38 -41.00 34.46
C ARG C 432 1.92 -40.73 35.88
N LYS C 433 2.58 -41.35 36.86
CA LYS C 433 2.36 -41.04 38.27
C LYS C 433 2.80 -39.59 38.52
N SER C 434 4.08 -39.33 38.27
CA SER C 434 4.68 -38.02 38.43
C SER C 434 3.93 -36.94 37.65
N MET C 435 3.57 -37.25 36.41
CA MET C 435 2.87 -36.32 35.51
C MET C 435 1.45 -35.97 35.96
N GLY C 436 0.59 -36.99 36.07
CA GLY C 436 -0.83 -36.83 36.49
C GLY C 436 -1.05 -36.01 37.75
N GLN C 437 0.01 -35.87 38.54
CA GLN C 437 0.07 -34.88 39.60
C GLN C 437 1.35 -34.09 39.40
N ILE C 438 1.28 -33.13 38.48
CA ILE C 438 2.35 -32.17 38.17
C ILE C 438 2.01 -31.35 36.91
N GLN C 439 1.40 -32.02 35.91
CA GLN C 439 1.00 -31.40 34.65
C GLN C 439 0.22 -30.09 34.89
N GLY C 440 -0.87 -30.19 35.65
CA GLY C 440 -1.75 -29.06 35.93
C GLY C 440 -1.06 -27.95 36.71
N ALA C 441 0.09 -28.28 37.28
CA ALA C 441 0.89 -27.30 38.02
C ALA C 441 1.85 -26.55 37.08
N LEU C 442 2.47 -27.28 36.14
CA LEU C 442 3.42 -26.71 35.18
C LEU C 442 2.84 -25.66 34.21
N VAL C 443 1.52 -25.69 34.03
CA VAL C 443 0.78 -24.72 33.20
C VAL C 443 0.60 -23.37 33.91
N GLY C 444 0.33 -23.44 35.21
CA GLY C 444 0.18 -22.27 36.07
C GLY C 444 1.41 -21.39 36.18
N ILE C 445 2.58 -21.98 36.02
CA ILE C 445 3.79 -21.16 35.91
C ILE C 445 3.67 -20.32 34.63
N ALA C 446 3.61 -21.00 33.48
CA ALA C 446 3.59 -20.34 32.18
C ALA C 446 2.65 -19.15 32.23
N MET C 447 1.50 -19.35 32.86
CA MET C 447 0.54 -18.28 33.12
C MET C 447 1.23 -17.13 33.83
N VAL C 448 1.75 -17.40 35.03
CA VAL C 448 2.39 -16.38 35.84
C VAL C 448 3.63 -15.79 35.16
N LEU C 449 4.47 -16.66 34.59
CA LEU C 449 5.71 -16.25 33.92
C LEU C 449 5.47 -15.38 32.69
N SER C 450 4.38 -15.64 31.97
CA SER C 450 3.97 -14.81 30.85
C SER C 450 3.72 -13.40 31.35
N ALA C 451 2.99 -13.30 32.45
CA ALA C 451 2.67 -12.01 33.05
C ALA C 451 3.91 -11.24 33.53
N VAL C 452 5.06 -11.91 33.59
CA VAL C 452 6.31 -11.27 33.96
C VAL C 452 6.97 -10.69 32.71
N PHE C 453 6.95 -11.47 31.63
CA PHE C 453 7.59 -11.08 30.39
C PHE C 453 6.75 -10.17 29.50
N VAL C 454 5.47 -10.50 29.35
CA VAL C 454 4.55 -9.77 28.45
C VAL C 454 4.37 -8.25 28.67
N PRO C 455 4.42 -7.74 29.93
CA PRO C 455 4.24 -6.29 30.08
C PRO C 455 5.33 -5.47 29.39
N MET C 456 6.51 -6.06 29.17
CA MET C 456 7.57 -5.35 28.46
C MET C 456 7.50 -5.51 26.93
N ALA C 457 6.44 -4.93 26.37
CA ALA C 457 6.07 -4.98 24.96
C ALA C 457 4.78 -4.20 24.94
N PHE C 458 4.69 -3.23 25.83
CA PHE C 458 3.49 -2.44 26.02
C PHE C 458 3.89 -1.00 26.34
N PHE C 459 5.08 -0.62 25.89
CA PHE C 459 5.49 0.78 25.90
C PHE C 459 6.08 1.16 24.55
N GLY C 460 5.80 2.39 24.12
CA GLY C 460 6.15 2.87 22.78
C GLY C 460 7.55 3.46 22.75
N GLY C 461 7.66 4.71 22.31
CA GLY C 461 8.95 5.39 22.19
C GLY C 461 9.75 4.81 21.04
N SER C 462 10.96 5.32 20.85
CA SER C 462 11.89 4.71 19.89
C SER C 462 12.17 3.28 20.37
N THR C 463 12.18 3.14 21.69
CA THR C 463 12.25 1.88 22.42
C THR C 463 11.05 0.99 22.09
N GLY C 464 10.54 0.30 23.11
CA GLY C 464 9.28 -0.42 23.07
C GLY C 464 9.15 -1.52 22.04
N ALA C 465 9.61 -1.27 20.82
CA ALA C 465 9.73 -2.28 19.77
C ALA C 465 11.10 -2.97 19.90
N ILE C 466 11.89 -2.48 20.85
CA ILE C 466 13.11 -3.16 21.31
C ILE C 466 12.68 -4.26 22.26
N TYR C 467 11.89 -3.89 23.27
CA TYR C 467 11.41 -4.80 24.31
C TYR C 467 10.39 -5.81 23.80
N ARG C 468 9.49 -5.32 22.96
CA ARG C 468 8.49 -6.16 22.32
C ARG C 468 9.16 -7.36 21.65
N GLN C 469 10.40 -7.19 21.17
CA GLN C 469 11.16 -8.30 20.56
C GLN C 469 11.40 -9.39 21.60
N PHE C 470 12.09 -9.04 22.68
CA PHE C 470 12.38 -9.97 23.77
C PHE C 470 11.11 -10.63 24.22
N SER C 471 10.17 -9.82 24.66
CA SER C 471 8.89 -10.31 25.12
C SER C 471 8.39 -11.44 24.23
N ILE C 472 8.25 -11.18 22.95
CA ILE C 472 7.66 -12.16 22.02
C ILE C 472 8.45 -13.44 21.89
N THR C 473 9.77 -13.33 21.68
CA THR C 473 10.60 -14.52 21.56
C THR C 473 10.39 -15.41 22.76
N ILE C 474 10.55 -14.83 23.94
CA ILE C 474 10.52 -15.58 25.21
C ILE C 474 9.14 -16.13 25.64
N VAL C 475 8.06 -15.35 25.52
CA VAL C 475 6.67 -15.82 25.82
C VAL C 475 6.25 -16.96 24.90
N SER C 476 6.61 -16.90 23.63
CA SER C 476 6.64 -18.11 22.80
C SER C 476 7.92 -18.85 23.23
N ALA C 477 8.15 -20.07 22.78
CA ALA C 477 9.21 -20.85 23.41
C ALA C 477 8.76 -21.24 24.82
N MET C 478 8.61 -20.24 25.69
CA MET C 478 8.09 -20.48 27.04
C MET C 478 6.63 -20.98 27.02
N ALA C 479 6.21 -21.42 25.85
CA ALA C 479 4.90 -21.99 25.63
C ALA C 479 5.11 -23.33 24.95
N LEU C 480 6.13 -23.42 24.09
CA LEU C 480 6.54 -24.69 23.52
C LEU C 480 7.13 -25.57 24.61
N SER C 481 7.69 -24.93 25.64
CA SER C 481 8.24 -25.65 26.79
C SER C 481 7.12 -26.42 27.50
N VAL C 482 5.95 -25.77 27.58
CA VAL C 482 4.73 -26.40 28.11
C VAL C 482 4.25 -27.48 27.14
N LEU C 483 4.24 -27.16 25.85
CA LEU C 483 3.83 -28.10 24.82
C LEU C 483 4.78 -29.31 24.75
N VAL C 484 6.09 -29.07 24.73
CA VAL C 484 7.11 -30.13 24.61
C VAL C 484 7.13 -30.98 25.87
N ALA C 485 7.00 -30.33 27.02
CA ALA C 485 6.97 -31.04 28.30
C ALA C 485 5.80 -32.03 28.41
N LEU C 486 4.74 -31.78 27.62
CA LEU C 486 3.55 -32.63 27.60
C LEU C 486 3.56 -33.66 26.47
N ILE C 487 4.58 -33.62 25.61
CA ILE C 487 4.61 -34.53 24.48
C ILE C 487 5.94 -35.27 24.33
N LEU C 488 7.00 -34.53 24.06
CA LEU C 488 8.31 -35.15 23.84
C LEU C 488 8.85 -35.77 25.12
N THR C 489 9.21 -34.90 26.08
CA THR C 489 9.91 -35.32 27.30
C THR C 489 9.19 -36.39 28.12
N PRO C 490 7.88 -36.19 28.42
CA PRO C 490 7.20 -37.19 29.26
C PRO C 490 7.22 -38.56 28.61
N ALA C 491 7.08 -38.60 27.29
CA ALA C 491 7.22 -39.81 26.51
C ALA C 491 8.66 -40.28 26.48
N LEU C 492 9.58 -39.32 26.46
CA LEU C 492 11.00 -39.65 26.28
C LEU C 492 11.69 -40.19 27.55
N CYS C 493 11.36 -39.60 28.69
CA CYS C 493 11.84 -40.14 29.96
C CYS C 493 10.85 -41.21 30.44
N ALA C 494 10.51 -42.08 29.51
CA ALA C 494 9.67 -43.24 29.75
C ALA C 494 9.98 -44.25 28.63
N THR C 495 11.10 -44.04 27.95
CA THR C 495 11.55 -44.91 26.88
C THR C 495 13.07 -44.91 26.78
N MET C 496 13.68 -43.82 27.23
CA MET C 496 15.14 -43.72 27.22
C MET C 496 15.68 -43.77 28.66
N LEU C 497 14.78 -43.59 29.63
CA LEU C 497 15.15 -43.43 31.05
C LEU C 497 15.33 -44.75 31.82
N LYS C 498 16.20 -44.70 32.85
CA LYS C 498 16.47 -45.82 33.79
C LYS C 498 17.01 -47.09 33.11
N PHE C 513 30.98 -41.20 40.06
CA PHE C 513 31.70 -40.43 41.07
C PHE C 513 31.37 -40.91 42.50
N GLY C 514 32.01 -40.30 43.50
CA GLY C 514 31.83 -40.69 44.89
C GLY C 514 32.02 -39.52 45.85
N TRP C 515 33.27 -39.21 46.17
CA TRP C 515 33.65 -38.09 47.07
C TRP C 515 33.39 -36.74 46.36
N PHE C 516 32.39 -36.75 45.47
CA PHE C 516 31.88 -35.60 44.70
C PHE C 516 30.49 -36.01 44.13
N ASN C 517 30.06 -37.23 44.47
CA ASN C 517 28.70 -37.73 44.18
C ASN C 517 27.88 -37.77 45.47
N ARG C 518 28.53 -38.27 46.53
CA ARG C 518 27.88 -38.42 47.83
C ARG C 518 27.76 -37.10 48.58
N MET C 519 28.52 -36.09 48.13
CA MET C 519 28.50 -34.74 48.71
C MET C 519 27.08 -34.26 48.98
N PHE C 520 26.13 -34.83 48.22
CA PHE C 520 24.73 -34.40 48.28
C PHE C 520 24.05 -34.73 49.62
N GLU C 521 23.51 -35.95 49.75
CA GLU C 521 22.72 -36.36 50.93
C GLU C 521 23.43 -36.15 52.26
N LYS C 522 24.76 -36.04 52.18
CA LYS C 522 25.61 -35.60 53.27
C LYS C 522 25.20 -34.17 53.69
N SER C 523 25.34 -33.21 52.77
CA SER C 523 25.01 -31.81 53.05
C SER C 523 23.65 -31.34 52.46
N THR C 524 22.77 -32.30 52.15
CA THR C 524 21.36 -32.01 51.87
C THR C 524 20.47 -32.37 53.06
N HIS C 525 20.91 -33.35 53.86
CA HIS C 525 20.31 -33.62 55.17
C HIS C 525 20.77 -32.54 56.14
N HIS C 526 21.96 -31.97 55.87
CA HIS C 526 22.45 -30.77 56.54
C HIS C 526 21.55 -29.58 56.23
N TYR C 527 21.22 -29.46 54.94
CA TYR C 527 20.27 -28.47 54.44
C TYR C 527 18.86 -28.75 54.95
N THR C 528 18.46 -30.03 54.93
CA THR C 528 17.17 -30.48 55.48
C THR C 528 16.94 -29.94 56.89
N ASP C 529 17.98 -29.99 57.72
CA ASP C 529 17.92 -29.53 59.11
C ASP C 529 17.92 -28.01 59.22
N SER C 530 19.00 -27.39 58.72
CA SER C 530 19.26 -25.95 58.88
C SER C 530 18.14 -24.98 58.45
N VAL C 531 17.04 -25.54 57.94
CA VAL C 531 15.91 -24.76 57.44
C VAL C 531 14.71 -24.74 58.39
N GLY C 532 13.66 -24.02 57.97
CA GLY C 532 12.37 -23.93 58.67
C GLY C 532 12.50 -23.69 60.16
N GLY C 533 12.88 -24.76 60.87
CA GLY C 533 13.08 -24.75 62.30
C GLY C 533 14.09 -23.73 62.82
N ILE C 534 14.72 -22.99 61.91
CA ILE C 534 15.51 -21.82 62.31
C ILE C 534 14.59 -20.60 62.50
N LEU C 535 13.35 -20.89 62.94
CA LEU C 535 12.45 -19.94 63.58
C LEU C 535 11.92 -20.64 64.85
N ARG C 536 12.84 -20.97 65.75
CA ARG C 536 12.56 -21.75 66.97
C ARG C 536 13.13 -21.11 68.25
N SER C 537 14.47 -21.09 68.36
CA SER C 537 15.14 -20.32 69.41
C SER C 537 15.20 -18.85 68.96
N THR C 538 16.07 -18.54 68.00
CA THR C 538 16.08 -17.23 67.32
C THR C 538 16.07 -17.41 65.79
N GLY C 539 15.01 -16.94 65.12
CA GLY C 539 14.90 -17.06 63.67
C GLY C 539 13.66 -16.53 62.93
N ARG C 540 13.04 -15.48 63.45
CA ARG C 540 12.03 -14.70 62.71
C ARG C 540 12.77 -13.67 61.85
N TYR C 541 13.14 -14.08 60.63
CA TYR C 541 13.96 -13.25 59.74
C TYR C 541 13.18 -12.35 58.76
N LEU C 542 11.99 -11.90 59.18
CA LEU C 542 11.32 -10.76 58.54
C LEU C 542 12.18 -9.49 58.75
N VAL C 543 13.38 -9.68 59.33
CA VAL C 543 14.35 -8.59 59.53
C VAL C 543 15.64 -8.79 58.70
N LEU C 544 16.03 -10.04 58.47
CA LEU C 544 17.19 -10.32 57.60
C LEU C 544 16.83 -10.16 56.12
N TYR C 545 15.74 -10.81 55.68
CA TYR C 545 15.21 -10.58 54.33
C TYR C 545 14.93 -9.09 54.07
N LEU C 546 14.35 -8.41 55.05
CA LEU C 546 13.98 -6.99 54.93
C LEU C 546 15.21 -6.09 54.76
N ILE C 547 16.35 -6.51 55.31
CA ILE C 547 17.61 -5.76 55.13
C ILE C 547 18.17 -5.95 53.72
N ILE C 548 17.79 -7.05 53.07
CA ILE C 548 18.08 -7.28 51.65
C ILE C 548 17.14 -6.46 50.74
N VAL C 549 15.89 -6.25 51.16
CA VAL C 549 14.96 -5.37 50.43
C VAL C 549 15.41 -3.91 50.50
N VAL C 550 15.86 -3.49 51.68
CA VAL C 550 16.51 -2.18 51.80
C VAL C 550 17.92 -2.29 51.21
N GLY C 551 18.44 -3.50 51.17
CA GLY C 551 19.75 -3.79 50.56
C GLY C 551 19.79 -3.74 49.04
N MET C 552 18.62 -3.75 48.39
CA MET C 552 18.56 -3.58 46.94
C MET C 552 18.07 -2.19 46.54
N ALA C 553 17.13 -1.66 47.31
CA ALA C 553 16.71 -0.28 47.14
C ALA C 553 17.93 0.64 47.14
N TYR C 554 18.93 0.31 47.96
CA TYR C 554 20.25 0.97 47.92
C TYR C 554 20.67 1.10 46.47
N LEU C 555 21.09 -0.03 45.90
CA LEU C 555 21.80 -0.09 44.63
C LEU C 555 20.92 0.21 43.43
N PHE C 556 19.61 0.06 43.58
CA PHE C 556 18.69 0.41 42.51
C PHE C 556 18.80 1.91 42.21
N VAL C 557 18.36 2.74 43.15
CA VAL C 557 18.37 4.20 42.96
C VAL C 557 19.82 4.70 42.79
N ARG C 558 20.78 3.88 43.22
CA ARG C 558 22.20 4.18 43.08
C ARG C 558 22.80 3.42 41.88
N LEU C 559 22.15 3.51 40.73
CA LEU C 559 22.69 2.93 39.47
C LEU C 559 22.32 3.75 38.23
N PRO C 560 23.35 4.14 37.44
CA PRO C 560 23.11 4.85 36.16
C PRO C 560 22.37 3.97 35.14
N SER C 561 21.41 4.58 34.43
CA SER C 561 20.61 3.84 33.44
C SER C 561 20.97 4.24 32.00
N SER C 562 20.77 3.31 31.06
CA SER C 562 21.16 3.53 29.67
C SER C 562 20.09 3.01 28.69
N PHE C 563 20.51 2.72 27.45
CA PHE C 563 19.62 2.10 26.48
C PHE C 563 20.26 0.91 25.78
N LEU C 564 21.33 1.17 25.04
CA LEU C 564 22.14 0.11 24.45
C LEU C 564 23.63 0.46 24.46
N PRO C 565 24.48 -0.47 24.94
CA PRO C 565 25.92 -0.29 25.07
C PRO C 565 26.63 -0.05 23.74
N ASP C 566 27.46 1.00 23.71
CA ASP C 566 28.32 1.33 22.57
C ASP C 566 29.08 0.07 22.22
N GLU C 567 29.06 -0.29 20.95
CA GLU C 567 29.69 -1.51 20.51
C GLU C 567 30.72 -1.23 19.44
N ASP C 568 31.58 -2.22 19.21
CA ASP C 568 32.72 -2.04 18.36
C ASP C 568 32.53 -2.83 17.09
N GLN C 569 32.24 -2.11 16.01
CA GLN C 569 31.80 -2.73 14.77
C GLN C 569 32.88 -2.90 13.71
N GLY C 570 34.04 -2.34 13.96
CA GLY C 570 35.19 -2.57 13.10
C GLY C 570 35.35 -1.48 12.06
N VAL C 571 34.78 -0.34 12.39
CA VAL C 571 34.65 0.78 11.48
C VAL C 571 34.35 1.97 12.32
N PHE C 572 34.81 3.15 11.90
CA PHE C 572 34.34 4.43 12.46
C PHE C 572 34.57 5.64 11.55
N MET C 573 34.10 6.79 12.00
CA MET C 573 34.29 8.00 11.24
C MET C 573 35.13 9.08 11.93
N THR C 574 35.57 10.04 11.13
CA THR C 574 36.30 11.19 11.61
C THR C 574 35.82 12.41 10.82
N MET C 575 35.29 13.41 11.53
CA MET C 575 34.87 14.66 10.89
C MET C 575 36.08 15.54 10.66
N VAL C 576 35.90 16.61 9.89
CA VAL C 576 36.94 17.60 9.65
C VAL C 576 36.24 18.90 9.36
N GLN C 577 36.09 19.76 10.36
CA GLN C 577 35.52 21.08 10.12
C GLN C 577 36.66 22.05 9.91
N LEU C 578 36.37 23.15 9.22
CA LEU C 578 37.34 24.21 8.94
C LEU C 578 36.60 25.57 8.94
N PRO C 579 37.16 26.59 9.63
CA PRO C 579 36.44 27.87 9.83
C PRO C 579 35.82 28.48 8.54
N ALA C 580 34.56 28.15 8.29
CA ALA C 580 33.78 28.55 7.09
C ALA C 580 34.52 29.37 6.01
N GLY C 581 34.44 28.89 4.76
CA GLY C 581 35.10 29.53 3.61
C GLY C 581 36.62 29.36 3.51
N ALA C 582 37.22 28.65 4.44
CA ALA C 582 38.62 28.28 4.31
C ALA C 582 38.70 27.26 3.17
N THR C 583 39.76 27.35 2.39
CA THR C 583 39.87 26.69 1.09
C THR C 583 40.02 25.17 1.12
N GLN C 584 39.69 24.53 -0.01
CA GLN C 584 39.82 23.08 -0.26
C GLN C 584 41.25 22.53 -0.12
N GLU C 585 42.21 23.31 -0.65
CA GLU C 585 43.64 22.95 -0.58
C GLU C 585 44.05 22.78 0.89
N ARG C 586 43.68 23.75 1.72
CA ARG C 586 44.01 23.71 3.15
C ARG C 586 43.24 22.61 3.89
N THR C 587 42.07 22.25 3.37
CA THR C 587 41.23 21.22 3.96
C THR C 587 41.78 19.84 3.60
N GLN C 588 42.32 19.73 2.39
CA GLN C 588 42.94 18.49 1.94
C GLN C 588 44.25 18.22 2.72
N LYS C 589 44.95 19.29 3.12
CA LYS C 589 46.06 19.18 4.07
C LYS C 589 45.57 18.55 5.37
N VAL C 590 44.54 19.14 5.97
CA VAL C 590 43.98 18.61 7.20
C VAL C 590 43.53 17.18 7.00
N LEU C 591 43.05 16.85 5.79
CA LEU C 591 42.57 15.50 5.51
C LEU C 591 43.73 14.51 5.46
N ASN C 592 44.83 14.88 4.80
CA ASN C 592 46.13 14.27 5.09
C ASN C 592 46.44 14.54 6.56
N GLU C 593 47.55 14.03 7.07
CA GLU C 593 47.81 14.15 8.50
C GLU C 593 46.91 13.11 9.21
N VAL C 594 45.59 13.28 9.11
CA VAL C 594 44.65 12.28 9.60
C VAL C 594 44.98 10.93 8.96
N THR C 595 44.97 10.89 7.63
CA THR C 595 45.33 9.68 6.90
C THR C 595 46.62 9.08 7.41
N HIS C 596 47.54 9.93 7.87
CA HIS C 596 48.82 9.44 8.39
C HIS C 596 48.83 9.01 9.86
N TYR C 597 48.31 9.85 10.76
CA TYR C 597 48.15 9.44 12.15
C TYR C 597 47.58 8.02 12.23
N TYR C 598 46.43 7.79 11.60
CA TYR C 598 45.79 6.48 11.67
C TYR C 598 46.73 5.41 11.13
N LEU C 599 47.32 5.71 9.97
CA LEU C 599 48.17 4.75 9.25
C LEU C 599 49.46 4.38 10.01
N THR C 600 50.05 5.37 10.69
CA THR C 600 51.28 5.14 11.47
C THR C 600 50.97 4.86 12.95
N LYS C 601 50.60 5.91 13.70
CA LYS C 601 50.38 5.88 15.16
C LYS C 601 49.15 5.09 15.67
N GLU C 602 48.77 4.05 14.91
CA GLU C 602 47.60 3.18 15.20
C GLU C 602 47.68 2.01 14.23
N LYS C 603 48.76 2.02 13.44
CA LYS C 603 49.08 1.04 12.40
C LYS C 603 48.66 -0.39 12.71
N ASN C 604 48.82 -0.79 13.97
CA ASN C 604 48.48 -2.14 14.43
C ASN C 604 46.99 -2.44 14.29
N ASN C 605 46.18 -1.38 14.35
CA ASN C 605 44.71 -1.51 14.35
C ASN C 605 44.01 -1.09 13.05
N VAL C 606 44.50 -0.02 12.42
CA VAL C 606 43.90 0.55 11.22
C VAL C 606 44.22 -0.26 9.96
N GLU C 607 43.19 -0.95 9.43
CA GLU C 607 43.31 -1.71 8.17
C GLU C 607 43.36 -0.81 6.92
N SER C 608 42.67 0.33 6.97
CA SER C 608 42.67 1.31 5.87
C SER C 608 41.88 2.58 6.18
N VAL C 609 42.20 3.65 5.46
CA VAL C 609 41.59 4.98 5.67
C VAL C 609 41.07 5.62 4.36
N PHE C 610 39.75 5.53 4.16
CA PHE C 610 39.09 6.19 3.03
C PHE C 610 38.73 7.64 3.35
N ALA C 611 39.56 8.58 2.89
CA ALA C 611 39.36 9.99 3.25
C ALA C 611 38.70 10.79 2.13
N VAL C 612 37.74 11.63 2.51
CA VAL C 612 36.89 12.32 1.55
C VAL C 612 36.71 13.80 1.87
N ASN C 613 37.37 14.63 1.08
CA ASN C 613 37.30 16.06 1.26
C ASN C 613 36.23 16.62 0.37
N GLY C 614 35.40 17.49 0.93
CA GLY C 614 34.28 18.06 0.20
C GLY C 614 32.95 17.65 0.78
N PHE C 615 32.94 16.56 1.53
CA PHE C 615 31.71 15.91 1.93
C PHE C 615 31.45 15.92 3.42
N GLY C 616 30.26 16.35 3.81
CA GLY C 616 29.82 16.25 5.19
C GLY C 616 28.39 15.75 5.21
N PHE C 617 27.94 15.37 6.40
CA PHE C 617 26.59 14.80 6.54
C PHE C 617 25.44 15.81 6.38
N ALA C 618 25.66 17.07 6.74
CA ALA C 618 24.59 18.07 6.65
C ALA C 618 24.88 19.09 5.58
N GLY C 619 25.69 18.66 4.60
CA GLY C 619 25.89 19.45 3.39
C GLY C 619 27.30 19.48 2.81
N ARG C 620 27.43 20.28 1.76
CA ARG C 620 28.67 20.40 1.03
C ARG C 620 29.44 21.64 1.49
N GLY C 621 30.71 21.73 1.09
CA GLY C 621 31.56 22.90 1.36
C GLY C 621 33.00 22.56 1.10
N GLN C 622 33.85 23.56 0.86
CA GLN C 622 35.30 23.34 0.72
C GLN C 622 35.92 23.09 2.09
N ASN C 623 35.28 23.67 3.11
CA ASN C 623 35.73 23.59 4.50
C ASN C 623 35.55 22.23 5.14
N THR C 624 34.45 21.56 4.84
CA THR C 624 34.16 20.27 5.46
C THR C 624 34.76 19.10 4.70
N GLY C 625 35.06 18.04 5.44
CA GLY C 625 35.65 16.83 4.85
C GLY C 625 35.38 15.70 5.80
N ILE C 626 35.64 14.46 5.38
CA ILE C 626 35.33 13.30 6.22
C ILE C 626 36.21 12.10 5.90
N ALA C 627 36.59 11.36 6.94
CA ALA C 627 37.49 10.25 6.78
C ALA C 627 36.83 8.96 7.26
N PHE C 628 36.97 7.88 6.49
CA PHE C 628 36.35 6.63 6.89
C PHE C 628 37.42 5.67 7.33
N VAL C 629 37.40 5.35 8.62
CA VAL C 629 38.40 4.46 9.19
C VAL C 629 37.87 3.07 9.41
N SER C 630 38.56 2.12 8.80
CA SER C 630 38.23 0.71 8.88
C SER C 630 39.38 -0.02 9.53
N LEU C 631 39.09 -0.74 10.62
CA LEU C 631 40.09 -1.43 11.44
C LEU C 631 40.27 -2.89 11.04
N LYS C 632 41.34 -3.51 11.53
CA LYS C 632 41.57 -4.94 11.26
C LYS C 632 40.56 -5.78 12.05
N ASP C 633 40.59 -7.09 11.85
CA ASP C 633 39.60 -7.97 12.50
C ASP C 633 39.69 -7.81 14.03
N TRP C 634 38.62 -8.15 14.75
CA TRP C 634 38.62 -8.04 16.21
C TRP C 634 39.60 -9.00 16.86
N ALA C 635 39.76 -10.17 16.24
CA ALA C 635 40.76 -11.12 16.69
C ALA C 635 42.16 -10.49 16.80
N ASP C 636 42.51 -9.61 15.86
CA ASP C 636 43.84 -9.01 15.84
C ASP C 636 43.95 -7.73 16.65
N ARG C 637 42.97 -7.49 17.51
CA ARG C 637 42.94 -6.30 18.36
C ARG C 637 42.45 -6.66 19.77
N PRO C 638 43.31 -7.35 20.56
CA PRO C 638 42.94 -7.79 21.92
C PRO C 638 43.13 -6.69 22.99
N GLY C 639 42.28 -6.70 24.02
CA GLY C 639 42.41 -5.75 25.13
C GLY C 639 42.00 -4.34 24.77
N GLU C 640 41.34 -3.66 25.71
CA GLU C 640 40.55 -2.45 25.42
C GLU C 640 41.30 -1.17 25.04
N GLU C 641 42.60 -1.28 24.79
CA GLU C 641 43.34 -0.16 24.20
C GLU C 641 43.21 -0.13 22.67
N ASN C 642 42.80 -1.27 22.10
CA ASN C 642 42.53 -1.45 20.66
C ASN C 642 41.02 -1.32 20.30
N LYS C 643 40.22 -0.86 21.26
CA LYS C 643 38.78 -0.64 21.05
C LYS C 643 38.52 0.70 20.35
N VAL C 644 37.33 0.85 19.79
CA VAL C 644 37.03 2.08 19.10
C VAL C 644 36.78 3.15 20.14
N GLU C 645 36.13 2.77 21.24
CA GLU C 645 35.88 3.72 22.33
C GLU C 645 37.19 4.43 22.75
N ALA C 646 38.32 3.74 22.60
CA ALA C 646 39.62 4.28 23.02
C ALA C 646 40.66 4.53 21.92
N ILE C 647 40.51 3.88 20.76
CA ILE C 647 41.32 4.22 19.59
C ILE C 647 41.10 5.70 19.30
N THR C 648 39.82 6.08 19.33
CA THR C 648 39.35 7.43 19.02
C THR C 648 39.65 8.39 20.15
N MET C 649 39.46 7.92 21.38
CA MET C 649 39.84 8.68 22.57
C MET C 649 41.21 9.33 22.38
N ARG C 650 42.12 8.56 21.82
CA ARG C 650 43.46 9.04 21.56
C ARG C 650 43.48 9.99 20.35
N ALA C 651 42.74 9.62 19.30
CA ALA C 651 42.67 10.41 18.08
C ALA C 651 42.10 11.80 18.37
N THR C 652 40.99 11.85 19.09
CA THR C 652 40.36 13.12 19.44
C THR C 652 41.30 14.10 20.16
N ARG C 653 42.11 13.59 21.09
CA ARG C 653 43.08 14.41 21.84
C ARG C 653 44.33 14.71 21.03
N ALA C 654 44.83 13.70 20.32
CA ALA C 654 45.95 13.84 19.38
C ALA C 654 45.65 14.92 18.35
N PHE C 655 44.51 14.81 17.68
CA PHE C 655 43.96 15.94 16.93
C PHE C 655 43.39 16.87 17.99
N SER C 656 42.53 17.81 17.59
CA SER C 656 42.08 18.89 18.52
C SER C 656 43.23 19.32 19.45
N GLN C 657 44.45 19.09 18.99
CA GLN C 657 45.64 19.58 19.64
C GLN C 657 46.46 20.37 18.64
N ILE C 658 47.34 19.68 17.90
CA ILE C 658 48.23 20.36 16.95
C ILE C 658 47.42 20.78 15.74
N LYS C 659 46.38 21.59 15.97
CA LYS C 659 45.43 22.00 14.93
C LYS C 659 45.25 23.53 14.80
N ASP C 660 44.24 23.87 14.00
CA ASP C 660 43.65 25.20 13.90
C ASP C 660 42.14 24.99 13.81
N ALA C 661 41.75 23.78 13.35
CA ALA C 661 40.37 23.38 13.03
C ALA C 661 39.95 22.06 13.71
N MET C 662 38.69 21.98 14.19
CA MET C 662 38.20 20.87 15.01
C MET C 662 37.99 19.57 14.27
N VAL C 663 38.48 18.47 14.87
CA VAL C 663 38.49 17.15 14.23
C VAL C 663 37.88 16.09 15.15
N PHE C 664 36.56 16.10 15.26
CA PHE C 664 35.83 15.16 16.11
C PHE C 664 35.83 13.75 15.50
N ALA C 665 36.54 12.81 16.14
CA ALA C 665 36.60 11.42 15.68
C ALA C 665 35.94 10.44 16.67
N PHE C 666 35.01 9.60 16.18
CA PHE C 666 34.14 8.82 17.08
C PHE C 666 33.47 7.59 16.48
N ASN C 667 32.90 6.78 17.38
CA ASN C 667 32.21 5.54 17.04
C ASN C 667 30.70 5.69 17.07
N LEU C 668 30.06 5.45 15.93
CA LEU C 668 28.61 5.59 15.75
C LEU C 668 27.85 4.83 16.84
N PRO C 669 26.89 5.51 17.50
CA PRO C 669 26.29 4.98 18.73
C PRO C 669 25.36 3.84 18.41
N ALA C 670 25.85 2.61 18.56
CA ALA C 670 25.10 1.43 18.16
C ALA C 670 23.58 1.56 18.37
N ILE C 671 22.84 1.31 17.30
CA ILE C 671 21.34 1.24 17.26
C ILE C 671 20.60 2.59 17.44
N VAL C 672 21.34 3.69 17.32
CA VAL C 672 20.81 5.03 17.58
C VAL C 672 20.71 5.89 16.29
N GLU C 673 19.69 5.55 15.48
CA GLU C 673 19.21 6.44 14.42
C GLU C 673 18.50 7.63 15.11
N LEU C 674 19.30 8.42 15.83
CA LEU C 674 18.80 9.47 16.73
C LEU C 674 17.75 8.93 17.72
N GLY C 675 18.03 7.76 18.30
CA GLY C 675 17.19 7.18 19.36
C GLY C 675 17.53 7.71 20.76
N THR C 676 18.73 7.35 21.24
CA THR C 676 19.29 7.82 22.53
C THR C 676 20.83 8.01 22.39
N ALA C 677 21.22 9.15 21.78
CA ALA C 677 22.60 9.64 21.83
C ALA C 677 22.80 10.51 23.08
N THR C 678 21.70 10.65 23.84
CA THR C 678 21.55 11.52 25.02
C THR C 678 22.14 12.93 24.82
N GLY C 679 21.47 13.90 25.42
CA GLY C 679 21.61 15.28 25.02
C GLY C 679 20.29 15.74 24.41
N PHE C 680 20.34 16.89 23.77
CA PHE C 680 19.13 17.49 23.28
C PHE C 680 19.33 18.16 21.93
N ASP C 681 18.21 18.53 21.30
CA ASP C 681 18.20 19.13 19.98
C ASP C 681 17.17 20.23 20.02
N PHE C 682 17.67 21.45 20.14
CA PHE C 682 16.87 22.59 20.45
C PHE C 682 16.88 23.44 19.24
N GLU C 683 15.78 23.50 18.54
CA GLU C 683 15.66 24.39 17.39
C GLU C 683 15.27 25.76 17.90
N LEU C 684 16.05 26.77 17.54
CA LEU C 684 15.67 28.14 17.86
C LEU C 684 15.05 28.76 16.62
N ILE C 685 13.85 29.32 16.75
CA ILE C 685 13.05 29.58 15.54
C ILE C 685 12.38 30.94 15.50
N ASP C 686 12.92 31.86 14.70
CA ASP C 686 12.32 33.19 14.46
C ASP C 686 10.83 33.14 14.07
N GLN C 687 9.97 33.96 14.70
CA GLN C 687 8.52 33.84 14.44
C GLN C 687 7.77 35.09 13.95
N ALA C 688 8.49 36.18 13.73
CA ALA C 688 7.97 37.30 12.95
C ALA C 688 9.06 37.77 11.99
N GLY C 689 8.94 38.98 11.45
CA GLY C 689 9.97 39.50 10.56
C GLY C 689 11.33 39.02 11.03
N LEU C 690 12.01 39.90 11.77
CA LEU C 690 13.34 39.68 12.32
C LEU C 690 14.29 39.39 11.19
N GLY C 691 14.34 38.12 10.80
CA GLY C 691 15.26 37.70 9.75
C GLY C 691 16.55 37.19 10.36
N HIS C 692 17.50 36.91 9.47
CA HIS C 692 18.71 36.18 9.83
C HIS C 692 19.53 36.86 10.91
N GLU C 693 19.58 38.19 10.86
CA GLU C 693 20.47 39.00 11.72
C GLU C 693 20.11 38.84 13.19
N LYS C 694 18.90 39.31 13.53
CA LYS C 694 18.40 39.22 14.89
C LYS C 694 18.57 37.81 15.43
N LEU C 695 18.47 36.81 14.57
CA LEU C 695 18.43 35.44 15.00
C LEU C 695 19.75 35.01 15.59
N THR C 696 20.83 35.23 14.83
CA THR C 696 22.20 35.01 15.36
C THR C 696 22.34 35.72 16.73
N GLN C 697 21.94 37.01 16.76
CA GLN C 697 21.81 37.82 17.98
C GLN C 697 21.11 37.07 19.11
N ALA C 698 19.85 36.73 18.88
CA ALA C 698 19.04 36.08 19.89
C ALA C 698 19.72 34.81 20.37
N ARG C 699 20.32 34.07 19.43
CA ARG C 699 20.94 32.80 19.77
C ARG C 699 22.24 33.03 20.49
N ASN C 700 22.86 34.15 20.20
CA ASN C 700 24.04 34.57 20.93
C ASN C 700 23.72 34.73 22.42
N GLN C 701 22.66 35.50 22.71
CA GLN C 701 22.09 35.62 24.08
C GLN C 701 21.92 34.27 24.78
N LEU C 702 21.15 33.38 24.15
CA LEU C 702 20.83 32.06 24.69
C LEU C 702 22.09 31.23 24.87
N LEU C 703 23.00 31.34 23.89
CA LEU C 703 24.29 30.63 23.92
C LEU C 703 25.21 31.09 25.05
N ALA C 704 25.42 32.41 25.11
CA ALA C 704 26.22 33.07 26.12
C ALA C 704 25.74 32.76 27.53
N GLU C 705 24.46 32.99 27.79
CA GLU C 705 23.87 32.75 29.11
C GLU C 705 23.86 31.30 29.53
N ALA C 706 23.73 30.40 28.56
CA ALA C 706 23.75 28.96 28.82
C ALA C 706 25.13 28.43 29.23
N ALA C 707 26.15 29.24 29.01
CA ALA C 707 27.51 28.89 29.38
C ALA C 707 27.80 29.39 30.80
N LYS C 708 26.92 30.26 31.27
CA LYS C 708 26.97 30.78 32.64
C LYS C 708 26.35 29.81 33.65
N HIS C 709 25.62 28.80 33.19
CA HIS C 709 25.09 27.79 34.10
C HIS C 709 25.75 26.46 33.81
N PRO C 710 27.08 26.35 34.02
CA PRO C 710 27.71 25.09 33.67
C PRO C 710 27.36 24.02 34.70
N ASP C 711 26.60 24.42 35.72
CA ASP C 711 26.18 23.52 36.78
C ASP C 711 25.20 22.38 36.34
N MET C 712 25.24 22.01 35.05
CA MET C 712 24.43 20.88 34.54
C MET C 712 24.77 20.39 33.15
N LEU C 713 25.33 19.17 33.06
CA LEU C 713 25.65 18.51 31.76
C LEU C 713 25.46 19.43 30.52
N THR C 714 26.40 20.36 30.34
CA THR C 714 26.28 21.34 29.26
C THR C 714 27.50 21.34 28.32
N SER C 715 27.22 21.68 27.06
CA SER C 715 28.19 21.90 25.98
C SER C 715 27.46 22.59 24.81
N VAL C 716 26.61 23.56 25.15
CA VAL C 716 25.66 24.22 24.22
C VAL C 716 26.26 24.98 23.01
N ARG C 717 26.28 24.33 21.84
CA ARG C 717 26.78 24.93 20.60
C ARG C 717 25.71 25.02 19.49
N PRO C 718 25.97 25.81 18.42
CA PRO C 718 25.11 25.85 17.25
C PRO C 718 25.48 24.77 16.25
N ASN C 719 24.66 24.63 15.21
CA ASN C 719 25.08 23.88 14.04
C ASN C 719 25.62 24.71 12.81
N GLY C 720 26.95 24.92 12.87
CA GLY C 720 27.85 25.46 11.84
C GLY C 720 27.52 26.54 10.84
N LEU C 721 26.63 27.44 11.19
CA LEU C 721 26.30 28.57 10.30
C LEU C 721 27.52 29.52 10.21
N GLU C 722 27.59 30.48 11.14
CA GLU C 722 28.72 31.43 11.27
C GLU C 722 28.98 32.26 10.04
N ASP C 723 28.25 33.36 9.90
CA ASP C 723 28.29 34.21 8.71
C ASP C 723 29.72 34.38 8.23
N THR C 724 29.89 34.37 6.91
CA THR C 724 31.17 34.46 6.23
C THR C 724 31.19 35.71 5.37
N PRO C 725 32.38 36.30 5.16
CA PRO C 725 32.45 37.48 4.25
C PRO C 725 32.03 37.15 2.81
N GLN C 726 31.07 37.88 2.26
CA GLN C 726 30.67 37.66 0.87
C GLN C 726 30.89 38.93 0.09
N PHE C 727 31.07 38.81 -1.22
CA PHE C 727 31.39 39.95 -2.08
C PHE C 727 30.22 40.35 -2.95
N LYS C 728 29.56 41.44 -2.58
CA LYS C 728 28.44 41.95 -3.35
C LYS C 728 28.94 42.49 -4.69
N ILE C 729 28.05 42.55 -5.68
CA ILE C 729 28.26 43.27 -6.95
C ILE C 729 26.92 43.87 -7.35
N ASP C 730 26.70 45.13 -6.98
CA ASP C 730 25.49 45.82 -7.38
C ASP C 730 25.70 46.29 -8.82
N ILE C 731 24.98 45.64 -9.76
CA ILE C 731 25.00 46.10 -11.15
C ILE C 731 24.19 47.40 -11.20
N ASP C 732 24.72 48.45 -11.81
CA ASP C 732 23.88 49.65 -11.99
C ASP C 732 22.97 49.45 -13.19
N GLN C 733 21.76 49.02 -12.90
CA GLN C 733 20.79 48.79 -13.94
C GLN C 733 20.86 49.90 -14.98
N GLU C 734 20.80 51.14 -14.52
CA GLU C 734 20.51 52.31 -15.36
C GLU C 734 21.67 52.82 -16.24
N LYS C 735 22.90 52.86 -15.70
CA LYS C 735 24.10 53.17 -16.49
C LYS C 735 24.24 52.22 -17.68
N ALA C 736 23.84 50.96 -17.48
CA ALA C 736 23.96 49.90 -18.47
C ALA C 736 22.94 50.04 -19.62
N GLN C 737 21.65 50.06 -19.26
CA GLN C 737 20.56 50.31 -20.21
C GLN C 737 20.68 51.71 -20.87
N ALA C 738 21.77 52.40 -20.52
CA ALA C 738 22.15 53.64 -21.15
C ALA C 738 23.41 53.42 -21.98
N LEU C 739 24.34 52.62 -21.51
CA LEU C 739 25.53 52.29 -22.32
C LEU C 739 25.19 51.33 -23.45
N GLY C 740 23.95 50.81 -23.42
CA GLY C 740 23.44 49.92 -24.46
C GLY C 740 23.70 48.44 -24.21
N VAL C 741 23.96 48.06 -22.95
CA VAL C 741 24.10 46.64 -22.56
C VAL C 741 22.86 46.08 -21.90
N SER C 742 22.38 44.94 -22.40
CA SER C 742 21.18 44.34 -21.81
C SER C 742 21.56 43.58 -20.52
N ILE C 743 20.87 43.96 -19.44
CA ILE C 743 21.00 43.33 -18.14
C ILE C 743 21.37 41.83 -18.24
N ASN C 744 20.63 41.10 -19.08
CA ASN C 744 20.91 39.69 -19.37
C ASN C 744 22.35 39.36 -19.74
N ASP C 745 22.85 39.97 -20.81
CA ASP C 745 24.21 39.73 -21.21
C ASP C 745 25.13 39.90 -20.01
N ILE C 746 24.90 40.97 -19.24
CA ILE C 746 25.69 41.27 -18.04
C ILE C 746 25.63 40.06 -17.12
N ASN C 747 24.40 39.70 -16.75
CA ASN C 747 24.10 38.57 -15.86
C ASN C 747 24.78 37.29 -16.30
N THR C 748 24.50 36.87 -17.54
CA THR C 748 24.99 35.60 -18.06
C THR C 748 26.50 35.55 -17.96
N THR C 749 27.16 36.65 -18.32
CA THR C 749 28.61 36.73 -18.25
C THR C 749 29.15 36.44 -16.84
N LEU C 750 28.62 37.18 -15.87
CA LEU C 750 29.09 37.12 -14.48
C LEU C 750 28.94 35.71 -14.00
N GLY C 751 27.70 35.26 -13.99
CA GLY C 751 27.31 33.91 -13.58
C GLY C 751 27.36 33.07 -14.82
N ALA C 752 28.52 32.53 -15.10
CA ALA C 752 28.71 31.59 -16.18
C ALA C 752 30.19 31.47 -16.05
N ALA C 753 30.84 32.64 -16.08
CA ALA C 753 32.26 32.76 -15.88
C ALA C 753 32.62 32.33 -14.47
N TRP C 754 31.85 32.87 -13.52
CA TRP C 754 32.11 32.74 -12.08
C TRP C 754 31.27 31.67 -11.41
N GLY C 755 30.16 31.31 -12.02
CA GLY C 755 29.47 30.10 -11.60
C GLY C 755 29.01 29.45 -12.88
N GLY C 756 29.53 28.26 -13.17
CA GLY C 756 29.36 27.67 -14.50
C GLY C 756 27.97 27.67 -15.13
N SER C 757 27.89 27.39 -16.44
CA SER C 757 26.60 27.03 -17.02
C SER C 757 26.58 25.69 -17.69
N TYR C 758 25.51 24.95 -17.38
CA TYR C 758 25.15 23.69 -18.02
C TYR C 758 24.37 23.95 -19.32
N VAL C 759 25.05 23.78 -20.46
CA VAL C 759 24.53 24.16 -21.79
C VAL C 759 23.52 23.16 -22.42
N ASN C 760 24.05 22.08 -22.97
CA ASN C 760 23.21 21.00 -23.37
C ASN C 760 24.01 19.75 -23.13
N ASP C 761 23.69 18.68 -23.85
CA ASP C 761 24.40 17.42 -23.71
C ASP C 761 25.38 17.06 -24.84
N PHE C 762 26.32 16.19 -24.55
CA PHE C 762 27.08 15.63 -25.63
C PHE C 762 27.15 14.16 -25.28
N ILE C 763 27.53 13.32 -26.25
CA ILE C 763 27.74 11.93 -25.92
C ILE C 763 29.20 11.77 -25.71
N ASP C 764 29.58 10.92 -24.76
CA ASP C 764 30.98 10.63 -24.52
C ASP C 764 31.12 9.16 -24.31
N ARG C 765 31.84 8.50 -25.21
CA ARG C 765 32.00 7.02 -25.18
C ARG C 765 30.65 6.33 -24.92
N GLY C 766 29.66 6.78 -25.69
CA GLY C 766 28.32 6.20 -25.68
C GLY C 766 27.39 6.53 -24.51
N ARG C 767 27.70 7.62 -23.82
CA ARG C 767 26.93 7.98 -22.66
C ARG C 767 26.60 9.44 -22.75
N VAL C 768 25.34 9.75 -22.48
CA VAL C 768 24.98 11.13 -22.35
C VAL C 768 25.75 11.64 -21.11
N LYS C 769 26.53 12.69 -21.36
CA LYS C 769 27.15 13.47 -20.30
C LYS C 769 26.91 14.96 -20.58
N LYS C 770 27.41 15.81 -19.67
CA LYS C 770 27.05 17.24 -19.64
C LYS C 770 28.05 18.21 -20.31
N VAL C 771 27.55 19.32 -20.82
CA VAL C 771 28.44 20.37 -21.33
C VAL C 771 28.31 21.65 -20.52
N TYR C 772 29.41 22.04 -19.85
CA TYR C 772 29.45 23.27 -19.03
C TYR C 772 30.40 24.33 -19.59
N VAL C 773 29.92 25.57 -19.74
CA VAL C 773 30.83 26.69 -19.95
C VAL C 773 31.10 27.31 -18.58
N MET C 774 32.34 27.73 -18.33
CA MET C 774 32.74 28.38 -17.05
C MET C 774 34.03 29.16 -17.30
N SER C 775 34.44 30.00 -16.38
CA SER C 775 35.75 30.61 -16.58
C SER C 775 36.92 29.65 -16.22
N GLU C 776 38.07 29.81 -16.88
CA GLU C 776 39.23 29.07 -16.43
C GLU C 776 39.43 29.51 -15.01
N ALA C 777 40.08 28.68 -14.19
CA ALA C 777 40.35 29.01 -12.78
C ALA C 777 41.00 30.41 -12.60
N LYS C 778 42.17 30.60 -13.19
CA LYS C 778 42.94 31.84 -13.02
C LYS C 778 42.32 33.09 -13.65
N TYR C 779 40.99 33.15 -13.82
CA TYR C 779 40.33 34.39 -14.30
C TYR C 779 39.07 34.67 -13.48
N ARG C 780 39.02 34.04 -12.31
CA ARG C 780 37.88 34.09 -11.37
C ARG C 780 38.34 33.61 -9.99
N MET C 781 39.09 34.47 -9.28
CA MET C 781 39.87 34.03 -8.11
C MET C 781 39.88 35.02 -6.98
N LEU C 782 39.95 36.30 -7.36
CA LEU C 782 39.95 37.39 -6.40
C LEU C 782 39.06 38.44 -7.00
N PRO C 783 38.52 39.34 -6.18
CA PRO C 783 37.52 40.32 -6.65
C PRO C 783 38.10 41.29 -7.63
N ASP C 784 39.41 41.24 -7.79
CA ASP C 784 40.13 42.06 -8.76
C ASP C 784 40.28 41.28 -10.07
N ASP C 785 39.24 40.52 -10.40
CA ASP C 785 39.25 39.79 -11.63
C ASP C 785 38.06 40.21 -12.45
N ILE C 786 37.05 40.82 -11.82
CA ILE C 786 35.83 41.22 -12.53
C ILE C 786 36.19 42.25 -13.59
N GLY C 787 37.47 42.61 -13.58
CA GLY C 787 38.03 43.56 -14.56
C GLY C 787 38.52 42.90 -15.84
N ASP C 788 38.54 41.58 -15.88
CA ASP C 788 38.89 40.92 -17.11
C ASP C 788 37.69 40.76 -18.02
N TRP C 789 36.50 40.99 -17.49
CA TRP C 789 35.30 40.61 -18.20
C TRP C 789 34.70 41.84 -18.86
N TYR C 790 34.47 41.77 -20.17
CA TYR C 790 33.78 42.82 -20.87
C TYR C 790 32.50 42.20 -21.37
N VAL C 791 31.68 42.99 -22.05
CA VAL C 791 30.34 42.57 -22.44
C VAL C 791 29.99 43.41 -23.65
N ARG C 792 29.42 42.80 -24.70
CA ARG C 792 29.12 43.56 -25.94
C ARG C 792 27.80 44.28 -25.92
N ALA C 793 27.88 45.58 -26.10
CA ALA C 793 26.70 46.45 -26.09
C ALA C 793 26.17 46.59 -27.50
N ALA C 794 24.96 47.14 -27.62
CA ALA C 794 24.32 47.29 -28.94
C ALA C 794 25.24 47.86 -30.02
N ASP C 795 26.04 48.88 -29.70
CA ASP C 795 26.98 49.44 -30.68
C ASP C 795 28.24 48.58 -30.89
N GLY C 796 28.42 47.53 -30.08
CA GLY C 796 29.47 46.57 -30.31
C GLY C 796 30.83 46.97 -29.76
N GLN C 797 30.88 48.06 -29.00
CA GLN C 797 32.09 48.45 -28.28
C GLN C 797 32.21 47.57 -27.02
N MET C 798 33.43 47.15 -26.68
CA MET C 798 33.62 46.26 -25.54
C MET C 798 33.59 46.96 -24.16
N VAL C 799 32.40 47.12 -23.58
CA VAL C 799 32.28 47.76 -22.25
C VAL C 799 32.64 46.83 -21.07
N PRO C 800 33.54 47.27 -20.18
CA PRO C 800 33.92 46.48 -19.00
C PRO C 800 32.96 46.64 -17.85
N PHE C 801 32.95 45.67 -16.93
CA PHE C 801 32.02 45.68 -15.80
C PHE C 801 31.99 47.00 -15.07
N SER C 802 33.17 47.43 -14.63
CA SER C 802 33.33 48.69 -13.93
C SER C 802 32.91 49.86 -14.80
N ALA C 803 31.65 49.88 -15.22
CA ALA C 803 31.08 50.97 -16.03
C ALA C 803 29.55 50.86 -15.93
N PHE C 804 29.10 49.72 -15.41
CA PHE C 804 27.71 49.51 -15.02
C PHE C 804 27.60 48.75 -13.69
N SER C 805 28.73 48.59 -12.99
CA SER C 805 28.74 47.89 -11.72
C SER C 805 29.28 48.79 -10.62
N SER C 806 29.49 48.19 -9.43
CA SER C 806 30.16 48.79 -8.28
C SER C 806 30.05 47.78 -7.18
N SER C 807 31.14 47.11 -6.86
CA SER C 807 31.16 46.14 -5.77
C SER C 807 31.52 46.74 -4.40
N ARG C 808 31.18 46.02 -3.33
CA ARG C 808 31.39 46.43 -1.94
C ARG C 808 31.41 45.11 -1.21
N TRP C 809 32.35 44.85 -0.32
CA TRP C 809 32.31 43.59 0.50
C TRP C 809 31.16 43.58 1.50
N GLU C 810 30.97 42.46 2.21
CA GLU C 810 29.98 42.34 3.31
C GLU C 810 29.84 40.95 3.97
N TYR C 811 29.08 40.92 5.06
CA TYR C 811 28.82 39.68 5.83
C TYR C 811 27.46 39.08 5.46
N GLY C 812 27.44 37.75 5.34
CA GLY C 812 26.23 37.03 4.94
C GLY C 812 26.31 35.54 5.20
N SER C 813 25.18 34.84 5.27
CA SER C 813 25.22 33.47 5.77
C SER C 813 25.52 32.44 4.73
N PRO C 814 26.46 31.53 5.04
CA PRO C 814 26.84 30.47 4.12
C PRO C 814 25.99 29.22 4.26
N ARG C 815 24.82 29.34 4.88
CA ARG C 815 23.99 28.18 5.28
C ARG C 815 22.81 28.65 6.12
N LEU C 816 21.65 28.83 5.47
CA LEU C 816 20.42 29.27 6.11
C LEU C 816 19.63 28.02 6.39
N GLU C 817 19.25 27.82 7.66
CA GLU C 817 18.50 26.63 8.05
C GLU C 817 17.11 27.02 8.49
N ARG C 818 16.18 26.05 8.45
CA ARG C 818 14.81 26.29 8.85
C ARG C 818 14.21 25.06 9.47
N TYR C 819 13.18 25.30 10.26
CA TYR C 819 12.44 24.25 10.92
C TYR C 819 11.01 24.59 10.67
N ASN C 820 10.19 23.55 10.55
CA ASN C 820 8.76 23.69 10.22
C ASN C 820 8.34 24.80 9.30
N GLY C 821 9.26 25.26 8.48
CA GLY C 821 8.90 26.26 7.47
C GLY C 821 9.24 27.69 7.80
N LEU C 822 9.40 27.98 9.08
CA LEU C 822 9.92 29.27 9.47
C LEU C 822 11.47 29.20 9.61
N PRO C 823 12.19 30.33 9.42
CA PRO C 823 13.65 30.24 9.55
C PRO C 823 14.04 29.82 10.97
N SER C 824 14.89 28.78 11.08
CA SER C 824 15.29 28.21 12.37
C SER C 824 16.69 28.62 12.79
N MET C 825 17.46 27.66 13.30
CA MET C 825 18.81 27.80 13.86
C MET C 825 18.87 26.75 14.99
N GLU C 826 19.61 25.66 14.75
CA GLU C 826 19.65 24.51 15.65
C GLU C 826 20.82 24.54 16.63
N ILE C 827 20.54 24.12 17.86
CA ILE C 827 21.47 24.13 19.01
C ILE C 827 21.60 22.73 19.61
N LEU C 828 22.81 22.29 19.86
CA LEU C 828 23.04 20.95 20.38
C LEU C 828 23.73 21.02 21.73
N GLY C 829 23.16 20.33 22.72
CA GLY C 829 23.74 20.27 24.06
C GLY C 829 23.75 18.88 24.68
N GLN C 830 24.76 18.64 25.53
CA GLN C 830 25.02 17.31 26.10
C GLN C 830 24.14 16.97 27.33
N ALA C 831 23.94 15.66 27.52
CA ALA C 831 23.29 15.07 28.71
C ALA C 831 23.92 13.74 29.20
N ALA C 832 24.95 13.86 30.05
CA ALA C 832 25.58 12.72 30.77
C ALA C 832 26.24 13.09 32.15
N PRO C 833 27.50 13.65 32.15
CA PRO C 833 28.13 14.05 33.44
C PRO C 833 27.47 15.26 34.19
N GLY C 834 26.99 15.01 35.40
CA GLY C 834 26.26 16.01 36.16
C GLY C 834 24.83 15.58 36.40
N LYS C 835 23.90 16.21 35.68
CA LYS C 835 22.44 16.03 35.90
C LYS C 835 21.78 15.15 34.82
N SER C 836 20.47 15.32 34.62
CA SER C 836 19.73 14.53 33.62
C SER C 836 19.11 15.36 32.47
N THR C 837 18.77 14.65 31.40
CA THR C 837 18.21 15.24 30.19
C THR C 837 17.04 16.25 30.38
N GLY C 838 16.04 15.88 31.17
CA GLY C 838 14.86 16.74 31.37
C GLY C 838 15.08 18.02 32.16
N GLU C 839 16.19 18.05 32.91
CA GLU C 839 16.61 19.22 33.68
C GLU C 839 17.22 20.23 32.74
N ALA C 840 18.36 19.83 32.13
CA ALA C 840 19.06 20.66 31.15
C ALA C 840 18.09 21.13 30.09
N MET C 841 17.25 20.21 29.63
CA MET C 841 16.13 20.53 28.77
C MET C 841 15.27 21.64 29.39
N GLU C 842 14.85 21.43 30.63
CA GLU C 842 14.01 22.42 31.32
C GLU C 842 14.70 23.76 31.41
N LEU C 843 15.98 23.77 31.80
CA LEU C 843 16.72 25.01 31.93
C LEU C 843 16.61 25.79 30.62
N MET C 844 17.02 25.13 29.54
CA MET C 844 17.05 25.74 28.22
C MET C 844 15.79 26.57 27.91
N GLU C 845 14.63 25.96 28.17
CA GLU C 845 13.32 26.54 27.89
C GLU C 845 13.10 27.84 28.65
N GLN C 846 13.75 27.97 29.80
CA GLN C 846 13.56 29.13 30.66
C GLN C 846 14.37 30.31 30.15
N LEU C 847 15.69 30.13 29.99
CA LEU C 847 16.51 31.18 29.41
C LEU C 847 16.27 31.26 27.92
N ALA C 848 15.37 30.42 27.45
CA ALA C 848 14.82 30.51 26.10
C ALA C 848 13.54 31.34 26.07
N SER C 849 13.07 31.72 27.26
CA SER C 849 11.83 32.51 27.37
C SER C 849 12.12 34.00 27.56
N LYS C 850 13.38 34.32 27.88
CA LYS C 850 13.80 35.71 28.09
C LYS C 850 14.32 36.37 26.84
N LEU C 851 14.58 35.58 25.80
CA LEU C 851 15.08 36.08 24.51
C LEU C 851 14.27 37.23 23.96
N PRO C 852 14.82 37.94 22.96
CA PRO C 852 14.12 39.10 22.42
C PRO C 852 12.78 38.71 21.87
N THR C 853 11.89 39.67 21.78
CA THR C 853 10.49 39.42 21.41
C THR C 853 10.33 38.78 20.02
N GLY C 854 9.31 37.93 19.89
CA GLY C 854 9.06 37.25 18.61
C GLY C 854 10.15 36.26 18.25
N VAL C 855 10.78 35.66 19.27
CA VAL C 855 11.69 34.54 19.09
C VAL C 855 11.14 33.37 19.87
N GLY C 856 10.82 32.29 19.17
CA GLY C 856 10.43 31.04 19.83
C GLY C 856 11.43 29.88 19.67
N TYR C 857 11.01 28.73 20.17
CA TYR C 857 11.84 27.56 20.10
C TYR C 857 10.93 26.39 19.90
N ASP C 858 11.53 25.20 19.78
CA ASP C 858 10.82 23.97 19.54
C ASP C 858 11.83 22.85 19.67
N TRP C 859 11.39 21.66 20.07
CA TRP C 859 12.31 20.52 20.24
C TRP C 859 12.24 19.58 19.05
N THR C 860 13.34 18.88 18.75
CA THR C 860 13.38 17.93 17.62
C THR C 860 14.17 16.66 17.93
N GLY C 861 14.07 15.68 17.03
CA GLY C 861 14.87 14.47 17.15
C GLY C 861 14.60 13.73 18.43
N MET C 862 15.66 13.51 19.21
CA MET C 862 15.56 12.80 20.49
C MET C 862 14.71 13.59 21.48
N SER C 863 14.70 14.91 21.35
CA SER C 863 13.95 15.76 22.24
C SER C 863 12.47 15.84 21.85
N TYR C 864 12.04 14.87 21.04
CA TYR C 864 10.67 14.73 20.63
C TYR C 864 10.23 13.35 21.11
N GLN C 865 11.22 12.52 21.48
CA GLN C 865 10.99 11.13 21.84
C GLN C 865 10.99 10.87 23.36
N GLU C 866 11.22 11.93 24.12
CA GLU C 866 11.14 11.91 25.58
C GLU C 866 9.95 12.74 26.07
N ARG C 867 8.91 12.83 25.24
CA ARG C 867 7.70 13.62 25.53
C ARG C 867 6.42 12.95 25.01
N LEU C 868 6.59 11.90 24.20
CA LEU C 868 5.54 10.90 23.91
C LEU C 868 6.20 9.50 23.99
N SER C 869 7.17 9.41 24.91
CA SER C 869 7.96 8.19 25.14
C SER C 869 7.12 6.94 25.48
N GLY C 870 7.62 6.11 26.40
CA GLY C 870 6.88 4.92 26.84
C GLY C 870 6.26 5.11 28.22
N ASN C 871 5.49 4.11 28.65
CA ASN C 871 4.90 4.08 30.01
C ASN C 871 5.96 3.95 31.14
N GLN C 872 5.56 4.39 32.33
CA GLN C 872 6.39 4.33 33.53
C GLN C 872 6.48 2.89 34.08
N ALA C 873 7.70 2.43 34.38
CA ALA C 873 7.94 1.10 34.94
C ALA C 873 7.31 0.86 36.34
N PRO C 874 7.47 1.81 37.29
CA PRO C 874 6.77 1.61 38.57
C PRO C 874 5.26 1.49 38.40
N SER C 875 4.81 1.62 37.14
CA SER C 875 3.40 1.55 36.74
C SER C 875 3.16 0.44 35.72
N LEU C 876 4.24 -0.17 35.26
CA LEU C 876 4.14 -1.21 34.26
C LEU C 876 4.48 -2.56 34.86
N TYR C 877 5.55 -2.61 35.64
CA TYR C 877 5.86 -3.79 36.45
C TYR C 877 4.95 -3.87 37.67
N ALA C 878 4.06 -2.89 37.83
CA ALA C 878 3.04 -2.91 38.88
C ALA C 878 1.84 -3.73 38.44
N ILE C 879 1.26 -3.35 37.30
CA ILE C 879 0.15 -4.10 36.71
C ILE C 879 0.60 -5.54 36.47
N SER C 880 1.91 -5.76 36.45
CA SER C 880 2.43 -7.12 36.39
C SER C 880 2.47 -7.79 37.76
N LEU C 881 2.78 -7.03 38.81
CA LEU C 881 2.74 -7.54 40.19
C LEU C 881 1.31 -7.81 40.64
N ILE C 882 0.38 -6.98 40.16
CA ILE C 882 -1.05 -7.23 40.33
C ILE C 882 -1.44 -8.56 39.64
N VAL C 883 -1.00 -8.75 38.39
CA VAL C 883 -1.35 -9.94 37.59
C VAL C 883 -0.65 -11.22 38.07
N VAL C 884 0.59 -11.10 38.55
CA VAL C 884 1.29 -12.26 39.11
C VAL C 884 0.67 -12.69 40.45
N PHE C 885 0.04 -11.74 41.15
CA PHE C 885 -0.74 -12.04 42.34
C PHE C 885 -1.87 -13.01 41.99
N LEU C 886 -2.84 -12.55 41.19
CA LEU C 886 -4.04 -13.33 40.82
C LEU C 886 -3.82 -14.70 40.16
N CYS C 887 -2.75 -14.84 39.37
CA CYS C 887 -2.40 -16.14 38.79
C CYS C 887 -2.04 -17.14 39.90
N LEU C 888 -1.21 -16.69 40.85
CA LEU C 888 -0.86 -17.49 42.00
C LEU C 888 -2.10 -17.77 42.85
N ALA C 889 -2.66 -16.71 43.44
CA ALA C 889 -3.91 -16.82 44.19
C ALA C 889 -5.04 -17.26 43.26
N ALA C 890 -4.75 -18.28 42.46
CA ALA C 890 -5.68 -18.93 41.55
C ALA C 890 -5.18 -20.35 41.34
N LEU C 891 -3.89 -20.43 41.05
CA LEU C 891 -3.18 -21.70 41.04
C LEU C 891 -3.38 -22.35 42.40
N TYR C 892 -2.81 -21.73 43.43
CA TYR C 892 -2.86 -22.19 44.84
C TYR C 892 -4.26 -22.17 45.47
N GLU C 893 -5.18 -21.45 44.84
CA GLU C 893 -6.55 -21.36 45.31
C GLU C 893 -6.64 -20.59 46.64
N SER C 894 -5.73 -19.63 46.82
CA SER C 894 -5.66 -18.86 48.08
C SER C 894 -5.24 -17.40 47.95
N TRP C 895 -6.15 -16.50 48.32
CA TRP C 895 -5.86 -15.07 48.50
C TRP C 895 -4.61 -14.88 49.34
N SER C 896 -4.24 -15.93 50.06
CA SER C 896 -3.31 -15.83 51.17
C SER C 896 -1.96 -16.48 50.88
N ILE C 897 -1.91 -17.47 50.00
CA ILE C 897 -0.64 -18.16 49.69
C ILE C 897 0.30 -17.47 48.64
N PRO C 898 -0.24 -16.66 47.68
CA PRO C 898 0.64 -16.01 46.68
C PRO C 898 1.70 -15.10 47.29
N PHE C 899 1.37 -14.49 48.43
CA PHE C 899 2.29 -13.67 49.21
C PHE C 899 3.51 -14.46 49.64
N SER C 900 3.50 -15.78 49.37
CA SER C 900 4.63 -16.67 49.69
C SER C 900 5.72 -16.65 48.63
N VAL C 901 5.30 -16.65 47.37
CA VAL C 901 6.21 -16.74 46.22
C VAL C 901 6.57 -15.39 45.62
N MET C 902 5.61 -14.47 45.64
CA MET C 902 5.87 -13.09 45.24
C MET C 902 7.01 -12.50 46.07
N LEU C 903 7.10 -12.92 47.33
CA LEU C 903 8.17 -12.54 48.24
C LEU C 903 9.54 -13.13 47.86
N VAL C 904 9.63 -13.78 46.71
CA VAL C 904 10.93 -14.22 46.22
C VAL C 904 11.53 -13.18 45.28
N VAL C 905 10.66 -12.46 44.55
CA VAL C 905 11.09 -11.42 43.60
C VAL C 905 12.46 -10.77 43.96
N PRO C 906 12.61 -10.22 45.20
CA PRO C 906 13.82 -9.46 45.50
C PRO C 906 15.14 -10.24 45.67
N LEU C 907 15.06 -11.54 45.94
CA LEU C 907 16.25 -12.36 46.15
C LEU C 907 17.20 -12.40 44.94
N GLY C 908 16.61 -12.43 43.74
CA GLY C 908 17.39 -12.46 42.49
C GLY C 908 17.88 -11.10 42.04
N VAL C 909 17.07 -10.08 42.36
CA VAL C 909 17.36 -8.68 42.05
C VAL C 909 18.67 -8.22 42.65
N ILE C 910 18.83 -8.49 43.95
CA ILE C 910 19.95 -7.98 44.76
C ILE C 910 21.28 -8.48 44.26
N GLY C 911 21.37 -9.77 43.98
CA GLY C 911 22.57 -10.35 43.43
C GLY C 911 22.91 -9.77 42.07
N ALA C 912 21.89 -9.41 41.29
CA ALA C 912 22.08 -8.78 39.98
C ALA C 912 22.55 -7.32 40.09
N LEU C 913 22.01 -6.56 41.05
CA LEU C 913 22.41 -5.16 41.28
C LEU C 913 23.82 -5.06 41.88
N LEU C 914 24.38 -6.23 42.20
CA LEU C 914 25.82 -6.42 42.31
C LEU C 914 26.29 -7.05 40.98
N ALA C 915 27.53 -6.77 40.58
CA ALA C 915 28.08 -7.22 39.29
C ALA C 915 27.72 -6.20 38.20
N ALA C 916 26.53 -5.66 38.29
CA ALA C 916 26.21 -4.40 37.67
C ALA C 916 26.91 -3.27 38.43
N THR C 917 27.68 -3.65 39.46
CA THR C 917 28.48 -2.70 40.25
C THR C 917 29.94 -3.16 40.46
N PHE C 918 30.16 -4.30 41.12
CA PHE C 918 31.56 -4.81 41.26
C PHE C 918 32.20 -5.25 39.92
N ARG C 919 31.46 -4.99 38.84
CA ARG C 919 31.98 -4.85 37.47
C ARG C 919 31.28 -3.67 36.82
N GLY C 920 32.01 -2.96 35.96
CA GLY C 920 31.44 -1.82 35.26
C GLY C 920 30.31 -2.27 34.36
N LEU C 921 29.11 -1.73 34.60
CA LEU C 921 27.91 -2.04 33.80
C LEU C 921 26.80 -1.14 34.26
N THR C 922 25.77 -0.96 33.41
CA THR C 922 24.63 -0.11 33.74
C THR C 922 23.28 -0.83 33.64
N ASN C 923 22.24 -0.17 34.15
CA ASN C 923 20.85 -0.60 33.95
C ASN C 923 20.31 -0.12 32.60
N ASP C 924 20.16 -1.04 31.66
CA ASP C 924 19.48 -0.75 30.40
C ASP C 924 18.64 -1.95 29.98
N VAL C 925 18.54 -2.18 28.66
CA VAL C 925 18.04 -3.47 28.16
C VAL C 925 19.11 -4.49 28.54
N TYR C 926 19.08 -5.68 27.95
CA TYR C 926 20.04 -6.75 28.29
C TYR C 926 20.04 -7.01 29.80
N PHE C 927 20.56 -6.07 30.59
CA PHE C 927 20.47 -6.17 32.05
C PHE C 927 19.05 -6.49 32.50
N GLN C 928 18.11 -5.63 32.10
CA GLN C 928 16.72 -5.72 32.50
C GLN C 928 16.07 -7.01 32.02
N VAL C 929 16.34 -7.37 30.78
CA VAL C 929 15.91 -8.64 30.20
C VAL C 929 16.37 -9.81 31.08
N GLY C 930 17.69 -9.87 31.27
CA GLY C 930 18.34 -10.88 32.11
C GLY C 930 17.95 -10.79 33.57
N LEU C 931 17.33 -9.67 33.96
CA LEU C 931 16.78 -9.50 35.30
C LEU C 931 15.35 -10.08 35.42
N LEU C 932 14.49 -9.85 34.42
CA LEU C 932 13.15 -10.45 34.37
C LEU C 932 13.17 -11.97 34.25
N THR C 933 14.18 -12.49 33.55
CA THR C 933 14.41 -13.92 33.35
C THR C 933 14.67 -14.62 34.68
N THR C 934 15.50 -13.99 35.53
CA THR C 934 15.78 -14.48 36.87
C THR C 934 14.54 -14.32 37.79
N ILE C 935 14.10 -13.08 38.00
CA ILE C 935 12.85 -12.78 38.73
C ILE C 935 11.84 -13.92 38.65
N GLY C 936 11.75 -14.52 37.47
CA GLY C 936 10.74 -15.51 37.19
C GLY C 936 11.25 -16.93 37.31
N LEU C 937 12.49 -17.17 36.92
CA LEU C 937 13.05 -18.51 37.01
C LEU C 937 13.20 -18.93 38.47
N SER C 938 13.45 -17.95 39.34
CA SER C 938 13.46 -18.16 40.77
C SER C 938 12.03 -18.35 41.26
N ALA C 939 11.17 -17.37 41.00
CA ALA C 939 9.77 -17.42 41.36
C ALA C 939 9.15 -18.76 40.98
N LYS C 940 9.54 -19.27 39.82
CA LYS C 940 8.97 -20.50 39.24
C LYS C 940 9.23 -21.75 40.09
N ASN C 941 10.51 -22.06 40.31
CA ASN C 941 10.91 -23.20 41.14
C ASN C 941 10.59 -23.03 42.66
N ALA C 942 10.26 -21.79 43.04
CA ALA C 942 9.72 -21.43 44.35
C ALA C 942 8.19 -21.62 44.40
N ILE C 943 7.54 -21.42 43.26
CA ILE C 943 6.14 -21.81 43.07
C ILE C 943 6.08 -23.34 43.12
N LEU C 944 7.23 -23.99 42.94
CA LEU C 944 7.39 -25.45 43.03
C LEU C 944 7.84 -25.96 44.43
N ILE C 945 8.04 -25.04 45.37
CA ILE C 945 8.23 -25.39 46.78
C ILE C 945 6.92 -25.14 47.52
N VAL C 946 6.47 -23.88 47.50
CA VAL C 946 5.21 -23.47 48.12
C VAL C 946 4.04 -24.29 47.55
N GLU C 947 4.39 -25.39 46.88
CA GLU C 947 3.44 -26.22 46.16
C GLU C 947 3.33 -27.58 46.83
N PHE C 948 4.37 -28.41 46.70
CA PHE C 948 4.41 -29.70 47.38
C PHE C 948 3.91 -29.47 48.80
N ALA C 949 4.40 -28.38 49.38
CA ALA C 949 3.93 -27.87 50.66
C ALA C 949 2.41 -27.94 50.79
N LYS C 950 1.68 -27.10 50.07
CA LYS C 950 0.22 -27.05 50.16
C LYS C 950 -0.47 -28.42 50.02
N ASP C 951 0.03 -29.26 49.11
CA ASP C 951 -0.58 -30.57 48.82
C ASP C 951 -0.36 -31.64 49.89
N LEU C 952 0.90 -31.79 50.31
CA LEU C 952 1.26 -32.59 51.49
C LEU C 952 0.67 -31.93 52.72
N MET C 953 -0.66 -31.76 52.68
CA MET C 953 -1.48 -31.02 53.63
C MET C 953 -2.91 -31.11 53.12
N ASP C 954 -3.15 -30.54 51.95
CA ASP C 954 -4.48 -30.45 51.34
C ASP C 954 -4.90 -31.78 50.70
N LYS C 955 -4.05 -32.30 49.82
CA LYS C 955 -4.35 -33.53 49.08
C LYS C 955 -3.34 -34.61 49.43
N GLU C 956 -2.96 -34.66 50.71
CA GLU C 956 -2.00 -35.65 51.21
C GLU C 956 -1.94 -35.68 52.75
N GLY C 957 -0.77 -36.03 53.30
CA GLY C 957 -0.57 -36.15 54.75
C GLY C 957 -0.34 -34.83 55.45
N LYS C 958 0.51 -34.84 56.47
CA LYS C 958 0.88 -33.65 57.28
C LYS C 958 -0.30 -32.74 57.63
N GLY C 959 -0.02 -31.47 57.93
CA GLY C 959 -1.08 -30.55 58.32
C GLY C 959 -0.61 -29.15 58.64
N LEU C 960 -0.69 -28.78 59.92
CA LEU C 960 -0.49 -27.39 60.38
C LEU C 960 0.75 -26.60 59.81
N ILE C 961 1.95 -27.21 59.79
CA ILE C 961 3.14 -26.62 59.10
C ILE C 961 4.31 -27.60 58.83
N GLU C 962 4.02 -28.90 58.88
CA GLU C 962 5.02 -29.92 58.57
C GLU C 962 5.29 -30.01 57.07
N ALA C 963 4.37 -29.42 56.29
CA ALA C 963 4.44 -29.40 54.82
C ALA C 963 5.82 -29.11 54.27
N THR C 964 6.41 -28.03 54.79
CA THR C 964 7.73 -27.51 54.38
C THR C 964 8.81 -28.59 54.38
N LEU C 965 8.70 -29.52 55.34
CA LEU C 965 9.63 -30.64 55.56
C LEU C 965 10.23 -31.31 54.29
N ASP C 966 9.43 -32.11 53.58
CA ASP C 966 9.92 -32.87 52.42
C ASP C 966 9.78 -32.06 51.13
N ALA C 967 9.04 -30.95 51.22
CA ALA C 967 8.91 -30.01 50.11
C ALA C 967 10.28 -29.41 49.78
N VAL C 968 10.82 -28.64 50.73
CA VAL C 968 12.06 -27.89 50.50
C VAL C 968 13.29 -28.80 50.35
N ARG C 969 13.07 -30.11 50.41
CA ARG C 969 14.13 -31.09 50.22
C ARG C 969 14.06 -31.67 48.82
N MET C 970 12.83 -31.91 48.35
CA MET C 970 12.59 -32.41 46.99
C MET C 970 13.07 -31.40 45.95
N ARG C 971 12.95 -30.11 46.30
CA ARG C 971 13.41 -29.00 45.48
C ARG C 971 14.79 -28.48 45.92
N LEU C 972 15.81 -29.33 45.79
CA LEU C 972 17.18 -28.95 46.06
C LEU C 972 17.98 -29.52 44.91
N ARG C 973 17.82 -30.81 44.68
CA ARG C 973 18.40 -31.44 43.48
C ARG C 973 18.06 -30.65 42.21
N PRO C 974 16.75 -30.39 41.94
CA PRO C 974 16.36 -29.71 40.70
C PRO C 974 16.83 -28.25 40.65
N ILE C 975 16.54 -27.50 41.71
CA ILE C 975 16.95 -26.12 41.82
C ILE C 975 18.43 -25.98 41.46
N LEU C 976 19.29 -26.78 42.08
CA LEU C 976 20.73 -26.67 41.83
C LEU C 976 21.16 -27.24 40.48
N MET C 977 20.32 -28.08 39.88
CA MET C 977 20.55 -28.59 38.52
C MET C 977 20.38 -27.45 37.54
N THR C 978 19.29 -26.71 37.71
CA THR C 978 18.94 -25.61 36.83
C THR C 978 19.94 -24.49 36.99
N SER C 979 20.15 -24.05 38.22
CA SER C 979 21.02 -22.91 38.46
C SER C 979 22.49 -23.15 38.06
N LEU C 980 22.92 -24.41 38.05
CA LEU C 980 24.27 -24.78 37.57
C LEU C 980 24.30 -25.08 36.07
N ALA C 981 23.12 -25.32 35.50
CA ALA C 981 22.96 -25.47 34.04
C ALA C 981 23.10 -24.13 33.32
N PHE C 982 22.35 -23.15 33.82
CA PHE C 982 22.39 -21.79 33.34
C PHE C 982 23.79 -21.22 33.54
N ILE C 983 24.11 -20.82 34.78
CA ILE C 983 25.36 -20.13 35.13
C ILE C 983 26.62 -20.64 34.40
N LEU C 984 26.80 -21.97 34.35
CA LEU C 984 27.89 -22.56 33.59
C LEU C 984 27.39 -22.76 32.17
N GLY C 985 27.12 -21.65 31.49
CA GLY C 985 26.49 -21.65 30.16
C GLY C 985 26.24 -20.24 29.69
N VAL C 986 25.69 -19.44 30.60
CA VAL C 986 25.69 -17.99 30.49
C VAL C 986 27.12 -17.55 30.70
N MET C 987 27.91 -18.44 31.31
CA MET C 987 29.33 -18.23 31.55
C MET C 987 30.06 -17.49 30.40
N PRO C 988 30.12 -18.09 29.18
CA PRO C 988 30.87 -17.45 28.09
C PRO C 988 30.53 -15.96 27.92
N LEU C 989 29.25 -15.66 27.66
CA LEU C 989 28.78 -14.26 27.63
C LEU C 989 29.51 -13.39 28.64
N VAL C 990 29.55 -13.86 29.91
CA VAL C 990 30.06 -13.08 31.04
C VAL C 990 31.46 -12.50 30.81
N ILE C 991 32.38 -13.30 30.31
CA ILE C 991 33.62 -12.74 29.76
C ILE C 991 33.82 -13.22 28.31
N SER C 992 33.36 -12.39 27.37
CA SER C 992 33.46 -12.67 25.95
C SER C 992 34.74 -12.09 25.33
N THR C 993 35.16 -12.68 24.21
CA THR C 993 36.34 -12.26 23.43
C THR C 993 36.21 -10.79 23.01
N GLY C 994 35.57 -10.55 21.87
CA GLY C 994 35.44 -9.19 21.36
C GLY C 994 34.37 -8.91 20.33
N ALA C 995 34.07 -9.88 19.47
CA ALA C 995 33.13 -9.66 18.38
C ALA C 995 31.76 -9.30 18.94
N GLY C 996 31.54 -7.99 19.07
CA GLY C 996 30.34 -7.44 19.68
C GLY C 996 30.10 -7.97 21.07
N SER C 997 31.18 -8.12 21.84
CA SER C 997 31.10 -8.65 23.20
C SER C 997 30.28 -7.76 24.12
N GLY C 998 30.48 -6.45 24.02
CA GLY C 998 29.81 -5.46 24.88
C GLY C 998 28.37 -5.79 25.24
N ALA C 999 27.68 -6.46 24.31
CA ALA C 999 26.31 -6.91 24.50
C ALA C 999 26.28 -8.08 25.45
N GLN C 1000 27.08 -9.09 25.13
CA GLN C 1000 27.18 -10.34 25.91
C GLN C 1000 27.59 -10.09 27.36
N ASN C 1001 28.66 -9.30 27.56
CA ASN C 1001 29.10 -8.89 28.88
C ASN C 1001 27.87 -8.50 29.68
N ALA C 1002 27.19 -7.47 29.17
CA ALA C 1002 26.04 -6.85 29.80
C ALA C 1002 24.90 -7.81 30.09
N VAL C 1003 24.69 -8.76 29.18
CA VAL C 1003 23.68 -9.80 29.40
C VAL C 1003 24.01 -10.56 30.67
N GLY C 1004 25.12 -11.29 30.63
CA GLY C 1004 25.51 -12.25 31.66
C GLY C 1004 25.80 -11.68 33.03
N THR C 1005 26.63 -10.65 33.10
CA THR C 1005 27.02 -10.09 34.38
C THR C 1005 25.81 -9.45 35.04
N GLY C 1006 24.82 -10.29 35.32
CA GLY C 1006 23.53 -9.87 35.83
C GLY C 1006 22.57 -11.04 35.81
N VAL C 1007 22.77 -11.93 34.85
CA VAL C 1007 22.12 -13.22 34.89
C VAL C 1007 22.97 -14.18 35.75
N MET C 1008 24.21 -14.51 35.32
CA MET C 1008 25.09 -15.27 36.21
C MET C 1008 25.10 -14.58 37.57
N GLY C 1009 25.39 -13.28 37.56
CA GLY C 1009 25.54 -12.46 38.76
C GLY C 1009 24.28 -12.28 39.60
N GLY C 1010 23.12 -12.39 38.97
CA GLY C 1010 21.84 -12.32 39.69
C GLY C 1010 21.22 -13.68 39.94
N MET C 1011 21.94 -14.72 39.54
CA MET C 1011 21.50 -16.10 39.72
C MET C 1011 22.09 -16.68 41.02
N VAL C 1012 23.43 -16.72 41.13
CA VAL C 1012 24.15 -17.17 42.33
C VAL C 1012 23.50 -16.69 43.64
N THR C 1013 23.14 -15.41 43.65
CA THR C 1013 22.45 -14.77 44.76
C THR C 1013 21.08 -15.38 45.03
N ALA C 1014 20.29 -15.62 43.98
CA ALA C 1014 18.92 -16.15 44.13
C ALA C 1014 18.88 -17.66 44.13
N THR C 1015 20.01 -18.29 43.82
CA THR C 1015 20.17 -19.75 43.85
C THR C 1015 20.18 -20.26 45.29
N VAL C 1016 21.13 -19.75 46.09
CA VAL C 1016 21.27 -20.06 47.52
C VAL C 1016 20.38 -19.15 48.38
N LEU C 1017 20.67 -17.85 48.41
CA LEU C 1017 19.83 -16.89 49.13
C LEU C 1017 18.40 -16.84 48.56
N ALA C 1018 17.69 -17.96 48.69
CA ALA C 1018 16.31 -18.13 48.28
C ALA C 1018 16.00 -19.61 48.41
N ILE C 1019 17.05 -20.43 48.38
CA ILE C 1019 16.90 -21.85 48.65
C ILE C 1019 16.56 -22.08 50.13
N PHE C 1020 17.14 -21.26 51.00
CA PHE C 1020 16.81 -21.26 52.43
C PHE C 1020 15.66 -20.31 52.75
N PHE C 1021 15.44 -19.30 51.90
CA PHE C 1021 14.42 -18.27 52.17
C PHE C 1021 13.00 -18.60 51.75
N VAL C 1022 12.87 -19.29 50.62
CA VAL C 1022 11.57 -19.75 50.12
C VAL C 1022 10.80 -20.57 51.17
N PRO C 1023 11.51 -21.34 52.04
CA PRO C 1023 10.86 -21.97 53.19
C PRO C 1023 10.18 -20.99 54.15
N VAL C 1024 10.87 -19.92 54.51
CA VAL C 1024 10.39 -18.95 55.51
C VAL C 1024 9.02 -18.33 55.13
N PHE C 1025 8.98 -17.55 54.02
CA PHE C 1025 7.77 -16.76 53.67
C PHE C 1025 6.52 -17.62 53.78
N PHE C 1026 6.63 -18.84 53.27
CA PHE C 1026 5.54 -19.79 53.26
C PHE C 1026 4.98 -20.05 54.66
N VAL C 1027 5.89 -20.42 55.58
CA VAL C 1027 5.53 -20.64 56.98
C VAL C 1027 4.82 -19.40 57.51
N VAL C 1028 5.51 -18.25 57.44
CA VAL C 1028 5.01 -16.97 57.96
C VAL C 1028 3.66 -16.58 57.37
N VAL C 1029 3.45 -16.94 56.10
CA VAL C 1029 2.25 -16.55 55.37
C VAL C 1029 1.03 -17.32 55.84
N ARG C 1030 1.08 -18.66 55.72
CA ARG C 1030 -0.02 -19.51 56.16
C ARG C 1030 -0.29 -19.30 57.64
N ARG C 1031 0.78 -19.31 58.43
CA ARG C 1031 0.75 -19.04 59.85
C ARG C 1031 -0.06 -17.78 60.14
N ARG C 1032 0.26 -16.71 59.42
CA ARG C 1032 -0.40 -15.41 59.57
C ARG C 1032 -1.82 -15.39 59.00
N PHE C 1033 -2.09 -16.25 58.02
CA PHE C 1033 -3.35 -16.17 57.26
C PHE C 1033 -4.50 -17.11 57.67
N SER C 1034 -4.90 -16.97 58.94
CA SER C 1034 -6.17 -17.45 59.45
C SER C 1034 -6.76 -16.26 60.23
N ARG C 1035 -6.58 -15.05 59.68
CA ARG C 1035 -6.78 -13.75 60.38
C ARG C 1035 -8.22 -13.37 60.77
N LYS C 1036 -8.35 -12.92 62.03
CA LYS C 1036 -9.60 -12.41 62.63
C LYS C 1036 -9.28 -11.47 63.80
#